data_8TL0
#
_entry.id   8TL0
#
_cell.length_a   1.00
_cell.length_b   1.00
_cell.length_c   1.00
_cell.angle_alpha   90.00
_cell.angle_beta   90.00
_cell.angle_gamma   90.00
#
_symmetry.space_group_name_H-M   'P 1'
#
loop_
_entity.id
_entity.type
_entity.pdbx_description
1 polymer 'CHAT domain-containing protein'
2 polymer "RNA (5'-R(*AP*AP*A)-3')"
#
loop_
_entity_poly.entity_id
_entity_poly.type
_entity_poly.pdbx_seq_one_letter_code
_entity_poly.pdbx_strand_id
1 'polypeptide(L)'
;IQCILVLDLSIDNAITACSVTPHLPRAARRVELHLNDFGAERAPYGGASDRRTWRCWMQAVDAMLADARAQLGAEVEFTH
YYLAGRAALPVFAYLGLRLGKQANITTVNRRDDGCWDVVPCQRPASSAASGVSPSARFFDEVRGLDTDERSSESGMVAVW
VSTQRDVDRGLLRAFARARGDRDLAGIVSLRARPAAGDDTGDMRLLEGADGPDAARELVNCFRSIPNQYPRSSGLMVFVS
GPVTLAAMVGRAINPRIHGPVWWPYFRGGEYEPALEYPWPLISGPPRILIATANAPEGENPTLDVEAELKHLEEALAEPR
KRKLCEVQRCPAATVSDITSALRSFKPHILHFIGHGTALGVYLRSAEHDGAQFVRGEDFQQMIATSLRQKDREMHLVVLN
ACCTHELAKALTEQVSCTIGTDIEVYDSASIHFAARFYDHLVHGTSVHYAFNAAVDECRAHSTSGQEVFCLHPAAERAPA
SATPPVRADELVFFSP
;
A,B,C,D,I,K,L
2 'polyribonucleotide' AAA E,F,G,H,J,M,N
#
# COMPACT_ATOMS: atom_id res chain seq x y z
N ILE A 1 26.59 35.53 32.82
CA ILE A 1 25.24 35.38 33.36
C ILE A 1 24.63 34.10 32.79
N GLN A 2 24.18 33.21 33.66
CA GLN A 2 23.74 31.90 33.26
C GLN A 2 22.32 31.64 33.74
N CYS A 3 21.55 30.93 32.92
CA CYS A 3 20.17 30.60 33.22
C CYS A 3 19.98 29.11 32.99
N ILE A 4 19.85 28.36 34.08
CA ILE A 4 19.84 26.90 34.01
C ILE A 4 18.40 26.42 33.89
N LEU A 5 18.05 25.92 32.72
CA LEU A 5 16.72 25.36 32.49
C LEU A 5 16.84 23.86 32.60
N VAL A 6 16.32 23.30 33.69
CA VAL A 6 16.40 21.87 33.94
C VAL A 6 15.02 21.28 33.74
N LEU A 7 14.90 20.34 32.80
CA LEU A 7 13.62 19.73 32.47
C LEU A 7 13.44 18.40 33.20
N ASP A 8 13.30 18.49 34.52
CA ASP A 8 13.16 17.30 35.34
C ASP A 8 11.75 16.77 35.21
N LEU A 9 11.52 15.92 34.22
CA LEU A 9 10.20 15.35 34.00
C LEU A 9 10.12 13.86 34.24
N SER A 10 11.24 13.16 34.34
CA SER A 10 11.21 11.72 34.49
C SER A 10 11.04 11.33 35.94
N ILE A 11 10.06 10.46 36.21
CA ILE A 11 9.91 9.90 37.55
C ILE A 11 11.02 8.93 37.87
N ASP A 12 11.76 8.48 36.86
CA ASP A 12 12.99 7.73 37.02
C ASP A 12 14.13 8.69 37.34
N ASN A 13 15.38 8.25 37.10
CA ASN A 13 16.59 8.96 37.48
C ASN A 13 16.54 10.44 37.14
N ALA A 14 16.44 11.28 38.16
CA ALA A 14 16.13 12.68 37.97
C ALA A 14 17.40 13.50 38.00
N ILE A 15 17.36 14.66 37.36
CA ILE A 15 18.49 15.57 37.29
C ILE A 15 18.08 16.87 37.94
N THR A 16 18.84 17.29 38.95
CA THR A 16 18.63 18.59 39.57
C THR A 16 19.69 19.57 39.09
N ALA A 17 19.57 20.81 39.55
CA ALA A 17 20.55 21.82 39.18
C ALA A 17 21.90 21.58 39.83
N CYS A 18 21.96 20.75 40.88
CA CYS A 18 23.24 20.46 41.50
C CYS A 18 24.09 19.49 40.69
N SER A 19 23.47 18.70 39.81
CA SER A 19 24.21 17.76 38.98
C SER A 19 24.59 18.33 37.63
N VAL A 20 24.22 19.59 37.37
CA VAL A 20 24.62 20.26 36.15
C VAL A 20 25.60 21.40 36.40
N THR A 21 25.60 21.96 37.61
CA THR A 21 26.51 23.04 37.97
C THR A 21 28.01 22.74 37.78
N PRO A 22 28.58 21.60 38.19
CA PRO A 22 30.05 21.46 38.14
C PRO A 22 30.64 21.46 36.74
N HIS A 23 29.86 21.23 35.70
CA HIS A 23 30.43 21.15 34.36
C HIS A 23 30.51 22.50 33.68
N LEU A 24 29.54 23.36 33.91
CA LEU A 24 29.49 24.67 33.29
C LEU A 24 30.45 25.64 33.98
N PRO A 25 30.96 26.62 33.24
CA PRO A 25 31.91 27.58 33.84
C PRO A 25 31.22 28.51 34.84
N ARG A 26 32.04 29.01 35.77
CA ARG A 26 31.55 29.97 36.75
C ARG A 26 31.20 31.30 36.08
N ALA A 27 30.25 32.01 36.67
CA ALA A 27 29.81 33.28 36.12
C ALA A 27 29.23 34.14 37.23
N ALA A 28 28.75 35.33 36.84
CA ALA A 28 28.36 36.33 37.82
C ALA A 28 27.04 36.00 38.51
N ARG A 29 26.10 35.39 37.80
CA ARG A 29 24.78 35.17 38.38
C ARG A 29 24.14 33.97 37.70
N ARG A 30 23.67 33.03 38.49
CA ARG A 30 22.98 31.84 37.99
C ARG A 30 21.51 31.92 38.33
N VAL A 31 20.66 31.54 37.39
CA VAL A 31 19.22 31.47 37.59
C VAL A 31 18.80 30.04 37.30
N GLU A 32 18.38 29.33 38.33
CA GLU A 32 18.00 27.92 38.19
C GLU A 32 16.49 27.79 38.18
N LEU A 33 15.98 26.99 37.25
CA LEU A 33 14.55 26.74 37.14
C LEU A 33 14.33 25.25 36.92
N HIS A 34 13.17 24.77 37.34
CA HIS A 34 12.84 23.36 37.19
C HIS A 34 11.39 23.23 36.77
N LEU A 35 11.12 22.30 35.87
CA LEU A 35 9.79 22.20 35.27
C LEU A 35 8.76 21.65 36.24
N ASN A 36 9.20 20.96 37.29
CA ASN A 36 8.26 20.56 38.33
C ASN A 36 7.74 21.74 39.13
N ASP A 37 8.46 22.87 39.09
CA ASP A 37 8.06 24.07 39.79
C ASP A 37 7.06 24.91 39.00
N PHE A 38 6.50 24.37 37.92
CA PHE A 38 5.56 25.12 37.12
C PHE A 38 4.35 24.29 36.72
N GLY A 39 4.04 23.23 37.48
CA GLY A 39 2.83 22.47 37.28
C GLY A 39 2.99 21.20 36.49
N ALA A 40 4.12 21.02 35.80
CA ALA A 40 4.32 19.83 34.99
C ALA A 40 4.61 18.64 35.88
N GLU A 41 3.65 17.72 36.00
CA GLU A 41 3.84 16.53 36.80
C GLU A 41 4.82 15.58 36.11
N ARG A 42 5.52 14.80 36.92
CA ARG A 42 6.52 13.88 36.40
C ARG A 42 5.85 12.73 35.66
N ALA A 43 6.65 12.01 34.89
CA ALA A 43 6.16 10.97 34.00
C ALA A 43 7.09 9.79 34.01
N PRO A 44 6.61 8.60 33.63
CA PRO A 44 7.51 7.45 33.48
C PRO A 44 8.48 7.66 32.34
N TYR A 45 9.78 7.61 32.65
CA TYR A 45 10.87 7.72 31.69
C TYR A 45 10.84 9.03 30.90
N GLY A 46 10.25 10.07 31.48
CA GLY A 46 10.23 11.35 30.79
C GLY A 46 9.25 11.45 29.65
N GLY A 47 8.40 10.44 29.44
CA GLY A 47 7.44 10.50 28.36
C GLY A 47 6.02 10.50 28.86
N ALA A 48 5.23 11.47 28.42
CA ALA A 48 3.87 11.61 28.90
C ALA A 48 2.98 10.52 28.31
N SER A 49 1.73 10.49 28.77
CA SER A 49 0.79 9.43 28.41
C SER A 49 -0.29 9.88 27.44
N ASP A 50 -0.97 10.99 27.72
CA ASP A 50 -2.11 11.43 26.94
C ASP A 50 -2.00 12.92 26.65
N ARG A 51 -2.99 13.43 25.91
CA ARG A 51 -2.89 14.77 25.33
C ARG A 51 -2.91 15.85 26.40
N ARG A 52 -3.65 15.64 27.48
CA ARG A 52 -3.75 16.65 28.52
C ARG A 52 -2.41 16.91 29.19
N THR A 53 -1.67 15.85 29.48
CA THR A 53 -0.37 16.04 30.12
C THR A 53 0.64 16.69 29.18
N TRP A 54 0.57 16.37 27.88
CA TRP A 54 1.43 17.04 26.91
C TRP A 54 1.12 18.53 26.84
N ARG A 55 -0.17 18.88 26.83
CA ARG A 55 -0.55 20.28 26.80
C ARG A 55 -0.12 21.01 28.08
N CYS A 56 -0.26 20.33 29.22
CA CYS A 56 0.18 20.92 30.48
C CYS A 56 1.69 21.13 30.49
N TRP A 57 2.43 20.20 29.89
CA TRP A 57 3.87 20.36 29.77
C TRP A 57 4.23 21.55 28.90
N MET A 58 3.51 21.73 27.80
CA MET A 58 3.78 22.84 26.90
C MET A 58 3.51 24.18 27.59
N GLN A 59 2.40 24.26 28.31
CA GLN A 59 2.10 25.46 29.08
C GLN A 59 3.14 25.70 30.18
N ALA A 60 3.63 24.62 30.80
CA ALA A 60 4.64 24.76 31.82
C ALA A 60 5.95 25.26 31.25
N VAL A 61 6.29 24.84 30.03
CA VAL A 61 7.49 25.35 29.37
C VAL A 61 7.36 26.84 29.11
N ASP A 62 6.18 27.27 28.64
CA ASP A 62 5.95 28.70 28.42
C ASP A 62 6.04 29.48 29.73
N ALA A 63 5.48 28.93 30.80
CA ALA A 63 5.54 29.60 32.09
C ALA A 63 6.98 29.68 32.62
N MET A 64 7.77 28.63 32.44
CA MET A 64 9.19 28.68 32.75
C MET A 64 9.89 29.80 32.02
N LEU A 65 9.65 29.91 30.72
CA LEU A 65 10.35 30.93 29.94
C LEU A 65 9.96 32.32 30.38
N ALA A 66 8.67 32.53 30.66
CA ALA A 66 8.22 33.83 31.15
C ALA A 66 8.85 34.17 32.50
N ASP A 67 8.90 33.19 33.40
CA ASP A 67 9.48 33.43 34.72
C ASP A 67 10.98 33.70 34.62
N ALA A 68 11.67 32.99 33.74
CA ALA A 68 13.10 33.20 33.58
C ALA A 68 13.38 34.58 33.01
N ARG A 69 12.56 35.03 32.05
CA ARG A 69 12.72 36.38 31.52
C ARG A 69 12.45 37.43 32.59
N ALA A 70 11.44 37.20 33.44
CA ALA A 70 11.14 38.14 34.50
C ALA A 70 12.27 38.20 35.53
N GLN A 71 12.85 37.06 35.88
CA GLN A 71 13.96 37.05 36.83
C GLN A 71 15.21 37.69 36.25
N LEU A 72 15.46 37.49 34.96
CA LEU A 72 16.65 38.08 34.35
C LEU A 72 16.50 39.57 34.18
N GLY A 73 15.34 40.03 33.72
CA GLY A 73 15.16 41.45 33.50
C GLY A 73 15.95 41.93 32.30
N ALA A 74 16.69 43.02 32.49
CA ALA A 74 17.43 43.63 31.38
C ALA A 74 18.62 42.80 30.95
N GLU A 75 19.09 41.88 31.78
CA GLU A 75 20.29 41.10 31.46
C GLU A 75 20.03 39.97 30.48
N VAL A 76 18.85 39.90 29.87
CA VAL A 76 18.57 38.90 28.85
C VAL A 76 19.43 39.11 27.62
N GLU A 77 19.98 40.30 27.44
CA GLU A 77 20.91 40.54 26.35
C GLU A 77 22.24 39.82 26.59
N PHE A 78 22.60 39.57 27.84
CA PHE A 78 23.89 39.00 28.20
C PHE A 78 23.77 37.59 28.77
N THR A 79 22.63 36.95 28.62
CA THR A 79 22.44 35.65 29.23
C THR A 79 23.02 34.55 28.35
N HIS A 80 23.22 33.39 28.95
CA HIS A 80 23.74 32.22 28.27
C HIS A 80 22.99 31.01 28.82
N TYR A 81 22.02 30.52 28.05
CA TYR A 81 21.14 29.48 28.53
C TYR A 81 21.85 28.14 28.59
N TYR A 82 21.47 27.32 29.56
CA TYR A 82 21.95 25.95 29.67
C TYR A 82 20.75 25.03 29.83
N LEU A 83 20.57 24.13 28.87
CA LEU A 83 19.46 23.19 28.89
C LEU A 83 19.96 21.83 29.38
N ALA A 84 19.23 21.24 30.31
CA ALA A 84 19.60 19.96 30.88
C ALA A 84 18.33 19.23 31.26
N GLY A 85 18.47 18.21 32.10
CA GLY A 85 17.33 17.46 32.58
C GLY A 85 17.06 16.23 31.75
N ARG A 86 16.08 15.45 32.21
CA ARG A 86 15.75 14.17 31.61
C ARG A 86 14.25 14.16 31.29
N ALA A 87 13.92 14.56 30.06
CA ALA A 87 12.56 14.51 29.55
C ALA A 87 12.60 13.92 28.16
N ALA A 88 11.44 13.86 27.51
CA ALA A 88 11.38 13.31 26.17
C ALA A 88 11.99 14.27 25.17
N LEU A 89 12.26 13.77 23.97
CA LEU A 89 12.77 14.60 22.90
C LEU A 89 11.83 15.73 22.46
N PRO A 90 10.51 15.54 22.30
CA PRO A 90 9.67 16.67 21.88
C PRO A 90 9.67 17.85 22.83
N VAL A 91 9.83 17.63 24.14
CA VAL A 91 9.89 18.74 25.06
C VAL A 91 11.11 19.60 24.79
N PHE A 92 12.26 18.97 24.57
CA PHE A 92 13.47 19.71 24.25
C PHE A 92 13.34 20.41 22.91
N ALA A 93 12.69 19.75 21.94
CA ALA A 93 12.48 20.40 20.64
C ALA A 93 11.60 21.63 20.77
N TYR A 94 10.55 21.55 21.57
CA TYR A 94 9.69 22.71 21.77
C TYR A 94 10.42 23.83 22.50
N LEU A 95 11.26 23.48 23.48
CA LEU A 95 12.03 24.50 24.18
C LEU A 95 13.00 25.20 23.24
N GLY A 96 13.67 24.43 22.39
CA GLY A 96 14.56 25.02 21.40
C GLY A 96 13.85 25.89 20.41
N LEU A 97 12.62 25.53 20.04
CA LEU A 97 11.85 26.39 19.15
C LEU A 97 11.44 27.68 19.84
N ARG A 98 11.01 27.60 21.09
CA ARG A 98 10.55 28.81 21.76
C ARG A 98 11.70 29.74 22.11
N LEU A 99 12.91 29.20 22.31
CA LEU A 99 14.05 30.07 22.48
C LEU A 99 14.52 30.69 21.18
N GLY A 100 14.02 30.22 20.04
CA GLY A 100 14.52 30.70 18.77
C GLY A 100 15.91 30.18 18.52
N LYS A 101 16.63 30.83 17.63
CA LYS A 101 18.02 30.49 17.37
C LYS A 101 18.95 31.65 17.64
N GLN A 102 18.49 32.67 18.33
CA GLN A 102 19.24 33.90 18.50
C GLN A 102 19.79 34.05 19.90
N ALA A 103 19.36 33.20 20.82
CA ALA A 103 19.88 33.20 22.18
C ALA A 103 21.09 32.28 22.28
N ASN A 104 21.95 32.56 23.26
CA ASN A 104 23.18 31.80 23.45
C ASN A 104 22.86 30.53 24.25
N ILE A 105 22.18 29.61 23.62
CA ILE A 105 21.82 28.36 24.27
C ILE A 105 23.01 27.41 24.18
N THR A 106 23.04 26.47 25.11
CA THR A 106 24.09 25.45 25.16
C THR A 106 23.56 24.31 25.99
N THR A 107 23.41 23.14 25.39
CA THR A 107 22.78 22.01 26.05
C THR A 107 23.82 21.04 26.56
N VAL A 108 23.55 20.44 27.71
CA VAL A 108 24.44 19.47 28.32
C VAL A 108 23.66 18.19 28.58
N ASN A 109 24.37 17.09 28.66
CA ASN A 109 23.73 15.79 28.80
C ASN A 109 24.76 14.79 29.28
N ARG A 110 24.29 13.79 30.02
CA ARG A 110 25.15 12.67 30.38
C ARG A 110 25.21 11.69 29.23
N ARG A 111 26.41 11.24 28.89
CA ARG A 111 26.56 10.21 27.87
C ARG A 111 26.23 8.85 28.50
N ASP A 112 26.47 7.77 27.77
CA ASP A 112 26.21 6.45 28.30
C ASP A 112 27.19 6.11 29.41
N ASP A 113 28.48 6.30 29.15
CA ASP A 113 29.53 5.92 30.10
C ASP A 113 30.00 7.14 30.89
N GLY A 114 29.09 7.66 31.71
CA GLY A 114 29.36 8.90 32.42
C GLY A 114 29.60 10.02 31.43
N CYS A 115 30.64 10.82 31.68
CA CYS A 115 31.26 11.71 30.71
C CYS A 115 30.24 12.71 30.14
N TRP A 116 29.83 13.62 31.01
CA TRP A 116 28.90 14.67 30.61
C TRP A 116 29.47 15.51 29.48
N ASP A 117 28.64 15.74 28.46
CA ASP A 117 29.03 16.53 27.30
C ASP A 117 28.48 17.94 27.45
N VAL A 118 29.28 18.93 27.07
CA VAL A 118 28.81 20.30 26.93
C VAL A 118 28.76 20.64 25.45
N VAL A 119 27.57 20.93 24.95
CA VAL A 119 27.40 21.12 23.52
C VAL A 119 26.91 22.53 23.24
N PRO A 120 27.79 23.45 22.87
CA PRO A 120 27.32 24.78 22.48
C PRO A 120 26.76 24.75 21.07
N CYS A 121 25.72 25.56 20.86
CA CYS A 121 25.11 25.69 19.54
C CYS A 121 25.65 26.88 18.75
N GLN A 122 26.62 27.61 19.29
CA GLN A 122 27.17 28.78 18.62
C GLN A 122 28.69 28.71 18.61
N ARG A 123 29.27 29.39 17.64
CA ARG A 123 30.71 29.58 17.63
C ARG A 123 31.09 30.55 18.74
N PRO A 124 31.96 30.16 19.68
CA PRO A 124 32.37 31.06 20.76
C PRO A 124 33.33 32.15 20.28
N PRO A 134 33.60 24.55 7.82
CA PRO A 134 33.57 23.88 6.52
C PRO A 134 34.40 22.61 6.50
N SER A 135 34.07 21.67 7.38
CA SER A 135 34.83 20.43 7.45
C SER A 135 33.93 19.30 7.93
N ALA A 136 34.06 18.16 7.25
CA ALA A 136 33.64 16.83 7.68
C ALA A 136 32.14 16.58 7.67
N ARG A 137 31.32 17.62 7.49
CA ARG A 137 29.90 17.51 7.09
C ARG A 137 29.12 16.53 7.97
N PHE A 138 28.88 16.98 9.22
CA PHE A 138 28.40 16.10 10.30
C PHE A 138 27.21 15.25 9.90
N PHE A 139 26.20 15.84 9.27
CA PHE A 139 25.09 15.08 8.72
C PHE A 139 25.45 14.68 7.30
N ASP A 140 26.26 13.62 7.21
CA ASP A 140 26.90 13.27 5.95
C ASP A 140 25.97 12.59 4.96
N GLU A 141 24.77 12.24 5.37
CA GLU A 141 23.81 11.62 4.46
C GLU A 141 22.53 12.45 4.48
N VAL A 142 22.33 13.23 3.42
CA VAL A 142 21.19 14.12 3.30
C VAL A 142 20.39 13.70 2.08
N ARG A 143 19.11 13.43 2.27
CA ARG A 143 18.28 12.96 1.17
C ARG A 143 16.98 13.75 1.14
N GLY A 144 16.58 14.17 -0.05
CA GLY A 144 15.40 14.97 -0.24
C GLY A 144 15.67 16.42 -0.56
N LEU A 145 16.91 16.87 -0.43
CA LEU A 145 17.31 18.24 -0.73
C LEU A 145 18.28 18.21 -1.90
N ASP A 146 17.74 18.20 -3.12
CA ASP A 146 18.53 18.13 -4.33
C ASP A 146 18.01 19.14 -5.32
N THR A 147 18.74 19.29 -6.44
CA THR A 147 18.18 20.00 -7.57
C THR A 147 17.03 19.21 -8.17
N ASP A 148 17.13 17.89 -8.13
CA ASP A 148 15.99 17.03 -8.35
C ASP A 148 15.08 17.08 -7.12
N GLU A 149 13.91 16.45 -7.25
CA GLU A 149 12.91 16.35 -6.19
C GLU A 149 12.39 17.69 -5.72
N ARG A 150 12.48 18.73 -6.54
CA ARG A 150 11.80 19.98 -6.23
C ARG A 150 10.32 19.74 -6.50
N SER A 151 9.65 19.24 -5.47
CA SER A 151 8.31 18.69 -5.64
C SER A 151 7.28 19.76 -5.32
N SER A 152 6.37 19.99 -6.27
CA SER A 152 5.26 20.92 -6.06
C SER A 152 4.02 20.10 -5.73
N GLU A 153 3.97 19.62 -4.49
CA GLU A 153 2.83 18.87 -4.01
C GLU A 153 2.36 19.47 -2.68
N SER A 154 1.12 19.19 -2.35
CA SER A 154 0.47 19.79 -1.19
C SER A 154 0.51 18.83 -0.01
N GLY A 155 0.74 19.38 1.18
CA GLY A 155 0.71 18.62 2.41
C GLY A 155 1.88 18.99 3.29
N MET A 156 2.08 18.15 4.31
CA MET A 156 3.20 18.33 5.22
C MET A 156 4.48 17.77 4.59
N VAL A 157 5.61 18.09 5.20
CA VAL A 157 6.88 17.45 4.86
C VAL A 157 7.43 16.81 6.12
N ALA A 158 7.90 15.59 6.00
CA ALA A 158 8.38 14.82 7.14
C ALA A 158 9.90 14.86 7.13
N VAL A 159 10.47 15.59 8.07
CA VAL A 159 11.92 15.64 8.22
C VAL A 159 12.33 14.59 9.24
N TRP A 160 13.41 13.87 8.94
CA TRP A 160 13.90 12.78 9.77
C TRP A 160 15.33 13.11 10.17
N VAL A 161 15.52 13.51 11.41
CA VAL A 161 16.84 13.82 11.95
C VAL A 161 17.18 12.75 12.96
N SER A 162 18.31 12.08 12.76
CA SER A 162 18.71 11.00 13.64
C SER A 162 20.22 10.82 13.59
N THR A 163 20.75 10.26 14.67
CA THR A 163 22.15 9.88 14.72
C THR A 163 22.35 8.39 14.90
N GLN A 164 21.30 7.62 15.13
CA GLN A 164 21.45 6.20 15.38
C GLN A 164 20.48 5.34 14.59
N ARG A 165 19.64 5.92 13.76
CA ARG A 165 18.63 5.14 13.06
C ARG A 165 18.47 5.65 11.64
N ASP A 166 18.63 4.76 10.67
CA ASP A 166 18.41 5.13 9.28
C ASP A 166 16.95 5.45 9.04
N VAL A 167 16.69 6.26 8.02
CA VAL A 167 15.36 6.75 7.75
C VAL A 167 14.44 5.61 7.34
N ASP A 168 13.26 5.56 7.92
CA ASP A 168 12.29 4.52 7.63
C ASP A 168 10.99 5.18 7.21
N ARG A 169 10.78 5.27 5.90
CA ARG A 169 9.59 5.90 5.36
C ARG A 169 8.31 5.13 5.67
N GLY A 170 8.43 3.84 5.98
CA GLY A 170 7.25 3.07 6.34
C GLY A 170 6.63 3.55 7.63
N LEU A 171 7.44 3.83 8.64
CA LEU A 171 6.92 4.36 9.90
C LEU A 171 6.31 5.74 9.71
N LEU A 172 6.94 6.58 8.88
CA LEU A 172 6.40 7.91 8.64
C LEU A 172 5.07 7.84 7.92
N ARG A 173 4.96 6.97 6.93
CA ARG A 173 3.69 6.83 6.22
C ARG A 173 2.61 6.24 7.11
N ALA A 174 2.99 5.29 7.96
CA ALA A 174 2.01 4.71 8.90
C ALA A 174 1.50 5.77 9.87
N PHE A 175 2.40 6.59 10.39
CA PHE A 175 1.97 7.64 11.32
C PHE A 175 1.12 8.69 10.61
N ALA A 176 1.49 9.06 9.39
CA ALA A 176 0.72 10.05 8.66
C ALA A 176 -0.66 9.52 8.29
N ARG A 177 -0.75 8.24 7.94
CA ARG A 177 -2.04 7.65 7.63
C ARG A 177 -2.88 7.46 8.87
N ALA A 178 -2.24 7.31 10.04
CA ALA A 178 -3.00 7.17 11.28
C ALA A 178 -3.69 8.47 11.66
N ARG A 179 -2.96 9.58 11.61
CA ARG A 179 -3.48 10.86 12.09
C ARG A 179 -4.26 11.52 10.97
N GLY A 180 -5.57 11.31 10.98
CA GLY A 180 -6.37 11.74 9.85
C GLY A 180 -5.93 10.98 8.61
N ASP A 181 -5.75 11.69 7.53
CA ASP A 181 -5.11 11.13 6.34
C ASP A 181 -4.14 12.15 5.77
N ARG A 182 -3.29 12.72 6.63
CA ARG A 182 -2.40 13.79 6.25
C ARG A 182 -1.47 13.36 5.13
N ASP A 183 -1.23 14.27 4.20
CA ASP A 183 -0.45 13.98 3.01
C ASP A 183 0.97 14.47 3.21
N LEU A 184 1.94 13.60 2.92
CA LEU A 184 3.34 13.97 2.99
C LEU A 184 3.78 14.48 1.63
N ALA A 185 4.14 15.75 1.56
CA ALA A 185 4.64 16.30 0.31
C ALA A 185 6.04 15.80 0.00
N GLY A 186 6.77 15.29 0.98
CA GLY A 186 8.09 14.77 0.73
C GLY A 186 8.71 14.32 2.03
N ILE A 187 9.82 13.59 1.89
CA ILE A 187 10.57 13.06 3.02
C ILE A 187 11.97 13.64 2.96
N VAL A 188 12.43 14.19 4.07
CA VAL A 188 13.78 14.72 4.19
C VAL A 188 14.47 13.98 5.32
N SER A 189 15.66 13.47 5.07
CA SER A 189 16.35 12.66 6.05
C SER A 189 17.78 13.15 6.23
N LEU A 190 18.20 13.28 7.49
CA LEU A 190 19.56 13.69 7.82
C LEU A 190 20.14 12.65 8.77
N ARG A 191 20.73 11.61 8.21
CA ARG A 191 21.35 10.54 8.98
C ARG A 191 22.83 10.85 9.12
N ALA A 192 23.32 10.80 10.36
CA ALA A 192 24.72 11.07 10.65
C ALA A 192 25.40 9.75 10.98
N ARG A 193 26.11 9.19 9.99
CA ARG A 193 26.76 7.91 10.20
C ARG A 193 28.02 8.10 11.05
N PRO A 194 28.41 7.06 11.80
CA PRO A 194 29.68 7.14 12.52
C PRO A 194 30.87 7.15 11.57
N ALA A 195 31.94 7.78 12.02
CA ALA A 195 33.21 7.65 11.33
C ALA A 195 33.67 6.20 11.42
N ALA A 196 34.08 5.64 10.28
CA ALA A 196 34.43 4.23 10.22
C ALA A 196 35.67 3.95 11.05
N GLY A 197 35.63 2.87 11.84
CA GLY A 197 36.70 2.49 12.73
C GLY A 197 36.41 2.80 14.18
N ASP A 198 35.53 3.78 14.44
CA ASP A 198 35.15 4.08 15.81
C ASP A 198 34.28 2.98 16.38
N ASP A 199 34.49 2.66 17.66
CA ASP A 199 33.73 1.60 18.31
C ASP A 199 32.51 2.20 19.01
N THR A 200 31.57 2.67 18.19
CA THR A 200 30.28 3.13 18.67
C THR A 200 29.13 2.42 17.98
N GLY A 201 29.42 1.50 17.06
CA GLY A 201 28.35 0.79 16.39
C GLY A 201 27.75 1.61 15.25
N ASP A 202 26.48 1.95 15.36
CA ASP A 202 25.79 2.68 14.31
C ASP A 202 25.32 4.04 14.79
N MET A 203 25.97 4.59 15.80
CA MET A 203 25.68 5.94 16.25
C MET A 203 26.90 6.82 16.00
N ARG A 204 26.67 8.08 15.69
CA ARG A 204 27.73 9.06 15.62
C ARG A 204 27.67 9.90 16.89
N LEU A 205 28.78 9.96 17.61
CA LEU A 205 28.82 10.70 18.86
C LEU A 205 28.69 12.18 18.60
N LEU A 206 27.85 12.84 19.39
CA LEU A 206 27.66 14.29 19.28
C LEU A 206 28.43 14.93 20.43
N GLU A 207 29.71 15.18 20.18
CA GLU A 207 30.58 15.71 21.22
C GLU A 207 30.51 17.23 21.24
N GLY A 208 31.36 17.85 22.07
CA GLY A 208 31.34 19.29 22.19
C GLY A 208 31.88 20.01 20.97
N ALA A 209 32.82 19.39 20.26
CA ALA A 209 33.39 20.05 19.09
C ALA A 209 32.43 20.08 17.92
N ASP A 210 31.48 19.16 17.88
CA ASP A 210 30.59 19.03 16.74
C ASP A 210 29.33 19.87 16.85
N GLY A 211 29.18 20.62 17.93
CA GLY A 211 27.97 21.38 18.21
C GLY A 211 27.58 22.41 17.17
N PRO A 212 28.38 23.49 17.06
CA PRO A 212 27.99 24.58 16.15
C PRO A 212 27.89 24.18 14.70
N ASP A 213 28.75 23.25 14.25
CA ASP A 213 28.71 22.82 12.87
C ASP A 213 27.43 22.05 12.57
N ALA A 214 27.02 21.19 13.50
CA ALA A 214 25.79 20.44 13.30
C ALA A 214 24.57 21.35 13.38
N ALA A 215 24.62 22.35 14.26
CA ALA A 215 23.51 23.32 14.32
C ALA A 215 23.40 24.11 13.02
N ARG A 216 24.55 24.50 12.45
CA ARG A 216 24.53 25.21 11.17
C ARG A 216 24.00 24.31 10.06
N GLU A 217 24.39 23.04 10.06
CA GLU A 217 23.86 22.10 9.06
C GLU A 217 22.35 21.97 9.18
N LEU A 218 21.86 21.89 10.42
CA LEU A 218 20.43 21.76 10.67
C LEU A 218 19.67 22.99 10.20
N VAL A 219 20.19 24.18 10.49
CA VAL A 219 19.47 25.38 10.10
C VAL A 219 19.56 25.59 8.60
N ASN A 220 20.63 25.11 7.96
CA ASN A 220 20.69 25.17 6.50
C ASN A 220 19.65 24.27 5.87
N CYS A 221 19.46 23.07 6.42
CA CYS A 221 18.41 22.19 5.90
C CYS A 221 17.03 22.77 6.10
N PHE A 222 16.77 23.30 7.30
CA PHE A 222 15.45 23.86 7.57
C PHE A 222 15.23 25.20 6.88
N ARG A 223 16.27 25.83 6.37
CA ARG A 223 16.11 26.98 5.50
C ARG A 223 15.91 26.57 4.05
N SER A 224 16.50 25.46 3.63
CA SER A 224 16.30 24.98 2.27
C SER A 224 14.97 24.26 2.09
N ILE A 225 14.27 23.95 3.18
CA ILE A 225 12.98 23.25 3.07
C ILE A 225 11.96 23.97 2.17
N PRO A 226 11.62 25.25 2.37
CA PRO A 226 10.52 25.82 1.60
C PRO A 226 10.83 26.04 0.13
N ASN A 227 12.09 26.23 -0.25
CA ASN A 227 12.44 26.28 -1.66
C ASN A 227 12.20 24.93 -2.33
N GLN A 228 12.55 23.85 -1.64
CA GLN A 228 12.41 22.53 -2.21
C GLN A 228 10.95 22.13 -2.38
N TYR A 229 10.10 22.52 -1.44
CA TYR A 229 8.68 22.15 -1.44
C TYR A 229 7.85 23.41 -1.26
N PRO A 230 7.68 24.21 -2.32
CA PRO A 230 6.97 25.48 -2.17
C PRO A 230 5.49 25.32 -1.91
N ARG A 231 4.88 24.22 -2.35
CA ARG A 231 3.46 24.03 -2.12
C ARG A 231 3.19 23.40 -0.76
N SER A 232 4.22 22.94 -0.05
CA SER A 232 4.01 22.25 1.21
C SER A 232 3.60 23.24 2.30
N SER A 233 3.06 22.70 3.39
CA SER A 233 2.61 23.53 4.49
C SER A 233 2.68 22.69 5.77
N GLY A 234 3.69 22.92 6.57
CA GLY A 234 3.84 22.24 7.84
C GLY A 234 5.12 21.42 7.90
N LEU A 235 5.34 20.83 9.08
CA LEU A 235 6.51 19.99 9.31
C LEU A 235 6.17 18.91 10.32
N MET A 236 6.55 17.68 10.00
CA MET A 236 6.58 16.59 10.97
C MET A 236 8.05 16.28 11.24
N VAL A 237 8.48 16.41 12.49
CA VAL A 237 9.88 16.26 12.84
C VAL A 237 10.04 15.00 13.67
N PHE A 238 10.88 14.09 13.22
CA PHE A 238 11.08 12.79 13.86
C PHE A 238 12.52 12.72 14.35
N VAL A 239 12.76 13.21 15.55
CA VAL A 239 14.10 13.24 16.13
C VAL A 239 14.38 11.90 16.79
N SER A 240 15.58 11.36 16.56
CA SER A 240 15.96 10.07 17.14
C SER A 240 17.42 10.16 17.55
N GLY A 241 17.67 10.53 18.80
CA GLY A 241 19.02 10.69 19.29
C GLY A 241 19.02 11.29 20.68
N PRO A 242 20.12 11.93 21.05
CA PRO A 242 20.20 12.55 22.38
C PRO A 242 19.38 13.83 22.42
N VAL A 243 19.17 14.33 23.64
CA VAL A 243 18.39 15.54 23.81
C VAL A 243 19.10 16.78 23.27
N THR A 244 20.43 16.72 23.16
CA THR A 244 21.17 17.83 22.56
C THR A 244 20.76 18.02 21.11
N LEU A 245 20.65 16.92 20.37
CA LEU A 245 20.19 16.96 18.99
C LEU A 245 18.76 17.47 18.92
N ALA A 246 17.93 17.11 19.90
CA ALA A 246 16.55 17.59 19.92
C ALA A 246 16.49 19.09 20.12
N ALA A 247 17.30 19.64 21.03
CA ALA A 247 17.30 21.08 21.23
C ALA A 247 17.83 21.81 20.00
N MET A 248 18.83 21.23 19.33
CA MET A 248 19.35 21.85 18.12
C MET A 248 18.32 21.84 17.00
N VAL A 249 17.58 20.74 16.87
CA VAL A 249 16.49 20.66 15.90
C VAL A 249 15.44 21.72 16.21
N GLY A 250 15.14 21.90 17.49
CA GLY A 250 14.19 22.92 17.88
C GLY A 250 14.63 24.32 17.52
N ARG A 251 15.90 24.63 17.76
CA ARG A 251 16.36 25.98 17.43
C ARG A 251 16.48 26.19 15.93
N ALA A 252 16.60 25.13 15.13
CA ALA A 252 16.70 25.33 13.70
C ALA A 252 15.37 25.75 13.08
N ILE A 253 14.26 25.34 13.66
CA ILE A 253 12.95 25.60 13.07
C ILE A 253 12.52 27.03 13.38
N ASN A 254 12.03 27.73 12.37
CA ASN A 254 11.33 28.99 12.56
C ASN A 254 9.85 28.76 12.39
N PRO A 255 9.03 29.00 13.41
CA PRO A 255 7.61 28.65 13.32
C PRO A 255 6.83 29.54 12.39
N ARG A 256 7.31 30.73 12.10
CA ARG A 256 6.53 31.65 11.27
C ARG A 256 6.58 31.29 9.80
N ILE A 257 7.74 30.81 9.31
CA ILE A 257 7.90 30.53 7.90
C ILE A 257 7.45 29.13 7.52
N HIS A 258 7.05 28.31 8.49
CA HIS A 258 6.77 26.92 8.24
C HIS A 258 5.34 26.50 8.52
N GLY A 259 4.65 27.16 9.43
CA GLY A 259 3.31 26.77 9.78
C GLY A 259 3.30 25.78 10.93
N PRO A 260 2.34 24.87 10.94
CA PRO A 260 2.22 23.93 12.04
C PRO A 260 3.37 22.94 12.07
N VAL A 261 3.90 22.70 13.26
CA VAL A 261 5.01 21.79 13.46
C VAL A 261 4.55 20.67 14.38
N TRP A 262 4.89 19.44 14.05
CA TRP A 262 4.52 18.27 14.84
C TRP A 262 5.76 17.51 15.27
N TRP A 263 5.84 17.18 16.56
CA TRP A 263 6.91 16.33 17.08
C TRP A 263 6.30 15.07 17.65
N PRO A 264 6.32 13.96 16.94
CA PRO A 264 5.80 12.72 17.50
C PRO A 264 6.72 12.12 18.56
N TYR A 265 6.14 11.29 19.39
CA TYR A 265 6.85 10.54 20.43
C TYR A 265 6.83 9.07 20.07
N PHE A 266 7.93 8.38 20.36
CA PHE A 266 8.14 7.01 19.91
C PHE A 266 7.95 6.07 21.09
N ARG A 267 6.85 5.33 21.11
CA ARG A 267 6.57 4.36 22.15
C ARG A 267 6.29 3.01 21.53
N GLY A 268 7.07 2.00 21.94
CA GLY A 268 6.79 0.63 21.56
C GLY A 268 6.85 0.36 20.08
N GLY A 269 7.81 0.95 19.38
CA GLY A 269 7.93 0.68 17.97
C GLY A 269 6.93 1.38 17.08
N GLU A 270 6.30 2.45 17.57
CA GLU A 270 5.40 3.23 16.75
C GLU A 270 5.38 4.65 17.28
N TYR A 271 4.95 5.57 16.44
CA TYR A 271 4.95 6.99 16.77
C TYR A 271 3.59 7.41 17.28
N GLU A 272 3.57 8.07 18.42
CA GLU A 272 2.34 8.56 18.99
C GLU A 272 2.27 10.08 18.87
N PRO A 273 1.07 10.65 18.84
CA PRO A 273 0.96 12.12 18.83
C PRO A 273 1.51 12.72 20.10
N ALA A 274 2.16 13.86 19.95
CA ALA A 274 2.78 14.59 21.05
C ALA A 274 2.74 16.06 20.67
N LEU A 275 3.64 16.84 21.28
CA LEU A 275 3.70 18.30 21.14
C LEU A 275 3.61 18.76 19.70
N GLU A 276 2.65 19.64 19.46
CA GLU A 276 2.54 20.37 18.20
C GLU A 276 2.29 21.83 18.53
N TYR A 277 3.02 22.73 17.85
CA TYR A 277 3.14 24.08 18.40
C TYR A 277 1.88 24.93 18.25
N PRO A 278 1.29 25.11 17.06
CA PRO A 278 0.00 25.81 17.12
C PRO A 278 -1.07 24.83 17.56
N TRP A 279 -1.19 24.68 18.89
CA TRP A 279 -1.97 23.65 19.54
C TRP A 279 -3.44 23.72 19.16
N PRO A 280 -3.93 22.78 18.37
CA PRO A 280 -5.32 22.83 17.94
C PRO A 280 -6.25 22.41 19.05
N LEU A 281 -7.50 22.83 18.95
CA LEU A 281 -8.50 22.43 19.93
C LEU A 281 -8.79 20.94 19.83
N ILE A 282 -8.95 20.43 18.62
CA ILE A 282 -9.23 19.02 18.39
C ILE A 282 -7.99 18.32 17.87
N SER A 283 -7.99 17.00 17.89
CA SER A 283 -6.89 16.20 17.38
C SER A 283 -7.24 15.71 15.98
N GLY A 284 -6.52 16.23 14.99
CA GLY A 284 -6.78 15.87 13.62
C GLY A 284 -8.06 16.50 13.11
N PRO A 285 -8.66 15.89 12.08
CA PRO A 285 -9.87 16.47 11.51
C PRO A 285 -11.05 16.27 12.45
N PRO A 286 -12.07 17.12 12.38
CA PRO A 286 -13.30 16.86 13.12
C PRO A 286 -13.99 15.63 12.57
N ARG A 287 -14.69 14.93 13.45
CA ARG A 287 -15.42 13.73 13.08
C ARG A 287 -16.89 13.97 13.38
N ILE A 288 -17.73 13.91 12.35
CA ILE A 288 -19.13 14.27 12.43
C ILE A 288 -19.97 13.02 12.22
N LEU A 289 -20.96 12.84 13.09
CA LEU A 289 -21.86 11.70 13.00
C LEU A 289 -23.27 12.23 12.74
N ILE A 290 -23.88 11.79 11.65
CA ILE A 290 -25.24 12.20 11.28
C ILE A 290 -26.14 11.00 11.44
N ALA A 291 -27.12 11.11 12.34
CA ALA A 291 -28.06 10.05 12.59
C ALA A 291 -29.47 10.52 12.28
N THR A 292 -30.22 9.71 11.55
CA THR A 292 -31.60 10.01 11.23
C THR A 292 -32.50 8.89 11.74
N ALA A 293 -33.74 9.25 12.05
CA ALA A 293 -34.71 8.26 12.50
C ALA A 293 -36.10 8.76 12.12
N ASN A 294 -36.63 8.26 11.01
CA ASN A 294 -37.99 8.56 10.57
C ASN A 294 -38.67 7.23 10.34
N ALA A 295 -39.40 6.76 11.35
CA ALA A 295 -40.15 5.53 11.20
C ALA A 295 -41.31 5.75 10.23
N PRO A 296 -41.59 4.79 9.35
CA PRO A 296 -42.69 4.95 8.39
C PRO A 296 -44.06 4.80 9.01
N GLU A 297 -44.16 4.39 10.26
CA GLU A 297 -45.43 4.25 10.95
C GLU A 297 -45.47 5.23 12.12
N GLY A 298 -46.50 5.11 12.95
CA GLY A 298 -46.69 6.01 14.06
C GLY A 298 -47.46 7.25 13.68
N GLU A 299 -47.89 7.99 14.70
CA GLU A 299 -48.69 9.18 14.51
C GLU A 299 -47.88 10.38 14.02
N ASN A 300 -46.56 10.25 13.94
CA ASN A 300 -45.71 11.39 13.66
C ASN A 300 -45.96 11.91 12.25
N PRO A 301 -45.82 13.22 12.03
CA PRO A 301 -46.03 13.78 10.70
C PRO A 301 -44.94 13.36 9.74
N THR A 302 -45.23 13.49 8.45
CA THR A 302 -44.27 13.19 7.41
C THR A 302 -43.10 14.18 7.45
N LEU A 303 -41.94 13.71 7.89
CA LEU A 303 -40.76 14.55 8.03
C LEU A 303 -39.86 14.31 6.83
N ASP A 304 -39.55 15.38 6.10
CA ASP A 304 -38.68 15.28 4.93
C ASP A 304 -37.24 15.25 5.42
N VAL A 305 -36.80 14.05 5.80
CA VAL A 305 -35.43 13.87 6.25
C VAL A 305 -34.47 13.98 5.07
N GLU A 306 -34.96 13.71 3.85
CA GLU A 306 -34.11 13.72 2.67
C GLU A 306 -33.59 15.11 2.37
N ALA A 307 -34.44 16.13 2.54
CA ALA A 307 -34.00 17.50 2.29
C ALA A 307 -32.93 17.92 3.28
N GLU A 308 -33.10 17.53 4.54
CA GLU A 308 -32.08 17.81 5.54
C GLU A 308 -30.78 17.11 5.20
N LEU A 309 -30.86 15.86 4.76
CA LEU A 309 -29.65 15.15 4.38
C LEU A 309 -29.00 15.74 3.15
N LYS A 310 -29.81 16.24 2.20
CA LYS A 310 -29.26 16.90 1.02
C LYS A 310 -28.51 18.16 1.39
N HIS A 311 -29.11 18.96 2.28
CA HIS A 311 -28.45 20.21 2.67
C HIS A 311 -27.20 19.95 3.50
N LEU A 312 -27.26 19.00 4.43
CA LEU A 312 -26.06 18.61 5.17
C LEU A 312 -24.99 18.03 4.26
N GLU A 313 -25.39 17.25 3.26
CA GLU A 313 -24.41 16.67 2.35
C GLU A 313 -23.71 17.75 1.55
N GLU A 314 -24.48 18.60 0.85
CA GLU A 314 -23.89 19.63 0.03
C GLU A 314 -23.25 20.74 0.84
N ALA A 315 -23.47 20.79 2.15
CA ALA A 315 -22.70 21.69 3.01
C ALA A 315 -21.42 21.04 3.50
N LEU A 316 -21.52 19.98 4.29
CA LEU A 316 -20.36 19.34 4.89
C LEU A 316 -19.62 18.46 3.89
N ALA A 317 -20.28 17.42 3.39
CA ALA A 317 -19.64 16.41 2.57
C ALA A 317 -19.42 16.90 1.15
N GLU A 318 -19.65 18.18 0.91
CA GLU A 318 -19.19 18.81 -0.31
C GLU A 318 -17.69 18.61 -0.43
N PRO A 319 -17.19 18.14 -1.58
CA PRO A 319 -15.76 17.86 -1.74
C PRO A 319 -14.86 19.08 -1.66
N ARG A 320 -15.41 20.27 -1.44
CA ARG A 320 -14.63 21.42 -0.99
C ARG A 320 -13.82 21.07 0.24
N LYS A 321 -14.40 20.31 1.16
CA LYS A 321 -13.77 20.04 2.45
C LYS A 321 -14.02 18.62 2.95
N ARG A 322 -14.25 17.67 2.04
CA ARG A 322 -14.29 16.28 2.46
C ARG A 322 -12.91 15.81 2.94
N LYS A 323 -11.86 16.52 2.55
CA LYS A 323 -10.49 16.19 2.90
C LYS A 323 -10.06 16.78 4.24
N LEU A 324 -10.89 17.62 4.86
CA LEU A 324 -10.57 18.25 6.13
C LEU A 324 -11.45 17.77 7.27
N CYS A 325 -12.43 16.91 7.01
CA CYS A 325 -13.29 16.39 8.05
C CYS A 325 -13.72 14.99 7.66
N GLU A 326 -14.31 14.28 8.61
CA GLU A 326 -14.80 12.94 8.38
C GLU A 326 -16.26 12.85 8.83
N VAL A 327 -17.13 12.42 7.94
CA VAL A 327 -18.52 12.22 8.29
C VAL A 327 -18.82 10.73 8.29
N GLN A 328 -19.85 10.36 9.03
CA GLN A 328 -20.36 9.00 9.01
C GLN A 328 -21.85 9.06 9.29
N ARG A 329 -22.63 8.40 8.47
CA ARG A 329 -24.07 8.46 8.56
C ARG A 329 -24.62 7.15 9.12
N CYS A 330 -25.65 7.28 9.94
CA CYS A 330 -26.40 6.13 10.44
C CYS A 330 -27.87 6.39 10.14
N PRO A 331 -28.29 6.24 8.89
CA PRO A 331 -29.71 6.42 8.57
C PRO A 331 -30.52 5.30 9.18
N ALA A 332 -31.74 5.65 9.60
CA ALA A 332 -32.63 4.77 10.35
C ALA A 332 -31.93 4.18 11.56
N ALA A 333 -31.32 5.06 12.35
CA ALA A 333 -30.43 4.63 13.42
C ALA A 333 -31.21 3.96 14.54
N THR A 334 -30.73 2.80 14.96
CA THR A 334 -31.25 2.14 16.14
C THR A 334 -30.40 2.53 17.34
N VAL A 335 -30.75 1.98 18.51
CA VAL A 335 -29.95 2.27 19.70
C VAL A 335 -28.59 1.61 19.60
N SER A 336 -28.55 0.38 19.09
CA SER A 336 -27.29 -0.35 18.93
C SER A 336 -26.37 0.36 17.94
N ASP A 337 -26.93 0.89 16.86
CA ASP A 337 -26.13 1.62 15.88
C ASP A 337 -25.52 2.87 16.49
N ILE A 338 -26.31 3.61 17.27
CA ILE A 338 -25.81 4.82 17.90
C ILE A 338 -24.68 4.51 18.87
N THR A 339 -24.87 3.47 19.70
CA THR A 339 -23.84 3.13 20.68
C THR A 339 -22.58 2.62 20.01
N SER A 340 -22.72 1.78 18.99
CA SER A 340 -21.54 1.26 18.31
C SER A 340 -20.80 2.36 17.56
N ALA A 341 -21.53 3.32 17.00
CA ALA A 341 -20.88 4.46 16.38
C ALA A 341 -20.16 5.31 17.43
N LEU A 342 -20.77 5.52 18.58
CA LEU A 342 -20.12 6.30 19.63
C LEU A 342 -18.91 5.59 20.18
N ARG A 343 -18.89 4.27 20.13
CA ARG A 343 -17.72 3.54 20.61
C ARG A 343 -16.59 3.57 19.58
N SER A 344 -16.90 3.20 18.33
CA SER A 344 -15.84 3.02 17.34
C SER A 344 -15.49 4.31 16.61
N PHE A 345 -16.49 5.08 16.19
CA PHE A 345 -16.20 6.26 15.40
C PHE A 345 -15.67 7.40 16.25
N LYS A 346 -16.15 7.52 17.49
CA LYS A 346 -15.79 8.56 18.46
C LYS A 346 -15.98 9.95 17.86
N PRO A 347 -17.21 10.39 17.66
CA PRO A 347 -17.45 11.65 16.95
C PRO A 347 -17.19 12.86 17.83
N HIS A 348 -16.95 13.99 17.17
CA HIS A 348 -16.91 15.27 17.84
C HIS A 348 -18.19 16.06 17.71
N ILE A 349 -18.92 15.87 16.63
CA ILE A 349 -20.20 16.53 16.39
C ILE A 349 -21.24 15.45 16.14
N LEU A 350 -22.34 15.49 16.88
CA LEU A 350 -23.45 14.59 16.65
C LEU A 350 -24.64 15.39 16.13
N HIS A 351 -25.21 14.94 15.03
CA HIS A 351 -26.37 15.58 14.44
C HIS A 351 -27.49 14.56 14.34
N PHE A 352 -28.61 14.84 14.99
CA PHE A 352 -29.73 13.91 15.00
C PHE A 352 -30.95 14.55 14.38
N ILE A 353 -31.65 13.78 13.55
CA ILE A 353 -32.88 14.19 12.91
C ILE A 353 -33.94 13.16 13.23
N GLY A 354 -35.09 13.60 13.71
CA GLY A 354 -36.15 12.66 14.02
C GLY A 354 -37.30 13.35 14.72
N HIS A 355 -38.09 12.56 15.44
CA HIS A 355 -39.21 13.06 16.21
C HIS A 355 -38.93 12.85 17.68
N GLY A 356 -39.51 13.71 18.51
CA GLY A 356 -39.34 13.59 19.94
C GLY A 356 -40.50 14.19 20.68
N THR A 357 -40.78 13.65 21.85
CA THR A 357 -41.68 14.29 22.80
C THR A 357 -40.84 15.13 23.74
N ALA A 358 -41.45 15.69 24.78
CA ALA A 358 -40.67 16.36 25.80
C ALA A 358 -39.88 15.37 26.64
N LEU A 359 -40.36 14.13 26.71
CA LEU A 359 -39.70 13.12 27.54
C LEU A 359 -38.42 12.60 26.91
N GLY A 360 -38.42 12.37 25.61
CA GLY A 360 -37.26 11.82 24.95
C GLY A 360 -37.37 11.91 23.44
N VAL A 361 -36.68 11.01 22.75
CA VAL A 361 -36.64 11.02 21.29
C VAL A 361 -37.18 9.70 20.75
N TYR A 362 -37.38 9.64 19.44
CA TYR A 362 -37.90 8.46 18.77
C TYR A 362 -36.82 7.90 17.85
N LEU A 363 -36.18 6.82 18.28
CA LEU A 363 -35.25 6.11 17.43
C LEU A 363 -35.99 5.01 16.68
N ARG A 364 -35.26 4.34 15.80
CA ARG A 364 -35.83 3.29 14.97
C ARG A 364 -35.73 1.96 15.72
N SER A 365 -36.82 1.21 15.74
CA SER A 365 -36.80 -0.06 16.44
C SER A 365 -36.01 -1.09 15.66
N ALA A 366 -35.52 -2.09 16.39
CA ALA A 366 -34.68 -3.12 15.79
C ALA A 366 -35.44 -4.39 15.44
N GLU A 367 -36.72 -4.49 15.78
CA GLU A 367 -37.44 -5.75 15.60
C GLU A 367 -38.72 -5.62 14.82
N HIS A 368 -39.46 -4.51 14.97
CA HIS A 368 -40.81 -4.44 14.42
C HIS A 368 -40.99 -3.30 13.43
N ASP A 369 -39.89 -2.67 12.98
CA ASP A 369 -39.84 -1.64 11.95
C ASP A 369 -40.59 -0.36 12.31
N GLY A 370 -41.15 -0.25 13.51
CA GLY A 370 -41.80 0.96 13.95
C GLY A 370 -40.86 1.86 14.71
N ALA A 371 -41.42 2.89 15.30
CA ALA A 371 -40.63 3.76 16.15
C ALA A 371 -40.39 3.08 17.49
N GLN A 372 -39.39 3.57 18.22
CA GLN A 372 -39.00 3.01 19.50
C GLN A 372 -38.57 4.15 20.40
N PHE A 373 -39.38 4.44 21.42
CA PHE A 373 -39.14 5.59 22.26
C PHE A 373 -37.93 5.37 23.15
N VAL A 374 -37.08 6.39 23.26
CA VAL A 374 -35.93 6.36 24.15
C VAL A 374 -36.04 7.56 25.08
N ARG A 375 -36.02 7.30 26.38
CA ARG A 375 -36.18 8.36 27.36
C ARG A 375 -34.95 9.26 27.37
N GLY A 376 -35.14 10.48 27.87
CA GLY A 376 -34.08 11.47 27.83
C GLY A 376 -32.89 11.10 28.68
N GLU A 377 -33.13 10.61 29.89
CA GLU A 377 -32.03 10.21 30.75
C GLU A 377 -31.28 9.02 30.20
N ASP A 378 -31.99 8.12 29.49
CA ASP A 378 -31.32 6.99 28.87
C ASP A 378 -30.39 7.43 27.76
N PHE A 379 -30.83 8.39 26.95
CA PHE A 379 -29.97 8.95 25.90
C PHE A 379 -28.76 9.66 26.51
N GLN A 380 -28.99 10.43 27.57
CA GLN A 380 -27.90 11.15 28.21
C GLN A 380 -26.89 10.19 28.81
N GLN A 381 -27.35 9.16 29.50
CA GLN A 381 -26.45 8.16 30.06
C GLN A 381 -25.77 7.36 28.96
N MET A 382 -26.43 7.20 27.83
CA MET A 382 -25.85 6.47 26.71
C MET A 382 -24.69 7.25 26.10
N ILE A 383 -24.80 8.57 26.06
CA ILE A 383 -23.65 9.38 25.66
C ILE A 383 -22.57 9.37 26.74
N ALA A 384 -22.99 9.43 28.00
CA ALA A 384 -22.04 9.52 29.12
C ALA A 384 -21.19 8.28 29.22
N THR A 385 -21.78 7.11 28.94
CA THR A 385 -21.02 5.87 28.96
C THR A 385 -19.93 5.88 27.90
N SER A 386 -20.25 6.39 26.71
CA SER A 386 -19.24 6.49 25.66
C SER A 386 -18.17 7.50 25.99
N LEU A 387 -18.51 8.53 26.75
CA LEU A 387 -17.54 9.60 26.98
C LEU A 387 -16.44 9.26 27.98
N ARG A 388 -16.50 8.12 28.67
CA ARG A 388 -15.50 7.83 29.69
C ARG A 388 -14.34 6.99 29.17
N GLN A 389 -14.07 7.03 27.87
CA GLN A 389 -12.88 6.38 27.34
C GLN A 389 -11.70 7.33 27.48
N LYS A 390 -10.53 6.91 26.99
CA LYS A 390 -9.32 7.71 27.10
C LYS A 390 -9.37 8.85 26.09
N ASP A 391 -9.31 10.09 26.59
CA ASP A 391 -9.23 11.30 25.77
C ASP A 391 -10.39 11.41 24.80
N ARG A 392 -11.60 11.24 25.32
CA ARG A 392 -12.81 11.37 24.53
C ARG A 392 -13.48 12.69 24.88
N GLU A 393 -13.70 13.52 23.87
CA GLU A 393 -14.37 14.80 24.09
C GLU A 393 -15.35 15.04 22.96
N MET A 394 -16.61 15.25 23.30
CA MET A 394 -17.62 15.67 22.35
C MET A 394 -17.95 17.14 22.59
N HIS A 395 -17.89 17.94 21.54
CA HIS A 395 -18.05 19.38 21.69
C HIS A 395 -19.42 19.88 21.33
N LEU A 396 -20.02 19.39 20.24
CA LEU A 396 -21.29 19.93 19.79
C LEU A 396 -22.24 18.79 19.51
N VAL A 397 -23.50 18.94 19.92
CA VAL A 397 -24.55 18.01 19.55
C VAL A 397 -25.76 18.83 19.11
N VAL A 398 -26.40 18.40 18.04
CA VAL A 398 -27.51 19.14 17.43
C VAL A 398 -28.72 18.22 17.41
N LEU A 399 -29.77 18.58 18.12
CA LEU A 399 -30.97 17.77 18.20
C LEU A 399 -32.04 18.39 17.32
N ASN A 400 -31.97 18.10 16.02
CA ASN A 400 -32.95 18.62 15.07
C ASN A 400 -34.19 17.73 15.17
N ALA A 401 -34.96 17.93 16.23
CA ALA A 401 -36.15 17.14 16.45
C ALA A 401 -37.14 17.96 17.27
N CYS A 402 -38.40 17.54 17.23
CA CYS A 402 -39.47 18.26 17.91
C CYS A 402 -39.34 18.15 19.41
N CYS A 403 -39.43 19.30 20.09
CA CYS A 403 -39.59 19.40 21.54
C CYS A 403 -38.43 18.75 22.30
N THR A 404 -37.21 19.11 21.91
CA THR A 404 -36.01 18.56 22.55
C THR A 404 -35.22 19.64 23.29
N HIS A 405 -35.92 20.62 23.84
CA HIS A 405 -35.24 21.67 24.60
C HIS A 405 -34.64 21.12 25.89
N GLU A 406 -35.42 20.32 26.61
CA GLU A 406 -34.98 19.84 27.92
C GLU A 406 -33.86 18.84 27.80
N LEU A 407 -33.86 18.02 26.74
CA LEU A 407 -32.78 17.06 26.55
C LEU A 407 -31.46 17.76 26.27
N ALA A 408 -31.47 18.82 25.45
CA ALA A 408 -30.25 19.58 25.21
C ALA A 408 -29.78 20.28 26.48
N LYS A 409 -30.73 20.84 27.25
CA LYS A 409 -30.39 21.45 28.51
C LYS A 409 -29.78 20.44 29.48
N ALA A 410 -30.24 19.20 29.44
CA ALA A 410 -29.64 18.17 30.27
C ALA A 410 -28.27 17.76 29.76
N LEU A 411 -28.11 17.67 28.45
CA LEU A 411 -26.87 17.19 27.85
C LEU A 411 -25.75 18.21 27.89
N THR A 412 -26.05 19.47 28.20
CA THR A 412 -24.99 20.48 28.20
C THR A 412 -23.96 20.29 29.30
N GLU A 413 -24.19 19.40 30.27
CA GLU A 413 -23.25 19.27 31.37
C GLU A 413 -22.05 18.42 31.04
N GLN A 414 -22.03 17.76 29.89
CA GLN A 414 -20.92 16.88 29.54
C GLN A 414 -20.42 17.06 28.12
N VAL A 415 -21.11 17.80 27.27
CA VAL A 415 -20.56 18.26 26.01
C VAL A 415 -20.52 19.78 26.08
N SER A 416 -19.71 20.37 25.20
CA SER A 416 -19.42 21.79 25.31
C SER A 416 -20.63 22.63 24.96
N CYS A 417 -21.30 22.31 23.86
CA CYS A 417 -22.46 23.08 23.40
C CYS A 417 -23.52 22.13 22.86
N THR A 418 -24.78 22.46 23.14
CA THR A 418 -25.91 21.73 22.57
C THR A 418 -26.82 22.69 21.84
N ILE A 419 -27.55 22.18 20.85
CA ILE A 419 -28.56 22.93 20.13
C ILE A 419 -29.82 22.08 20.07
N GLY A 420 -30.90 22.61 20.61
CA GLY A 420 -32.16 21.88 20.62
C GLY A 420 -33.31 22.79 20.27
N THR A 421 -34.35 22.21 19.68
CA THR A 421 -35.48 23.00 19.23
C THR A 421 -36.41 23.32 20.39
N ASP A 422 -37.50 24.03 20.08
CA ASP A 422 -38.46 24.45 21.08
C ASP A 422 -39.91 24.28 20.68
N ILE A 423 -40.21 24.04 19.41
CA ILE A 423 -41.58 24.01 18.93
C ILE A 423 -41.62 23.07 17.72
N GLU A 424 -42.84 22.70 17.31
CA GLU A 424 -43.07 21.74 16.22
C GLU A 424 -42.57 22.25 14.87
N VAL A 425 -41.54 21.61 14.33
CA VAL A 425 -41.00 21.97 13.02
C VAL A 425 -41.97 21.52 11.94
N TYR A 426 -41.93 22.16 10.78
CA TYR A 426 -42.85 21.85 9.69
C TYR A 426 -42.11 21.25 8.48
N ASP A 427 -41.33 22.06 7.75
CA ASP A 427 -40.31 21.56 6.84
C ASP A 427 -39.08 22.46 6.84
N SER A 428 -39.30 23.76 6.88
CA SER A 428 -38.32 24.72 6.38
C SER A 428 -37.42 25.30 7.45
N ALA A 429 -37.87 25.30 8.71
CA ALA A 429 -37.04 25.80 9.80
C ALA A 429 -35.77 24.97 9.93
N SER A 430 -35.92 23.64 9.94
CA SER A 430 -34.78 22.75 10.03
C SER A 430 -33.86 22.89 8.83
N ILE A 431 -34.45 22.99 7.63
CA ILE A 431 -33.68 23.09 6.40
C ILE A 431 -32.83 24.36 6.40
N HIS A 432 -33.46 25.50 6.68
CA HIS A 432 -32.77 26.77 6.66
C HIS A 432 -31.71 26.84 7.73
N PHE A 433 -32.05 26.42 8.96
CA PHE A 433 -31.08 26.48 10.04
C PHE A 433 -29.89 25.59 9.78
N ALA A 434 -30.13 24.36 9.32
CA ALA A 434 -29.04 23.42 9.09
C ALA A 434 -28.11 23.91 8.00
N ALA A 435 -28.68 24.36 6.88
CA ALA A 435 -27.85 24.81 5.77
C ALA A 435 -27.02 26.03 6.15
N ARG A 436 -27.68 27.07 6.68
CA ARG A 436 -26.95 28.30 7.00
C ARG A 436 -25.96 28.07 8.12
N PHE A 437 -26.33 27.29 9.12
CA PHE A 437 -25.48 27.07 10.29
C PHE A 437 -24.23 26.30 9.90
N TYR A 438 -24.37 25.23 9.12
CA TYR A 438 -23.17 24.48 8.78
C TYR A 438 -22.30 25.24 7.78
N ASP A 439 -22.92 25.98 6.85
CA ASP A 439 -22.12 26.79 5.95
C ASP A 439 -21.34 27.85 6.71
N HIS A 440 -21.95 28.44 7.74
CA HIS A 440 -21.22 29.42 8.53
C HIS A 440 -20.13 28.78 9.38
N LEU A 441 -20.36 27.57 9.90
CA LEU A 441 -19.29 26.89 10.63
C LEU A 441 -18.08 26.65 9.74
N VAL A 442 -18.31 26.11 8.55
CA VAL A 442 -17.19 25.62 7.76
C VAL A 442 -16.48 26.71 6.98
N HIS A 443 -16.91 27.96 7.10
CA HIS A 443 -16.10 29.04 6.58
C HIS A 443 -15.11 29.57 7.60
N GLY A 444 -15.04 28.93 8.77
CA GLY A 444 -14.02 29.28 9.75
C GLY A 444 -14.54 30.06 10.93
N THR A 445 -15.86 30.15 11.06
CA THR A 445 -16.44 30.93 12.14
C THR A 445 -16.68 30.07 13.37
N SER A 446 -16.93 30.74 14.49
CA SER A 446 -17.25 30.04 15.72
C SER A 446 -18.69 29.56 15.71
N VAL A 447 -19.00 28.67 16.66
CA VAL A 447 -20.34 28.11 16.74
C VAL A 447 -21.35 29.17 17.14
N HIS A 448 -20.97 30.06 18.05
CA HIS A 448 -21.90 31.08 18.51
C HIS A 448 -22.30 32.03 17.39
N TYR A 449 -21.31 32.52 16.64
CA TYR A 449 -21.62 33.43 15.54
C TYR A 449 -22.39 32.73 14.43
N ALA A 450 -22.02 31.48 14.14
CA ALA A 450 -22.74 30.71 13.13
C ALA A 450 -24.18 30.48 13.53
N PHE A 451 -24.41 30.15 14.80
CA PHE A 451 -25.77 29.93 15.28
C PHE A 451 -26.58 31.21 15.21
N ASN A 452 -25.99 32.33 15.61
CA ASN A 452 -26.72 33.59 15.57
C ASN A 452 -27.06 33.98 14.14
N ALA A 453 -26.12 33.80 13.21
CA ALA A 453 -26.39 34.14 11.82
C ALA A 453 -27.46 33.23 11.21
N ALA A 454 -27.42 31.93 11.53
CA ALA A 454 -28.44 31.02 11.01
C ALA A 454 -29.80 31.32 11.60
N VAL A 455 -29.85 31.71 12.87
CA VAL A 455 -31.12 32.09 13.49
C VAL A 455 -31.66 33.36 12.86
N ASP A 456 -30.78 34.30 12.48
CA ASP A 456 -31.26 35.50 11.79
C ASP A 456 -31.74 35.18 10.38
N GLU A 457 -31.10 34.23 9.70
CA GLU A 457 -31.58 33.81 8.39
C GLU A 457 -32.95 33.15 8.49
N CYS A 458 -33.18 32.35 9.52
CA CYS A 458 -34.52 31.83 9.77
C CYS A 458 -35.49 32.93 10.18
N ARG A 459 -34.99 33.94 10.89
CA ARG A 459 -35.78 35.09 11.31
C ARG A 459 -36.31 35.88 10.14
N ALA A 460 -35.57 35.89 9.03
CA ALA A 460 -36.09 36.45 7.79
C ALA A 460 -37.38 35.77 7.34
N HIS A 461 -37.55 34.48 7.65
CA HIS A 461 -38.79 33.77 7.37
C HIS A 461 -39.67 33.61 8.59
N SER A 462 -39.29 34.17 9.73
CA SER A 462 -40.12 34.08 10.93
C SER A 462 -41.36 34.94 10.74
N THR A 463 -42.54 34.31 10.76
CA THR A 463 -43.76 35.04 10.46
C THR A 463 -44.18 35.91 11.63
N SER A 464 -44.62 35.28 12.72
CA SER A 464 -44.85 35.99 13.97
C SER A 464 -43.96 35.41 15.06
N GLY A 465 -44.07 34.09 15.23
CA GLY A 465 -43.23 33.40 16.18
C GLY A 465 -41.81 33.25 15.66
N GLN A 466 -40.89 33.03 16.59
CA GLN A 466 -39.48 33.03 16.25
C GLN A 466 -38.74 32.18 17.27
N GLU A 467 -37.42 32.08 17.09
CA GLU A 467 -36.51 31.32 17.96
C GLU A 467 -36.95 29.86 18.06
N VAL A 468 -37.02 29.21 16.89
CA VAL A 468 -37.33 27.79 16.87
C VAL A 468 -36.18 26.97 17.42
N PHE A 469 -34.95 27.43 17.24
CA PHE A 469 -33.78 26.75 17.78
C PHE A 469 -33.26 27.52 19.00
N CYS A 470 -32.48 26.82 19.82
CA CYS A 470 -32.07 27.38 21.10
C CYS A 470 -30.73 26.78 21.49
N LEU A 471 -29.74 27.64 21.68
CA LEU A 471 -28.39 27.24 22.07
C LEU A 471 -28.29 27.24 23.58
N HIS A 472 -27.83 26.12 24.15
CA HIS A 472 -27.70 25.97 25.60
C HIS A 472 -26.29 25.54 25.95
N PRO A 473 -25.32 26.45 25.93
CA PRO A 473 -24.04 26.16 26.57
C PRO A 473 -24.06 26.64 27.99
N ALA A 474 -25.14 26.32 28.72
CA ALA A 474 -25.50 26.96 29.99
C ALA A 474 -25.52 28.49 29.83
N ALA A 475 -26.14 28.96 28.75
CA ALA A 475 -26.26 30.39 28.51
C ALA A 475 -27.58 30.71 27.84
N PRO A 484 -14.59 25.29 33.23
CA PRO A 484 -15.01 25.91 31.97
C PRO A 484 -14.37 25.22 30.78
N PRO A 485 -15.02 24.18 30.23
CA PRO A 485 -14.39 23.42 29.15
C PRO A 485 -14.07 24.24 27.91
N VAL A 486 -15.11 24.75 27.25
CA VAL A 486 -15.00 25.65 26.10
C VAL A 486 -16.26 26.49 26.11
N ARG A 487 -16.14 27.80 25.91
CA ARG A 487 -17.34 28.59 25.67
C ARG A 487 -17.60 28.69 24.18
N ALA A 488 -18.87 28.85 23.82
CA ALA A 488 -19.31 28.65 22.45
C ALA A 488 -18.76 29.67 21.47
N ASP A 489 -18.35 30.84 21.94
CA ASP A 489 -17.90 31.87 21.02
C ASP A 489 -16.43 31.74 20.64
N GLU A 490 -15.70 30.79 21.24
CA GLU A 490 -14.32 30.55 20.88
C GLU A 490 -14.12 29.18 20.23
N LEU A 491 -15.17 28.37 20.14
CA LEU A 491 -15.08 27.01 19.65
C LEU A 491 -15.21 27.05 18.14
N VAL A 492 -14.14 26.76 17.43
CA VAL A 492 -14.11 26.84 15.97
C VAL A 492 -13.55 25.54 15.42
N PHE A 493 -14.16 25.03 14.35
CA PHE A 493 -13.80 23.73 13.80
C PHE A 493 -12.94 23.82 12.56
N PHE A 494 -12.79 25.00 11.95
CA PHE A 494 -12.05 25.11 10.70
C PHE A 494 -11.20 26.37 10.66
N SER A 495 -10.50 19.83 0.75
CA SER A 495 -9.36 20.54 0.21
C SER A 495 -9.66 21.11 -1.16
N ILE B 1 12.59 -18.61 -41.26
CA ILE B 1 11.23 -18.12 -41.29
C ILE B 1 11.14 -16.78 -40.59
N GLN B 2 10.55 -15.81 -41.25
CA GLN B 2 10.44 -14.46 -40.71
C GLN B 2 8.97 -14.09 -40.54
N CYS B 3 8.65 -13.52 -39.39
CA CYS B 3 7.34 -12.94 -39.15
C CYS B 3 7.53 -11.45 -38.93
N ILE B 4 6.99 -10.65 -39.84
CA ILE B 4 7.18 -9.20 -39.80
C ILE B 4 5.93 -8.59 -39.21
N LEU B 5 6.05 -8.02 -38.02
CA LEU B 5 4.93 -7.41 -37.31
C LEU B 5 5.07 -5.91 -37.47
N VAL B 6 4.11 -5.30 -38.16
CA VAL B 6 4.15 -3.88 -38.47
C VAL B 6 3.08 -3.19 -37.64
N LEU B 7 3.50 -2.24 -36.81
CA LEU B 7 2.59 -1.53 -35.92
C LEU B 7 2.28 -0.18 -36.54
N ASP B 8 1.40 -0.19 -37.53
CA ASP B 8 0.99 1.04 -38.22
C ASP B 8 -0.16 1.72 -37.49
N LEU B 9 0.16 2.74 -36.71
CA LEU B 9 -0.85 3.40 -35.90
C LEU B 9 -0.89 4.92 -36.07
N SER B 10 0.06 5.51 -36.79
CA SER B 10 0.07 6.95 -36.96
C SER B 10 -0.73 7.33 -38.20
N ILE B 11 -1.56 8.36 -38.07
CA ILE B 11 -2.12 8.98 -39.25
C ILE B 11 -1.06 9.78 -39.97
N ASP B 12 0.04 10.10 -39.29
CA ASP B 12 1.20 10.74 -39.89
C ASP B 12 2.05 9.72 -40.62
N ASN B 13 3.32 10.05 -40.88
CA ASN B 13 4.22 9.26 -41.71
C ASN B 13 4.21 7.78 -41.34
N ALA B 14 3.67 6.96 -42.23
CA ALA B 14 3.34 5.59 -41.91
C ALA B 14 4.28 4.64 -42.62
N ILE B 15 4.44 3.46 -42.02
CA ILE B 15 5.28 2.40 -42.57
C ILE B 15 4.46 1.13 -42.66
N THR B 16 4.46 0.51 -43.83
CA THR B 16 3.98 -0.85 -44.01
C THR B 16 5.17 -1.75 -44.23
N ALA B 17 4.89 -3.04 -44.47
CA ALA B 17 5.97 -4.01 -44.60
C ALA B 17 6.84 -3.79 -45.82
N CYS B 18 6.34 -3.04 -46.83
CA CYS B 18 7.14 -2.76 -48.02
C CYS B 18 8.36 -1.93 -47.69
N SER B 19 8.26 -1.05 -46.69
CA SER B 19 9.42 -0.26 -46.28
C SER B 19 10.41 -1.05 -45.46
N VAL B 20 9.94 -2.10 -44.77
CA VAL B 20 10.82 -2.84 -43.88
C VAL B 20 11.53 -3.98 -44.60
N THR B 21 10.85 -4.59 -45.58
CA THR B 21 11.39 -5.76 -46.28
C THR B 21 12.78 -5.61 -46.89
N PRO B 22 13.20 -4.49 -47.51
CA PRO B 22 14.57 -4.43 -48.03
C PRO B 22 15.66 -4.51 -47.00
N HIS B 23 15.36 -4.28 -45.73
CA HIS B 23 16.37 -4.31 -44.68
C HIS B 23 16.45 -5.67 -43.98
N LEU B 24 15.82 -6.68 -44.53
CA LEU B 24 15.83 -7.96 -43.84
C LEU B 24 16.55 -9.01 -44.67
N PRO B 25 17.13 -10.02 -44.01
CA PRO B 25 17.70 -11.14 -44.77
C PRO B 25 16.64 -11.92 -45.52
N ARG B 26 17.06 -12.56 -46.60
CA ARG B 26 16.15 -13.33 -47.43
C ARG B 26 15.63 -14.54 -46.67
N ALA B 27 14.34 -14.85 -46.87
CA ALA B 27 13.67 -15.85 -46.07
C ALA B 27 12.88 -16.81 -46.96
N ALA B 28 12.63 -18.00 -46.41
CA ALA B 28 11.76 -18.95 -47.07
C ALA B 28 10.30 -18.51 -46.97
N ARG B 29 9.86 -18.11 -45.79
CA ARG B 29 8.48 -17.67 -45.57
C ARG B 29 8.49 -16.32 -44.88
N ARG B 30 7.71 -15.39 -45.40
CA ARG B 30 7.43 -14.13 -44.73
C ARG B 30 5.95 -14.11 -44.37
N VAL B 31 5.66 -13.90 -43.10
CA VAL B 31 4.30 -13.61 -42.68
C VAL B 31 4.26 -12.15 -42.26
N GLU B 32 3.50 -11.35 -43.00
CA GLU B 32 3.46 -9.92 -42.80
C GLU B 32 2.11 -9.53 -42.25
N LEU B 33 2.11 -8.84 -41.11
CA LEU B 33 0.86 -8.45 -40.47
C LEU B 33 0.91 -6.97 -40.12
N HIS B 34 -0.25 -6.34 -40.16
CA HIS B 34 -0.39 -4.93 -39.79
C HIS B 34 -1.45 -4.80 -38.72
N LEU B 35 -1.19 -3.90 -37.76
CA LEU B 35 -2.11 -3.74 -36.65
C LEU B 35 -3.41 -3.08 -37.10
N ASN B 36 -3.38 -2.33 -38.20
CA ASN B 36 -4.61 -1.72 -38.69
C ASN B 36 -5.56 -2.74 -39.29
N ASP B 37 -5.09 -3.96 -39.59
CA ASP B 37 -5.97 -4.98 -40.11
C ASP B 37 -6.83 -5.61 -39.03
N PHE B 38 -6.52 -5.38 -37.76
CA PHE B 38 -7.25 -5.98 -36.65
C PHE B 38 -8.04 -4.94 -35.86
N GLY B 39 -8.50 -3.89 -36.52
CA GLY B 39 -9.42 -2.95 -35.93
C GLY B 39 -8.81 -1.85 -35.10
N ALA B 40 -7.49 -1.79 -34.98
CA ALA B 40 -6.85 -0.74 -34.21
C ALA B 40 -6.89 0.55 -35.03
N GLU B 41 -7.72 1.50 -34.62
CA GLU B 41 -7.85 2.75 -35.34
C GLU B 41 -6.61 3.60 -35.14
N ARG B 42 -6.21 4.32 -36.19
CA ARG B 42 -5.00 5.12 -36.13
C ARG B 42 -5.21 6.36 -35.27
N ALA B 43 -4.13 7.10 -35.06
CA ALA B 43 -4.14 8.21 -34.12
C ALA B 43 -3.07 9.21 -34.54
N PRO B 44 -3.16 10.45 -34.09
CA PRO B 44 -2.09 11.41 -34.39
C PRO B 44 -0.79 11.00 -33.71
N TYR B 45 0.25 10.86 -34.53
CA TYR B 45 1.61 10.56 -34.08
C TYR B 45 1.70 9.23 -33.34
N GLY B 46 0.77 8.32 -33.60
CA GLY B 46 0.79 7.04 -32.94
C GLY B 46 0.52 7.07 -31.46
N GLY B 47 -0.12 8.13 -30.97
CA GLY B 47 -0.44 8.22 -29.57
C GLY B 47 -1.94 8.34 -29.34
N ALA B 48 -2.52 7.33 -28.71
CA ALA B 48 -3.96 7.33 -28.48
C ALA B 48 -4.34 8.37 -27.45
N SER B 49 -5.63 8.69 -27.41
CA SER B 49 -6.12 9.79 -26.60
C SER B 49 -6.84 9.38 -25.33
N ASP B 50 -7.40 8.18 -25.27
CA ASP B 50 -8.26 7.80 -24.15
C ASP B 50 -8.14 6.31 -23.90
N ARG B 51 -8.63 5.87 -22.74
CA ARG B 51 -8.45 4.50 -22.29
C ARG B 51 -9.13 3.50 -23.22
N ARG B 52 -10.23 3.89 -23.85
CA ARG B 52 -10.91 3.00 -24.78
C ARG B 52 -10.01 2.67 -25.97
N THR B 53 -9.31 3.67 -26.49
CA THR B 53 -8.45 3.43 -27.64
C THR B 53 -7.23 2.59 -27.26
N TRP B 54 -6.68 2.82 -26.07
CA TRP B 54 -5.57 1.99 -25.61
C TRP B 54 -6.02 0.54 -25.42
N ARG B 55 -7.22 0.34 -24.90
CA ARG B 55 -7.74 -1.01 -24.72
C ARG B 55 -7.97 -1.69 -26.07
N CYS B 56 -8.50 -0.95 -27.04
CA CYS B 56 -8.69 -1.50 -28.37
C CYS B 56 -7.36 -1.87 -29.00
N TRP B 57 -6.33 -1.06 -28.79
CA TRP B 57 -5.01 -1.37 -29.32
C TRP B 57 -4.43 -2.61 -28.66
N MET B 58 -4.60 -2.75 -27.36
CA MET B 58 -4.09 -3.92 -26.66
C MET B 58 -4.77 -5.20 -27.15
N GLN B 59 -6.10 -5.16 -27.28
CA GLN B 59 -6.80 -6.33 -27.78
C GLN B 59 -6.46 -6.62 -29.23
N ALA B 60 -6.19 -5.58 -30.02
CA ALA B 60 -5.78 -5.79 -31.39
C ALA B 60 -4.40 -6.42 -31.46
N VAL B 61 -3.50 -6.05 -30.56
CA VAL B 61 -2.18 -6.68 -30.51
C VAL B 61 -2.30 -8.16 -30.16
N ASP B 62 -3.16 -8.47 -29.18
CA ASP B 62 -3.38 -9.87 -28.83
C ASP B 62 -3.97 -10.66 -29.98
N ALA B 63 -4.92 -10.06 -30.70
CA ALA B 63 -5.51 -10.72 -31.87
C ALA B 63 -4.49 -10.92 -32.97
N MET B 64 -3.59 -9.94 -33.15
CA MET B 64 -2.51 -10.09 -34.12
C MET B 64 -1.61 -11.26 -33.77
N LEU B 65 -1.25 -11.37 -32.50
CA LEU B 65 -0.38 -12.48 -32.10
C LEU B 65 -1.07 -13.82 -32.29
N ALA B 66 -2.38 -13.87 -32.01
CA ALA B 66 -3.13 -15.10 -32.24
C ALA B 66 -3.15 -15.47 -33.72
N ASP B 67 -3.38 -14.48 -34.58
CA ASP B 67 -3.39 -14.75 -36.02
C ASP B 67 -2.02 -15.12 -36.53
N ALA B 68 -0.96 -14.53 -35.98
CA ALA B 68 0.39 -14.89 -36.38
C ALA B 68 0.70 -16.32 -36.02
N ARG B 69 0.31 -16.75 -34.82
CA ARG B 69 0.53 -18.13 -34.42
C ARG B 69 -0.28 -19.08 -35.29
N ALA B 70 -1.52 -18.70 -35.61
CA ALA B 70 -2.36 -19.55 -36.46
C ALA B 70 -1.81 -19.65 -37.88
N GLN B 71 -1.22 -18.57 -38.39
CA GLN B 71 -0.65 -18.63 -39.73
C GLN B 71 0.65 -19.42 -39.75
N LEU B 72 1.47 -19.27 -38.72
CA LEU B 72 2.76 -19.97 -38.72
C LEU B 72 2.60 -21.44 -38.42
N GLY B 73 1.60 -21.81 -37.62
CA GLY B 73 1.39 -23.22 -37.34
C GLY B 73 2.49 -23.79 -36.47
N ALA B 74 2.84 -25.06 -36.73
CA ALA B 74 3.91 -25.73 -36.00
C ALA B 74 5.28 -25.15 -36.30
N GLU B 75 5.42 -24.36 -37.36
CA GLU B 75 6.69 -23.76 -37.73
C GLU B 75 7.03 -22.55 -36.87
N VAL B 76 6.26 -22.28 -35.81
CA VAL B 76 6.52 -21.14 -34.94
C VAL B 76 7.82 -21.26 -34.16
N GLU B 77 8.43 -22.45 -34.14
CA GLU B 77 9.72 -22.64 -33.48
C GLU B 77 10.80 -21.82 -34.15
N PHE B 78 10.93 -21.96 -35.46
CA PHE B 78 12.04 -21.38 -36.19
C PHE B 78 11.82 -19.93 -36.57
N THR B 79 10.67 -19.36 -36.21
CA THR B 79 10.34 -18.00 -36.64
C THR B 79 11.22 -16.98 -35.94
N HIS B 80 11.63 -15.98 -36.69
CA HIS B 80 12.35 -14.84 -36.15
C HIS B 80 11.47 -13.62 -36.31
N TYR B 81 11.02 -13.05 -35.20
CA TYR B 81 10.08 -11.95 -35.25
C TYR B 81 10.79 -10.65 -35.58
N TYR B 82 10.15 -9.84 -36.42
CA TYR B 82 10.65 -8.52 -36.76
C TYR B 82 9.56 -7.51 -36.48
N LEU B 83 9.85 -6.53 -35.62
CA LEU B 83 8.89 -5.51 -35.24
C LEU B 83 9.32 -4.17 -35.83
N ALA B 84 8.36 -3.38 -36.26
CA ALA B 84 8.63 -2.10 -36.86
C ALA B 84 7.38 -1.23 -36.77
N GLY B 85 7.36 -0.14 -37.51
CA GLY B 85 6.20 0.72 -37.59
C GLY B 85 6.27 1.86 -36.59
N ARG B 86 5.35 2.80 -36.76
CA ARG B 86 5.25 3.96 -35.89
C ARG B 86 4.08 3.78 -34.92
N ALA B 87 4.40 3.71 -33.65
CA ALA B 87 3.40 3.72 -32.59
C ALA B 87 4.05 4.32 -31.35
N ALA B 88 3.26 4.49 -30.30
CA ALA B 88 3.82 4.97 -29.06
C ALA B 88 4.70 3.91 -28.43
N LEU B 89 5.59 4.35 -27.56
CA LEU B 89 6.45 3.42 -26.81
C LEU B 89 5.70 2.38 -25.97
N PRO B 90 4.59 2.69 -25.27
CA PRO B 90 3.91 1.62 -24.54
C PRO B 90 3.40 0.47 -25.39
N VAL B 91 3.02 0.73 -26.64
CA VAL B 91 2.56 -0.36 -27.50
C VAL B 91 3.69 -1.32 -27.79
N PHE B 92 4.87 -0.80 -28.09
CA PHE B 92 6.03 -1.66 -28.32
C PHE B 92 6.44 -2.38 -27.06
N ALA B 93 6.35 -1.72 -25.91
CA ALA B 93 6.66 -2.39 -24.65
C ALA B 93 5.70 -3.53 -24.39
N TYR B 94 4.41 -3.32 -24.63
CA TYR B 94 3.43 -4.37 -24.41
C TYR B 94 3.66 -5.54 -25.36
N LEU B 95 4.00 -5.25 -26.62
CA LEU B 95 4.28 -6.32 -27.56
C LEU B 95 5.51 -7.12 -27.13
N GLY B 96 6.54 -6.43 -26.64
CA GLY B 96 7.71 -7.12 -26.16
C GLY B 96 7.43 -7.97 -24.94
N LEU B 97 6.50 -7.53 -24.09
CA LEU B 97 6.15 -8.36 -22.94
C LEU B 97 5.35 -9.58 -23.38
N ARG B 98 4.44 -9.41 -24.33
CA ARG B 98 3.62 -10.54 -24.74
C ARG B 98 4.42 -11.57 -25.51
N LEU B 99 5.45 -11.15 -26.25
CA LEU B 99 6.28 -12.13 -26.90
C LEU B 99 7.20 -12.83 -25.90
N GLY B 100 7.57 -12.16 -24.83
CA GLY B 100 8.32 -12.77 -23.75
C GLY B 100 9.80 -12.85 -24.04
N LYS B 101 10.53 -13.31 -23.03
CA LYS B 101 11.99 -13.40 -23.10
C LYS B 101 12.47 -14.42 -24.12
N GLN B 102 11.63 -15.37 -24.49
CA GLN B 102 11.92 -16.31 -25.57
C GLN B 102 11.62 -15.65 -26.91
N ALA B 103 11.52 -16.44 -27.99
CA ALA B 103 11.02 -15.95 -29.27
C ALA B 103 11.85 -14.85 -29.90
N ASN B 104 12.94 -15.21 -30.55
CA ASN B 104 13.93 -14.32 -31.15
C ASN B 104 13.31 -13.07 -31.77
N ILE B 105 13.74 -11.91 -31.28
CA ILE B 105 13.14 -10.62 -31.64
C ILE B 105 14.22 -9.72 -32.20
N THR B 106 13.92 -9.09 -33.34
CA THR B 106 14.78 -8.08 -33.90
C THR B 106 13.92 -6.90 -34.32
N THR B 107 14.30 -5.69 -33.92
CA THR B 107 13.51 -4.50 -34.18
C THR B 107 14.14 -3.72 -35.31
N VAL B 108 13.32 -3.23 -36.23
CA VAL B 108 13.76 -2.42 -37.35
C VAL B 108 13.18 -1.02 -37.18
N ASN B 109 14.05 -0.02 -37.20
CA ASN B 109 13.62 1.36 -37.02
C ASN B 109 14.50 2.28 -37.83
N ARG B 110 13.91 3.40 -38.26
CA ARG B 110 14.61 4.40 -39.04
C ARG B 110 15.12 5.49 -38.12
N ARG B 111 16.38 5.85 -38.27
CA ARG B 111 16.96 6.90 -37.44
C ARG B 111 16.41 8.25 -37.84
N ASP B 112 16.91 9.28 -37.17
CA ASP B 112 16.54 10.65 -37.47
C ASP B 112 17.32 11.24 -38.63
N ASP B 113 18.17 10.45 -39.31
CA ASP B 113 18.85 10.91 -40.51
C ASP B 113 18.75 9.91 -41.64
N GLY B 114 17.71 9.09 -41.64
CA GLY B 114 17.40 8.24 -42.77
C GLY B 114 18.05 6.87 -42.74
N CYS B 115 19.07 6.66 -41.93
CA CYS B 115 19.66 5.34 -41.82
C CYS B 115 18.72 4.42 -41.05
N TRP B 116 18.60 3.18 -41.49
CA TRP B 116 17.69 2.22 -40.89
C TRP B 116 18.46 1.33 -39.94
N ASP B 117 18.02 1.29 -38.68
CA ASP B 117 18.65 0.43 -37.68
C ASP B 117 17.96 -0.91 -37.63
N VAL B 118 18.76 -1.97 -37.54
CA VAL B 118 18.26 -3.32 -37.34
C VAL B 118 18.89 -3.82 -36.05
N VAL B 119 18.08 -3.98 -35.02
CA VAL B 119 18.60 -4.25 -33.68
C VAL B 119 18.15 -5.64 -33.22
N PRO B 120 19.03 -6.63 -33.20
CA PRO B 120 18.65 -7.95 -32.68
C PRO B 120 18.65 -7.93 -31.17
N CYS B 121 17.48 -8.17 -30.57
CA CYS B 121 17.40 -8.22 -29.11
C CYS B 121 18.13 -9.44 -28.57
N GLN B 122 17.89 -10.60 -29.17
CA GLN B 122 18.61 -11.80 -28.78
C GLN B 122 20.03 -11.74 -29.30
N ARG B 123 20.94 -12.28 -28.54
CA ARG B 123 22.30 -12.41 -29.05
C ARG B 123 22.37 -13.62 -29.96
N PRO B 124 22.89 -13.49 -31.17
CA PRO B 124 23.15 -14.68 -31.97
C PRO B 124 24.31 -15.46 -31.39
N ALA B 125 23.98 -16.59 -30.74
CA ALA B 125 24.94 -17.47 -30.06
C ALA B 125 25.85 -16.73 -29.08
N ALA B 136 32.78 -3.16 -22.24
CA ALA B 136 32.07 -1.94 -21.88
C ALA B 136 30.64 -2.25 -21.47
N ARG B 137 29.93 -1.23 -21.00
CA ARG B 137 28.53 -1.36 -20.61
C ARG B 137 27.71 -0.34 -21.37
N PHE B 138 26.57 -0.76 -21.90
CA PHE B 138 25.68 0.19 -22.56
C PHE B 138 25.12 1.19 -21.56
N PHE B 139 24.31 0.72 -20.62
CA PHE B 139 23.71 1.60 -19.64
C PHE B 139 24.75 1.93 -18.60
N ASP B 140 25.45 3.04 -18.81
CA ASP B 140 26.52 3.43 -17.90
C ASP B 140 25.96 3.81 -16.53
N GLU B 141 25.07 4.80 -16.50
CA GLU B 141 24.60 5.38 -15.25
C GLU B 141 23.43 4.55 -14.74
N VAL B 142 23.72 3.61 -13.85
CA VAL B 142 22.72 2.77 -13.22
C VAL B 142 22.64 3.16 -11.76
N ARG B 143 21.46 3.54 -11.31
CA ARG B 143 21.29 4.02 -9.94
C ARG B 143 20.10 3.35 -9.30
N GLY B 144 20.25 2.96 -8.03
CA GLY B 144 19.21 2.34 -7.25
C GLY B 144 19.44 0.87 -6.98
N LEU B 145 20.20 0.20 -7.82
CA LEU B 145 20.49 -1.21 -7.64
C LEU B 145 21.79 -1.43 -6.88
N ASP B 146 21.93 -0.81 -5.72
CA ASP B 146 23.13 -0.95 -4.92
C ASP B 146 22.78 -1.63 -3.60
N THR B 147 23.81 -2.16 -2.94
CA THR B 147 23.60 -3.07 -1.81
C THR B 147 23.04 -2.34 -0.59
N ASP B 148 23.44 -1.11 -0.37
CA ASP B 148 23.10 -0.43 0.87
C ASP B 148 21.77 0.31 0.81
N GLU B 149 21.00 0.15 -0.25
CA GLU B 149 19.67 0.75 -0.33
C GLU B 149 18.59 -0.29 -0.55
N ARG B 150 18.74 -1.47 0.05
CA ARG B 150 17.71 -2.49 -0.08
C ARG B 150 16.51 -2.10 0.75
N SER B 151 15.60 -1.35 0.15
CA SER B 151 14.45 -0.83 0.88
C SER B 151 13.51 -1.94 1.28
N SER B 152 12.96 -1.83 2.48
CA SER B 152 12.06 -2.82 3.04
C SER B 152 10.60 -2.44 2.87
N GLU B 153 10.33 -1.49 1.98
CA GLU B 153 9.08 -0.77 1.95
C GLU B 153 8.12 -1.44 0.99
N SER B 154 6.84 -1.08 1.09
CA SER B 154 5.82 -1.66 0.23
C SER B 154 5.45 -0.68 -0.86
N GLY B 155 4.77 -1.21 -1.88
CA GLY B 155 4.29 -0.36 -2.96
C GLY B 155 4.94 -0.66 -4.30
N MET B 156 4.77 0.25 -5.25
CA MET B 156 5.28 0.06 -6.59
C MET B 156 6.76 0.40 -6.65
N VAL B 157 7.38 0.07 -7.77
CA VAL B 157 8.76 0.46 -8.04
C VAL B 157 8.79 1.15 -9.39
N ALA B 158 9.30 2.37 -9.43
CA ALA B 158 9.37 3.11 -10.68
C ALA B 158 10.73 2.86 -11.33
N VAL B 159 10.70 2.52 -12.62
CA VAL B 159 11.91 2.21 -13.37
C VAL B 159 12.04 3.24 -14.47
N TRP B 160 13.17 3.95 -14.49
CA TRP B 160 13.43 4.96 -15.49
C TRP B 160 14.47 4.43 -16.46
N VAL B 161 14.04 4.04 -17.64
CA VAL B 161 14.93 3.59 -18.71
C VAL B 161 14.92 4.66 -19.79
N SER B 162 16.09 5.21 -20.10
CA SER B 162 16.14 6.27 -21.09
C SER B 162 17.52 6.35 -21.70
N THR B 163 17.57 6.87 -22.92
CA THR B 163 18.82 7.25 -23.56
C THR B 163 18.93 8.74 -23.79
N GLN B 164 17.88 9.49 -23.49
CA GLN B 164 17.85 10.93 -23.74
C GLN B 164 17.82 11.73 -22.45
N ARG B 165 16.83 11.50 -21.61
CA ARG B 165 16.50 12.40 -20.52
C ARG B 165 16.97 11.82 -19.20
N ASP B 166 17.72 12.63 -18.45
CA ASP B 166 18.15 12.24 -17.12
C ASP B 166 16.94 12.12 -16.21
N VAL B 167 17.06 11.25 -15.20
CA VAL B 167 15.93 10.91 -14.35
C VAL B 167 15.55 12.10 -13.47
N ASP B 168 14.26 12.36 -13.37
CA ASP B 168 13.73 13.44 -12.55
C ASP B 168 12.75 12.84 -11.55
N ARG B 169 13.22 12.60 -10.33
CA ARG B 169 12.42 11.85 -9.36
C ARG B 169 11.21 12.62 -8.88
N GLY B 170 11.26 13.96 -8.94
CA GLY B 170 10.09 14.74 -8.57
C GLY B 170 8.92 14.49 -9.49
N LEU B 171 9.19 14.38 -10.79
CA LEU B 171 8.12 14.12 -11.76
C LEU B 171 7.50 12.75 -11.55
N LEU B 172 8.32 11.73 -11.30
CA LEU B 172 7.80 10.39 -11.05
C LEU B 172 6.99 10.34 -9.77
N ARG B 173 7.48 10.99 -8.71
CA ARG B 173 6.73 11.02 -7.46
C ARG B 173 5.41 11.76 -7.63
N ALA B 174 5.40 12.85 -8.41
CA ALA B 174 4.17 13.57 -8.66
C ALA B 174 3.18 12.73 -9.45
N PHE B 175 3.66 11.99 -10.45
CA PHE B 175 2.76 11.14 -11.22
C PHE B 175 2.18 10.02 -10.37
N ALA B 176 3.02 9.39 -9.55
CA ALA B 176 2.53 8.29 -8.72
C ALA B 176 1.58 8.78 -7.65
N ARG B 177 1.81 9.99 -7.13
CA ARG B 177 0.86 10.61 -6.22
C ARG B 177 -0.45 10.91 -6.91
N ALA B 178 -0.39 11.42 -8.14
CA ALA B 178 -1.60 11.80 -8.85
C ALA B 178 -2.36 10.60 -9.41
N ARG B 179 -1.77 9.41 -9.40
CA ARG B 179 -2.46 8.23 -9.92
C ARG B 179 -2.92 7.30 -8.80
N GLY B 180 -3.39 7.85 -7.69
CA GLY B 180 -4.03 7.04 -6.68
C GLY B 180 -3.18 6.79 -5.45
N ASP B 181 -2.27 7.72 -5.15
CA ASP B 181 -1.40 7.67 -3.98
C ASP B 181 -0.60 6.37 -3.95
N ARG B 182 0.11 6.11 -5.05
CA ARG B 182 0.61 4.76 -5.26
C ARG B 182 1.80 4.39 -4.41
N ASP B 183 2.42 5.35 -3.70
CA ASP B 183 3.38 5.08 -2.64
C ASP B 183 4.58 4.29 -3.19
N LEU B 184 5.38 5.00 -3.99
CA LEU B 184 6.57 4.42 -4.58
C LEU B 184 7.49 3.86 -3.51
N ALA B 185 7.98 2.65 -3.73
CA ALA B 185 8.90 2.00 -2.81
C ALA B 185 10.34 2.17 -3.22
N GLY B 186 10.61 2.92 -4.28
CA GLY B 186 11.96 3.12 -4.75
C GLY B 186 12.01 3.47 -6.22
N ILE B 187 13.06 4.16 -6.64
CA ILE B 187 13.20 4.61 -8.03
C ILE B 187 14.51 4.07 -8.56
N VAL B 188 14.43 3.33 -9.67
CA VAL B 188 15.60 2.76 -10.33
C VAL B 188 15.74 3.44 -11.68
N SER B 189 16.93 3.95 -11.96
CA SER B 189 17.17 4.70 -13.19
C SER B 189 18.28 4.06 -13.98
N LEU B 190 18.11 3.99 -15.30
CA LEU B 190 19.10 3.43 -16.21
C LEU B 190 19.31 4.43 -17.34
N ARG B 191 20.21 5.38 -17.13
CA ARG B 191 20.50 6.40 -18.12
C ARG B 191 21.75 5.99 -18.89
N ALA B 192 21.67 6.02 -20.20
CA ALA B 192 22.80 5.67 -21.05
C ALA B 192 23.43 6.96 -21.55
N ARG B 193 24.54 7.35 -20.94
CA ARG B 193 25.24 8.55 -21.36
C ARG B 193 25.93 8.31 -22.70
N PRO B 194 26.01 9.34 -23.54
CA PRO B 194 26.79 9.21 -24.77
C PRO B 194 28.27 9.14 -24.44
N ALA B 195 29.02 8.52 -25.34
CA ALA B 195 30.46 8.44 -25.18
C ALA B 195 31.08 9.82 -25.27
N ALA B 196 32.18 10.02 -24.54
CA ALA B 196 32.83 11.32 -24.51
C ALA B 196 33.45 11.64 -25.85
N GLY B 197 33.27 12.89 -26.28
CA GLY B 197 33.84 13.36 -27.54
C GLY B 197 33.03 13.01 -28.77
N ASP B 198 31.89 12.35 -28.63
CA ASP B 198 31.06 12.00 -29.77
C ASP B 198 29.90 12.97 -29.87
N ASP B 199 29.71 13.53 -31.06
CA ASP B 199 28.81 14.67 -31.27
C ASP B 199 27.36 14.21 -31.44
N THR B 200 26.73 13.90 -30.31
CA THR B 200 25.30 13.67 -30.30
C THR B 200 24.63 14.46 -29.18
N GLY B 201 25.41 15.02 -28.26
CA GLY B 201 24.84 15.78 -27.17
C GLY B 201 24.58 14.90 -25.97
N ASP B 202 23.34 14.47 -25.80
CA ASP B 202 22.99 13.60 -24.69
C ASP B 202 22.37 12.29 -25.13
N MET B 203 21.96 12.15 -26.39
CA MET B 203 21.44 10.89 -26.88
C MET B 203 22.59 9.91 -27.08
N ARG B 204 22.41 8.70 -26.59
CA ARG B 204 23.33 7.60 -26.86
C ARG B 204 22.74 6.77 -27.99
N LEU B 205 23.50 6.59 -29.06
CA LEU B 205 23.00 5.82 -30.18
C LEU B 205 22.83 4.36 -29.79
N LEU B 206 21.81 3.73 -30.39
CA LEU B 206 21.48 2.34 -30.13
C LEU B 206 21.52 1.62 -31.48
N GLU B 207 22.63 0.96 -31.77
CA GLU B 207 22.87 0.35 -33.06
C GLU B 207 22.74 -1.17 -32.96
N GLY B 208 23.00 -1.84 -34.07
CA GLY B 208 22.93 -3.29 -34.10
C GLY B 208 23.98 -3.95 -33.23
N ALA B 209 25.15 -3.32 -33.09
CA ALA B 209 26.19 -3.90 -32.25
C ALA B 209 25.88 -3.74 -30.78
N ASP B 210 25.11 -2.72 -30.41
CA ASP B 210 24.77 -2.46 -29.02
C ASP B 210 23.48 -3.13 -28.60
N GLY B 211 22.87 -3.94 -29.46
CA GLY B 211 21.60 -4.54 -29.17
C GLY B 211 21.59 -5.55 -28.04
N PRO B 212 22.24 -6.69 -28.26
CA PRO B 212 22.21 -7.76 -27.25
C PRO B 212 22.80 -7.38 -25.90
N ASP B 213 23.83 -6.54 -25.87
CA ASP B 213 24.38 -6.11 -24.59
C ASP B 213 23.37 -5.29 -23.80
N ALA B 214 22.67 -4.37 -24.47
CA ALA B 214 21.67 -3.57 -23.79
C ALA B 214 20.48 -4.42 -23.36
N ALA B 215 20.11 -5.41 -24.17
CA ALA B 215 19.04 -6.32 -23.78
C ALA B 215 19.41 -7.13 -22.55
N ARG B 216 20.65 -7.62 -22.50
CA ARG B 216 21.11 -8.37 -21.34
C ARG B 216 21.17 -7.50 -20.10
N GLU B 217 21.60 -6.23 -20.25
CA GLU B 217 21.64 -5.33 -19.10
C GLU B 217 20.24 -5.06 -18.57
N LEU B 218 19.27 -4.90 -19.47
CA LEU B 218 17.89 -4.70 -19.04
C LEU B 218 17.35 -5.92 -18.30
N VAL B 219 17.66 -7.12 -18.80
CA VAL B 219 17.21 -8.34 -18.14
C VAL B 219 17.84 -8.46 -16.77
N ASN B 220 19.13 -8.14 -16.66
CA ASN B 220 19.81 -8.18 -15.37
C ASN B 220 19.20 -7.20 -14.38
N CYS B 221 18.85 -6.01 -14.85
CA CYS B 221 18.16 -5.05 -14.00
C CYS B 221 16.83 -5.58 -13.48
N PHE B 222 16.02 -6.12 -14.39
CA PHE B 222 14.68 -6.51 -13.95
C PHE B 222 14.70 -7.80 -13.17
N ARG B 223 15.78 -8.57 -13.22
CA ARG B 223 15.95 -9.67 -12.29
C ARG B 223 16.51 -9.23 -10.95
N SER B 224 17.35 -8.20 -10.93
CA SER B 224 17.91 -7.73 -9.68
C SER B 224 16.95 -6.86 -8.89
N ILE B 225 15.85 -6.41 -9.51
CA ILE B 225 14.87 -5.61 -8.78
C ILE B 225 14.24 -6.35 -7.61
N PRO B 226 13.67 -7.57 -7.76
CA PRO B 226 13.03 -8.20 -6.59
C PRO B 226 13.98 -8.56 -5.47
N ASN B 227 15.26 -8.74 -5.74
CA ASN B 227 16.20 -8.95 -4.64
C ASN B 227 16.46 -7.66 -3.90
N GLN B 228 16.27 -6.52 -4.55
CA GLN B 228 16.58 -5.24 -3.92
C GLN B 228 15.40 -4.67 -3.16
N TYR B 229 14.19 -4.82 -3.70
CA TYR B 229 12.97 -4.31 -3.07
C TYR B 229 12.06 -5.51 -2.84
N PRO B 230 12.35 -6.31 -1.80
CA PRO B 230 11.64 -7.58 -1.65
C PRO B 230 10.20 -7.45 -1.22
N ARG B 231 9.82 -6.35 -0.59
CA ARG B 231 8.44 -6.17 -0.18
C ARG B 231 7.60 -5.43 -1.20
N SER B 232 8.18 -5.08 -2.35
CA SER B 232 7.46 -4.32 -3.35
C SER B 232 6.47 -5.21 -4.08
N SER B 233 5.68 -4.58 -4.95
CA SER B 233 4.74 -5.29 -5.80
C SER B 233 4.37 -4.39 -6.96
N GLY B 234 4.73 -4.78 -8.17
CA GLY B 234 4.38 -4.03 -9.35
C GLY B 234 5.51 -3.14 -9.83
N LEU B 235 5.33 -2.61 -11.04
CA LEU B 235 6.34 -1.78 -11.68
C LEU B 235 5.68 -0.57 -12.33
N MET B 236 6.50 0.43 -12.59
CA MET B 236 6.10 1.69 -13.21
C MET B 236 7.19 2.03 -14.21
N VAL B 237 7.04 1.59 -15.45
CA VAL B 237 8.13 1.66 -16.41
C VAL B 237 7.95 2.91 -17.26
N PHE B 238 8.91 3.83 -17.16
CA PHE B 238 8.92 5.06 -17.93
C PHE B 238 10.03 4.95 -18.97
N VAL B 239 9.65 4.78 -20.22
CA VAL B 239 10.59 4.56 -21.31
C VAL B 239 10.74 5.85 -22.08
N SER B 240 11.98 6.23 -22.39
CA SER B 240 12.25 7.49 -23.08
C SER B 240 13.37 7.26 -24.09
N GLY B 241 12.98 6.95 -25.32
CA GLY B 241 13.94 6.70 -26.37
C GLY B 241 13.28 6.12 -27.60
N PRO B 242 14.05 5.42 -28.42
CA PRO B 242 13.51 4.84 -29.64
C PRO B 242 12.66 3.62 -29.32
N VAL B 243 11.87 3.19 -30.31
CA VAL B 243 10.97 2.09 -30.10
C VAL B 243 11.69 0.77 -29.91
N THR B 244 12.92 0.65 -30.41
CA THR B 244 13.72 -0.54 -30.16
C THR B 244 13.98 -0.70 -28.67
N LEU B 245 14.27 0.40 -27.98
CA LEU B 245 14.41 0.38 -26.53
C LEU B 245 13.12 -0.06 -25.86
N ALA B 246 11.98 0.38 -26.38
CA ALA B 246 10.71 -0.01 -25.80
C ALA B 246 10.46 -1.49 -25.96
N ALA B 247 10.77 -2.05 -27.12
CA ALA B 247 10.61 -3.49 -27.31
C ALA B 247 11.56 -4.27 -26.42
N MET B 248 12.78 -3.78 -26.23
CA MET B 248 13.73 -4.46 -25.36
C MET B 248 13.27 -4.46 -23.92
N VAL B 249 12.80 -3.32 -23.41
CA VAL B 249 12.39 -3.24 -22.02
C VAL B 249 11.07 -3.96 -21.81
N GLY B 250 10.25 -4.09 -22.85
CA GLY B 250 9.10 -4.97 -22.75
C GLY B 250 9.51 -6.43 -22.67
N ARG B 251 10.53 -6.81 -23.45
CA ARG B 251 11.02 -8.18 -23.42
C ARG B 251 11.58 -8.54 -22.05
N ALA B 252 12.26 -7.60 -21.39
CA ALA B 252 12.95 -7.91 -20.15
C ALA B 252 12.03 -8.09 -18.95
N ILE B 253 10.75 -7.78 -19.07
CA ILE B 253 9.83 -7.80 -17.93
C ILE B 253 9.05 -9.11 -17.94
N ASN B 254 9.06 -9.80 -16.80
CA ASN B 254 8.28 -11.01 -16.63
C ASN B 254 7.02 -10.69 -15.85
N PRO B 255 5.83 -10.82 -16.44
CA PRO B 255 4.62 -10.41 -15.73
C PRO B 255 4.25 -11.31 -14.58
N ARG B 256 4.68 -12.57 -14.58
CA ARG B 256 4.38 -13.44 -13.45
C ARG B 256 5.13 -13.00 -12.20
N ILE B 257 6.34 -12.47 -12.37
CA ILE B 257 7.17 -12.14 -11.22
C ILE B 257 6.68 -10.85 -10.57
N HIS B 258 6.53 -9.80 -11.36
CA HIS B 258 6.38 -8.47 -10.80
C HIS B 258 4.95 -8.09 -10.48
N GLY B 259 3.98 -8.55 -11.25
CA GLY B 259 2.60 -8.21 -11.02
C GLY B 259 2.10 -7.18 -12.01
N PRO B 260 1.38 -6.17 -11.51
CA PRO B 260 0.87 -5.12 -12.41
C PRO B 260 2.00 -4.24 -12.91
N VAL B 261 2.07 -4.07 -14.23
CA VAL B 261 3.10 -3.28 -14.87
C VAL B 261 2.44 -2.16 -15.66
N TRP B 262 2.93 -0.93 -15.48
CA TRP B 262 2.33 0.23 -16.11
C TRP B 262 3.34 0.89 -17.03
N TRP B 263 2.88 1.37 -18.19
CA TRP B 263 3.73 2.10 -19.13
C TRP B 263 3.06 3.42 -19.46
N PRO B 264 3.33 4.47 -18.70
CA PRO B 264 2.72 5.76 -18.98
C PRO B 264 3.21 6.36 -20.28
N TYR B 265 2.34 7.14 -20.90
CA TYR B 265 2.62 7.84 -22.15
C TYR B 265 2.94 9.30 -21.85
N PHE B 266 3.87 9.85 -22.63
CA PHE B 266 4.39 11.19 -22.40
C PHE B 266 3.81 12.13 -23.44
N ARG B 267 2.84 12.94 -23.02
CA ARG B 267 2.19 13.90 -23.91
C ARG B 267 2.21 15.27 -23.27
N GLY B 268 2.68 16.25 -24.02
CA GLY B 268 2.70 17.63 -23.55
C GLY B 268 3.58 17.84 -22.34
N GLY B 269 4.70 17.13 -22.25
CA GLY B 269 5.59 17.31 -21.13
C GLY B 269 5.12 16.70 -19.83
N GLU B 270 4.06 15.92 -19.85
CA GLU B 270 3.55 15.26 -18.65
C GLU B 270 3.27 13.80 -18.97
N TYR B 271 3.25 12.99 -17.91
CA TYR B 271 2.99 11.57 -18.03
C TYR B 271 1.52 11.31 -17.77
N GLU B 272 0.87 10.60 -18.68
CA GLU B 272 -0.54 10.30 -18.57
C GLU B 272 -0.74 8.79 -18.71
N PRO B 273 -1.79 8.23 -18.12
CA PRO B 273 -1.91 6.77 -18.07
C PRO B 273 -2.10 6.15 -19.44
N ALA B 274 -1.58 4.94 -19.56
CA ALA B 274 -1.60 4.17 -20.79
C ALA B 274 -1.60 2.70 -20.39
N LEU B 275 -1.12 1.84 -21.29
CA LEU B 275 -1.23 0.39 -21.16
C LEU B 275 -0.75 -0.13 -19.81
N GLU B 276 -1.58 -0.97 -19.19
CA GLU B 276 -1.28 -1.71 -17.98
C GLU B 276 -1.52 -3.17 -18.31
N TYR B 277 -0.62 -4.07 -17.88
CA TYR B 277 -0.79 -5.41 -18.45
C TYR B 277 -1.95 -6.18 -17.82
N PRO B 278 -2.03 -6.40 -16.50
CA PRO B 278 -3.25 -7.02 -16.00
C PRO B 278 -4.38 -6.01 -16.04
N TRP B 279 -4.95 -5.81 -17.22
CA TRP B 279 -5.78 -4.67 -17.54
C TRP B 279 -7.06 -4.68 -16.72
N PRO B 280 -7.19 -3.78 -15.77
CA PRO B 280 -8.38 -3.76 -14.93
C PRO B 280 -9.57 -3.25 -15.70
N LEU B 281 -10.77 -3.66 -15.30
CA LEU B 281 -11.99 -3.18 -15.95
C LEU B 281 -12.16 -1.69 -15.73
N ILE B 282 -11.97 -1.23 -14.50
CA ILE B 282 -12.06 0.18 -14.16
C ILE B 282 -10.66 0.69 -13.88
N SER B 283 -10.50 2.00 -13.83
CA SER B 283 -9.23 2.61 -13.47
C SER B 283 -9.37 3.23 -12.09
N GLY B 284 -8.52 2.81 -11.16
CA GLY B 284 -8.62 3.25 -9.79
C GLY B 284 -9.80 2.61 -9.09
N PRO B 285 -10.32 3.26 -8.06
CA PRO B 285 -11.43 2.69 -7.31
C PRO B 285 -12.74 2.84 -8.08
N PRO B 286 -13.73 2.00 -7.81
CA PRO B 286 -15.06 2.24 -8.37
C PRO B 286 -15.69 3.46 -7.75
N ARG B 287 -16.54 4.13 -8.52
CA ARG B 287 -17.24 5.31 -8.07
C ARG B 287 -18.74 5.05 -8.16
N ILE B 288 -19.42 5.14 -7.03
CA ILE B 288 -20.81 4.72 -6.89
C ILE B 288 -21.67 5.93 -6.56
N LEU B 289 -22.74 6.13 -7.32
CA LEU B 289 -23.63 7.25 -7.11
C LEU B 289 -24.97 6.73 -6.60
N ILE B 290 -25.40 7.25 -5.45
CA ILE B 290 -26.64 6.82 -4.82
C ILE B 290 -27.61 7.99 -4.87
N ALA B 291 -28.75 7.78 -5.55
CA ALA B 291 -29.73 8.84 -5.73
C ALA B 291 -31.08 8.36 -5.24
N THR B 292 -31.73 9.18 -4.43
CA THR B 292 -33.05 8.86 -3.90
C THR B 292 -34.02 9.95 -4.31
N ALA B 293 -35.30 9.59 -4.34
CA ALA B 293 -36.33 10.55 -4.73
C ALA B 293 -37.64 10.09 -4.09
N ASN B 294 -38.03 10.75 -3.00
CA ASN B 294 -39.28 10.45 -2.31
C ASN B 294 -39.92 11.77 -1.90
N ALA B 295 -40.80 12.29 -2.74
CA ALA B 295 -41.53 13.49 -2.40
C ALA B 295 -42.55 13.20 -1.30
N PRO B 296 -42.75 14.12 -0.36
CA PRO B 296 -43.68 13.87 0.74
C PRO B 296 -45.14 14.03 0.38
N GLU B 297 -45.46 14.34 -0.87
CA GLU B 297 -46.84 14.50 -1.32
C GLU B 297 -47.14 13.46 -2.39
N GLY B 298 -48.32 13.60 -2.99
CA GLY B 298 -48.73 12.74 -4.08
C GLY B 298 -49.38 11.46 -3.61
N GLU B 299 -49.91 10.71 -4.57
CA GLU B 299 -50.58 9.45 -4.28
C GLU B 299 -49.61 8.30 -4.06
N ASN B 300 -48.31 8.55 -4.19
CA ASN B 300 -47.33 7.49 -4.08
C ASN B 300 -47.27 6.96 -2.66
N PRO B 301 -47.25 5.64 -2.48
CA PRO B 301 -47.18 5.08 -1.13
C PRO B 301 -45.86 5.41 -0.44
N THR B 302 -45.91 5.41 0.89
CA THR B 302 -44.76 5.73 1.71
C THR B 302 -43.66 4.68 1.54
N LEU B 303 -42.54 5.09 0.93
CA LEU B 303 -41.44 4.20 0.63
C LEU B 303 -40.38 4.37 1.69
N ASP B 304 -39.99 3.25 2.33
CA ASP B 304 -39.00 3.30 3.41
C ASP B 304 -37.61 3.36 2.79
N VAL B 305 -37.23 4.57 2.37
CA VAL B 305 -35.94 4.74 1.72
C VAL B 305 -34.80 4.70 2.73
N GLU B 306 -35.09 5.03 4.00
CA GLU B 306 -34.03 5.07 5.00
C GLU B 306 -33.49 3.68 5.30
N ALA B 307 -34.34 2.66 5.23
CA ALA B 307 -33.86 1.30 5.43
C ALA B 307 -32.96 0.87 4.28
N GLU B 308 -33.32 1.25 3.05
CA GLU B 308 -32.46 0.96 1.91
C GLU B 308 -31.12 1.65 2.05
N LEU B 309 -31.13 2.92 2.46
CA LEU B 309 -29.90 3.65 2.67
C LEU B 309 -29.08 3.05 3.80
N LYS B 310 -29.74 2.57 4.85
CA LYS B 310 -29.03 1.93 5.94
C LYS B 310 -28.34 0.66 5.49
N HIS B 311 -29.06 -0.20 4.76
CA HIS B 311 -28.48 -1.45 4.30
C HIS B 311 -27.36 -1.20 3.31
N LEU B 312 -27.52 -0.20 2.46
CA LEU B 312 -26.53 0.11 1.44
C LEU B 312 -25.29 0.74 2.07
N GLU B 313 -25.47 1.59 3.07
CA GLU B 313 -24.36 2.21 3.78
C GLU B 313 -23.59 1.21 4.61
N GLU B 314 -24.30 0.33 5.32
CA GLU B 314 -23.67 -0.75 6.05
C GLU B 314 -23.02 -1.76 5.12
N ALA B 315 -23.51 -1.89 3.89
CA ALA B 315 -22.91 -2.78 2.92
C ALA B 315 -21.75 -2.13 2.20
N LEU B 316 -22.00 -1.05 1.45
CA LEU B 316 -20.92 -0.40 0.71
C LEU B 316 -20.10 0.51 1.61
N ALA B 317 -20.73 1.55 2.14
CA ALA B 317 -20.02 2.63 2.80
C ALA B 317 -19.47 2.24 4.16
N GLU B 318 -19.49 0.96 4.50
CA GLU B 318 -18.80 0.49 5.68
C GLU B 318 -17.31 0.75 5.56
N PRO B 319 -16.61 1.05 6.65
CA PRO B 319 -15.15 1.19 6.60
C PRO B 319 -14.41 -0.12 6.35
N ARG B 320 -15.10 -1.24 6.16
CA ARG B 320 -14.43 -2.45 5.71
C ARG B 320 -13.81 -2.23 4.34
N LYS B 321 -14.44 -1.42 3.51
CA LYS B 321 -13.90 -1.11 2.19
C LYS B 321 -14.18 0.32 1.75
N ARG B 322 -14.31 1.25 2.70
CA ARG B 322 -14.39 2.65 2.31
C ARG B 322 -13.13 3.10 1.59
N LYS B 323 -12.01 2.47 1.92
CA LYS B 323 -10.71 2.82 1.38
C LYS B 323 -10.48 2.31 -0.04
N LEU B 324 -11.38 1.46 -0.56
CA LEU B 324 -11.26 0.91 -1.91
C LEU B 324 -12.35 1.37 -2.87
N CYS B 325 -13.31 2.16 -2.42
CA CYS B 325 -14.36 2.64 -3.31
C CYS B 325 -14.80 4.02 -2.86
N GLU B 326 -15.40 4.75 -3.78
CA GLU B 326 -15.86 6.10 -3.52
C GLU B 326 -17.36 6.18 -3.75
N VAL B 327 -18.09 6.70 -2.78
CA VAL B 327 -19.52 6.87 -2.91
C VAL B 327 -19.83 8.35 -2.88
N GLN B 328 -20.96 8.70 -3.48
CA GLN B 328 -21.50 10.05 -3.35
C GLN B 328 -23.01 9.95 -3.38
N ARG B 329 -23.66 10.63 -2.46
CA ARG B 329 -25.10 10.56 -2.33
C ARG B 329 -25.73 11.84 -2.86
N CYS B 330 -26.86 11.69 -3.52
CA CYS B 330 -27.70 12.82 -3.94
C CYS B 330 -29.10 12.57 -3.41
N PRO B 331 -29.31 12.72 -2.11
CA PRO B 331 -30.64 12.45 -1.56
C PRO B 331 -31.63 13.54 -1.97
N ALA B 332 -32.86 13.12 -2.23
CA ALA B 332 -33.90 13.96 -2.83
C ALA B 332 -33.38 14.63 -4.10
N ALA B 333 -32.92 13.80 -5.03
CA ALA B 333 -32.24 14.30 -6.21
C ALA B 333 -33.21 14.98 -7.16
N THR B 334 -32.80 16.12 -7.68
CA THR B 334 -33.51 16.77 -8.78
C THR B 334 -32.91 16.32 -10.10
N VAL B 335 -33.48 16.82 -11.19
CA VAL B 335 -32.88 16.57 -12.50
C VAL B 335 -31.51 17.24 -12.59
N SER B 336 -31.43 18.47 -12.06
CA SER B 336 -30.18 19.23 -12.09
C SER B 336 -29.10 18.53 -11.27
N ASP B 337 -29.46 17.97 -10.12
CA ASP B 337 -28.50 17.27 -9.29
C ASP B 337 -27.97 16.02 -9.99
N ILE B 338 -28.86 15.29 -10.66
CA ILE B 338 -28.46 14.09 -11.38
C ILE B 338 -27.52 14.44 -12.53
N THR B 339 -27.86 15.48 -13.30
CA THR B 339 -27.00 15.88 -14.42
C THR B 339 -25.64 16.36 -13.94
N SER B 340 -25.62 17.14 -12.86
CA SER B 340 -24.34 17.64 -12.34
C SER B 340 -23.49 16.50 -11.79
N ALA B 341 -24.12 15.55 -11.10
CA ALA B 341 -23.35 14.42 -10.58
C ALA B 341 -22.82 13.56 -11.70
N LEU B 342 -23.60 13.37 -12.76
CA LEU B 342 -23.10 12.59 -13.89
C LEU B 342 -21.99 13.33 -14.62
N ARG B 343 -22.03 14.67 -14.62
CA ARG B 343 -20.98 15.42 -15.29
C ARG B 343 -19.68 15.38 -14.50
N SER B 344 -19.76 15.62 -13.19
CA SER B 344 -18.55 15.84 -12.41
C SER B 344 -18.07 14.58 -11.70
N PHE B 345 -18.96 13.90 -10.98
CA PHE B 345 -18.55 12.71 -10.24
C PHE B 345 -18.16 11.57 -11.16
N LYS B 346 -18.90 11.40 -12.27
CA LYS B 346 -18.67 10.41 -13.32
C LYS B 346 -18.67 9.00 -12.74
N PRO B 347 -19.82 8.50 -12.30
CA PRO B 347 -19.84 7.24 -11.55
C PRO B 347 -19.73 6.04 -12.47
N HIS B 348 -19.48 4.89 -11.85
CA HIS B 348 -19.56 3.61 -12.52
C HIS B 348 -20.83 2.85 -12.20
N ILE B 349 -21.31 2.94 -10.97
CA ILE B 349 -22.54 2.29 -10.54
C ILE B 349 -23.52 3.37 -10.13
N LEU B 350 -24.72 3.32 -10.71
CA LEU B 350 -25.78 4.24 -10.35
C LEU B 350 -26.90 3.47 -9.68
N HIS B 351 -27.19 3.81 -8.43
CA HIS B 351 -28.26 3.19 -7.68
C HIS B 351 -29.36 4.20 -7.46
N PHE B 352 -30.55 3.90 -7.95
CA PHE B 352 -31.67 4.81 -7.87
C PHE B 352 -32.80 4.21 -7.05
N ILE B 353 -33.33 5.00 -6.12
CA ILE B 353 -34.45 4.60 -5.29
C ILE B 353 -35.55 5.62 -5.48
N GLY B 354 -36.75 5.17 -5.78
CA GLY B 354 -37.85 6.09 -5.96
C GLY B 354 -39.09 5.40 -6.44
N HIS B 355 -39.99 6.18 -7.03
CA HIS B 355 -41.23 5.69 -7.59
C HIS B 355 -41.20 5.84 -9.10
N GLY B 356 -41.90 4.93 -9.77
CA GLY B 356 -41.95 4.98 -11.22
C GLY B 356 -43.24 4.40 -11.74
N THR B 357 -43.65 4.88 -12.90
CA THR B 357 -44.71 4.25 -13.66
C THR B 357 -44.07 3.43 -14.76
N ALA B 358 -44.89 2.87 -15.66
CA ALA B 358 -44.32 2.18 -16.81
C ALA B 358 -43.71 3.17 -17.80
N LEU B 359 -44.20 4.41 -17.81
CA LEU B 359 -43.68 5.42 -18.71
C LEU B 359 -42.29 5.89 -18.28
N GLY B 360 -42.12 6.18 -17.01
CA GLY B 360 -40.85 6.71 -16.52
C GLY B 360 -40.81 6.70 -15.01
N VAL B 361 -39.94 7.55 -14.47
CA VAL B 361 -39.69 7.58 -13.03
C VAL B 361 -40.16 8.90 -12.44
N TYR B 362 -40.07 9.03 -11.13
CA TYR B 362 -40.42 10.25 -10.42
C TYR B 362 -39.19 10.79 -9.73
N LEU B 363 -38.74 11.97 -10.12
CA LEU B 363 -37.67 12.64 -9.41
C LEU B 363 -38.24 13.78 -8.58
N ARG B 364 -37.39 14.36 -7.75
CA ARG B 364 -37.81 15.40 -6.81
C ARG B 364 -37.82 16.75 -7.52
N SER B 365 -38.95 17.43 -7.48
CA SER B 365 -39.06 18.73 -8.13
C SER B 365 -38.26 19.79 -7.38
N ALA B 366 -37.72 20.73 -8.14
CA ALA B 366 -36.90 21.79 -7.57
C ALA B 366 -37.69 23.05 -7.25
N GLU B 367 -38.98 23.07 -7.55
CA GLU B 367 -39.78 24.29 -7.39
C GLU B 367 -40.89 24.15 -6.37
N HIS B 368 -41.74 23.14 -6.51
CA HIS B 368 -42.96 23.05 -5.71
C HIS B 368 -42.93 21.95 -4.67
N ASP B 369 -41.76 21.38 -4.39
CA ASP B 369 -41.50 20.40 -3.34
C ASP B 369 -42.26 19.09 -3.51
N GLY B 370 -42.99 18.90 -4.61
CA GLY B 370 -43.66 17.65 -4.89
C GLY B 370 -42.85 16.77 -5.81
N ALA B 371 -43.52 15.76 -6.34
CA ALA B 371 -42.88 14.88 -7.32
C ALA B 371 -42.73 15.61 -8.65
N GLN B 372 -41.92 15.03 -9.53
CA GLN B 372 -41.66 15.62 -10.83
C GLN B 372 -41.43 14.49 -11.82
N PHE B 373 -42.45 14.17 -12.60
CA PHE B 373 -42.40 12.99 -13.46
C PHE B 373 -41.42 13.21 -14.61
N VAL B 374 -40.53 12.25 -14.81
CA VAL B 374 -39.55 12.29 -15.89
C VAL B 374 -39.77 11.06 -16.74
N ARG B 375 -39.89 11.27 -18.05
CA ARG B 375 -40.13 10.16 -18.96
C ARG B 375 -38.88 9.29 -19.08
N GLY B 376 -39.09 8.06 -19.56
CA GLY B 376 -37.99 7.12 -19.66
C GLY B 376 -36.94 7.54 -20.67
N GLU B 377 -37.38 7.99 -21.85
CA GLU B 377 -36.43 8.38 -22.88
C GLU B 377 -35.64 9.61 -22.47
N ASP B 378 -36.26 10.51 -21.69
CA ASP B 378 -35.54 11.67 -21.20
C ASP B 378 -34.44 11.26 -20.23
N PHE B 379 -34.73 10.29 -19.35
CA PHE B 379 -33.71 9.74 -18.46
C PHE B 379 -32.60 9.09 -19.25
N GLN B 380 -32.96 8.32 -20.27
CA GLN B 380 -31.97 7.63 -21.09
C GLN B 380 -31.05 8.62 -21.80
N GLN B 381 -31.63 9.68 -22.37
CA GLN B 381 -30.81 10.66 -23.06
C GLN B 381 -30.00 11.49 -22.08
N MET B 382 -30.53 11.68 -20.87
CA MET B 382 -29.77 12.35 -19.82
C MET B 382 -28.52 11.57 -19.45
N ILE B 383 -28.63 10.25 -19.38
CA ILE B 383 -27.44 9.43 -19.17
C ILE B 383 -26.54 9.47 -20.42
N ALA B 384 -27.15 9.39 -21.60
CA ALA B 384 -26.41 9.28 -22.86
C ALA B 384 -25.52 10.48 -23.10
N THR B 385 -26.02 11.67 -22.77
CA THR B 385 -25.23 12.87 -22.93
C THR B 385 -23.99 12.85 -22.04
N SER B 386 -24.13 12.34 -20.82
CA SER B 386 -23.00 12.32 -19.90
C SER B 386 -21.94 11.31 -20.30
N LEU B 387 -22.30 10.33 -21.13
CA LEU B 387 -21.37 9.27 -21.47
C LEU B 387 -20.46 9.59 -22.64
N ARG B 388 -20.58 10.77 -23.25
CA ARG B 388 -19.74 11.11 -24.40
C ARG B 388 -18.61 12.06 -24.03
N GLN B 389 -18.22 12.09 -22.76
CA GLN B 389 -16.96 12.73 -22.39
C GLN B 389 -15.82 11.73 -22.65
N LYS B 390 -14.61 12.09 -22.26
CA LYS B 390 -13.48 11.20 -22.44
C LYS B 390 -13.45 10.19 -21.31
N ASP B 391 -13.18 8.93 -21.66
CA ASP B 391 -12.99 7.82 -20.71
C ASP B 391 -14.20 7.63 -19.80
N ARG B 392 -15.39 7.73 -20.38
CA ARG B 392 -16.62 7.54 -19.63
C ARG B 392 -17.20 6.18 -19.93
N GLU B 393 -17.51 5.43 -18.88
CA GLU B 393 -18.08 4.11 -19.04
C GLU B 393 -18.84 3.76 -17.78
N MET B 394 -20.16 3.70 -17.88
CA MET B 394 -21.00 3.27 -16.77
C MET B 394 -21.31 1.79 -16.94
N HIS B 395 -21.08 1.01 -15.89
CA HIS B 395 -21.21 -0.43 -15.99
C HIS B 395 -22.47 -0.98 -15.38
N LEU B 396 -22.97 -0.41 -14.29
CA LEU B 396 -24.14 -0.99 -13.66
C LEU B 396 -25.09 0.12 -13.25
N VAL B 397 -26.36 -0.05 -13.56
CA VAL B 397 -27.41 0.82 -13.05
C VAL B 397 -28.50 -0.04 -12.45
N VAL B 398 -28.93 0.30 -11.24
CA VAL B 398 -29.93 -0.46 -10.51
C VAL B 398 -31.11 0.45 -10.28
N LEU B 399 -32.24 0.11 -10.89
CA LEU B 399 -33.44 0.94 -10.80
C LEU B 399 -34.37 0.34 -9.77
N ASN B 400 -34.08 0.62 -8.50
CA ASN B 400 -34.88 0.12 -7.39
C ASN B 400 -36.14 0.98 -7.29
N ALA B 401 -37.08 0.72 -8.20
CA ALA B 401 -38.31 1.49 -8.25
C ALA B 401 -39.40 0.67 -8.92
N CYS B 402 -40.64 1.06 -8.67
CA CYS B 402 -41.78 0.29 -9.13
C CYS B 402 -41.91 0.36 -10.65
N CYS B 403 -42.08 -0.81 -11.27
CA CYS B 403 -42.45 -0.96 -12.68
C CYS B 403 -41.46 -0.28 -13.63
N THR B 404 -40.19 -0.61 -13.45
CA THR B 404 -39.13 -0.02 -14.26
C THR B 404 -38.46 -1.07 -15.15
N HIS B 405 -39.23 -2.04 -15.62
CA HIS B 405 -38.67 -3.08 -16.47
C HIS B 405 -38.29 -2.52 -17.84
N GLU B 406 -39.19 -1.77 -18.46
CA GLU B 406 -38.97 -1.25 -19.80
C GLU B 406 -37.82 -0.25 -19.82
N LEU B 407 -37.67 0.56 -18.77
CA LEU B 407 -36.58 1.52 -18.73
C LEU B 407 -35.23 0.82 -18.63
N ALA B 408 -35.15 -0.27 -17.87
CA ALA B 408 -33.91 -1.04 -17.81
C ALA B 408 -33.60 -1.70 -19.15
N LYS B 409 -34.62 -2.27 -19.79
CA LYS B 409 -34.44 -2.83 -21.12
C LYS B 409 -34.01 -1.77 -22.12
N ALA B 410 -34.47 -0.54 -21.93
CA ALA B 410 -34.04 0.54 -22.82
C ALA B 410 -32.60 0.95 -22.53
N LEU B 411 -32.23 1.05 -21.25
CA LEU B 411 -30.90 1.52 -20.89
C LEU B 411 -29.81 0.48 -21.13
N THR B 412 -30.16 -0.78 -21.40
CA THR B 412 -29.10 -1.77 -21.57
C THR B 412 -28.22 -1.53 -22.79
N GLU B 413 -28.62 -0.65 -23.70
CA GLU B 413 -27.82 -0.43 -24.90
C GLU B 413 -26.59 0.44 -24.65
N GLN B 414 -26.53 1.16 -23.54
CA GLN B 414 -25.46 2.12 -23.34
C GLN B 414 -24.74 2.00 -22.01
N VAL B 415 -25.26 1.22 -21.08
CA VAL B 415 -24.49 0.77 -19.93
C VAL B 415 -24.44 -0.74 -20.01
N SER B 416 -23.53 -1.33 -19.23
CA SER B 416 -23.23 -2.75 -19.40
C SER B 416 -24.37 -3.63 -18.89
N CYS B 417 -24.71 -3.51 -17.61
CA CYS B 417 -25.75 -4.33 -17.02
C CYS B 417 -26.72 -3.45 -16.26
N THR B 418 -28.01 -3.69 -16.45
CA THR B 418 -29.05 -2.97 -15.72
C THR B 418 -29.89 -3.95 -14.92
N ILE B 419 -30.44 -3.47 -13.82
CA ILE B 419 -31.33 -4.26 -12.98
C ILE B 419 -32.61 -3.46 -12.78
N GLY B 420 -33.74 -4.07 -13.11
CA GLY B 420 -35.01 -3.38 -13.01
C GLY B 420 -36.08 -4.28 -12.43
N THR B 421 -37.03 -3.66 -11.73
CA THR B 421 -38.11 -4.40 -11.11
C THR B 421 -39.19 -4.73 -12.13
N ASP B 422 -40.23 -5.39 -11.66
CA ASP B 422 -41.34 -5.78 -12.52
C ASP B 422 -42.72 -5.59 -11.91
N ILE B 423 -42.82 -5.35 -10.60
CA ILE B 423 -44.11 -5.23 -9.93
C ILE B 423 -43.96 -4.31 -8.72
N GLU B 424 -45.09 -3.91 -8.15
CA GLU B 424 -45.16 -2.99 -7.02
C GLU B 424 -44.44 -3.54 -5.80
N VAL B 425 -43.36 -2.88 -5.40
CA VAL B 425 -42.61 -3.28 -4.21
C VAL B 425 -43.29 -2.68 -2.99
N TYR B 426 -43.10 -3.30 -1.82
CA TYR B 426 -43.82 -2.90 -0.61
C TYR B 426 -42.88 -2.28 0.42
N ASP B 427 -42.01 -3.06 1.05
CA ASP B 427 -40.80 -2.49 1.66
C ASP B 427 -39.61 -3.43 1.51
N SER B 428 -39.88 -4.73 1.63
CA SER B 428 -38.85 -5.70 1.99
C SER B 428 -38.16 -6.31 0.79
N ALA B 429 -38.85 -6.40 -0.36
CA ALA B 429 -38.19 -6.91 -1.56
C ALA B 429 -37.04 -6.00 -1.96
N SER B 430 -37.26 -4.68 -1.91
CA SER B 430 -36.15 -3.74 -2.09
C SER B 430 -35.11 -3.90 -1.01
N ILE B 431 -35.54 -4.03 0.25
CA ILE B 431 -34.59 -4.12 1.37
C ILE B 431 -33.74 -5.38 1.24
N HIS B 432 -34.38 -6.53 1.05
CA HIS B 432 -33.65 -7.78 0.94
C HIS B 432 -32.75 -7.79 -0.27
N PHE B 433 -33.26 -7.36 -1.43
CA PHE B 433 -32.46 -7.43 -2.63
C PHE B 433 -31.27 -6.49 -2.55
N ALA B 434 -31.49 -5.25 -2.10
CA ALA B 434 -30.41 -4.28 -2.04
C ALA B 434 -29.32 -4.73 -1.09
N ALA B 435 -29.70 -5.13 0.13
CA ALA B 435 -28.71 -5.55 1.11
C ALA B 435 -27.91 -6.75 0.64
N ARG B 436 -28.60 -7.80 0.19
CA ARG B 436 -27.91 -9.03 -0.12
C ARG B 436 -27.11 -8.90 -1.41
N PHE B 437 -27.67 -8.21 -2.40
CA PHE B 437 -26.95 -8.02 -3.65
C PHE B 437 -25.69 -7.21 -3.45
N TYR B 438 -25.74 -6.15 -2.65
CA TYR B 438 -24.55 -5.34 -2.48
C TYR B 438 -23.51 -6.05 -1.63
N ASP B 439 -23.95 -6.81 -0.61
CA ASP B 439 -23.00 -7.59 0.17
C ASP B 439 -22.30 -8.63 -0.71
N HIS B 440 -23.05 -9.26 -1.60
CA HIS B 440 -22.45 -10.22 -2.51
C HIS B 440 -21.50 -9.58 -3.50
N LEU B 441 -21.81 -8.37 -3.99
CA LEU B 441 -20.86 -7.68 -4.86
C LEU B 441 -19.56 -7.40 -4.12
N VAL B 442 -19.67 -6.93 -2.88
CA VAL B 442 -18.47 -6.43 -2.22
C VAL B 442 -17.69 -7.48 -1.47
N HIS B 443 -18.16 -8.71 -1.42
CA HIS B 443 -17.23 -9.75 -1.00
C HIS B 443 -16.40 -10.27 -2.16
N GLY B 444 -16.53 -9.68 -3.35
CA GLY B 444 -15.62 -9.97 -4.43
C GLY B 444 -16.22 -10.87 -5.49
N THR B 445 -17.53 -10.88 -5.61
CA THR B 445 -18.18 -11.80 -6.51
C THR B 445 -18.72 -11.08 -7.74
N SER B 446 -19.02 -11.85 -8.77
CA SER B 446 -19.50 -11.33 -10.04
C SER B 446 -20.92 -10.78 -9.89
N VAL B 447 -21.29 -9.91 -10.82
CA VAL B 447 -22.61 -9.28 -10.78
C VAL B 447 -23.70 -10.31 -11.06
N HIS B 448 -23.45 -11.21 -12.02
CA HIS B 448 -24.42 -12.25 -12.31
C HIS B 448 -24.65 -13.15 -11.11
N TYR B 449 -23.56 -13.56 -10.46
CA TYR B 449 -23.69 -14.42 -9.28
C TYR B 449 -24.34 -13.68 -8.13
N ALA B 450 -24.00 -12.40 -7.95
CA ALA B 450 -24.59 -11.61 -6.88
C ALA B 450 -26.09 -11.44 -7.08
N PHE B 451 -26.49 -11.12 -8.32
CA PHE B 451 -27.91 -10.96 -8.63
C PHE B 451 -28.65 -12.27 -8.43
N ASN B 452 -28.06 -13.38 -8.88
CA ASN B 452 -28.73 -14.67 -8.73
C ASN B 452 -28.90 -15.04 -7.27
N ALA B 453 -27.86 -14.85 -6.46
CA ALA B 453 -27.95 -15.18 -5.05
C ALA B 453 -28.96 -14.31 -4.34
N ALA B 454 -28.98 -13.00 -4.64
CA ALA B 454 -29.96 -12.12 -4.02
C ALA B 454 -31.38 -12.48 -4.42
N VAL B 455 -31.59 -12.84 -5.69
CA VAL B 455 -32.93 -13.22 -6.12
C VAL B 455 -33.37 -14.49 -5.43
N ASP B 456 -32.52 -15.53 -5.42
CA ASP B 456 -32.92 -16.79 -4.79
C ASP B 456 -33.13 -16.63 -3.29
N GLU B 457 -32.43 -15.69 -2.67
CA GLU B 457 -32.73 -15.40 -1.27
C GLU B 457 -34.06 -14.69 -1.13
N CYS B 458 -34.42 -13.85 -2.11
CA CYS B 458 -35.76 -13.26 -2.09
C CYS B 458 -36.84 -14.26 -2.46
N ARG B 459 -36.45 -15.40 -3.03
CA ARG B 459 -37.43 -16.41 -3.40
C ARG B 459 -37.97 -17.18 -2.21
N ALA B 460 -37.22 -17.22 -1.10
CA ALA B 460 -37.72 -17.90 0.09
C ALA B 460 -38.94 -17.21 0.67
N HIS B 461 -38.97 -15.88 0.67
CA HIS B 461 -40.12 -15.13 1.16
C HIS B 461 -41.21 -14.97 0.11
N SER B 462 -40.97 -15.40 -1.12
CA SER B 462 -42.01 -15.30 -2.13
C SER B 462 -43.05 -16.37 -1.87
N THR B 463 -44.28 -15.95 -1.59
CA THR B 463 -45.32 -16.92 -1.30
C THR B 463 -45.77 -17.65 -2.55
N SER B 464 -46.36 -16.93 -3.50
CA SER B 464 -46.85 -17.56 -4.72
C SER B 464 -46.14 -17.01 -5.95
N GLY B 465 -46.06 -15.69 -6.06
CA GLY B 465 -45.38 -15.06 -7.18
C GLY B 465 -43.91 -14.78 -6.87
N GLN B 466 -43.09 -14.90 -7.90
CA GLN B 466 -41.65 -14.88 -7.72
C GLN B 466 -41.05 -13.82 -8.63
N GLU B 467 -39.73 -13.63 -8.53
CA GLU B 467 -38.92 -12.86 -9.47
C GLU B 467 -39.37 -11.40 -9.55
N VAL B 468 -39.24 -10.68 -8.44
CA VAL B 468 -39.56 -9.27 -8.43
C VAL B 468 -38.54 -8.46 -9.23
N PHE B 469 -37.28 -8.88 -9.23
CA PHE B 469 -36.24 -8.16 -9.95
C PHE B 469 -35.87 -8.88 -11.24
N CYS B 470 -35.36 -8.09 -12.19
CA CYS B 470 -35.03 -8.59 -13.52
C CYS B 470 -33.67 -8.04 -13.92
N LEU B 471 -32.86 -8.88 -14.55
CA LEU B 471 -31.54 -8.49 -15.02
C LEU B 471 -31.52 -8.48 -16.54
N HIS B 472 -31.12 -7.37 -17.14
CA HIS B 472 -31.14 -7.21 -18.58
C HIS B 472 -29.79 -6.75 -19.11
N PRO B 473 -28.82 -7.65 -19.24
CA PRO B 473 -27.68 -7.36 -20.10
C PRO B 473 -27.94 -7.87 -21.50
N ALA B 474 -29.13 -7.57 -22.03
CA ALA B 474 -29.69 -8.21 -23.22
C ALA B 474 -29.68 -9.74 -23.09
N ALA B 475 -30.02 -10.22 -21.89
CA ALA B 475 -30.09 -11.66 -21.65
C ALA B 475 -31.50 -12.03 -21.21
N PRO B 484 -19.74 -6.33 -28.01
CA PRO B 484 -19.80 -7.08 -26.75
C PRO B 484 -19.01 -6.39 -25.66
N PRO B 485 -19.64 -5.42 -24.97
CA PRO B 485 -18.89 -4.59 -24.01
C PRO B 485 -18.27 -5.40 -22.88
N VAL B 486 -19.15 -6.03 -22.09
CA VAL B 486 -18.76 -6.94 -21.01
C VAL B 486 -20.03 -7.66 -20.57
N ARG B 487 -19.91 -8.96 -20.32
CA ARG B 487 -21.10 -9.71 -19.90
C ARG B 487 -21.16 -9.77 -18.37
N ALA B 488 -22.32 -10.18 -17.87
CA ALA B 488 -22.61 -10.02 -16.45
C ALA B 488 -21.85 -10.99 -15.57
N ASP B 489 -21.41 -12.13 -16.09
CA ASP B 489 -20.77 -13.12 -15.23
C ASP B 489 -19.27 -12.95 -15.14
N GLU B 490 -18.69 -11.98 -15.83
CA GLU B 490 -17.26 -11.72 -15.78
C GLU B 490 -16.94 -10.36 -15.18
N LEU B 491 -17.94 -9.65 -14.65
CA LEU B 491 -17.77 -8.28 -14.22
C LEU B 491 -17.71 -8.26 -12.71
N VAL B 492 -16.55 -7.93 -12.15
CA VAL B 492 -16.33 -7.94 -10.71
C VAL B 492 -15.78 -6.59 -10.29
N PHE B 493 -16.32 -6.05 -9.20
CA PHE B 493 -15.95 -4.72 -8.75
C PHE B 493 -14.91 -4.73 -7.63
N PHE B 494 -14.72 -5.85 -6.95
CA PHE B 494 -13.81 -5.87 -5.81
C PHE B 494 -12.95 -7.13 -5.80
N SER B 495 -10.62 -0.86 3.28
CA SER B 495 -9.55 -1.74 3.69
C SER B 495 -9.85 -2.43 5.01
N ILE C 1 20.27 -45.40 -27.17
CA ILE C 1 18.84 -45.29 -27.35
C ILE C 1 18.34 -44.06 -26.62
N GLN C 2 17.66 -43.18 -27.33
CA GLN C 2 17.19 -41.92 -26.77
C GLN C 2 15.67 -41.89 -26.79
N CYS C 3 15.08 -41.47 -25.68
CA CYS C 3 13.66 -41.20 -25.58
C CYS C 3 13.50 -39.74 -25.19
N ILE C 4 12.93 -38.94 -26.07
CA ILE C 4 12.77 -37.51 -25.84
C ILE C 4 11.31 -37.22 -25.54
N LEU C 5 11.08 -36.46 -24.48
CA LEU C 5 9.74 -36.09 -24.06
C LEU C 5 9.65 -34.58 -24.14
N VAL C 6 8.69 -34.09 -24.92
CA VAL C 6 8.53 -32.66 -25.14
C VAL C 6 7.24 -32.22 -24.48
N LEU C 7 7.34 -31.27 -23.58
CA LEU C 7 6.21 -30.85 -22.76
C LEU C 7 5.58 -29.58 -23.33
N ASP C 8 5.03 -29.69 -24.53
CA ASP C 8 4.46 -28.53 -25.21
C ASP C 8 3.12 -28.20 -24.56
N LEU C 9 3.16 -27.29 -23.60
CA LEU C 9 1.94 -26.85 -22.93
C LEU C 9 1.67 -25.36 -23.10
N SER C 10 2.61 -24.62 -23.66
CA SER C 10 2.43 -23.18 -23.78
C SER C 10 1.68 -22.86 -25.06
N ILE C 11 0.55 -22.15 -24.94
CA ILE C 11 -0.14 -21.65 -26.11
C ILE C 11 0.67 -20.55 -26.78
N ASP C 12 1.62 -19.97 -26.05
CA ASP C 12 2.62 -19.05 -26.56
C ASP C 12 3.72 -19.85 -27.24
N ASN C 13 4.90 -19.26 -27.33
CA ASN C 13 6.06 -19.76 -28.08
C ASN C 13 6.28 -21.24 -27.86
N ALA C 14 6.09 -22.04 -28.91
CA ALA C 14 5.95 -23.46 -28.76
C ALA C 14 7.21 -24.18 -29.22
N ILE C 15 7.45 -25.33 -28.62
CA ILE C 15 8.60 -26.16 -28.96
C ILE C 15 8.10 -27.58 -29.14
N THR C 16 8.39 -28.17 -30.28
CA THR C 16 8.26 -29.60 -30.48
C THR C 16 9.65 -30.19 -30.63
N ALA C 17 9.69 -31.51 -30.86
CA ALA C 17 10.97 -32.20 -30.87
C ALA C 17 11.82 -31.86 -32.08
N CYS C 18 11.24 -31.26 -33.11
CA CYS C 18 12.02 -30.85 -34.27
C CYS C 18 12.99 -29.72 -33.93
N SER C 19 12.78 -29.03 -32.81
CA SER C 19 13.68 -27.99 -32.37
C SER C 19 14.70 -28.47 -31.34
N VAL C 20 14.58 -29.70 -30.84
CA VAL C 20 15.49 -30.20 -29.84
C VAL C 20 16.44 -31.27 -30.38
N THR C 21 16.07 -31.94 -31.47
CA THR C 21 16.95 -32.95 -32.05
C THR C 21 18.29 -32.44 -32.60
N PRO C 22 18.46 -31.20 -33.09
CA PRO C 22 19.80 -30.79 -33.52
C PRO C 22 20.86 -30.73 -32.44
N HIS C 23 20.50 -30.76 -31.16
CA HIS C 23 21.49 -30.67 -30.10
C HIS C 23 21.82 -32.01 -29.46
N LEU C 24 21.05 -33.03 -29.72
CA LEU C 24 21.32 -34.32 -29.16
C LEU C 24 22.36 -35.06 -30.00
N PRO C 25 23.12 -35.96 -29.39
CA PRO C 25 24.00 -36.83 -30.19
C PRO C 25 23.18 -37.82 -31.00
N ARG C 26 23.85 -38.39 -32.00
CA ARG C 26 23.19 -39.32 -32.91
C ARG C 26 22.80 -40.60 -32.17
N ALA C 27 21.62 -41.13 -32.49
CA ALA C 27 21.03 -42.21 -31.73
C ALA C 27 20.77 -43.42 -32.61
N ALA C 28 20.90 -44.60 -32.01
CA ALA C 28 20.51 -45.83 -32.69
C ALA C 28 19.00 -45.87 -32.90
N ARG C 29 18.24 -45.44 -31.90
CA ARG C 29 16.79 -45.46 -32.00
C ARG C 29 16.26 -44.30 -31.16
N ARG C 30 15.28 -43.57 -31.69
CA ARG C 30 14.82 -42.33 -31.09
C ARG C 30 13.31 -42.35 -30.99
N VAL C 31 12.79 -42.38 -29.76
CA VAL C 31 11.36 -42.32 -29.51
C VAL C 31 11.03 -40.89 -29.09
N GLU C 32 9.93 -40.38 -29.61
CA GLU C 32 9.68 -38.94 -29.65
C GLU C 32 8.21 -38.69 -29.34
N LEU C 33 7.92 -38.10 -28.19
CA LEU C 33 6.56 -37.94 -27.71
C LEU C 33 6.28 -36.49 -27.32
N HIS C 34 5.02 -36.09 -27.46
CA HIS C 34 4.59 -34.75 -27.08
C HIS C 34 3.38 -34.85 -26.18
N LEU C 35 3.24 -33.88 -25.28
CA LEU C 35 2.21 -33.94 -24.26
C LEU C 35 0.82 -33.58 -24.78
N ASN C 36 0.73 -32.84 -25.89
CA ASN C 36 -0.58 -32.55 -26.47
C ASN C 36 -1.27 -33.80 -27.00
N ASP C 37 -0.52 -34.84 -27.33
CA ASP C 37 -1.11 -36.05 -27.85
C ASP C 37 -1.80 -36.89 -26.78
N PHE C 38 -1.62 -36.56 -25.51
CA PHE C 38 -2.17 -37.36 -24.42
C PHE C 38 -3.19 -36.59 -23.61
N GLY C 39 -4.04 -35.83 -24.28
CA GLY C 39 -5.17 -35.20 -23.62
C GLY C 39 -4.85 -33.95 -22.84
N ALA C 40 -3.61 -33.50 -22.84
CA ALA C 40 -3.30 -32.22 -22.20
C ALA C 40 -3.79 -31.07 -23.07
N GLU C 41 -4.08 -29.95 -22.44
CA GLU C 41 -4.56 -28.77 -23.14
C GLU C 41 -3.60 -27.61 -22.88
N ARG C 42 -3.32 -26.85 -23.93
CA ARG C 42 -2.36 -25.78 -23.83
C ARG C 42 -2.94 -24.63 -22.98
N ALA C 43 -2.03 -23.82 -22.46
CA ALA C 43 -2.36 -22.76 -21.52
C ALA C 43 -1.47 -21.56 -21.80
N PRO C 44 -1.87 -20.37 -21.38
CA PRO C 44 -1.01 -19.19 -21.55
C PRO C 44 0.27 -19.31 -20.77
N TYR C 45 1.40 -19.15 -21.47
CA TYR C 45 2.75 -19.19 -20.90
C TYR C 45 3.05 -20.50 -20.20
N GLY C 46 2.42 -21.58 -20.65
CA GLY C 46 2.69 -22.89 -20.09
C GLY C 46 2.30 -23.08 -18.66
N GLY C 47 1.38 -22.27 -18.14
CA GLY C 47 0.92 -22.45 -16.78
C GLY C 47 -0.59 -22.50 -16.71
N ALA C 48 -1.13 -23.50 -16.02
CA ALA C 48 -2.57 -23.70 -15.99
C ALA C 48 -3.25 -22.63 -15.14
N SER C 49 -4.57 -22.75 -15.04
CA SER C 49 -5.36 -21.75 -14.36
C SER C 49 -6.21 -22.30 -13.23
N ASP C 50 -6.79 -23.48 -13.39
CA ASP C 50 -7.66 -24.07 -12.37
C ASP C 50 -7.15 -25.45 -12.00
N ARG C 51 -7.72 -25.99 -10.93
CA ARG C 51 -7.25 -27.25 -10.36
C ARG C 51 -7.44 -28.42 -11.31
N ARG C 52 -8.56 -28.41 -12.04
CA ARG C 52 -8.86 -29.51 -12.96
C ARG C 52 -7.81 -29.60 -14.07
N THR C 53 -7.34 -28.45 -14.56
CA THR C 53 -6.35 -28.47 -15.62
C THR C 53 -5.02 -29.03 -15.12
N TRP C 54 -4.63 -28.69 -13.89
CA TRP C 54 -3.43 -29.27 -13.31
C TRP C 54 -3.56 -30.78 -13.17
N ARG C 55 -4.74 -31.25 -12.74
CA ARG C 55 -4.94 -32.68 -12.62
C ARG C 55 -4.89 -33.37 -13.98
N CYS C 56 -5.46 -32.74 -15.00
CA CYS C 56 -5.42 -33.31 -16.35
C CYS C 56 -4.00 -33.37 -16.86
N TRP C 57 -3.19 -32.36 -16.56
CA TRP C 57 -1.79 -32.40 -16.97
C TRP C 57 -1.02 -33.50 -16.25
N MET C 58 -1.30 -33.70 -14.97
CA MET C 58 -0.65 -34.77 -14.23
C MET C 58 -0.99 -36.14 -14.81
N GLN C 59 -2.28 -36.36 -15.08
CA GLN C 59 -2.69 -37.63 -15.67
C GLN C 59 -2.12 -37.80 -17.07
N ALA C 60 -1.99 -36.70 -17.82
CA ALA C 60 -1.40 -36.76 -19.14
C ALA C 60 0.07 -37.15 -19.07
N VAL C 61 0.80 -36.63 -18.08
CA VAL C 61 2.20 -37.01 -17.90
C VAL C 61 2.31 -38.49 -17.57
N ASP C 62 1.42 -38.99 -16.72
CA ASP C 62 1.41 -40.42 -16.43
C ASP C 62 1.13 -41.25 -17.67
N ALA C 63 0.20 -40.79 -18.50
CA ALA C 63 -0.10 -41.50 -19.74
C ALA C 63 1.10 -41.47 -20.69
N MET C 64 1.81 -40.34 -20.75
CA MET C 64 3.03 -40.26 -21.55
C MET C 64 4.05 -41.29 -21.10
N LEU C 65 4.25 -41.41 -19.79
CA LEU C 65 5.26 -42.35 -19.30
C LEU C 65 4.85 -43.78 -19.58
N ALA C 66 3.56 -44.09 -19.46
CA ALA C 66 3.07 -45.42 -19.80
C ALA C 66 3.29 -45.73 -21.27
N ASP C 67 3.00 -44.77 -22.15
CA ASP C 67 3.21 -45.00 -23.57
C ASP C 67 4.70 -45.10 -23.92
N ALA C 68 5.54 -44.35 -23.21
CA ALA C 68 6.97 -44.45 -23.45
C ALA C 68 7.49 -45.82 -23.08
N ARG C 69 7.03 -46.37 -21.95
CA ARG C 69 7.39 -47.73 -21.59
C ARG C 69 6.89 -48.73 -22.63
N ALA C 70 5.64 -48.55 -23.08
CA ALA C 70 5.06 -49.48 -24.04
C ALA C 70 5.80 -49.46 -25.37
N GLN C 71 6.21 -48.29 -25.81
CA GLN C 71 6.94 -48.21 -27.08
C GLN C 71 8.36 -48.71 -26.94
N LEU C 72 9.02 -48.42 -25.81
CA LEU C 72 10.41 -48.81 -25.68
C LEU C 72 10.56 -50.30 -25.41
N GLY C 73 9.56 -50.92 -24.80
CA GLY C 73 9.60 -52.36 -24.60
C GLY C 73 10.68 -52.83 -23.67
N ALA C 74 11.59 -53.67 -24.18
CA ALA C 74 12.61 -54.28 -23.35
C ALA C 74 13.90 -53.48 -23.30
N GLU C 75 13.99 -52.38 -24.04
CA GLU C 75 15.22 -51.62 -24.10
C GLU C 75 15.25 -50.46 -23.12
N VAL C 76 14.28 -50.41 -22.18
CA VAL C 76 14.17 -49.33 -21.21
C VAL C 76 15.42 -49.25 -20.33
N GLU C 77 16.10 -50.37 -20.13
CA GLU C 77 17.33 -50.41 -19.36
C GLU C 77 18.47 -49.62 -20.01
N PHE C 78 18.34 -49.24 -21.27
CA PHE C 78 19.40 -48.50 -21.94
C PHE C 78 19.00 -47.08 -22.34
N THR C 79 17.74 -46.71 -22.20
CA THR C 79 17.27 -45.44 -22.75
C THR C 79 17.82 -44.26 -21.96
N HIS C 80 18.22 -43.22 -22.68
CA HIS C 80 18.63 -41.96 -22.11
C HIS C 80 17.50 -40.97 -22.31
N TYR C 81 17.00 -40.40 -21.23
CA TYR C 81 15.84 -39.53 -21.33
C TYR C 81 16.26 -38.10 -21.61
N TYR C 82 15.44 -37.40 -22.39
CA TYR C 82 15.66 -36.00 -22.70
C TYR C 82 14.36 -35.24 -22.53
N LEU C 83 14.42 -34.14 -21.78
CA LEU C 83 13.24 -33.35 -21.49
C LEU C 83 13.43 -31.96 -22.07
N ALA C 84 12.36 -31.39 -22.63
CA ALA C 84 12.40 -30.05 -23.18
C ALA C 84 10.99 -29.49 -23.16
N GLY C 85 10.80 -28.39 -23.88
CA GLY C 85 9.48 -27.81 -24.04
C GLY C 85 9.28 -26.60 -23.14
N ARG C 86 8.15 -25.94 -23.37
CA ARG C 86 7.75 -24.77 -22.61
C ARG C 86 6.58 -25.16 -21.72
N ALA C 87 6.81 -25.20 -20.42
CA ALA C 87 5.78 -25.52 -19.45
C ALA C 87 6.17 -24.92 -18.13
N ALA C 88 5.24 -24.93 -17.19
CA ALA C 88 5.54 -24.42 -15.86
C ALA C 88 6.51 -25.32 -15.15
N LEU C 89 7.24 -24.74 -14.21
CA LEU C 89 8.20 -25.51 -13.41
C LEU C 89 7.61 -26.69 -12.64
N PRO C 90 6.40 -26.61 -12.03
CA PRO C 90 5.86 -27.82 -11.38
C PRO C 90 5.69 -29.01 -12.29
N VAL C 91 5.37 -28.82 -13.57
CA VAL C 91 5.24 -29.96 -14.47
C VAL C 91 6.57 -30.66 -14.65
N PHE C 92 7.65 -29.89 -14.82
CA PHE C 92 8.97 -30.48 -14.93
C PHE C 92 9.38 -31.16 -13.65
N ALA C 93 9.06 -30.56 -12.50
CA ALA C 93 9.39 -31.19 -11.23
C ALA C 93 8.65 -32.51 -11.06
N TYR C 94 7.39 -32.55 -11.44
CA TYR C 94 6.62 -33.79 -11.34
C TYR C 94 7.15 -34.86 -12.28
N LEU C 95 7.56 -34.46 -13.48
CA LEU C 95 8.14 -35.42 -14.41
C LEU C 95 9.44 -35.98 -13.86
N GLY C 96 10.28 -35.13 -13.28
CA GLY C 96 11.50 -35.60 -12.66
C GLY C 96 11.25 -36.51 -11.48
N LEU C 97 10.17 -36.26 -10.73
CA LEU C 97 9.84 -37.16 -9.63
C LEU C 97 9.34 -38.51 -10.14
N ARG C 98 8.50 -38.50 -11.16
CA ARG C 98 7.96 -39.77 -11.65
C ARG C 98 9.03 -40.59 -12.33
N LEU C 99 10.04 -39.95 -12.93
CA LEU C 99 11.18 -40.73 -13.38
C LEU C 99 12.03 -41.18 -12.20
N GLY C 100 12.12 -40.34 -11.16
CA GLY C 100 12.78 -40.70 -9.92
C GLY C 100 14.29 -40.75 -9.96
N LYS C 101 14.80 -40.87 -11.17
CA LYS C 101 16.17 -41.19 -11.51
C LYS C 101 16.65 -42.41 -10.72
N GLN C 102 16.27 -43.58 -11.18
CA GLN C 102 17.28 -44.60 -11.36
C GLN C 102 17.67 -44.67 -12.82
N ALA C 103 17.04 -43.83 -13.63
CA ALA C 103 17.24 -43.74 -15.06
C ALA C 103 18.29 -42.68 -15.40
N ASN C 104 18.37 -42.31 -16.67
CA ASN C 104 19.35 -41.34 -17.15
C ASN C 104 18.58 -40.22 -17.84
N ILE C 105 18.52 -39.06 -17.19
CA ILE C 105 17.77 -37.93 -17.72
C ILE C 105 18.74 -36.79 -18.02
N THR C 106 18.33 -35.94 -18.96
CA THR C 106 19.17 -34.83 -19.40
C THR C 106 18.27 -33.79 -20.04
N THR C 107 18.18 -32.63 -19.40
CA THR C 107 17.23 -31.60 -19.81
C THR C 107 17.88 -30.71 -20.87
N VAL C 108 17.09 -30.32 -21.88
CA VAL C 108 17.53 -29.38 -22.90
C VAL C 108 16.64 -28.17 -22.84
N ASN C 109 17.24 -26.98 -22.75
CA ASN C 109 16.49 -25.74 -22.66
C ASN C 109 17.32 -24.61 -23.21
N ARG C 110 16.67 -23.69 -23.93
CA ARG C 110 17.41 -22.58 -24.53
C ARG C 110 17.57 -21.46 -23.51
N ARG C 111 18.64 -20.71 -23.67
CA ARG C 111 18.95 -19.62 -22.77
C ARG C 111 18.18 -18.37 -23.19
N ASP C 112 18.53 -17.25 -22.58
CA ASP C 112 18.01 -15.97 -23.06
C ASP C 112 18.69 -15.52 -24.34
N ASP C 113 19.98 -15.80 -24.49
CA ASP C 113 20.74 -15.34 -25.65
C ASP C 113 20.89 -16.42 -26.71
N GLY C 114 19.85 -17.23 -26.92
CA GLY C 114 19.78 -18.09 -28.07
C GLY C 114 20.50 -19.41 -27.96
N CYS C 115 21.51 -19.52 -27.11
CA CYS C 115 22.22 -20.78 -26.96
C CYS C 115 21.32 -21.81 -26.29
N TRP C 116 21.53 -23.08 -26.63
CA TRP C 116 20.75 -24.18 -26.10
C TRP C 116 21.59 -24.91 -25.06
N ASP C 117 21.13 -24.95 -23.83
CA ASP C 117 21.80 -25.69 -22.78
C ASP C 117 21.39 -27.15 -22.84
N VAL C 118 22.35 -28.04 -22.72
CA VAL C 118 22.10 -29.46 -22.53
C VAL C 118 22.69 -29.82 -21.17
N VAL C 119 21.83 -30.13 -20.22
CA VAL C 119 22.22 -30.27 -18.82
C VAL C 119 22.06 -31.75 -18.45
N PRO C 120 23.12 -32.53 -18.43
CA PRO C 120 22.99 -33.91 -17.95
C PRO C 120 22.94 -33.95 -16.44
N CYS C 121 21.99 -34.69 -15.89
CA CYS C 121 21.84 -34.76 -14.45
C CYS C 121 22.70 -35.84 -13.81
N GLN C 122 23.54 -36.51 -14.57
CA GLN C 122 24.50 -37.46 -14.01
C GLN C 122 25.75 -37.42 -14.86
N ARG C 123 26.89 -37.72 -14.24
CA ARG C 123 28.14 -37.69 -14.97
C ARG C 123 28.18 -38.85 -15.97
N PRO C 124 28.82 -38.66 -17.12
CA PRO C 124 28.84 -39.68 -18.18
C PRO C 124 29.54 -40.99 -17.80
N ALA C 136 34.24 -25.84 -6.19
CA ALA C 136 33.97 -27.09 -5.49
C ALA C 136 32.53 -27.10 -4.97
N ARG C 137 31.79 -26.04 -5.27
CA ARG C 137 30.39 -25.94 -4.89
C ARG C 137 29.62 -25.38 -6.08
N PHE C 138 28.32 -25.61 -6.07
CA PHE C 138 27.41 -24.86 -6.94
C PHE C 138 26.48 -23.99 -6.12
N PHE C 139 25.71 -24.59 -5.22
CA PHE C 139 24.82 -23.84 -4.35
C PHE C 139 25.64 -23.26 -3.21
N ASP C 140 26.03 -21.99 -3.34
CA ASP C 140 26.94 -21.37 -2.39
C ASP C 140 26.28 -21.18 -1.04
N GLU C 141 25.08 -20.62 -1.03
CA GLU C 141 24.37 -20.31 0.20
C GLU C 141 23.38 -21.43 0.49
N VAL C 142 23.67 -22.24 1.50
CA VAL C 142 22.80 -23.29 1.97
C VAL C 142 22.50 -23.02 3.43
N ARG C 143 21.23 -22.78 3.75
CA ARG C 143 20.87 -22.36 5.10
C ARG C 143 19.78 -23.25 5.66
N GLY C 144 19.86 -23.50 6.96
CA GLY C 144 18.84 -24.22 7.67
C GLY C 144 19.03 -25.72 7.73
N LEU C 145 19.97 -26.27 6.96
CA LEU C 145 20.18 -27.72 6.97
C LEU C 145 21.56 -28.10 7.47
N ASP C 146 22.62 -27.63 6.81
CA ASP C 146 23.95 -28.17 7.10
C ASP C 146 24.46 -27.74 8.46
N THR C 147 23.91 -26.66 9.02
CA THR C 147 24.17 -26.31 10.40
C THR C 147 23.53 -27.35 11.32
N ASP C 148 24.21 -27.62 12.43
CA ASP C 148 23.80 -28.68 13.33
C ASP C 148 22.74 -28.25 14.33
N GLU C 149 21.96 -27.22 14.00
CA GLU C 149 20.84 -26.80 14.83
C GLU C 149 19.57 -27.37 14.19
N ARG C 150 19.31 -28.63 14.50
CA ARG C 150 18.18 -29.36 13.96
C ARG C 150 16.93 -28.99 14.76
N SER C 151 15.84 -29.72 14.54
CA SER C 151 14.61 -29.39 15.22
C SER C 151 13.78 -30.64 15.40
N SER C 152 12.86 -30.59 16.36
CA SER C 152 11.99 -31.72 16.63
C SER C 152 10.54 -31.28 16.53
N GLU C 153 10.21 -30.52 15.50
CA GLU C 153 8.90 -29.92 15.34
C GLU C 153 8.15 -30.63 14.21
N SER C 154 6.84 -30.79 14.41
CA SER C 154 6.02 -31.41 13.39
C SER C 154 5.60 -30.38 12.34
N GLY C 155 5.15 -30.89 11.21
CA GLY C 155 4.70 -30.06 10.12
C GLY C 155 5.52 -30.28 8.87
N MET C 156 5.15 -29.56 7.82
CA MET C 156 5.84 -29.68 6.56
C MET C 156 7.18 -28.96 6.63
N VAL C 157 8.01 -29.19 5.61
CA VAL C 157 9.30 -28.52 5.48
C VAL C 157 9.33 -27.84 4.13
N ALA C 158 9.49 -26.53 4.13
CA ALA C 158 9.51 -25.76 2.90
C ALA C 158 10.95 -25.59 2.45
N VAL C 159 11.25 -26.06 1.26
CA VAL C 159 12.59 -25.97 0.69
C VAL C 159 12.57 -24.92 -0.42
N TRP C 160 13.57 -24.06 -0.42
CA TRP C 160 13.66 -22.96 -1.38
C TRP C 160 14.89 -23.19 -2.23
N VAL C 161 14.68 -23.51 -3.50
CA VAL C 161 15.75 -23.74 -4.46
C VAL C 161 15.63 -22.70 -5.54
N SER C 162 16.69 -21.92 -5.74
CA SER C 162 16.62 -20.85 -6.73
C SER C 162 18.01 -20.51 -7.23
N THR C 163 18.05 -19.93 -8.42
CA THR C 163 19.25 -19.33 -8.95
C THR C 163 19.12 -17.84 -9.18
N GLN C 164 17.92 -17.29 -9.10
CA GLN C 164 17.68 -15.87 -9.30
C GLN C 164 17.45 -15.13 -7.99
N ARG C 165 16.51 -15.59 -7.19
CA ARG C 165 15.94 -14.82 -6.10
C ARG C 165 16.42 -15.35 -4.76
N ASP C 166 16.78 -14.44 -3.87
CA ASP C 166 17.14 -14.82 -2.51
C ASP C 166 15.94 -15.43 -1.81
N VAL C 167 16.21 -16.16 -0.73
CA VAL C 167 15.13 -16.80 0.00
C VAL C 167 14.27 -15.74 0.67
N ASP C 168 12.97 -15.82 0.45
CA ASP C 168 12.02 -14.87 1.02
C ASP C 168 11.01 -15.69 1.80
N ARG C 169 11.32 -15.91 3.08
CA ARG C 169 10.47 -16.75 3.90
C ARG C 169 9.11 -16.12 4.18
N GLY C 170 8.97 -14.81 3.91
CA GLY C 170 7.66 -14.18 4.04
C GLY C 170 6.64 -14.72 3.06
N LEU C 171 7.06 -14.91 1.80
CA LEU C 171 6.17 -15.51 0.82
C LEU C 171 5.81 -16.94 1.20
N LEU C 172 6.76 -17.68 1.74
CA LEU C 172 6.51 -19.05 2.16
C LEU C 172 5.48 -19.11 3.27
N ARG C 173 5.61 -18.24 4.27
CA ARG C 173 4.64 -18.23 5.35
C ARG C 173 3.28 -17.73 4.90
N ALA C 174 3.26 -16.78 3.95
CA ALA C 174 1.98 -16.34 3.41
C ALA C 174 1.28 -17.47 2.67
N PHE C 175 2.02 -18.24 1.88
CA PHE C 175 1.43 -19.36 1.18
C PHE C 175 0.99 -20.45 2.15
N ALA C 176 1.79 -20.70 3.19
CA ALA C 176 1.45 -21.72 4.17
C ALA C 176 0.18 -21.35 4.93
N ARG C 177 0.03 -20.07 5.29
CA ARG C 177 -1.20 -19.63 5.92
C ARG C 177 -2.36 -19.65 4.94
N ALA C 178 -2.09 -19.46 3.66
CA ALA C 178 -3.16 -19.47 2.66
C ALA C 178 -3.77 -20.86 2.53
N ARG C 179 -2.95 -21.90 2.61
CA ARG C 179 -3.46 -23.25 2.43
C ARG C 179 -4.20 -23.79 3.63
N GLY C 180 -4.12 -23.13 4.78
CA GLY C 180 -4.71 -23.68 5.98
C GLY C 180 -3.76 -24.60 6.72
N ASP C 181 -3.11 -25.49 5.98
CA ASP C 181 -2.13 -26.42 6.54
C ASP C 181 -0.84 -25.68 6.87
N ARG C 182 -0.92 -24.79 7.86
CA ARG C 182 0.15 -23.84 8.16
C ARG C 182 1.18 -24.41 9.12
N ASP C 183 1.68 -25.59 8.80
CA ASP C 183 2.57 -26.30 9.70
C ASP C 183 3.94 -26.42 9.05
N LEU C 184 4.80 -25.45 9.33
CA LEU C 184 6.15 -25.42 8.80
C LEU C 184 7.11 -25.83 9.91
N ALA C 185 7.83 -26.91 9.70
CA ALA C 185 8.83 -27.34 10.67
C ALA C 185 10.16 -26.65 10.48
N GLY C 186 10.32 -25.87 9.43
CA GLY C 186 11.57 -25.18 9.19
C GLY C 186 11.74 -24.85 7.74
N ILE C 187 12.56 -23.84 7.49
CA ILE C 187 12.83 -23.35 6.14
C ILE C 187 14.26 -23.70 5.80
N VAL C 188 14.44 -24.52 4.79
CA VAL C 188 15.75 -24.79 4.22
C VAL C 188 15.83 -24.11 2.86
N SER C 189 16.96 -23.47 2.60
CA SER C 189 17.11 -22.67 1.39
C SER C 189 18.41 -22.99 0.70
N LEU C 190 18.36 -23.08 -0.62
CA LEU C 190 19.54 -23.31 -1.44
C LEU C 190 19.54 -22.28 -2.56
N ARG C 191 20.46 -21.35 -2.51
CA ARG C 191 20.59 -20.39 -3.60
C ARG C 191 22.01 -20.42 -4.13
N ALA C 192 22.13 -20.34 -5.45
CA ALA C 192 23.42 -20.30 -6.11
C ALA C 192 23.75 -18.85 -6.43
N ARG C 193 24.68 -18.28 -5.68
CA ARG C 193 25.15 -16.94 -5.99
C ARG C 193 25.97 -16.97 -7.27
N PRO C 194 25.93 -15.89 -8.06
CA PRO C 194 26.86 -15.79 -9.18
C PRO C 194 28.27 -15.59 -8.68
N ALA C 195 29.23 -16.13 -9.42
CA ALA C 195 30.62 -15.81 -9.15
C ALA C 195 30.85 -14.34 -9.45
N ALA C 196 31.58 -13.66 -8.57
CA ALA C 196 31.77 -12.22 -8.71
C ALA C 196 32.57 -11.89 -9.95
N GLY C 197 32.31 -10.71 -10.50
CA GLY C 197 32.90 -10.32 -11.76
C GLY C 197 32.18 -10.83 -12.98
N ASP C 198 30.93 -11.27 -12.84
CA ASP C 198 30.15 -11.77 -13.95
C ASP C 198 29.00 -10.83 -14.24
N ASP C 199 28.68 -10.68 -15.52
CA ASP C 199 27.63 -9.76 -15.96
C ASP C 199 26.28 -10.47 -16.07
N THR C 200 25.88 -11.15 -15.00
CA THR C 200 24.57 -11.79 -14.97
C THR C 200 23.72 -11.31 -13.81
N GLY C 201 24.10 -10.21 -13.16
CA GLY C 201 23.31 -9.66 -12.08
C GLY C 201 23.23 -10.57 -10.89
N ASP C 202 22.06 -11.16 -10.68
CA ASP C 202 21.86 -12.11 -9.60
C ASP C 202 21.60 -13.52 -10.10
N MET C 203 21.91 -13.79 -11.36
CA MET C 203 21.74 -15.11 -11.93
C MET C 203 23.01 -15.92 -11.76
N ARG C 204 22.89 -17.16 -11.35
CA ARG C 204 23.96 -18.14 -11.53
C ARG C 204 23.56 -19.01 -12.72
N LEU C 205 24.31 -18.93 -13.80
CA LEU C 205 23.95 -19.65 -15.00
C LEU C 205 24.17 -21.15 -14.82
N LEU C 206 23.18 -21.94 -15.19
CA LEU C 206 23.25 -23.39 -15.06
C LEU C 206 23.63 -23.96 -16.42
N GLU C 207 24.84 -24.47 -16.53
CA GLU C 207 25.40 -24.93 -17.80
C GLU C 207 25.56 -26.45 -17.77
N GLY C 208 26.01 -26.98 -18.91
CA GLY C 208 26.17 -28.42 -19.03
C GLY C 208 27.30 -28.97 -18.18
N ALA C 209 28.29 -28.14 -17.87
CA ALA C 209 29.36 -28.58 -16.99
C ALA C 209 28.90 -28.62 -15.53
N ASP C 210 27.91 -27.80 -15.18
CA ASP C 210 27.46 -27.68 -13.81
C ASP C 210 26.26 -28.57 -13.51
N GLY C 211 25.94 -29.50 -14.39
CA GLY C 211 24.79 -30.36 -14.22
C GLY C 211 24.93 -31.34 -13.08
N PRO C 212 25.83 -32.32 -13.23
CA PRO C 212 25.94 -33.38 -12.21
C PRO C 212 26.30 -32.90 -10.82
N ASP C 213 27.12 -31.85 -10.73
CA ASP C 213 27.52 -31.34 -9.41
C ASP C 213 26.33 -30.77 -8.66
N ALA C 214 25.56 -29.90 -9.32
CA ALA C 214 24.37 -29.32 -8.71
C ALA C 214 23.33 -30.40 -8.43
N ALA C 215 23.26 -31.40 -9.30
CA ALA C 215 22.34 -32.50 -9.08
C ALA C 215 22.68 -33.28 -7.82
N ARG C 216 23.96 -33.55 -7.62
CA ARG C 216 24.41 -34.21 -6.41
C ARG C 216 24.16 -33.35 -5.19
N GLU C 217 24.31 -32.03 -5.33
CA GLU C 217 24.02 -31.12 -4.22
C GLU C 217 22.56 -31.22 -3.80
N LEU C 218 21.66 -31.22 -4.78
CA LEU C 218 20.23 -31.31 -4.48
C LEU C 218 19.89 -32.64 -3.83
N VAL C 219 20.51 -33.73 -4.31
CA VAL C 219 20.22 -35.03 -3.70
C VAL C 219 20.72 -35.09 -2.27
N ASN C 220 21.91 -34.53 -2.01
CA ASN C 220 22.42 -34.50 -0.65
C ASN C 220 21.52 -33.70 0.27
N CYS C 221 21.00 -32.57 -0.23
CA CYS C 221 20.04 -31.78 0.54
C CYS C 221 18.78 -32.56 0.87
N PHE C 222 18.14 -33.12 -0.15
CA PHE C 222 16.87 -33.76 0.08
C PHE C 222 17.01 -35.10 0.80
N ARG C 223 18.22 -35.62 0.90
CA ARG C 223 18.44 -36.81 1.70
C ARG C 223 18.82 -36.47 3.13
N SER C 224 19.45 -35.32 3.36
CA SER C 224 19.73 -34.88 4.71
C SER C 224 18.56 -34.17 5.37
N ILE C 225 17.48 -33.91 4.62
CA ILE C 225 16.29 -33.32 5.24
C ILE C 225 15.72 -34.14 6.40
N PRO C 226 15.42 -35.45 6.26
CA PRO C 226 14.71 -36.13 7.35
C PRO C 226 15.53 -36.33 8.61
N ASN C 227 16.86 -36.38 8.52
CA ASN C 227 17.65 -36.43 9.74
C ASN C 227 17.55 -35.12 10.51
N GLN C 228 17.47 -34.00 9.79
CA GLN C 228 17.42 -32.71 10.44
C GLN C 228 16.05 -32.42 11.04
N TYR C 229 14.99 -32.93 10.44
CA TYR C 229 13.62 -32.68 10.91
C TYR C 229 12.90 -34.01 11.04
N PRO C 230 13.25 -34.82 12.04
CA PRO C 230 12.71 -36.18 12.11
C PRO C 230 11.23 -36.23 12.45
N ARG C 231 10.68 -35.19 13.06
CA ARG C 231 9.25 -35.18 13.37
C ARG C 231 8.41 -34.59 12.25
N SER C 232 9.03 -34.13 11.18
CA SER C 232 8.31 -33.48 10.10
C SER C 232 7.59 -34.50 9.24
N SER C 233 6.78 -33.99 8.31
CA SER C 233 6.06 -34.84 7.37
C SER C 233 5.68 -34.00 6.16
N GLY C 234 6.27 -34.29 5.03
CA GLY C 234 5.89 -33.64 3.79
C GLY C 234 6.72 -32.41 3.48
N LEU C 235 6.78 -32.09 2.19
CA LEU C 235 7.56 -30.98 1.68
C LEU C 235 6.72 -30.12 0.77
N MET C 236 6.96 -28.82 0.79
CA MET C 236 6.52 -27.93 -0.28
C MET C 236 7.76 -27.30 -0.88
N VAL C 237 7.89 -27.38 -2.19
CA VAL C 237 9.11 -27.02 -2.89
C VAL C 237 8.86 -25.78 -3.72
N PHE C 238 9.73 -24.78 -3.58
CA PHE C 238 9.57 -23.52 -4.28
C PHE C 238 10.74 -23.36 -5.24
N VAL C 239 10.61 -23.92 -6.44
CA VAL C 239 11.65 -23.84 -7.45
C VAL C 239 11.53 -22.48 -8.14
N SER C 240 12.67 -21.85 -8.40
CA SER C 240 12.69 -20.54 -9.05
C SER C 240 13.90 -20.46 -9.97
N GLY C 241 13.68 -20.67 -11.26
CA GLY C 241 14.76 -20.64 -12.21
C GLY C 241 14.42 -21.37 -13.49
N PRO C 242 15.43 -21.90 -14.16
CA PRO C 242 15.19 -22.60 -15.42
C PRO C 242 14.52 -23.94 -15.19
N VAL C 243 13.92 -24.47 -16.26
CA VAL C 243 13.24 -25.75 -16.16
C VAL C 243 14.21 -26.89 -15.95
N THR C 244 15.48 -26.72 -16.32
CA THR C 244 16.49 -27.71 -15.99
C THR C 244 16.63 -27.86 -14.49
N LEU C 245 16.61 -26.75 -13.77
CA LEU C 245 16.65 -26.79 -12.32
C LEU C 245 15.42 -27.49 -11.74
N ALA C 246 14.26 -27.31 -12.37
CA ALA C 246 13.06 -27.94 -11.86
C ALA C 246 13.10 -29.45 -12.05
N ALA C 247 13.59 -29.91 -13.21
CA ALA C 247 13.75 -31.34 -13.41
C ALA C 247 14.80 -31.91 -12.47
N MET C 248 15.86 -31.15 -12.21
CA MET C 248 16.88 -31.57 -11.27
C MET C 248 16.38 -31.60 -9.84
N VAL C 249 15.41 -30.76 -9.49
CA VAL C 249 14.80 -30.81 -8.17
C VAL C 249 13.89 -32.02 -8.05
N GLY C 250 13.05 -32.26 -9.06
CA GLY C 250 12.21 -33.45 -9.06
C GLY C 250 12.98 -34.74 -9.07
N ARG C 251 14.18 -34.73 -9.64
CA ARG C 251 15.13 -35.84 -9.53
C ARG C 251 15.35 -36.24 -8.08
N ALA C 252 15.57 -35.29 -7.20
CA ALA C 252 16.12 -35.60 -5.89
C ALA C 252 15.09 -35.99 -4.84
N ILE C 253 13.81 -35.86 -5.13
CA ILE C 253 12.78 -36.11 -4.13
C ILE C 253 12.31 -37.55 -4.23
N ASN C 254 12.34 -38.26 -3.11
CA ASN C 254 11.80 -39.60 -3.04
C ASN C 254 10.41 -39.53 -2.45
N PRO C 255 9.36 -39.86 -3.20
CA PRO C 255 8.00 -39.70 -2.66
C PRO C 255 7.63 -40.70 -1.60
N ARG C 256 8.46 -41.73 -1.39
CA ARG C 256 8.19 -42.69 -0.34
C ARG C 256 8.72 -42.24 1.01
N ILE C 257 9.91 -41.66 1.04
CA ILE C 257 10.47 -41.11 2.27
C ILE C 257 9.69 -39.93 2.81
N HIS C 258 9.30 -39.00 1.94
CA HIS C 258 8.90 -37.68 2.38
C HIS C 258 7.41 -37.51 2.62
N GLY C 259 6.56 -38.24 1.91
CA GLY C 259 5.14 -38.06 2.05
C GLY C 259 4.59 -37.16 0.97
N PRO C 260 3.62 -36.32 1.32
CA PRO C 260 3.06 -35.40 0.33
C PRO C 260 4.06 -34.33 -0.07
N VAL C 261 4.16 -34.09 -1.38
CA VAL C 261 5.10 -33.12 -1.91
C VAL C 261 4.33 -32.11 -2.73
N TRP C 262 4.53 -30.82 -2.47
CA TRP C 262 3.76 -29.75 -3.10
C TRP C 262 4.68 -28.88 -3.94
N TRP C 263 4.26 -28.60 -5.17
CA TRP C 263 4.96 -27.60 -5.99
C TRP C 263 4.01 -26.49 -6.34
N PRO C 264 4.03 -25.37 -5.63
CA PRO C 264 3.16 -24.25 -5.98
C PRO C 264 3.67 -23.50 -7.20
N TYR C 265 2.74 -22.82 -7.87
CA TYR C 265 3.01 -22.06 -9.07
C TYR C 265 3.06 -20.58 -8.74
N PHE C 266 4.01 -19.86 -9.32
CA PHE C 266 4.24 -18.46 -9.02
C PHE C 266 3.57 -17.62 -10.10
N ARG C 267 2.45 -17.00 -9.77
CA ARG C 267 1.71 -16.18 -10.71
C ARG C 267 1.42 -14.82 -10.09
N GLY C 268 1.81 -13.76 -10.79
CA GLY C 268 1.49 -12.42 -10.35
C GLY C 268 2.13 -12.03 -9.04
N GLY C 269 3.32 -12.52 -8.75
CA GLY C 269 3.97 -12.21 -7.51
C GLY C 269 3.50 -13.02 -6.32
N GLU C 270 2.63 -14.00 -6.53
CA GLU C 270 2.14 -14.83 -5.44
C GLU C 270 2.20 -16.30 -5.84
N TYR C 271 2.19 -17.16 -4.83
CA TYR C 271 2.24 -18.59 -5.04
C TYR C 271 0.83 -19.16 -5.05
N GLU C 272 0.57 -20.03 -6.00
CA GLU C 272 -0.73 -20.67 -6.12
C GLU C 272 -0.56 -22.19 -6.12
N PRO C 273 -1.47 -22.91 -5.47
CA PRO C 273 -1.32 -24.37 -5.36
C PRO C 273 -1.53 -25.04 -6.71
N ALA C 274 -0.48 -25.72 -7.19
CA ALA C 274 -0.51 -26.29 -8.52
C ALA C 274 -0.46 -27.81 -8.51
N LEU C 275 0.60 -28.41 -7.98
CA LEU C 275 0.80 -29.85 -8.08
C LEU C 275 1.09 -30.43 -6.72
N GLU C 276 0.36 -31.49 -6.38
CA GLU C 276 0.56 -32.24 -5.15
C GLU C 276 0.64 -33.70 -5.56
N TYR C 277 1.70 -34.42 -5.16
CA TYR C 277 1.93 -35.72 -5.77
C TYR C 277 0.91 -36.78 -5.36
N PRO C 278 0.69 -37.07 -4.06
CA PRO C 278 -0.47 -37.90 -3.77
C PRO C 278 -1.68 -37.02 -3.91
N TRP C 279 -2.40 -37.16 -5.02
CA TRP C 279 -3.38 -36.15 -5.38
C TRP C 279 -4.63 -36.30 -4.53
N PRO C 280 -4.93 -35.36 -3.66
CA PRO C 280 -6.11 -35.49 -2.81
C PRO C 280 -7.38 -35.17 -3.58
N LEU C 281 -8.48 -35.75 -3.12
CA LEU C 281 -9.77 -35.47 -3.73
C LEU C 281 -10.16 -34.02 -3.55
N ILE C 282 -10.14 -33.55 -2.30
CA ILE C 282 -10.42 -32.16 -1.96
C ILE C 282 -9.12 -31.38 -2.00
N SER C 283 -9.22 -30.05 -1.97
CA SER C 283 -8.06 -29.18 -1.89
C SER C 283 -7.89 -28.72 -0.45
N GLY C 284 -6.75 -29.06 0.14
CA GLY C 284 -6.47 -28.68 1.50
C GLY C 284 -7.33 -29.44 2.49
N PRO C 285 -7.59 -28.83 3.65
CA PRO C 285 -8.38 -29.49 4.66
C PRO C 285 -9.86 -29.48 4.29
N PRO C 286 -10.63 -30.45 4.76
CA PRO C 286 -12.08 -30.39 4.54
C PRO C 286 -12.71 -29.27 5.33
N ARG C 287 -13.76 -28.68 4.75
CA ARG C 287 -14.47 -27.56 5.36
C ARG C 287 -15.91 -27.96 5.57
N ILE C 288 -16.35 -27.97 6.82
CA ILE C 288 -17.64 -28.53 7.21
C ILE C 288 -18.50 -27.42 7.78
N LEU C 289 -19.71 -27.29 7.27
CA LEU C 289 -20.64 -26.25 7.71
C LEU C 289 -21.80 -26.92 8.41
N ILE C 290 -22.00 -26.59 9.68
CA ILE C 290 -23.06 -27.18 10.49
C ILE C 290 -24.09 -26.11 10.75
N ALA C 291 -25.30 -26.33 10.26
CA ALA C 291 -26.38 -25.34 10.38
C ALA C 291 -27.59 -25.98 11.01
N THR C 292 -28.16 -25.32 12.01
CA THR C 292 -29.34 -25.80 12.70
C THR C 292 -30.45 -24.77 12.62
N ALA C 293 -31.68 -25.24 12.77
CA ALA C 293 -32.83 -24.34 12.73
C ALA C 293 -33.93 -24.96 13.59
N ASN C 294 -34.02 -24.50 14.84
CA ASN C 294 -35.06 -24.95 15.76
C ASN C 294 -35.73 -23.70 16.33
N ALA C 295 -36.75 -23.22 15.63
CA ALA C 295 -37.50 -22.07 16.11
C ALA C 295 -38.30 -22.45 17.34
N PRO C 296 -38.39 -21.56 18.34
CA PRO C 296 -39.06 -21.92 19.60
C PRO C 296 -40.58 -21.96 19.51
N GLU C 297 -41.17 -21.64 18.36
CA GLU C 297 -42.61 -21.69 18.20
C GLU C 297 -42.96 -22.75 17.15
N GLY C 298 -44.23 -22.78 16.79
CA GLY C 298 -44.73 -23.73 15.81
C GLY C 298 -45.17 -25.04 16.43
N GLU C 299 -45.90 -25.81 15.64
CA GLU C 299 -46.40 -27.11 16.05
C GLU C 299 -45.32 -28.17 16.16
N ASN C 300 -44.11 -27.85 15.71
CA ASN C 300 -43.05 -28.84 15.60
C ASN C 300 -42.66 -29.35 17.00
N PRO C 301 -42.41 -30.64 17.15
CA PRO C 301 -42.07 -31.19 18.46
C PRO C 301 -40.70 -30.72 18.91
N THR C 302 -40.49 -30.83 20.23
CA THR C 302 -39.23 -30.40 20.83
C THR C 302 -38.08 -31.28 20.35
N LEU C 303 -37.22 -30.72 19.51
CA LEU C 303 -36.09 -31.43 18.93
C LEU C 303 -34.83 -31.05 19.68
N ASP C 304 -34.12 -32.06 20.19
CA ASP C 304 -32.94 -31.82 21.01
C ASP C 304 -31.75 -31.52 20.10
N VAL C 305 -31.65 -30.25 19.68
CA VAL C 305 -30.57 -29.85 18.81
C VAL C 305 -29.25 -29.83 19.56
N GLU C 306 -29.27 -29.57 20.86
CA GLU C 306 -28.04 -29.45 21.63
C GLU C 306 -27.34 -30.79 21.77
N ALA C 307 -28.09 -31.88 21.87
CA ALA C 307 -27.47 -33.19 21.94
C ALA C 307 -26.76 -33.54 20.63
N GLU C 308 -27.40 -33.22 19.50
CA GLU C 308 -26.76 -33.42 18.21
C GLU C 308 -25.50 -32.58 18.08
N LEU C 309 -25.56 -31.32 18.54
CA LEU C 309 -24.38 -30.48 18.49
C LEU C 309 -23.28 -30.99 19.41
N LYS C 310 -23.64 -31.58 20.55
CA LYS C 310 -22.63 -32.12 21.45
C LYS C 310 -21.94 -33.32 20.83
N HIS C 311 -22.73 -34.25 20.28
CA HIS C 311 -22.12 -35.44 19.72
C HIS C 311 -21.34 -35.13 18.45
N LEU C 312 -21.85 -34.23 17.60
CA LEU C 312 -21.11 -33.81 16.43
C LEU C 312 -19.84 -33.07 16.80
N GLU C 313 -19.91 -32.21 17.82
CA GLU C 313 -18.77 -31.45 18.26
C GLU C 313 -17.71 -32.37 18.85
N GLU C 314 -18.13 -33.40 19.55
CA GLU C 314 -17.18 -34.37 20.06
C GLU C 314 -16.83 -35.44 19.04
N ALA C 315 -17.45 -35.41 17.87
CA ALA C 315 -17.08 -36.28 16.76
C ALA C 315 -16.19 -35.55 15.77
N LEU C 316 -16.58 -34.35 15.35
CA LEU C 316 -15.71 -33.55 14.50
C LEU C 316 -14.76 -32.69 15.31
N ALA C 317 -15.30 -31.75 16.07
CA ALA C 317 -14.54 -30.60 16.54
C ALA C 317 -13.66 -30.88 17.74
N GLU C 318 -13.43 -32.13 18.11
CA GLU C 318 -12.45 -32.39 19.15
C GLU C 318 -11.06 -32.04 18.63
N PRO C 319 -10.13 -31.64 19.50
CA PRO C 319 -8.75 -31.37 19.06
C PRO C 319 -7.98 -32.58 18.57
N ARG C 320 -8.59 -33.77 18.53
CA ARG C 320 -7.95 -34.89 17.88
C ARG C 320 -7.75 -34.61 16.40
N LYS C 321 -8.68 -33.89 15.78
CA LYS C 321 -8.49 -33.54 14.38
C LYS C 321 -8.93 -32.12 14.05
N ARG C 322 -8.98 -31.24 15.04
CA ARG C 322 -9.33 -29.86 14.74
C ARG C 322 -8.25 -29.19 13.90
N LYS C 323 -7.03 -29.72 13.93
CA LYS C 323 -5.93 -29.23 13.12
C LYS C 323 -5.95 -29.77 11.69
N LEU C 324 -6.85 -30.71 11.37
CA LEU C 324 -6.96 -31.27 10.03
C LEU C 324 -8.20 -30.82 9.27
N CYS C 325 -9.19 -30.26 9.94
CA CYS C 325 -10.41 -29.84 9.26
C CYS C 325 -10.93 -28.58 9.92
N GLU C 326 -11.75 -27.84 9.17
CA GLU C 326 -12.29 -26.57 9.61
C GLU C 326 -13.80 -26.66 9.69
N VAL C 327 -14.36 -26.27 10.83
CA VAL C 327 -15.80 -26.26 11.00
C VAL C 327 -16.25 -24.82 11.11
N GLN C 328 -17.54 -24.61 10.87
CA GLN C 328 -18.15 -23.30 11.05
C GLN C 328 -19.64 -23.52 11.29
N ARG C 329 -20.14 -22.97 12.38
CA ARG C 329 -21.52 -23.20 12.79
C ARG C 329 -22.37 -21.99 12.46
N CYS C 330 -23.61 -22.26 12.05
CA CYS C 330 -24.63 -21.24 11.85
C CYS C 330 -25.88 -21.65 12.60
N PRO C 331 -25.88 -21.53 13.92
CA PRO C 331 -27.08 -21.90 14.68
C PRO C 331 -28.19 -20.89 14.44
N ALA C 332 -29.43 -21.40 14.40
CA ALA C 332 -30.62 -20.64 14.01
C ALA C 332 -30.39 -19.94 12.69
N ALA C 333 -29.94 -20.71 11.70
CA ALA C 333 -29.56 -20.15 10.42
C ALA C 333 -30.77 -19.64 9.67
N THR C 334 -30.74 -18.37 9.29
CA THR C 334 -31.74 -17.83 8.40
C THR C 334 -31.35 -18.19 6.97
N VAL C 335 -32.11 -17.66 6.01
CA VAL C 335 -31.73 -17.80 4.61
C VAL C 335 -30.43 -17.05 4.36
N SER C 336 -30.28 -15.87 4.97
CA SER C 336 -29.13 -15.01 4.73
C SER C 336 -27.84 -15.66 5.19
N ASP C 337 -27.85 -16.27 6.38
CA ASP C 337 -26.64 -16.91 6.89
C ASP C 337 -26.23 -18.08 6.02
N ILE C 338 -27.22 -18.85 5.54
CA ILE C 338 -26.91 -19.98 4.68
C ILE C 338 -26.28 -19.52 3.37
N THR C 339 -26.88 -18.50 2.74
CA THR C 339 -26.32 -18.02 1.48
C THR C 339 -24.95 -17.40 1.66
N SER C 340 -24.75 -16.63 2.72
CA SER C 340 -23.46 -16.00 2.94
C SER C 340 -22.38 -17.02 3.29
N ALA C 341 -22.73 -18.04 4.06
CA ALA C 341 -21.76 -19.07 4.37
C ALA C 341 -21.42 -19.88 3.12
N LEU C 342 -22.41 -20.17 2.28
CA LEU C 342 -22.13 -20.88 1.04
C LEU C 342 -21.27 -20.05 0.10
N ARG C 343 -21.40 -18.72 0.14
CA ARG C 343 -20.56 -17.90 -0.71
C ARG C 343 -19.14 -17.82 -0.17
N SER C 344 -18.99 -17.42 1.09
CA SER C 344 -17.66 -17.10 1.60
C SER C 344 -16.92 -18.31 2.14
N PHE C 345 -17.57 -19.12 2.97
CA PHE C 345 -16.86 -20.24 3.59
C PHE C 345 -16.57 -21.35 2.60
N LYS C 346 -17.46 -21.57 1.64
CA LYS C 346 -17.40 -22.62 0.61
C LYS C 346 -17.15 -23.99 1.22
N PRO C 347 -18.14 -24.58 1.88
CA PRO C 347 -17.92 -25.87 2.55
C PRO C 347 -17.87 -27.01 1.56
N HIS C 348 -17.33 -28.13 2.04
CA HIS C 348 -17.39 -29.39 1.33
C HIS C 348 -18.46 -30.32 1.88
N ILE C 349 -18.77 -30.20 3.16
CA ILE C 349 -19.82 -30.97 3.81
C ILE C 349 -20.80 -30.00 4.43
N LEU C 350 -22.09 -30.20 4.17
CA LEU C 350 -23.14 -29.43 4.81
C LEU C 350 -23.94 -30.34 5.71
N HIS C 351 -24.05 -29.97 6.98
CA HIS C 351 -24.82 -30.72 7.95
C HIS C 351 -25.98 -29.87 8.42
N PHE C 352 -27.18 -30.39 8.31
CA PHE C 352 -28.38 -29.64 8.64
C PHE C 352 -29.21 -30.39 9.67
N ILE C 353 -29.70 -29.66 10.67
CA ILE C 353 -30.53 -30.21 11.72
C ILE C 353 -31.77 -29.32 11.87
N GLY C 354 -32.94 -29.90 11.69
CA GLY C 354 -34.16 -29.11 11.79
C GLY C 354 -35.38 -29.94 11.52
N HIS C 355 -36.44 -29.26 11.13
CA HIS C 355 -37.70 -29.88 10.78
C HIS C 355 -38.00 -29.67 9.31
N GLY C 356 -38.86 -30.51 8.75
CA GLY C 356 -39.23 -30.36 7.36
C GLY C 356 -40.50 -31.12 7.06
N THR C 357 -41.23 -30.62 6.08
CA THR C 357 -42.32 -31.37 5.48
C THR C 357 -41.76 -32.14 4.30
N ALA C 358 -42.63 -32.76 3.51
CA ALA C 358 -42.15 -33.41 2.29
C ALA C 358 -41.81 -32.38 1.23
N LEU C 359 -42.41 -31.19 1.31
CA LEU C 359 -42.17 -30.16 0.31
C LEU C 359 -40.80 -29.50 0.50
N GLY C 360 -40.41 -29.23 1.72
CA GLY C 360 -39.15 -28.56 1.98
C GLY C 360 -38.73 -28.65 3.42
N VAL C 361 -37.95 -27.67 3.86
CA VAL C 361 -37.43 -27.64 5.23
C VAL C 361 -37.89 -26.36 5.91
N TYR C 362 -37.59 -26.24 7.20
CA TYR C 362 -37.95 -25.08 7.99
C TYR C 362 -36.69 -24.39 8.46
N LEU C 363 -36.45 -23.18 7.98
CA LEU C 363 -35.35 -22.38 8.46
C LEU C 363 -35.87 -21.31 9.41
N ARG C 364 -34.95 -20.70 10.13
CA ARG C 364 -35.29 -19.71 11.15
C ARG C 364 -35.57 -18.39 10.45
N SER C 365 -36.73 -17.80 10.74
CA SER C 365 -37.09 -16.54 10.11
C SER C 365 -36.24 -15.39 10.65
N ALA C 366 -36.04 -14.39 9.81
CA ALA C 366 -35.18 -13.27 10.15
C ALA C 366 -35.95 -12.07 10.67
N GLU C 367 -37.27 -12.16 10.81
CA GLU C 367 -38.07 -10.99 11.15
C GLU C 367 -38.99 -11.21 12.35
N HIS C 368 -39.59 -12.38 12.51
CA HIS C 368 -40.63 -12.57 13.50
C HIS C 368 -40.34 -13.69 14.49
N ASP C 369 -39.10 -14.19 14.53
CA ASP C 369 -38.59 -15.17 15.49
C ASP C 369 -39.25 -16.54 15.39
N GLY C 370 -40.22 -16.74 14.51
CA GLY C 370 -40.80 -18.04 14.27
C GLY C 370 -40.05 -18.79 13.19
N ALA C 371 -40.64 -19.91 12.76
CA ALA C 371 -40.07 -20.64 11.67
C ALA C 371 -40.39 -19.96 10.34
N GLN C 372 -39.70 -20.39 9.29
CA GLN C 372 -39.90 -19.85 7.96
C GLN C 372 -39.74 -20.97 6.95
N PHE C 373 -40.85 -21.44 6.39
CA PHE C 373 -40.82 -22.58 5.49
C PHE C 373 -40.11 -22.23 4.20
N VAL C 374 -39.23 -23.12 3.75
CA VAL C 374 -38.49 -22.96 2.51
C VAL C 374 -38.82 -24.14 1.62
N ARG C 375 -39.22 -23.86 0.37
CA ARG C 375 -39.50 -24.92 -0.57
C ARG C 375 -38.21 -25.64 -0.95
N GLY C 376 -38.36 -26.92 -1.34
CA GLY C 376 -37.20 -27.73 -1.64
C GLY C 376 -36.44 -27.26 -2.86
N GLU C 377 -37.16 -26.87 -3.91
CA GLU C 377 -36.51 -26.40 -5.13
C GLU C 377 -35.78 -25.09 -4.90
N ASP C 378 -36.30 -24.25 -4.00
CA ASP C 378 -35.58 -23.03 -3.65
C ASP C 378 -34.27 -23.34 -2.95
N PHE C 379 -34.27 -24.33 -2.06
CA PHE C 379 -33.04 -24.77 -1.42
C PHE C 379 -32.06 -25.34 -2.45
N GLN C 380 -32.58 -26.11 -3.39
CA GLN C 380 -31.74 -26.69 -4.43
C GLN C 380 -31.10 -25.61 -5.30
N GLN C 381 -31.89 -24.63 -5.73
CA GLN C 381 -31.36 -23.53 -6.50
C GLN C 381 -30.41 -22.68 -5.68
N MET C 382 -30.65 -22.60 -4.37
CA MET C 382 -29.76 -21.86 -3.49
C MET C 382 -28.38 -22.47 -3.44
N ILE C 383 -28.32 -23.80 -3.39
CA ILE C 383 -27.03 -24.47 -3.45
C ILE C 383 -26.41 -24.37 -4.83
N ALA C 384 -27.23 -24.55 -5.88
CA ALA C 384 -26.71 -24.59 -7.24
C ALA C 384 -26.18 -23.24 -7.68
N THR C 385 -26.77 -22.17 -7.17
CA THR C 385 -26.26 -20.83 -7.46
C THR C 385 -24.87 -20.64 -6.86
N SER C 386 -24.66 -21.12 -5.64
CA SER C 386 -23.35 -21.02 -5.02
C SER C 386 -22.33 -21.92 -5.70
N LEU C 387 -22.79 -23.01 -6.32
CA LEU C 387 -21.84 -23.97 -6.87
C LEU C 387 -21.17 -23.52 -8.16
N ARG C 388 -21.58 -22.40 -8.75
CA ARG C 388 -21.03 -22.01 -10.06
C ARG C 388 -19.89 -20.99 -9.94
N GLN C 389 -19.15 -21.01 -8.84
CA GLN C 389 -17.94 -20.21 -8.73
C GLN C 389 -16.77 -20.98 -9.34
N LYS C 390 -15.57 -20.44 -9.18
CA LYS C 390 -14.38 -21.06 -9.76
C LYS C 390 -13.88 -22.16 -8.84
N ASP C 391 -13.75 -23.38 -9.40
CA ASP C 391 -13.24 -24.56 -8.70
C ASP C 391 -14.05 -24.88 -7.45
N ARG C 392 -15.33 -24.58 -7.50
CA ARG C 392 -16.23 -24.84 -6.38
C ARG C 392 -16.56 -26.32 -6.31
N GLU C 393 -16.63 -26.84 -5.09
CA GLU C 393 -16.80 -28.27 -4.89
C GLU C 393 -17.78 -28.48 -3.75
N MET C 394 -18.62 -29.51 -3.87
CA MET C 394 -19.50 -29.88 -2.75
C MET C 394 -19.71 -31.38 -2.83
N HIS C 395 -19.35 -32.08 -1.76
CA HIS C 395 -19.36 -33.53 -1.77
C HIS C 395 -20.51 -34.15 -1.01
N LEU C 396 -20.86 -33.64 0.16
CA LEU C 396 -21.82 -34.33 1.00
C LEU C 396 -22.75 -33.35 1.67
N VAL C 397 -24.04 -33.66 1.67
CA VAL C 397 -25.02 -32.94 2.47
C VAL C 397 -25.78 -33.96 3.29
N VAL C 398 -26.00 -33.63 4.57
CA VAL C 398 -26.70 -34.52 5.49
C VAL C 398 -27.92 -33.75 6.00
N LEU C 399 -29.11 -34.21 5.62
CA LEU C 399 -30.34 -33.53 6.01
C LEU C 399 -30.96 -34.29 7.17
N ASN C 400 -30.43 -34.03 8.37
CA ASN C 400 -30.95 -34.65 9.58
C ASN C 400 -32.24 -33.94 9.96
N ALA C 401 -33.31 -34.29 9.27
CA ALA C 401 -34.59 -33.64 9.50
C ALA C 401 -35.72 -34.58 9.09
N CYS C 402 -36.91 -34.29 9.59
CA CYS C 402 -38.07 -35.13 9.32
C CYS C 402 -38.50 -35.03 7.86
N CYS C 403 -38.69 -36.19 7.22
CA CYS C 403 -39.39 -36.33 5.93
C CYS C 403 -38.68 -35.56 4.81
N THR C 404 -37.36 -35.78 4.69
CA THR C 404 -36.57 -35.08 3.68
C THR C 404 -36.00 -36.04 2.65
N HIS C 405 -36.71 -37.14 2.37
CA HIS C 405 -36.20 -38.12 1.43
C HIS C 405 -36.22 -37.58 0.00
N GLU C 406 -37.31 -36.93 -0.39
CA GLU C 406 -37.42 -36.40 -1.73
C GLU C 406 -36.47 -35.23 -1.96
N LEU C 407 -36.21 -34.43 -0.93
CA LEU C 407 -35.26 -33.34 -1.07
C LEU C 407 -33.85 -33.87 -1.32
N ALA C 408 -33.46 -34.94 -0.62
CA ALA C 408 -32.16 -35.56 -0.87
C ALA C 408 -32.10 -36.16 -2.26
N LYS C 409 -33.18 -36.82 -2.70
CA LYS C 409 -33.22 -37.38 -4.04
C LYS C 409 -33.11 -36.29 -5.11
N ALA C 410 -33.66 -35.11 -4.83
CA ALA C 410 -33.49 -34.00 -5.76
C ALA C 410 -32.08 -33.44 -5.71
N LEU C 411 -31.53 -33.28 -4.51
CA LEU C 411 -30.22 -32.64 -4.32
C LEU C 411 -29.07 -33.51 -4.80
N THR C 412 -29.29 -34.79 -5.04
CA THR C 412 -28.17 -35.62 -5.49
C THR C 412 -27.67 -35.27 -6.88
N GLU C 413 -28.38 -34.44 -7.63
CA GLU C 413 -27.98 -34.11 -9.00
C GLU C 413 -26.99 -32.96 -9.07
N GLN C 414 -26.62 -32.35 -7.94
CA GLN C 414 -25.60 -31.32 -7.97
C GLN C 414 -24.57 -31.44 -6.86
N VAL C 415 -24.71 -32.39 -5.95
CA VAL C 415 -23.65 -32.76 -5.02
C VAL C 415 -23.41 -34.26 -5.16
N SER C 416 -22.27 -34.71 -4.63
CA SER C 416 -21.86 -36.09 -4.87
C SER C 416 -22.71 -37.08 -4.09
N CYS C 417 -22.96 -36.82 -2.80
CA CYS C 417 -23.72 -37.75 -1.98
C CYS C 417 -24.63 -36.98 -1.04
N THR C 418 -25.84 -37.50 -0.85
CA THR C 418 -26.78 -36.94 0.11
C THR C 418 -27.22 -38.02 1.07
N ILE C 419 -27.50 -37.61 2.31
CA ILE C 419 -28.07 -38.48 3.32
C ILE C 419 -29.30 -37.80 3.88
N GLY C 420 -30.44 -38.48 3.84
CA GLY C 420 -31.68 -37.89 4.29
C GLY C 420 -32.55 -38.92 4.97
N THR C 421 -33.37 -38.46 5.89
CA THR C 421 -34.20 -39.37 6.67
C THR C 421 -35.43 -39.78 5.88
N ASP C 422 -36.25 -40.63 6.49
CA ASP C 422 -37.46 -41.13 5.87
C ASP C 422 -38.69 -41.09 6.76
N ILE C 423 -38.54 -40.94 8.07
CA ILE C 423 -39.66 -41.03 9.00
C ILE C 423 -39.34 -40.11 10.18
N GLU C 424 -40.38 -39.78 10.96
CA GLU C 424 -40.31 -38.82 12.06
C GLU C 424 -39.30 -39.24 13.12
N VAL C 425 -38.19 -38.52 13.22
CA VAL C 425 -37.13 -38.85 14.17
C VAL C 425 -37.55 -38.37 15.55
N TYR C 426 -37.04 -39.03 16.60
CA TYR C 426 -37.52 -38.80 17.95
C TYR C 426 -36.46 -38.15 18.84
N ASP C 427 -35.43 -38.88 19.26
CA ASP C 427 -34.23 -38.27 19.80
C ASP C 427 -32.98 -39.04 19.43
N SER C 428 -33.07 -40.37 19.50
CA SER C 428 -31.89 -41.22 19.57
C SER C 428 -31.37 -41.66 18.22
N ALA C 429 -32.26 -41.74 17.22
CA ALA C 429 -31.82 -42.08 15.87
C ALA C 429 -30.85 -41.05 15.34
N SER C 430 -31.20 -39.77 15.47
CA SER C 430 -30.32 -38.69 14.99
C SER C 430 -29.00 -38.67 15.75
N ILE C 431 -29.06 -38.76 17.08
CA ILE C 431 -27.86 -38.71 17.91
C ILE C 431 -26.92 -39.86 17.56
N HIS C 432 -27.47 -41.07 17.54
CA HIS C 432 -26.64 -42.25 17.35
C HIS C 432 -26.07 -42.27 15.93
N PHE C 433 -26.90 -41.93 14.94
CA PHE C 433 -26.42 -41.93 13.56
C PHE C 433 -25.34 -40.89 13.36
N ALA C 434 -25.54 -39.67 13.88
CA ALA C 434 -24.56 -38.62 13.68
C ALA C 434 -23.23 -38.97 14.32
N ALA C 435 -23.26 -39.43 15.57
CA ALA C 435 -22.02 -39.76 16.28
C ALA C 435 -21.27 -40.90 15.59
N ARG C 436 -21.96 -42.02 15.35
CA ARG C 436 -21.29 -43.18 14.76
C ARG C 436 -20.80 -42.88 13.35
N PHE C 437 -21.63 -42.22 12.54
CA PHE C 437 -21.27 -41.95 11.16
C PHE C 437 -20.06 -41.02 11.07
N TYR C 438 -20.04 -39.96 11.88
CA TYR C 438 -18.91 -39.04 11.77
C TYR C 438 -17.63 -39.65 12.33
N ASP C 439 -17.74 -40.45 13.39
CA ASP C 439 -16.56 -41.12 13.91
C ASP C 439 -15.97 -42.07 12.87
N HIS C 440 -16.85 -42.83 12.19
CA HIS C 440 -16.36 -43.76 11.18
C HIS C 440 -15.81 -43.03 9.96
N LEU C 441 -16.36 -41.86 9.64
CA LEU C 441 -15.76 -41.05 8.57
C LEU C 441 -14.35 -40.62 8.93
N VAL C 442 -14.18 -40.06 10.13
CA VAL C 442 -12.92 -39.41 10.44
C VAL C 442 -11.85 -40.36 10.94
N HIS C 443 -12.19 -41.63 11.17
CA HIS C 443 -11.10 -42.59 11.31
C HIS C 443 -10.45 -42.93 9.99
N GLY C 444 -11.03 -42.50 8.87
CA GLY C 444 -10.37 -42.62 7.59
C GLY C 444 -11.09 -43.50 6.59
N THR C 445 -12.35 -43.82 6.86
CA THR C 445 -13.09 -44.73 6.02
C THR C 445 -13.88 -43.99 4.95
N SER C 446 -14.42 -44.74 4.01
CA SER C 446 -15.25 -44.17 2.96
C SER C 446 -16.62 -43.78 3.50
N VAL C 447 -17.36 -43.02 2.71
CA VAL C 447 -18.67 -42.56 3.12
C VAL C 447 -19.66 -43.71 3.14
N HIS C 448 -19.63 -44.57 2.11
CA HIS C 448 -20.60 -45.66 2.02
C HIS C 448 -20.44 -46.65 3.16
N TYR C 449 -19.19 -47.01 3.48
CA TYR C 449 -18.95 -47.94 4.57
C TYR C 449 -19.33 -47.31 5.91
N ALA C 450 -19.01 -46.03 6.09
CA ALA C 450 -19.39 -45.35 7.33
C ALA C 450 -20.90 -45.29 7.49
N PHE C 451 -21.62 -45.01 6.40
CA PHE C 451 -23.07 -44.96 6.47
C PHE C 451 -23.66 -46.33 6.79
N ASN C 452 -23.13 -47.37 6.17
CA ASN C 452 -23.64 -48.71 6.46
C ASN C 452 -23.33 -49.12 7.89
N ALA C 453 -22.15 -48.76 8.39
CA ALA C 453 -21.82 -49.04 9.78
C ALA C 453 -22.74 -48.32 10.74
N ALA C 454 -23.02 -47.05 10.47
CA ALA C 454 -23.92 -46.28 11.34
C ALA C 454 -25.34 -46.83 11.29
N VAL C 455 -25.80 -47.24 10.11
CA VAL C 455 -27.12 -47.83 9.99
C VAL C 455 -27.19 -49.15 10.76
N ASP C 456 -26.14 -49.97 10.69
CA ASP C 456 -26.11 -51.20 11.45
C ASP C 456 -26.14 -50.94 12.96
N GLU C 457 -25.35 -49.96 13.41
CA GLU C 457 -25.30 -49.66 14.84
C GLU C 457 -26.63 -49.10 15.33
N CYS C 458 -27.35 -48.38 14.48
CA CYS C 458 -28.70 -47.96 14.85
C CYS C 458 -29.69 -49.11 14.77
N ARG C 459 -29.46 -50.06 13.86
CA ARG C 459 -30.28 -51.27 13.79
C ARG C 459 -30.09 -52.17 14.99
N ALA C 460 -28.99 -51.99 15.73
CA ALA C 460 -28.86 -52.67 17.01
C ALA C 460 -29.93 -52.24 18.00
N HIS C 461 -30.46 -51.02 17.87
CA HIS C 461 -31.60 -50.62 18.67
C HIS C 461 -32.87 -51.33 18.20
N SER C 462 -33.27 -51.05 16.95
CA SER C 462 -34.48 -51.60 16.33
C SER C 462 -35.71 -51.34 17.21
N THR C 463 -35.88 -50.08 17.61
CA THR C 463 -36.87 -49.69 18.60
C THR C 463 -38.30 -49.96 18.14
N SER C 464 -38.73 -49.26 17.09
CA SER C 464 -40.04 -49.50 16.49
C SER C 464 -39.91 -49.96 15.04
N GLY C 465 -39.25 -49.16 14.20
CA GLY C 465 -38.97 -49.54 12.83
C GLY C 465 -37.48 -49.54 12.61
N GLN C 466 -37.06 -49.37 11.36
CA GLN C 466 -35.65 -49.38 11.02
C GLN C 466 -35.47 -48.70 9.67
N GLU C 467 -34.20 -48.52 9.29
CA GLU C 467 -33.80 -47.75 8.10
C GLU C 467 -34.38 -46.35 8.13
N VAL C 468 -34.13 -45.65 9.24
CA VAL C 468 -34.61 -44.28 9.37
C VAL C 468 -33.86 -43.35 8.44
N PHE C 469 -32.60 -43.65 8.14
CA PHE C 469 -31.80 -42.81 7.26
C PHE C 469 -31.63 -43.48 5.90
N CYS C 470 -31.42 -42.64 4.88
CA CYS C 470 -31.39 -43.10 3.51
C CYS C 470 -30.26 -42.39 2.77
N LEU C 471 -29.39 -43.16 2.14
CA LEU C 471 -28.33 -42.60 1.31
C LEU C 471 -28.83 -42.49 -0.11
N HIS C 472 -28.34 -41.49 -0.84
CA HIS C 472 -28.68 -41.32 -2.24
C HIS C 472 -27.42 -41.00 -3.04
N PRO C 473 -27.04 -41.83 -4.01
CA PRO C 473 -25.84 -41.62 -4.80
C PRO C 473 -26.07 -40.66 -5.94
N PRO C 485 -18.73 -36.81 -11.01
CA PRO C 485 -19.09 -37.22 -9.66
C PRO C 485 -18.38 -38.50 -9.24
N VAL C 486 -18.25 -38.72 -7.93
CA VAL C 486 -17.54 -39.86 -7.39
C VAL C 486 -18.48 -40.65 -6.50
N ARG C 487 -18.40 -41.97 -6.63
CA ARG C 487 -19.28 -42.86 -5.88
C ARG C 487 -18.99 -42.80 -4.39
N ALA C 488 -20.00 -43.14 -3.59
CA ALA C 488 -19.89 -43.04 -2.13
C ALA C 488 -18.92 -44.04 -1.55
N ASP C 489 -18.59 -45.11 -2.28
CA ASP C 489 -17.63 -46.09 -1.77
C ASP C 489 -16.19 -45.67 -1.97
N GLU C 490 -15.94 -44.60 -2.74
CA GLU C 490 -14.58 -44.15 -3.02
C GLU C 490 -14.31 -42.75 -2.51
N LEU C 491 -15.22 -42.18 -1.72
CA LEU C 491 -15.10 -40.80 -1.27
C LEU C 491 -14.66 -40.83 0.19
N VAL C 492 -13.49 -40.28 0.46
CA VAL C 492 -12.92 -40.29 1.81
C VAL C 492 -12.34 -38.91 2.09
N PHE C 493 -12.50 -38.45 3.33
CA PHE C 493 -12.06 -37.13 3.71
C PHE C 493 -10.78 -37.12 4.53
N PHE C 494 -10.31 -38.27 5.00
CA PHE C 494 -9.14 -38.31 5.88
C PHE C 494 -8.23 -39.49 5.56
N SER C 495 -5.13 -32.70 15.08
CA SER C 495 -3.92 -33.51 15.10
C SER C 495 -3.78 -34.25 16.42
N ILE D 1 27.24 8.22 47.81
CA ILE D 1 25.91 7.70 48.10
C ILE D 1 25.68 6.41 47.35
N GLN D 2 25.50 5.31 48.08
CA GLN D 2 25.36 3.99 47.47
C GLN D 2 24.00 3.41 47.83
N CYS D 3 23.32 2.88 46.83
CA CYS D 3 22.08 2.15 47.02
C CYS D 3 22.35 0.69 46.64
N ILE D 4 22.08 -0.22 47.56
CA ILE D 4 22.42 -1.62 47.39
C ILE D 4 21.13 -2.40 47.24
N LEU D 5 20.86 -2.85 46.03
CA LEU D 5 19.68 -3.66 45.75
C LEU D 5 20.09 -5.13 45.81
N VAL D 6 19.47 -5.88 46.71
CA VAL D 6 19.80 -7.27 46.94
C VAL D 6 18.61 -8.14 46.55
N LEU D 7 18.86 -9.11 45.69
CA LEU D 7 17.82 -10.02 45.22
C LEU D 7 18.12 -11.40 45.79
N ASP D 8 17.46 -11.74 46.90
CA ASP D 8 17.77 -12.93 47.68
C ASP D 8 16.74 -14.03 47.48
N LEU D 9 16.28 -14.23 46.25
CA LEU D 9 15.16 -15.14 46.00
C LEU D 9 15.51 -16.61 46.17
N SER D 10 16.77 -16.96 46.35
CA SER D 10 17.15 -18.35 46.55
C SER D 10 17.11 -18.70 48.04
N ILE D 11 16.52 -19.86 48.34
CA ILE D 11 16.53 -20.36 49.72
C ILE D 11 17.79 -21.15 50.06
N ASP D 12 18.61 -21.48 49.06
CA ASP D 12 19.69 -22.43 49.29
C ASP D 12 20.83 -21.80 50.08
N ASN D 13 21.47 -20.78 49.52
CA ASN D 13 22.48 -20.01 50.25
C ASN D 13 22.30 -18.52 49.94
N ALA D 14 21.44 -17.89 50.73
CA ALA D 14 21.03 -16.53 50.44
C ALA D 14 22.15 -15.54 50.75
N ILE D 15 22.39 -14.63 49.81
CA ILE D 15 23.37 -13.58 49.98
C ILE D 15 22.66 -12.36 50.54
N THR D 16 23.12 -11.89 51.68
CA THR D 16 22.62 -10.67 52.29
C THR D 16 23.61 -9.53 52.08
N ALA D 17 23.15 -8.33 52.41
CA ALA D 17 23.97 -7.14 52.18
C ALA D 17 25.22 -7.13 53.05
N CYS D 18 25.16 -7.79 54.22
CA CYS D 18 26.31 -7.87 55.11
C CYS D 18 27.47 -8.62 54.47
N SER D 19 27.19 -9.52 53.53
CA SER D 19 28.27 -10.22 52.84
C SER D 19 28.95 -9.34 51.79
N VAL D 20 28.20 -8.47 51.13
CA VAL D 20 28.74 -7.69 50.02
C VAL D 20 29.25 -6.32 50.44
N THR D 21 28.91 -5.85 51.64
CA THR D 21 29.46 -4.59 52.12
C THR D 21 30.99 -4.52 52.23
N PRO D 22 31.76 -5.58 52.51
CA PRO D 22 33.22 -5.42 52.47
C PRO D 22 33.80 -5.04 51.12
N HIS D 23 33.22 -5.50 50.02
CA HIS D 23 33.84 -5.27 48.72
C HIS D 23 33.48 -3.92 48.11
N LEU D 24 32.74 -3.13 48.79
CA LEU D 24 32.35 -1.85 48.23
C LEU D 24 33.28 -0.74 48.73
N PRO D 25 33.43 0.33 47.96
CA PRO D 25 34.18 1.49 48.44
C PRO D 25 33.48 2.17 49.60
N ARG D 26 34.27 2.93 50.36
CA ARG D 26 33.75 3.68 51.49
C ARG D 26 32.73 4.72 51.02
N ALA D 27 31.60 4.78 51.71
CA ALA D 27 30.45 5.55 51.26
C ALA D 27 30.09 6.61 52.28
N ALA D 28 29.70 7.79 51.79
CA ALA D 28 29.17 8.82 52.66
C ALA D 28 27.83 8.41 53.25
N ARG D 29 26.97 7.80 52.42
CA ARG D 29 25.62 7.45 52.83
C ARG D 29 25.25 6.16 52.13
N ARG D 30 24.73 5.21 52.89
CA ARG D 30 24.43 3.89 52.36
C ARG D 30 22.99 3.52 52.69
N VAL D 31 22.28 2.98 51.71
CA VAL D 31 20.94 2.44 51.91
C VAL D 31 20.89 1.05 51.31
N GLU D 32 20.28 0.11 52.02
CA GLU D 32 20.28 -1.28 51.63
C GLU D 32 18.84 -1.79 51.59
N LEU D 33 18.51 -2.53 50.53
CA LEU D 33 17.16 -3.04 50.36
C LEU D 33 17.22 -4.52 50.01
N HIS D 34 16.16 -5.24 50.38
CA HIS D 34 16.05 -6.66 50.11
C HIS D 34 14.74 -6.95 49.40
N LEU D 35 14.82 -7.83 48.39
CA LEU D 35 13.63 -8.15 47.60
C LEU D 35 12.62 -8.93 48.42
N ASN D 36 13.09 -9.74 49.37
CA ASN D 36 12.18 -10.53 50.19
C ASN D 36 11.36 -9.67 51.14
N ASP D 37 11.76 -8.42 51.37
CA ASP D 37 11.03 -7.53 52.25
C ASP D 37 9.89 -6.81 51.55
N PHE D 38 9.62 -7.11 50.28
CA PHE D 38 8.52 -6.51 49.54
C PHE D 38 7.52 -7.54 49.06
N GLY D 39 7.55 -8.74 49.63
CA GLY D 39 6.56 -9.75 49.30
C GLY D 39 6.92 -10.67 48.16
N ALA D 40 8.19 -10.75 47.77
CA ALA D 40 8.63 -11.68 46.75
C ALA D 40 9.02 -12.98 47.42
N GLU D 41 8.21 -14.02 47.24
CA GLU D 41 8.48 -15.29 47.88
C GLU D 41 9.68 -15.96 47.25
N ARG D 42 10.46 -16.67 48.07
CA ARG D 42 11.65 -17.32 47.59
C ARG D 42 11.29 -18.61 46.84
N ALA D 43 12.32 -19.26 46.31
CA ALA D 43 12.12 -20.42 45.44
C ALA D 43 13.41 -21.22 45.44
N PRO D 44 13.35 -22.51 45.09
CA PRO D 44 14.59 -23.29 44.94
C PRO D 44 15.41 -22.79 43.77
N TYR D 45 16.72 -22.65 44.00
CA TYR D 45 17.71 -22.17 43.04
C TYR D 45 17.39 -20.78 42.51
N GLY D 46 16.55 -20.01 43.23
CA GLY D 46 16.19 -18.69 42.77
C GLY D 46 15.36 -18.65 41.51
N GLY D 47 14.68 -19.74 41.18
CA GLY D 47 13.89 -19.78 39.97
C GLY D 47 12.42 -20.04 40.25
N ALA D 48 11.56 -19.13 39.79
CA ALA D 48 10.13 -19.29 39.98
C ALA D 48 9.60 -20.44 39.15
N SER D 49 8.50 -21.02 39.61
CA SER D 49 7.92 -22.21 39.00
C SER D 49 6.77 -21.88 38.05
N ASP D 50 6.02 -20.83 38.32
CA ASP D 50 4.80 -20.55 37.57
C ASP D 50 4.62 -19.05 37.41
N ARG D 51 3.76 -18.69 36.46
CA ARG D 51 3.70 -17.32 35.95
C ARG D 51 3.20 -16.33 37.00
N ARG D 52 2.35 -16.80 37.92
CA ARG D 52 1.89 -15.94 39.01
C ARG D 52 3.07 -15.49 39.88
N THR D 53 4.02 -16.39 40.13
CA THR D 53 5.21 -16.03 40.89
C THR D 53 6.04 -15.01 40.13
N TRP D 54 6.12 -15.14 38.81
CA TRP D 54 6.88 -14.18 38.01
C TRP D 54 6.25 -12.80 38.09
N ARG D 55 4.93 -12.72 38.02
CA ARG D 55 4.26 -11.42 38.14
C ARG D 55 4.47 -10.83 39.52
N CYS D 56 4.40 -11.67 40.56
CA CYS D 56 4.64 -11.17 41.91
C CYS D 56 6.06 -10.65 42.06
N TRP D 57 7.03 -11.34 41.46
CA TRP D 57 8.42 -10.89 41.52
C TRP D 57 8.59 -9.56 40.78
N MET D 58 7.94 -9.41 39.63
CA MET D 58 8.07 -8.17 38.87
C MET D 58 7.46 -7.00 39.63
N GLN D 59 6.30 -7.21 40.24
CA GLN D 59 5.69 -6.17 41.06
C GLN D 59 6.56 -5.83 42.25
N ALA D 60 7.20 -6.84 42.85
CA ALA D 60 8.07 -6.59 43.98
C ALA D 60 9.30 -5.79 43.57
N VAL D 61 9.82 -6.03 42.37
CA VAL D 61 10.95 -5.25 41.88
C VAL D 61 10.56 -3.79 41.69
N ASP D 62 9.38 -3.56 41.11
CA ASP D 62 8.88 -2.20 40.96
C ASP D 62 8.71 -1.52 42.31
N ALA D 63 8.19 -2.27 43.29
CA ALA D 63 8.02 -1.72 44.64
C ALA D 63 9.35 -1.37 45.28
N MET D 64 10.37 -2.22 45.07
CA MET D 64 11.72 -1.93 45.56
C MET D 64 12.25 -0.63 44.97
N LEU D 65 12.10 -0.47 43.66
CA LEU D 65 12.63 0.72 43.01
C LEU D 65 11.90 1.97 43.48
N ALA D 66 10.58 1.86 43.68
CA ALA D 66 9.83 2.99 44.22
C ALA D 66 10.29 3.34 45.62
N ASP D 67 10.54 2.34 46.46
CA ASP D 67 11.01 2.61 47.81
C ASP D 67 12.39 3.24 47.80
N ALA D 68 13.27 2.78 46.92
CA ALA D 68 14.61 3.34 46.84
C ALA D 68 14.56 4.81 46.40
N ARG D 69 13.72 5.10 45.41
CA ARG D 69 13.58 6.48 44.95
C ARG D 69 12.99 7.36 46.05
N ALA D 70 12.04 6.81 46.82
CA ALA D 70 11.45 7.59 47.90
C ALA D 70 12.46 7.86 49.02
N GLN D 71 13.26 6.86 49.36
CA GLN D 71 14.20 7.03 50.47
C GLN D 71 15.36 7.92 50.10
N LEU D 72 15.88 7.77 48.88
CA LEU D 72 17.00 8.63 48.47
C LEU D 72 16.55 10.06 48.24
N GLY D 73 15.33 10.25 47.74
CA GLY D 73 14.80 11.59 47.60
C GLY D 73 15.50 12.35 46.51
N ALA D 74 15.81 13.62 46.78
CA ALA D 74 16.50 14.47 45.82
C ALA D 74 18.01 14.33 45.95
N GLU D 75 18.48 13.09 45.99
CA GLU D 75 19.90 12.79 45.86
C GLU D 75 20.11 11.60 44.95
N VAL D 76 19.07 11.14 44.26
CA VAL D 76 19.19 10.01 43.35
C VAL D 76 20.07 10.35 42.15
N GLU D 77 20.25 11.64 41.87
CA GLU D 77 21.15 12.08 40.81
C GLU D 77 22.62 11.82 41.13
N PHE D 78 22.95 11.45 42.37
CA PHE D 78 24.32 11.14 42.73
C PHE D 78 24.53 9.69 43.15
N THR D 79 23.49 8.88 43.16
CA THR D 79 23.62 7.54 43.70
C THR D 79 24.32 6.60 42.71
N HIS D 80 24.69 5.44 43.21
CA HIS D 80 25.41 4.44 42.45
C HIS D 80 24.83 3.08 42.83
N TYR D 81 24.00 2.53 41.95
CA TYR D 81 23.24 1.33 42.26
C TYR D 81 24.18 0.13 42.26
N TYR D 82 24.25 -0.58 43.39
CA TYR D 82 25.01 -1.81 43.50
C TYR D 82 24.05 -2.97 43.57
N LEU D 83 23.95 -3.74 42.48
CA LEU D 83 23.08 -4.90 42.43
C LEU D 83 23.85 -6.14 42.86
N ALA D 84 23.17 -6.99 43.62
CA ALA D 84 23.78 -8.22 44.10
C ALA D 84 22.66 -9.20 44.42
N GLY D 85 23.05 -10.34 44.99
CA GLY D 85 22.10 -11.35 45.39
C GLY D 85 22.11 -12.53 44.43
N ARG D 86 21.31 -13.53 44.78
CA ARG D 86 21.22 -14.77 44.01
C ARG D 86 19.79 -14.98 43.57
N ALA D 87 19.56 -14.86 42.27
CA ALA D 87 18.24 -15.04 41.70
C ALA D 87 18.41 -15.36 40.23
N ALA D 88 17.30 -15.69 39.57
CA ALA D 88 17.36 -16.08 38.17
C ALA D 88 17.77 -14.91 37.30
N LEU D 89 18.31 -15.23 36.13
CA LEU D 89 18.71 -14.21 35.17
C LEU D 89 17.58 -13.27 34.70
N PRO D 90 16.35 -13.72 34.45
CA PRO D 90 15.32 -12.76 34.02
C PRO D 90 15.03 -11.64 34.99
N VAL D 91 15.10 -11.87 36.30
CA VAL D 91 14.78 -10.77 37.21
C VAL D 91 15.91 -9.73 37.22
N PHE D 92 17.16 -10.18 37.05
CA PHE D 92 18.25 -9.23 36.91
C PHE D 92 18.11 -8.44 35.61
N ALA D 93 17.71 -9.11 34.53
CA ALA D 93 17.51 -8.42 33.27
C ALA D 93 16.39 -7.38 33.37
N TYR D 94 15.31 -7.73 34.06
CA TYR D 94 14.22 -6.78 34.23
C TYR D 94 14.65 -5.58 35.06
N LEU D 95 15.46 -5.83 36.10
CA LEU D 95 15.96 -4.73 36.92
C LEU D 95 16.85 -3.81 36.11
N GLY D 96 17.71 -4.40 35.27
CA GLY D 96 18.55 -3.60 34.39
C GLY D 96 17.74 -2.80 33.38
N LEU D 97 16.62 -3.35 32.92
CA LEU D 97 15.77 -2.60 32.00
C LEU D 97 15.10 -1.44 32.71
N ARG D 98 14.62 -1.67 33.93
CA ARG D 98 13.93 -0.60 34.64
C ARG D 98 14.88 0.51 35.04
N LEU D 99 16.14 0.18 35.33
CA LEU D 99 17.08 1.24 35.69
C LEU D 99 17.50 2.04 34.47
N GLY D 100 17.66 1.40 33.32
CA GLY D 100 18.02 2.09 32.11
C GLY D 100 19.50 2.43 32.06
N LYS D 101 19.89 3.02 30.93
CA LYS D 101 21.29 3.35 30.71
C LYS D 101 21.77 4.47 31.60
N GLN D 102 20.88 5.39 31.96
CA GLN D 102 21.29 6.65 32.56
C GLN D 102 21.74 6.53 34.02
N ALA D 103 21.60 5.38 34.65
CA ALA D 103 21.94 5.23 36.05
C ALA D 103 23.30 4.57 36.20
N ASN D 104 24.13 5.12 37.09
CA ASN D 104 25.43 4.52 37.39
C ASN D 104 25.20 3.22 38.12
N ILE D 105 25.44 2.11 37.44
CA ILE D 105 25.05 0.79 37.92
C ILE D 105 26.29 -0.08 38.01
N THR D 106 26.34 -0.93 39.04
CA THR D 106 27.47 -1.81 39.28
C THR D 106 26.91 -3.11 39.86
N THR D 107 27.50 -4.23 39.46
CA THR D 107 27.01 -5.54 39.88
C THR D 107 28.11 -6.26 40.65
N VAL D 108 27.78 -6.67 41.88
CA VAL D 108 28.70 -7.41 42.73
C VAL D 108 28.20 -8.84 42.83
N ASN D 109 29.06 -9.79 42.50
CA ASN D 109 28.64 -11.19 42.46
C ASN D 109 29.83 -12.06 42.83
N ARG D 110 29.57 -13.09 43.65
CA ARG D 110 30.60 -14.06 44.00
C ARG D 110 30.50 -15.25 43.07
N ARG D 111 31.57 -15.51 42.33
CA ARG D 111 31.62 -16.73 41.56
C ARG D 111 31.79 -17.92 42.50
N ASP D 112 31.73 -19.13 41.93
CA ASP D 112 31.49 -20.30 42.75
C ASP D 112 32.73 -20.75 43.53
N ASP D 113 33.91 -20.21 43.24
CA ASP D 113 35.08 -20.58 44.02
C ASP D 113 35.29 -19.71 45.25
N GLY D 114 34.50 -18.67 45.43
CA GLY D 114 34.61 -17.78 46.58
C GLY D 114 35.13 -16.40 46.26
N CYS D 115 35.72 -16.18 45.09
CA CYS D 115 36.17 -14.85 44.72
C CYS D 115 35.00 -13.97 44.35
N TRP D 116 35.09 -12.70 44.73
CA TRP D 116 34.03 -11.73 44.49
C TRP D 116 34.39 -10.86 43.29
N ASP D 117 33.47 -10.78 42.34
CA ASP D 117 33.61 -9.91 41.19
C ASP D 117 32.74 -8.68 41.38
N VAL D 118 33.33 -7.51 41.27
CA VAL D 118 32.60 -6.25 41.20
C VAL D 118 32.76 -5.69 39.79
N VAL D 119 31.64 -5.47 39.12
CA VAL D 119 31.66 -5.15 37.70
C VAL D 119 30.97 -3.81 37.46
N PRO D 120 31.70 -2.74 37.21
CA PRO D 120 31.07 -1.48 36.85
C PRO D 120 30.63 -1.49 35.39
N CYS D 121 29.49 -0.86 35.14
CA CYS D 121 28.99 -0.72 33.78
C CYS D 121 29.30 0.64 33.18
N GLN D 122 30.09 1.47 33.87
CA GLN D 122 30.47 2.77 33.39
C GLN D 122 31.98 2.93 33.47
N ARG D 123 32.49 3.89 32.72
CA ARG D 123 33.89 4.26 32.83
C ARG D 123 34.12 4.87 34.21
N PRO D 124 35.00 4.29 35.03
CA PRO D 124 35.20 4.71 36.43
C PRO D 124 35.84 6.10 36.54
N SER D 135 39.91 -1.88 21.11
CA SER D 135 40.68 -3.09 20.86
C SER D 135 40.39 -4.14 21.91
N ALA D 136 40.68 -5.40 21.57
CA ALA D 136 40.41 -6.57 22.42
C ALA D 136 38.95 -6.61 22.85
N ARG D 137 38.07 -6.70 21.86
CA ARG D 137 36.64 -6.69 22.11
C ARG D 137 36.21 -7.95 22.87
N PHE D 138 35.22 -7.79 23.74
CA PHE D 138 34.80 -8.89 24.59
C PHE D 138 34.02 -9.93 23.80
N PHE D 139 32.90 -9.51 23.22
CA PHE D 139 32.07 -10.42 22.43
C PHE D 139 32.71 -10.56 21.06
N ASP D 140 33.62 -11.51 20.94
CA ASP D 140 34.42 -11.62 19.73
C ASP D 140 33.59 -12.14 18.56
N GLU D 141 32.71 -13.09 18.81
CA GLU D 141 31.90 -13.70 17.76
C GLU D 141 30.49 -13.15 17.82
N VAL D 142 30.16 -12.29 16.86
CA VAL D 142 28.83 -11.72 16.74
C VAL D 142 28.30 -12.11 15.37
N ARG D 143 27.21 -12.87 15.34
CA ARG D 143 26.67 -13.40 14.10
C ARG D 143 25.24 -12.92 13.93
N GLY D 144 24.96 -12.25 12.83
CA GLY D 144 23.61 -11.83 12.52
C GLY D 144 23.45 -10.33 12.35
N LEU D 145 24.54 -9.59 12.42
CA LEU D 145 24.48 -8.14 12.34
C LEU D 145 25.11 -7.56 11.09
N ASP D 146 25.89 -8.34 10.35
CA ASP D 146 26.48 -7.80 9.13
C ASP D 146 25.43 -7.61 8.05
N THR D 147 25.76 -6.76 7.08
CA THR D 147 24.77 -6.32 6.10
C THR D 147 24.40 -7.40 5.09
N ASP D 148 25.03 -8.57 5.14
CA ASP D 148 24.69 -9.62 4.18
C ASP D 148 23.33 -10.24 4.47
N GLU D 149 22.83 -10.14 5.70
CA GLU D 149 21.50 -10.66 6.01
C GLU D 149 20.68 -9.60 6.73
N ARG D 150 20.61 -8.39 6.17
CA ARG D 150 19.69 -7.40 6.71
C ARG D 150 18.29 -7.77 6.24
N SER D 151 17.70 -8.73 6.94
CA SER D 151 16.42 -9.29 6.53
C SER D 151 15.29 -8.30 6.77
N SER D 152 14.45 -8.14 5.76
CA SER D 152 13.38 -7.15 5.78
C SER D 152 12.05 -7.82 6.10
N GLU D 153 11.87 -8.16 7.35
CA GLU D 153 10.78 -9.05 7.72
C GLU D 153 10.08 -8.61 8.99
N SER D 154 8.78 -8.85 9.04
CA SER D 154 8.01 -8.76 10.26
C SER D 154 8.26 -9.98 11.14
N GLY D 155 8.02 -9.81 12.43
CA GLY D 155 8.17 -10.85 13.43
C GLY D 155 8.93 -10.32 14.61
N MET D 156 9.43 -11.23 15.44
CA MET D 156 10.29 -10.87 16.55
C MET D 156 11.72 -11.26 16.25
N VAL D 157 12.64 -10.79 17.08
CA VAL D 157 14.06 -11.06 16.90
C VAL D 157 14.57 -11.73 18.16
N ALA D 158 15.25 -12.85 18.00
CA ALA D 158 15.81 -13.60 19.12
C ALA D 158 17.27 -13.21 19.28
N VAL D 159 17.63 -12.77 20.47
CA VAL D 159 19.00 -12.38 20.79
C VAL D 159 19.58 -13.41 21.74
N TRP D 160 20.74 -13.97 21.38
CA TRP D 160 21.42 -14.97 22.19
C TRP D 160 22.69 -14.36 22.75
N VAL D 161 22.68 -14.06 24.04
CA VAL D 161 23.85 -13.54 24.72
C VAL D 161 24.35 -14.62 25.66
N SER D 162 25.60 -15.02 25.50
CA SER D 162 26.12 -16.09 26.33
C SER D 162 27.63 -15.99 26.44
N THR D 163 28.14 -16.49 27.55
CA THR D 163 29.57 -16.69 27.72
C THR D 163 29.93 -18.17 27.91
N GLN D 164 28.95 -19.06 27.90
CA GLN D 164 29.19 -20.48 28.11
C GLN D 164 28.88 -21.31 26.88
N ARG D 165 27.65 -21.27 26.40
CA ARG D 165 27.18 -22.21 25.40
C ARG D 165 26.93 -21.48 24.09
N ASP D 166 27.43 -22.05 23.00
CA ASP D 166 27.17 -21.48 21.69
C ASP D 166 25.70 -21.64 21.33
N VAL D 167 25.23 -20.77 20.44
CA VAL D 167 23.80 -20.63 20.18
C VAL D 167 23.26 -21.88 19.50
N ASP D 168 22.09 -22.32 19.96
CA ASP D 168 21.38 -23.45 19.39
C ASP D 168 20.04 -22.94 18.87
N ARG D 169 20.00 -22.61 17.58
CA ARG D 169 18.81 -22.01 16.99
C ARG D 169 17.63 -22.95 16.93
N GLY D 170 17.86 -24.26 17.01
CA GLY D 170 16.75 -25.20 17.06
C GLY D 170 15.92 -25.03 18.32
N LEU D 171 16.58 -24.87 19.47
CA LEU D 171 15.86 -24.64 20.71
C LEU D 171 15.10 -23.32 20.67
N LEU D 172 15.72 -22.28 20.12
CA LEU D 172 15.07 -20.98 20.05
C LEU D 172 13.84 -21.04 19.16
N ARG D 173 13.94 -21.70 18.02
CA ARG D 173 12.79 -21.79 17.12
C ARG D 173 11.71 -22.67 17.72
N ALA D 174 12.09 -23.73 18.42
CA ALA D 174 11.10 -24.58 19.08
C ALA D 174 10.37 -23.83 20.18
N PHE D 175 11.09 -23.03 20.95
CA PHE D 175 10.44 -22.23 21.99
C PHE D 175 9.54 -21.17 21.37
N ALA D 176 9.98 -20.55 20.27
CA ALA D 176 9.15 -19.54 19.63
C ALA D 176 7.87 -20.14 19.09
N ARG D 177 7.96 -21.29 18.42
CA ARG D 177 6.75 -21.94 17.91
C ARG D 177 5.86 -22.41 19.05
N ALA D 178 6.47 -22.88 20.13
CA ALA D 178 5.70 -23.45 21.24
C ALA D 178 4.90 -22.40 21.98
N ARG D 179 5.18 -21.12 21.79
CA ARG D 179 4.42 -20.06 22.45
C ARG D 179 3.69 -19.18 21.43
N GLY D 180 3.10 -19.82 20.42
CA GLY D 180 2.16 -19.16 19.54
C GLY D 180 2.78 -18.38 18.39
N ASP D 181 3.73 -17.51 18.71
CA ASP D 181 4.35 -16.63 17.71
C ASP D 181 5.22 -17.50 16.81
N ARG D 182 4.65 -17.85 15.66
CA ARG D 182 5.25 -18.84 14.77
C ARG D 182 6.58 -18.39 14.22
N ASP D 183 6.74 -17.10 13.97
CA ASP D 183 7.83 -16.60 13.15
C ASP D 183 8.84 -15.78 13.94
N LEU D 184 10.09 -15.85 13.50
CA LEU D 184 11.15 -15.00 13.98
C LEU D 184 11.76 -14.28 12.79
N ALA D 185 12.04 -12.99 12.95
CA ALA D 185 12.67 -12.25 11.87
C ALA D 185 14.11 -12.69 11.67
N GLY D 186 14.79 -13.08 12.73
CA GLY D 186 16.16 -13.52 12.63
C GLY D 186 16.72 -13.81 14.00
N ILE D 187 17.93 -14.38 14.01
CA ILE D 187 18.63 -14.72 15.23
C ILE D 187 19.91 -13.91 15.28
N VAL D 188 20.09 -13.18 16.37
CA VAL D 188 21.31 -12.41 16.59
C VAL D 188 22.06 -13.07 17.73
N SER D 189 23.27 -13.54 17.47
CA SER D 189 24.03 -14.31 18.43
C SER D 189 25.25 -13.53 18.87
N LEU D 190 25.51 -13.49 20.16
CA LEU D 190 26.71 -12.89 20.71
C LEU D 190 27.31 -13.88 21.68
N ARG D 191 28.55 -14.31 21.42
CA ARG D 191 29.26 -15.13 22.37
C ARG D 191 30.64 -14.54 22.61
N ALA D 192 31.02 -14.44 23.87
CA ALA D 192 32.40 -14.18 24.22
C ALA D 192 33.11 -15.51 24.42
N ARG D 193 34.36 -15.58 24.00
CA ARG D 193 35.08 -16.83 24.12
C ARG D 193 36.35 -16.62 24.93
N PRO D 194 36.78 -17.64 25.67
CA PRO D 194 38.04 -17.52 26.39
C PRO D 194 39.22 -17.48 25.44
N ALA D 195 40.29 -16.83 25.89
CA ALA D 195 41.54 -16.86 25.15
C ALA D 195 42.11 -18.28 25.18
N ALA D 196 42.95 -18.57 24.19
CA ALA D 196 43.53 -19.89 24.06
C ALA D 196 44.48 -20.16 25.22
N GLY D 197 44.38 -21.38 25.78
CA GLY D 197 45.22 -21.77 26.88
C GLY D 197 44.68 -21.46 28.26
N ASP D 198 43.59 -20.72 28.36
CA ASP D 198 42.99 -20.44 29.66
C ASP D 198 42.33 -21.70 30.21
N ASP D 199 42.42 -21.85 31.54
CA ASP D 199 41.99 -23.07 32.20
C ASP D 199 40.48 -23.21 32.30
N THR D 200 39.73 -22.17 31.96
CA THR D 200 38.28 -22.19 32.17
C THR D 200 37.57 -23.16 31.24
N GLY D 201 38.15 -23.46 30.07
CA GLY D 201 37.51 -24.34 29.13
C GLY D 201 36.86 -23.57 28.01
N ASP D 202 35.53 -23.64 27.91
CA ASP D 202 34.78 -22.85 26.95
C ASP D 202 34.13 -21.63 27.58
N MET D 203 34.11 -21.54 28.91
CA MET D 203 33.62 -20.36 29.59
C MET D 203 34.64 -19.23 29.45
N ARG D 204 34.14 -18.03 29.18
CA ARG D 204 34.97 -16.83 29.22
C ARG D 204 34.62 -16.08 30.50
N LEU D 205 35.62 -15.84 31.34
CA LEU D 205 35.38 -15.17 32.60
C LEU D 205 35.08 -13.69 32.38
N LEU D 206 34.13 -13.17 33.14
CA LEU D 206 33.78 -11.76 33.11
C LEU D 206 34.30 -11.12 34.38
N GLU D 207 35.27 -10.22 34.24
CA GLU D 207 35.93 -9.61 35.38
C GLU D 207 35.54 -8.14 35.48
N GLY D 208 36.09 -7.47 36.49
CA GLY D 208 35.80 -6.06 36.69
C GLY D 208 36.35 -5.18 35.58
N ALA D 209 37.54 -5.49 35.09
CA ALA D 209 38.14 -4.67 34.04
C ALA D 209 37.45 -4.86 32.70
N ASP D 210 36.71 -5.95 32.52
CA ASP D 210 36.02 -6.21 31.27
C ASP D 210 34.59 -5.71 31.25
N GLY D 211 34.17 -5.03 32.32
CA GLY D 211 32.79 -4.60 32.45
C GLY D 211 32.32 -3.57 31.46
N PRO D 212 32.85 -2.34 31.56
CA PRO D 212 32.32 -1.25 30.72
C PRO D 212 32.46 -1.49 29.23
N ASP D 213 33.53 -2.17 28.81
CA ASP D 213 33.71 -2.45 27.40
C ASP D 213 32.62 -3.38 26.88
N ALA D 214 32.33 -4.45 27.63
CA ALA D 214 31.29 -5.36 27.19
C ALA D 214 29.90 -4.72 27.29
N ALA D 215 29.70 -3.81 28.24
CA ALA D 215 28.44 -3.08 28.29
C ALA D 215 28.26 -2.22 27.05
N ARG D 216 29.32 -1.57 26.62
CA ARG D 216 29.28 -0.80 25.38
C ARG D 216 29.01 -1.71 24.19
N GLU D 217 29.60 -2.90 24.18
CA GLU D 217 29.37 -3.87 23.11
C GLU D 217 27.89 -4.23 23.01
N LEU D 218 27.28 -4.56 24.14
CA LEU D 218 25.87 -4.93 24.13
C LEU D 218 24.99 -3.76 23.74
N VAL D 219 25.34 -2.56 24.19
CA VAL D 219 24.52 -1.38 23.88
C VAL D 219 24.53 -1.10 22.40
N ASN D 220 25.70 -1.11 21.77
CA ASN D 220 25.69 -0.83 20.34
C ASN D 220 25.30 -2.04 19.51
N CYS D 221 25.19 -3.23 20.11
CA CYS D 221 24.46 -4.29 19.43
C CYS D 221 22.97 -4.01 19.38
N PHE D 222 22.39 -3.67 20.53
CA PHE D 222 20.94 -3.45 20.59
C PHE D 222 20.54 -2.17 19.88
N ARG D 223 21.45 -1.23 19.69
CA ARG D 223 21.15 -0.10 18.81
C ARG D 223 21.09 -0.52 17.35
N SER D 224 21.95 -1.45 16.95
CA SER D 224 22.06 -1.81 15.54
C SER D 224 21.08 -2.90 15.13
N ILE D 225 20.40 -3.53 16.07
CA ILE D 225 19.35 -4.49 15.69
C ILE D 225 18.22 -3.86 14.86
N PRO D 226 17.60 -2.74 15.26
CA PRO D 226 16.48 -2.23 14.44
C PRO D 226 16.86 -1.80 13.04
N ASN D 227 18.11 -1.39 12.82
CA ASN D 227 18.55 -1.14 11.45
C ASN D 227 18.63 -2.43 10.66
N GLN D 228 19.01 -3.53 11.31
CA GLN D 228 19.18 -4.79 10.60
C GLN D 228 17.85 -5.44 10.27
N TYR D 229 16.84 -5.28 11.12
CA TYR D 229 15.54 -5.93 10.94
C TYR D 229 14.45 -4.87 11.06
N PRO D 230 14.30 -4.02 10.04
CA PRO D 230 13.46 -2.83 10.18
C PRO D 230 11.98 -3.12 10.33
N ARG D 231 11.49 -4.21 9.75
CA ARG D 231 10.08 -4.51 9.90
C ARG D 231 9.79 -5.38 11.11
N SER D 232 10.81 -5.75 11.87
CA SER D 232 10.63 -6.60 13.04
C SER D 232 9.99 -5.81 14.18
N SER D 233 9.59 -6.53 15.21
CA SER D 233 8.99 -5.89 16.38
C SER D 233 9.13 -6.83 17.57
N GLY D 234 9.79 -6.39 18.62
CA GLY D 234 9.90 -7.18 19.82
C GLY D 234 11.17 -8.02 19.85
N LEU D 235 11.58 -8.39 21.05
CA LEU D 235 12.80 -9.13 21.26
C LEU D 235 12.56 -10.33 22.18
N MET D 236 13.20 -11.44 21.87
CA MET D 236 13.37 -12.56 22.79
C MET D 236 14.83 -12.56 23.18
N VAL D 237 15.11 -12.50 24.47
CA VAL D 237 16.48 -12.41 24.96
C VAL D 237 16.80 -13.68 25.73
N PHE D 238 17.83 -14.40 25.29
CA PHE D 238 18.26 -15.64 25.92
C PHE D 238 19.63 -15.37 26.50
N VAL D 239 19.78 -15.51 27.81
CA VAL D 239 21.00 -15.15 28.51
C VAL D 239 21.55 -16.40 29.19
N SER D 240 22.83 -16.68 28.96
CA SER D 240 23.51 -17.81 29.59
C SER D 240 24.83 -17.30 30.16
N GLY D 241 24.88 -17.12 31.47
CA GLY D 241 26.08 -16.64 32.10
C GLY D 241 25.84 -16.12 33.50
N PRO D 242 26.75 -15.31 34.00
CA PRO D 242 26.59 -14.75 35.34
C PRO D 242 25.53 -13.67 35.35
N VAL D 243 25.07 -13.34 36.56
CA VAL D 243 24.04 -12.32 36.72
C VAL D 243 24.55 -10.93 36.36
N THR D 244 25.87 -10.72 36.40
CA THR D 244 26.43 -9.47 35.91
C THR D 244 26.08 -9.27 34.44
N LEU D 245 26.22 -10.33 33.65
CA LEU D 245 25.85 -10.27 32.24
C LEU D 245 24.36 -10.01 32.08
N ALA D 246 23.53 -10.60 32.94
CA ALA D 246 22.09 -10.39 32.84
C ALA D 246 21.72 -8.95 33.11
N ALA D 247 22.31 -8.35 34.15
CA ALA D 247 22.03 -6.94 34.43
C ALA D 247 22.55 -6.05 33.33
N MET D 248 23.70 -6.39 32.77
CA MET D 248 24.28 -5.63 31.67
C MET D 248 23.38 -5.68 30.43
N VAL D 249 22.87 -6.87 30.11
CA VAL D 249 21.97 -7.03 28.97
C VAL D 249 20.69 -6.25 29.18
N GLY D 250 20.14 -6.33 30.40
CA GLY D 250 18.94 -5.56 30.71
C GLY D 250 19.16 -4.06 30.61
N ARG D 251 20.36 -3.60 30.99
CA ARG D 251 20.67 -2.19 30.82
C ARG D 251 20.71 -1.81 29.35
N ALA D 252 21.20 -2.70 28.49
CA ALA D 252 21.40 -2.33 27.10
C ALA D 252 20.11 -2.19 26.30
N ILE D 253 18.95 -2.56 26.84
CA ILE D 253 17.72 -2.60 26.06
C ILE D 253 16.88 -1.37 26.37
N ASN D 254 16.46 -0.66 25.34
CA ASN D 254 15.50 0.42 25.48
C ASN D 254 14.12 -0.11 25.15
N PRO D 255 13.19 -0.18 26.11
CA PRO D 255 11.90 -0.79 25.82
C PRO D 255 11.00 0.06 24.95
N ARG D 256 11.28 1.37 24.84
CA ARG D 256 10.44 2.20 23.99
C ARG D 256 10.73 1.96 22.52
N ILE D 257 11.94 1.52 22.19
CA ILE D 257 12.30 1.27 20.80
C ILE D 257 11.74 -0.08 20.35
N HIS D 258 12.16 -1.14 21.03
CA HIS D 258 11.92 -2.49 20.52
C HIS D 258 10.48 -2.95 20.73
N GLY D 259 9.89 -2.62 21.87
CA GLY D 259 8.55 -3.06 22.15
C GLY D 259 8.51 -4.14 23.19
N PRO D 260 7.74 -5.19 22.95
CA PRO D 260 7.66 -6.29 23.93
C PRO D 260 8.96 -7.08 23.98
N VAL D 261 9.51 -7.20 25.19
CA VAL D 261 10.77 -7.88 25.42
C VAL D 261 10.51 -9.07 26.30
N TRP D 262 11.01 -10.23 25.92
CA TRP D 262 10.79 -11.46 26.68
C TRP D 262 12.14 -12.01 27.13
N TRP D 263 12.22 -12.41 28.40
CA TRP D 263 13.38 -13.14 28.92
C TRP D 263 12.91 -14.50 29.42
N PRO D 264 12.97 -15.53 28.58
CA PRO D 264 12.57 -16.85 29.04
C PRO D 264 13.56 -17.44 30.03
N TYR D 265 13.07 -18.38 30.83
CA TYR D 265 13.84 -19.04 31.86
C TYR D 265 14.24 -20.43 31.40
N PHE D 266 15.46 -20.84 31.74
CA PHE D 266 15.99 -22.13 31.34
C PHE D 266 15.76 -23.14 32.46
N ARG D 267 15.05 -24.21 32.16
CA ARG D 267 14.82 -25.24 33.16
C ARG D 267 14.81 -26.60 32.49
N GLY D 268 15.79 -27.43 32.83
CA GLY D 268 15.79 -28.80 32.37
C GLY D 268 16.08 -28.98 30.90
N GLY D 269 16.76 -28.03 30.27
CA GLY D 269 17.11 -28.17 28.88
C GLY D 269 16.20 -27.50 27.90
N GLU D 270 15.15 -26.83 28.36
CA GLU D 270 14.26 -26.07 27.49
C GLU D 270 13.97 -24.73 28.14
N TYR D 271 13.35 -23.85 27.35
CA TYR D 271 13.11 -22.48 27.76
C TYR D 271 11.65 -22.31 28.15
N GLU D 272 11.42 -22.05 29.37
CA GLU D 272 10.10 -21.74 29.86
C GLU D 272 9.89 -20.23 29.88
N PRO D 273 8.65 -19.78 29.73
CA PRO D 273 8.38 -18.34 29.83
C PRO D 273 8.65 -17.79 31.21
N ALA D 274 9.05 -16.53 31.22
CA ALA D 274 9.35 -15.79 32.43
C ALA D 274 9.06 -14.33 32.11
N LEU D 275 9.69 -13.42 32.85
CA LEU D 275 9.38 -11.99 32.82
C LEU D 275 9.28 -11.40 31.42
N GLU D 276 8.19 -10.69 31.18
CA GLU D 276 7.94 -9.96 29.95
C GLU D 276 7.60 -8.53 30.35
N TYR D 277 8.32 -7.53 29.81
CA TYR D 277 8.26 -6.21 30.41
C TYR D 277 6.91 -5.53 30.20
N PRO D 278 6.38 -5.35 28.98
CA PRO D 278 5.00 -4.90 28.92
C PRO D 278 4.16 -6.11 29.26
N TRP D 279 3.65 -6.16 30.48
CA TRP D 279 3.13 -7.44 30.96
C TRP D 279 1.72 -7.64 30.44
N PRO D 280 1.51 -8.66 29.63
CA PRO D 280 0.16 -8.91 29.14
C PRO D 280 -0.70 -9.51 30.22
N LEU D 281 -1.98 -9.15 30.26
CA LEU D 281 -2.86 -9.65 31.30
C LEU D 281 -3.10 -11.14 31.12
N ILE D 282 -3.17 -11.59 29.88
CA ILE D 282 -3.28 -13.01 29.57
C ILE D 282 -2.06 -13.45 28.77
N SER D 283 -1.82 -14.75 28.69
CA SER D 283 -0.70 -15.27 27.91
C SER D 283 -1.23 -15.72 26.56
N GLY D 284 -0.86 -14.99 25.52
CA GLY D 284 -1.30 -15.31 24.18
C GLY D 284 -2.76 -14.96 23.96
N PRO D 285 -3.45 -15.76 23.16
CA PRO D 285 -4.83 -15.45 22.84
C PRO D 285 -5.75 -15.79 24.00
N PRO D 286 -6.90 -15.11 24.12
CA PRO D 286 -7.87 -15.53 25.12
C PRO D 286 -8.54 -16.83 24.73
N ARG D 287 -8.92 -17.60 25.75
CA ARG D 287 -9.58 -18.88 25.54
C ARG D 287 -10.96 -18.80 26.18
N ILE D 288 -12.00 -18.95 25.36
CA ILE D 288 -13.38 -18.70 25.77
C ILE D 288 -14.14 -20.01 25.71
N LEU D 289 -14.85 -20.33 26.78
CA LEU D 289 -15.61 -21.56 26.88
C LEU D 289 -17.08 -21.22 27.00
N ILE D 290 -17.88 -21.72 26.06
CA ILE D 290 -19.32 -21.47 26.04
C ILE D 290 -20.01 -22.78 26.40
N ALA D 291 -20.79 -22.76 27.49
CA ALA D 291 -21.45 -23.96 27.99
C ALA D 291 -22.93 -23.69 28.11
N THR D 292 -23.74 -24.60 27.55
CA THR D 292 -25.19 -24.46 27.56
C THR D 292 -25.80 -25.72 28.14
N ALA D 293 -27.00 -25.56 28.72
CA ALA D 293 -27.73 -26.70 29.26
C ALA D 293 -29.22 -26.36 29.23
N ASN D 294 -29.91 -26.83 28.20
CA ASN D 294 -31.36 -26.63 28.07
C ASN D 294 -32.02 -28.00 28.06
N ALA D 295 -32.63 -28.37 29.17
CA ALA D 295 -33.29 -29.66 29.26
C ALA D 295 -34.60 -29.64 28.45
N PRO D 296 -34.89 -30.69 27.69
CA PRO D 296 -36.12 -30.73 26.91
C PRO D 296 -37.35 -31.09 27.72
N GLU D 297 -37.19 -31.39 29.00
CA GLU D 297 -38.28 -31.72 29.90
C GLU D 297 -38.34 -30.68 31.01
N GLY D 298 -39.19 -30.95 32.00
CA GLY D 298 -39.23 -30.14 33.20
C GLY D 298 -40.12 -28.93 33.06
N GLU D 299 -40.30 -28.24 34.18
CA GLU D 299 -41.12 -27.03 34.23
C GLU D 299 -40.44 -25.84 33.60
N ASN D 300 -39.17 -25.96 33.23
CA ASN D 300 -38.40 -24.83 32.74
C ASN D 300 -38.99 -24.32 31.42
N PRO D 301 -39.12 -23.01 31.26
CA PRO D 301 -39.67 -22.46 30.01
C PRO D 301 -38.75 -22.72 28.83
N THR D 302 -39.33 -22.65 27.64
CA THR D 302 -38.57 -22.83 26.42
C THR D 302 -37.56 -21.71 26.25
N LEU D 303 -36.29 -22.02 26.49
CA LEU D 303 -35.22 -21.04 26.40
C LEU D 303 -34.56 -21.14 25.03
N ASP D 304 -34.56 -20.03 24.29
CA ASP D 304 -33.96 -20.00 22.96
C ASP D 304 -32.46 -19.86 23.11
N VAL D 305 -31.81 -20.99 23.41
CA VAL D 305 -30.36 -21.03 23.52
C VAL D 305 -29.72 -20.83 22.15
N GLU D 306 -30.42 -21.23 21.09
CA GLU D 306 -29.87 -21.20 19.75
C GLU D 306 -29.60 -19.77 19.28
N ALA D 307 -30.50 -18.85 19.59
CA ALA D 307 -30.31 -17.46 19.19
C ALA D 307 -29.14 -16.83 19.95
N GLU D 308 -28.99 -17.18 21.22
CA GLU D 308 -27.83 -16.71 21.98
C GLU D 308 -26.54 -17.21 21.37
N LEU D 309 -26.52 -18.49 20.98
CA LEU D 309 -25.35 -19.03 20.32
C LEU D 309 -25.09 -18.37 18.98
N LYS D 310 -26.15 -18.00 18.26
CA LYS D 310 -25.98 -17.33 16.97
C LYS D 310 -25.34 -15.97 17.14
N HIS D 311 -25.84 -15.17 18.09
CA HIS D 311 -25.28 -13.86 18.35
C HIS D 311 -23.84 -13.97 18.84
N LEU D 312 -23.59 -14.90 19.76
CA LEU D 312 -22.25 -15.09 20.29
C LEU D 312 -21.28 -15.59 19.23
N GLU D 313 -21.78 -16.40 18.29
CA GLU D 313 -20.90 -16.93 17.25
C GLU D 313 -20.56 -15.85 16.23
N GLU D 314 -21.53 -15.03 15.85
CA GLU D 314 -21.22 -13.97 14.91
C GLU D 314 -20.49 -12.81 15.56
N ALA D 315 -20.47 -12.72 16.89
CA ALA D 315 -19.65 -11.72 17.56
C ALA D 315 -18.25 -12.24 17.85
N LEU D 316 -18.12 -13.31 18.64
CA LEU D 316 -16.80 -13.85 18.91
C LEU D 316 -16.25 -14.64 17.73
N ALA D 317 -16.90 -15.75 17.39
CA ALA D 317 -16.34 -16.72 16.47
C ALA D 317 -16.36 -16.25 15.02
N GLU D 318 -16.64 -14.98 14.78
CA GLU D 318 -16.48 -14.43 13.45
C GLU D 318 -15.02 -14.51 13.02
N PRO D 319 -14.74 -14.77 11.73
CA PRO D 319 -13.36 -14.77 11.25
C PRO D 319 -12.70 -13.40 11.27
N ARG D 320 -13.39 -12.35 11.72
CA ARG D 320 -12.73 -11.08 12.01
C ARG D 320 -11.65 -11.27 13.05
N LYS D 321 -11.90 -12.11 14.05
CA LYS D 321 -10.89 -12.29 15.10
C LYS D 321 -10.79 -13.73 15.57
N ARG D 322 -11.23 -14.68 14.75
CA ARG D 322 -11.05 -16.09 15.11
C ARG D 322 -9.57 -16.46 15.19
N LYS D 323 -8.73 -15.67 14.54
CA LYS D 323 -7.28 -15.85 14.52
C LYS D 323 -6.60 -15.27 15.76
N LEU D 324 -7.32 -14.50 16.58
CA LEU D 324 -6.76 -13.87 17.76
C LEU D 324 -7.32 -14.43 19.06
N CYS D 325 -8.29 -15.34 19.02
CA CYS D 325 -8.85 -15.92 20.22
C CYS D 325 -9.31 -17.33 19.91
N GLU D 326 -9.46 -18.14 20.96
CA GLU D 326 -9.85 -19.53 20.81
C GLU D 326 -11.17 -19.75 21.54
N VAL D 327 -12.12 -20.38 20.88
CA VAL D 327 -13.39 -20.70 21.50
C VAL D 327 -13.54 -22.22 21.55
N GLN D 328 -14.34 -22.67 22.51
CA GLN D 328 -14.73 -24.07 22.58
C GLN D 328 -16.10 -24.14 23.20
N ARG D 329 -16.96 -24.98 22.62
CA ARG D 329 -18.34 -25.09 23.05
C ARG D 329 -18.58 -26.44 23.71
N CYS D 330 -19.39 -26.44 24.74
CA CYS D 330 -19.86 -27.67 25.39
C CYS D 330 -21.38 -27.63 25.47
N PRO D 331 -22.05 -27.82 24.34
CA PRO D 331 -23.52 -27.78 24.35
C PRO D 331 -24.08 -28.99 25.08
N ALA D 332 -25.23 -28.77 25.74
CA ALA D 332 -25.84 -29.74 26.65
C ALA D 332 -24.83 -30.24 27.67
N ALA D 333 -24.27 -29.29 28.43
CA ALA D 333 -23.12 -29.59 29.26
C ALA D 333 -23.52 -30.40 30.49
N THR D 334 -22.82 -31.49 30.71
CA THR D 334 -22.95 -32.23 31.94
C THR D 334 -21.98 -31.66 32.97
N VAL D 335 -22.03 -32.22 34.18
CA VAL D 335 -21.00 -31.92 35.16
C VAL D 335 -19.64 -32.40 34.68
N SER D 336 -19.62 -33.61 34.10
CA SER D 336 -18.37 -34.21 33.63
C SER D 336 -17.77 -33.40 32.49
N ASP D 337 -18.60 -32.93 31.57
CA ASP D 337 -18.11 -32.12 30.47
C ASP D 337 -17.51 -30.82 30.96
N ILE D 338 -18.15 -30.18 31.94
CA ILE D 338 -17.64 -28.92 32.49
C ILE D 338 -16.31 -29.16 33.17
N THR D 339 -16.20 -30.21 33.99
CA THR D 339 -14.96 -30.48 34.69
C THR D 339 -13.83 -30.81 33.73
N SER D 340 -14.13 -31.62 32.70
CA SER D 340 -13.11 -31.98 31.72
C SER D 340 -12.68 -30.77 30.91
N ALA D 341 -13.62 -29.90 30.55
CA ALA D 341 -13.27 -28.71 29.79
C ALA D 341 -12.43 -27.75 30.62
N LEU D 342 -12.77 -27.58 31.90
CA LEU D 342 -11.98 -26.72 32.75
C LEU D 342 -10.59 -27.30 32.99
N ARG D 343 -10.48 -28.63 33.06
CA ARG D 343 -9.17 -29.23 33.32
C ARG D 343 -8.30 -29.17 32.08
N SER D 344 -8.89 -29.37 30.90
CA SER D 344 -8.10 -29.51 29.68
C SER D 344 -8.01 -28.23 28.88
N PHE D 345 -9.15 -27.62 28.54
CA PHE D 345 -9.13 -26.42 27.72
C PHE D 345 -8.57 -25.23 28.47
N LYS D 346 -8.85 -25.13 29.78
CA LYS D 346 -8.31 -24.16 30.71
C LYS D 346 -8.65 -22.74 30.24
N PRO D 347 -9.92 -22.34 30.30
CA PRO D 347 -10.33 -21.11 29.65
C PRO D 347 -10.04 -19.88 30.49
N HIS D 348 -10.17 -18.72 29.85
CA HIS D 348 -10.15 -17.44 30.55
C HIS D 348 -11.53 -16.87 30.77
N ILE D 349 -12.45 -17.06 29.83
CA ILE D 349 -13.80 -16.55 29.92
C ILE D 349 -14.76 -17.72 29.85
N LEU D 350 -15.66 -17.81 30.82
CA LEU D 350 -16.64 -18.87 30.89
C LEU D 350 -18.03 -18.29 30.76
N HIS D 351 -18.72 -18.64 29.69
CA HIS D 351 -20.07 -18.15 29.42
C HIS D 351 -21.05 -19.29 29.59
N PHE D 352 -22.01 -19.13 30.48
CA PHE D 352 -22.98 -20.18 30.77
C PHE D 352 -24.38 -19.71 30.43
N ILE D 353 -25.13 -20.59 29.77
CA ILE D 353 -26.52 -20.35 29.41
C ILE D 353 -27.34 -21.51 29.96
N GLY D 354 -28.43 -21.19 30.66
CA GLY D 354 -29.28 -22.25 31.18
C GLY D 354 -30.34 -21.68 32.09
N HIS D 355 -30.88 -22.55 32.94
CA HIS D 355 -31.85 -22.17 33.94
C HIS D 355 -31.23 -22.30 35.33
N GLY D 356 -31.67 -21.43 36.23
CA GLY D 356 -31.15 -21.46 37.58
C GLY D 356 -32.20 -21.03 38.58
N THR D 357 -32.03 -21.50 39.81
CA THR D 357 -32.78 -20.98 40.93
C THR D 357 -31.83 -20.18 41.81
N ALA D 358 -32.32 -19.72 42.96
CA ALA D 358 -31.45 -18.99 43.88
C ALA D 358 -30.40 -19.91 44.50
N LEU D 359 -30.68 -21.20 44.60
CA LEU D 359 -29.73 -22.13 45.20
C LEU D 359 -28.61 -22.49 44.23
N GLY D 360 -28.92 -22.64 42.95
CA GLY D 360 -27.92 -23.04 41.98
C GLY D 360 -28.44 -23.03 40.56
N VAL D 361 -27.79 -23.81 39.70
CA VAL D 361 -28.11 -23.85 38.28
C VAL D 361 -28.60 -25.23 37.91
N TYR D 362 -29.09 -25.39 36.69
CA TYR D 362 -29.56 -26.67 36.19
C TYR D 362 -28.69 -27.09 35.02
N LEU D 363 -27.80 -28.05 35.26
CA LEU D 363 -26.99 -28.62 34.20
C LEU D 363 -27.74 -29.79 33.57
N ARG D 364 -27.16 -30.34 32.52
CA ARG D 364 -27.77 -31.43 31.79
C ARG D 364 -27.32 -32.75 32.42
N SER D 365 -28.28 -33.58 32.80
CA SER D 365 -27.94 -34.84 33.44
C SER D 365 -27.29 -35.79 32.45
N ALA D 366 -26.44 -36.68 32.96
CA ALA D 366 -25.66 -37.56 32.12
C ALA D 366 -26.33 -38.90 31.87
N GLU D 367 -27.44 -39.21 32.51
CA GLU D 367 -28.02 -40.54 32.36
C GLU D 367 -29.51 -40.53 32.01
N HIS D 368 -30.30 -39.61 32.56
CA HIS D 368 -31.76 -39.69 32.41
C HIS D 368 -32.34 -38.62 31.52
N ASP D 369 -31.52 -37.94 30.71
CA ASP D 369 -31.91 -37.02 29.65
C ASP D 369 -32.56 -35.73 30.17
N GLY D 370 -32.79 -35.61 31.47
CA GLY D 370 -33.46 -34.46 32.03
C GLY D 370 -32.50 -33.46 32.64
N ALA D 371 -33.07 -32.48 33.31
CA ALA D 371 -32.28 -31.51 34.04
C ALA D 371 -31.69 -32.13 35.30
N GLN D 372 -30.57 -31.58 35.75
CA GLN D 372 -29.91 -32.05 36.95
C GLN D 372 -29.46 -30.85 37.75
N PHE D 373 -30.00 -30.70 38.96
CA PHE D 373 -29.68 -29.54 39.77
C PHE D 373 -28.26 -29.63 40.30
N VAL D 374 -27.55 -28.50 40.25
CA VAL D 374 -26.24 -28.37 40.86
C VAL D 374 -26.28 -27.20 41.83
N ARG D 375 -25.88 -27.44 43.06
CA ARG D 375 -25.86 -26.38 44.06
C ARG D 375 -24.74 -25.39 43.75
N GLY D 376 -24.93 -24.16 44.23
CA GLY D 376 -23.99 -23.10 43.90
C GLY D 376 -22.60 -23.32 44.47
N GLU D 377 -22.52 -23.82 45.70
CA GLU D 377 -21.23 -24.07 46.30
C GLU D 377 -20.51 -25.24 45.63
N ASP D 378 -21.27 -26.21 45.12
CA ASP D 378 -20.66 -27.27 44.33
C ASP D 378 -20.05 -26.71 43.05
N PHE D 379 -20.74 -25.78 42.40
CA PHE D 379 -20.19 -25.10 41.23
C PHE D 379 -18.93 -24.33 41.58
N GLN D 380 -18.96 -23.64 42.72
CA GLN D 380 -17.82 -22.82 43.15
C GLN D 380 -16.61 -23.70 43.44
N GLN D 381 -16.82 -24.82 44.13
CA GLN D 381 -15.72 -25.74 44.38
C GLN D 381 -15.26 -26.43 43.11
N MET D 382 -16.16 -26.64 42.17
CA MET D 382 -15.80 -27.19 40.87
C MET D 382 -14.82 -26.27 40.15
N ILE D 383 -15.06 -24.96 40.24
CA ILE D 383 -14.14 -23.99 39.65
C ILE D 383 -12.84 -23.93 40.46
N ALA D 384 -12.96 -23.92 41.79
CA ALA D 384 -11.79 -23.73 42.66
C ALA D 384 -10.80 -24.87 42.52
N THR D 385 -11.29 -26.09 42.33
CA THR D 385 -10.40 -27.22 42.11
C THR D 385 -9.64 -27.07 40.81
N SER D 386 -10.28 -26.50 39.79
CA SER D 386 -9.61 -26.29 38.52
C SER D 386 -8.56 -25.19 38.61
N LEU D 387 -8.82 -24.14 39.38
CA LEU D 387 -7.89 -23.01 39.44
C LEU D 387 -6.63 -23.26 40.26
N ARG D 388 -6.45 -24.41 40.89
CA ARG D 388 -5.24 -24.64 41.66
C ARG D 388 -4.18 -25.39 40.86
N GLN D 389 -4.32 -25.43 39.55
CA GLN D 389 -3.27 -25.98 38.70
C GLN D 389 -2.21 -24.92 38.46
N LYS D 390 -1.22 -25.24 37.61
CA LYS D 390 -0.15 -24.31 37.31
C LYS D 390 -0.63 -23.29 36.29
N ASP D 391 -0.42 -22.01 36.60
CA ASP D 391 -0.69 -20.89 35.70
C ASP D 391 -2.16 -20.82 35.32
N ARG D 392 -3.04 -20.81 36.32
CA ARG D 392 -4.46 -20.76 36.06
C ARG D 392 -5.09 -19.50 36.62
N GLU D 393 -5.86 -18.83 35.77
CA GLU D 393 -6.60 -17.64 36.15
C GLU D 393 -7.75 -17.47 35.17
N MET D 394 -8.97 -17.35 35.67
CA MET D 394 -10.05 -16.83 34.86
C MET D 394 -10.32 -15.40 35.27
N HIS D 395 -10.67 -14.58 34.30
CA HIS D 395 -10.92 -13.17 34.55
C HIS D 395 -12.38 -12.79 34.43
N LEU D 396 -13.17 -13.60 33.74
CA LEU D 396 -14.58 -13.25 33.56
C LEU D 396 -15.39 -14.52 33.47
N VAL D 397 -16.48 -14.57 34.22
CA VAL D 397 -17.49 -15.62 34.09
C VAL D 397 -18.85 -14.95 33.95
N VAL D 398 -19.64 -15.42 32.99
CA VAL D 398 -20.92 -14.82 32.67
C VAL D 398 -21.99 -15.88 32.88
N LEU D 399 -22.85 -15.67 33.88
CA LEU D 399 -23.90 -16.62 34.20
C LEU D 399 -25.21 -16.10 33.63
N ASN D 400 -25.39 -16.33 32.33
CA ASN D 400 -26.61 -15.90 31.65
C ASN D 400 -27.72 -16.90 31.95
N ALA D 401 -28.27 -16.79 33.15
CA ALA D 401 -29.30 -17.71 33.58
C ALA D 401 -30.19 -17.02 34.61
N CYS D 402 -31.36 -17.61 34.82
CA CYS D 402 -32.35 -17.03 35.73
C CYS D 402 -31.87 -17.10 37.17
N CYS D 403 -31.96 -15.96 37.87
CA CYS D 403 -31.81 -15.88 39.32
C CYS D 403 -30.43 -16.35 39.80
N THR D 404 -29.38 -15.81 39.19
CA THR D 404 -28.02 -16.16 39.58
C THR D 404 -27.27 -14.97 40.15
N HIS D 405 -27.93 -14.12 40.92
CA HIS D 405 -27.24 -13.00 41.54
C HIS D 405 -26.32 -13.46 42.66
N GLU D 406 -26.85 -14.31 43.54
CA GLU D 406 -26.08 -14.78 44.68
C GLU D 406 -24.91 -15.65 44.26
N LEU D 407 -25.08 -16.43 43.20
CA LEU D 407 -24.00 -17.29 42.73
C LEU D 407 -22.84 -16.47 42.20
N ALA D 408 -23.13 -15.41 41.44
CA ALA D 408 -22.06 -14.54 40.96
C ALA D 408 -21.40 -13.79 42.11
N LYS D 409 -22.20 -13.33 43.07
CA LYS D 409 -21.67 -12.67 44.25
C LYS D 409 -20.75 -13.60 45.05
N ALA D 410 -21.06 -14.89 45.07
CA ALA D 410 -20.18 -15.83 45.72
C ALA D 410 -18.93 -16.10 44.88
N LEU D 411 -19.10 -16.21 43.56
CA LEU D 411 -18.01 -16.55 42.66
C LEU D 411 -16.98 -15.44 42.53
N THR D 412 -17.30 -14.22 42.92
CA THR D 412 -16.38 -13.11 42.73
C THR D 412 -15.09 -13.25 43.55
N GLU D 413 -15.04 -14.15 44.53
CA GLU D 413 -13.85 -14.25 45.36
C GLU D 413 -12.71 -15.00 44.69
N GLN D 414 -12.97 -15.71 43.61
CA GLN D 414 -11.94 -16.56 43.03
C GLN D 414 -11.76 -16.37 41.53
N VAL D 415 -12.65 -15.62 40.88
CA VAL D 415 -12.39 -15.10 39.55
C VAL D 415 -12.44 -13.58 39.67
N SER D 416 -12.02 -12.91 38.61
CA SER D 416 -11.88 -11.46 38.68
C SER D 416 -13.23 -10.76 38.64
N CYS D 417 -14.01 -11.00 37.59
CA CYS D 417 -15.29 -10.33 37.42
C CYS D 417 -16.37 -11.35 37.09
N THR D 418 -17.54 -11.17 37.68
CA THR D 418 -18.70 -12.02 37.41
C THR D 418 -19.86 -11.15 36.93
N ILE D 419 -20.65 -11.71 36.04
CA ILE D 419 -21.89 -11.07 35.58
C ILE D 419 -23.02 -12.06 35.77
N GLY D 420 -24.01 -11.68 36.55
CA GLY D 420 -25.14 -12.56 36.81
C GLY D 420 -26.43 -11.78 36.78
N THR D 421 -27.51 -12.48 36.45
CA THR D 421 -28.80 -11.84 36.33
C THR D 421 -29.44 -11.66 37.70
N ASP D 422 -30.62 -11.05 37.70
CA ASP D 422 -31.38 -10.81 38.92
C ASP D 422 -32.85 -11.17 38.83
N ILE D 423 -33.40 -11.32 37.62
CA ILE D 423 -34.83 -11.57 37.44
C ILE D 423 -35.00 -12.50 36.24
N GLU D 424 -36.21 -13.01 36.08
CA GLU D 424 -36.54 -13.98 35.03
C GLU D 424 -36.42 -13.38 33.64
N VAL D 425 -35.43 -13.83 32.87
CA VAL D 425 -35.29 -13.42 31.48
C VAL D 425 -36.33 -14.17 30.65
N TYR D 426 -36.74 -13.57 29.53
CA TYR D 426 -37.80 -14.12 28.71
C TYR D 426 -37.30 -14.63 27.36
N ASP D 427 -36.80 -13.77 26.48
CA ASP D 427 -35.85 -14.23 25.45
C ASP D 427 -34.86 -13.14 25.10
N SER D 428 -35.25 -11.88 25.30
CA SER D 428 -34.64 -10.78 24.58
C SER D 428 -33.57 -10.04 25.37
N ALA D 429 -33.73 -9.95 26.69
CA ALA D 429 -32.71 -9.32 27.51
C ALA D 429 -31.40 -10.09 27.43
N SER D 430 -31.50 -11.43 27.44
CA SER D 430 -30.33 -12.27 27.25
C SER D 430 -29.71 -12.04 25.87
N ILE D 431 -30.55 -11.99 24.83
CA ILE D 431 -30.06 -11.80 23.46
C ILE D 431 -29.36 -10.45 23.33
N HIS D 432 -30.02 -9.39 23.78
CA HIS D 432 -29.47 -8.05 23.64
C HIS D 432 -28.18 -7.92 24.43
N PHE D 433 -28.18 -8.36 25.69
CA PHE D 433 -27.01 -8.19 26.52
C PHE D 433 -25.84 -8.99 25.99
N ALA D 434 -26.07 -10.25 25.61
CA ALA D 434 -24.97 -11.09 25.15
C ALA D 434 -24.35 -10.54 23.89
N ALA D 435 -25.19 -10.24 22.87
CA ALA D 435 -24.66 -9.78 21.60
C ALA D 435 -23.92 -8.46 21.76
N ARG D 436 -24.53 -7.52 22.46
CA ARG D 436 -23.97 -6.18 22.51
C ARG D 436 -22.77 -6.10 23.45
N PHE D 437 -22.80 -6.87 24.54
CA PHE D 437 -21.66 -6.92 25.44
C PHE D 437 -20.44 -7.52 24.77
N TYR D 438 -20.62 -8.59 24.00
CA TYR D 438 -19.45 -9.17 23.35
C TYR D 438 -18.97 -8.30 22.21
N ASP D 439 -19.89 -7.65 21.49
CA ASP D 439 -19.48 -6.74 20.44
C ASP D 439 -18.71 -5.55 21.01
N HIS D 440 -19.04 -5.16 22.24
CA HIS D 440 -18.29 -4.09 22.86
C HIS D 440 -16.93 -4.57 23.38
N LEU D 441 -16.84 -5.81 23.87
CA LEU D 441 -15.54 -6.31 24.31
C LEU D 441 -14.56 -6.40 23.15
N VAL D 442 -15.01 -6.92 22.02
CA VAL D 442 -14.03 -7.35 21.03
C VAL D 442 -13.57 -6.23 20.12
N HIS D 443 -14.02 -5.00 20.35
CA HIS D 443 -13.42 -3.88 19.65
C HIS D 443 -12.36 -3.18 20.48
N GLY D 444 -11.95 -3.77 21.60
CA GLY D 444 -10.80 -3.28 22.33
C GLY D 444 -11.14 -2.54 23.60
N THR D 445 -12.38 -2.63 24.03
CA THR D 445 -12.83 -1.86 25.19
C THR D 445 -12.65 -2.65 26.48
N SER D 446 -12.76 -1.94 27.59
CA SER D 446 -12.71 -2.57 28.90
C SER D 446 -13.99 -3.36 29.15
N VAL D 447 -13.94 -4.24 30.15
CA VAL D 447 -15.12 -5.00 30.52
C VAL D 447 -16.15 -4.10 31.19
N HIS D 448 -15.70 -3.15 32.01
CA HIS D 448 -16.63 -2.28 32.71
C HIS D 448 -17.41 -1.39 31.74
N TYR D 449 -16.71 -0.81 30.77
CA TYR D 449 -17.39 0.02 29.78
C TYR D 449 -18.31 -0.81 28.91
N ALA D 450 -17.89 -2.01 28.54
CA ALA D 450 -18.73 -2.89 27.73
C ALA D 450 -20.01 -3.26 28.47
N PHE D 451 -19.88 -3.59 29.75
CA PHE D 451 -21.04 -3.93 30.56
C PHE D 451 -21.98 -2.74 30.69
N ASN D 452 -21.44 -1.55 30.93
CA ASN D 452 -22.30 -0.38 31.10
C ASN D 452 -23.02 -0.04 29.80
N ALA D 453 -22.33 -0.13 28.66
CA ALA D 453 -22.97 0.16 27.39
C ALA D 453 -24.08 -0.84 27.08
N ALA D 454 -23.81 -2.13 27.30
CA ALA D 454 -24.84 -3.14 27.03
C ALA D 454 -26.03 -2.99 27.97
N VAL D 455 -25.78 -2.66 29.24
CA VAL D 455 -26.87 -2.46 30.18
C VAL D 455 -27.70 -1.25 29.79
N ASP D 456 -27.06 -0.17 29.34
CA ASP D 456 -27.83 1.01 28.92
C ASP D 456 -28.66 0.72 27.67
N GLU D 457 -28.13 -0.09 26.75
CA GLU D 457 -28.94 -0.44 25.59
C GLU D 457 -30.14 -1.30 26.00
N CYS D 458 -29.95 -2.19 26.97
CA CYS D 458 -31.09 -2.96 27.46
C CYS D 458 -32.06 -2.07 28.25
N ARG D 459 -31.54 -1.05 28.91
CA ARG D 459 -32.35 -0.05 29.58
C ARG D 459 -33.24 0.72 28.63
N ALA D 460 -32.75 0.97 27.41
CA ALA D 460 -33.56 1.67 26.43
C ALA D 460 -34.85 0.94 26.09
N HIS D 461 -34.82 -0.39 26.02
CA HIS D 461 -36.02 -1.18 25.81
C HIS D 461 -36.68 -1.59 27.11
N SER D 462 -36.08 -1.25 28.24
CA SER D 462 -36.71 -1.52 29.53
C SER D 462 -37.89 -0.58 29.71
N THR D 463 -39.09 -1.14 29.87
CA THR D 463 -40.28 -0.31 29.94
C THR D 463 -40.30 0.49 31.24
N SER D 464 -40.45 -0.18 32.37
CA SER D 464 -40.35 0.50 33.66
C SER D 464 -39.17 -0.04 34.44
N GLY D 465 -39.18 -1.34 34.71
CA GLY D 465 -38.10 -1.98 35.43
C GLY D 465 -36.93 -2.26 34.54
N GLN D 466 -35.75 -2.38 35.15
CA GLN D 466 -34.53 -2.43 34.36
C GLN D 466 -33.45 -3.15 35.17
N GLU D 467 -32.22 -3.08 34.66
CA GLU D 467 -31.02 -3.63 35.31
C GLU D 467 -31.16 -5.13 35.57
N VAL D 468 -31.46 -5.87 34.50
CA VAL D 468 -31.60 -7.31 34.64
C VAL D 468 -30.25 -7.98 34.87
N PHE D 469 -29.17 -7.37 34.40
CA PHE D 469 -27.84 -7.91 34.63
C PHE D 469 -27.09 -7.10 35.67
N CYS D 470 -26.24 -7.78 36.43
CA CYS D 470 -25.52 -7.17 37.53
C CYS D 470 -24.07 -7.60 37.49
N LEU D 471 -23.16 -6.64 37.59
CA LEU D 471 -21.73 -6.90 37.64
C LEU D 471 -21.26 -6.88 39.08
N HIS D 472 -20.54 -7.94 39.49
CA HIS D 472 -20.06 -8.07 40.86
C HIS D 472 -18.55 -8.33 40.85
N PRO D 473 -17.75 -7.31 40.63
CA PRO D 473 -16.32 -7.45 40.90
C PRO D 473 -16.02 -6.99 42.32
N ALA D 474 -16.81 -7.48 43.28
CA ALA D 474 -16.93 -6.90 44.62
C ALA D 474 -17.21 -5.40 44.54
N ALA D 475 -18.14 -5.02 43.66
CA ALA D 475 -18.53 -3.63 43.51
C ALA D 475 -20.01 -3.52 43.19
N THR D 483 -2.95 -8.78 47.46
CA THR D 483 -2.88 -8.50 46.03
C THR D 483 -4.28 -8.36 45.42
N PRO D 484 -4.72 -7.13 45.19
CA PRO D 484 -5.96 -6.92 44.46
C PRO D 484 -5.81 -7.41 43.03
N PRO D 485 -6.62 -8.40 42.62
CA PRO D 485 -6.35 -9.13 41.36
C PRO D 485 -6.34 -8.24 40.13
N VAL D 486 -7.49 -7.66 39.82
CA VAL D 486 -7.64 -6.68 38.75
C VAL D 486 -9.04 -6.06 38.90
N ARG D 487 -9.16 -4.77 38.61
CA ARG D 487 -10.48 -4.15 38.64
C ARG D 487 -11.11 -4.21 37.25
N ALA D 488 -12.44 -4.09 37.22
CA ALA D 488 -13.19 -4.33 35.99
C ALA D 488 -12.96 -3.26 34.94
N ASP D 489 -12.51 -2.08 35.32
CA ASP D 489 -12.30 -1.03 34.34
C ASP D 489 -10.88 -0.99 33.80
N GLU D 490 -10.04 -1.94 34.19
CA GLU D 490 -8.69 -2.03 33.66
C GLU D 490 -8.45 -3.34 32.92
N LEU D 491 -9.49 -4.15 32.73
CA LEU D 491 -9.35 -5.48 32.19
C LEU D 491 -9.83 -5.45 30.74
N VAL D 492 -8.93 -5.69 29.80
CA VAL D 492 -9.24 -5.63 28.39
C VAL D 492 -8.71 -6.90 27.73
N PHE D 493 -9.46 -7.45 26.79
CA PHE D 493 -9.11 -8.72 26.18
C PHE D 493 -8.50 -8.61 24.79
N PHE D 494 -8.67 -7.48 24.11
CA PHE D 494 -8.16 -7.37 22.75
C PHE D 494 -7.45 -6.04 22.51
N SER D 495 -8.32 -12.12 12.69
CA SER D 495 -7.52 -11.18 11.92
C SER D 495 -8.34 -10.50 10.82
N ILE I 1 9.50 9.32 -55.39
CA ILE I 1 8.15 9.85 -55.25
C ILE I 1 8.20 11.14 -54.46
N GLN I 2 7.81 12.23 -55.11
CA GLN I 2 8.01 13.57 -54.56
C GLN I 2 6.68 14.24 -54.34
N CYS I 3 6.63 15.11 -53.33
CA CYS I 3 5.43 15.84 -52.94
C CYS I 3 5.82 17.29 -52.72
N ILE I 4 5.71 18.10 -53.77
CA ILE I 4 6.06 19.51 -53.66
C ILE I 4 4.96 20.24 -52.92
N LEU I 5 5.29 20.76 -51.74
CA LEU I 5 4.35 21.56 -50.96
C LEU I 5 4.77 23.01 -51.10
N VAL I 6 4.23 23.70 -52.10
CA VAL I 6 4.60 25.08 -52.33
C VAL I 6 3.69 26.00 -51.52
N LEU I 7 4.32 26.88 -50.75
CA LEU I 7 3.61 27.75 -49.82
C LEU I 7 3.46 29.16 -50.39
N ASP I 8 2.67 29.28 -51.45
CA ASP I 8 2.42 30.60 -52.03
C ASP I 8 1.53 31.47 -51.14
N LEU I 9 2.14 32.38 -50.40
CA LEU I 9 1.43 33.17 -49.41
C LEU I 9 1.76 34.65 -49.48
N SER I 10 2.19 35.15 -50.63
CA SER I 10 2.65 36.53 -50.72
C SER I 10 2.01 37.20 -51.93
N ILE I 11 1.44 38.39 -51.71
CA ILE I 11 0.74 39.10 -52.79
C ILE I 11 1.72 39.59 -53.84
N ASP I 12 2.96 39.89 -53.45
CA ASP I 12 3.98 40.30 -54.40
C ASP I 12 4.56 39.08 -55.09
N ASN I 13 5.73 39.23 -55.70
CA ASN I 13 6.39 38.18 -56.47
C ASN I 13 6.41 36.83 -55.79
N ALA I 14 5.76 35.86 -56.42
CA ALA I 14 5.46 34.58 -55.81
C ALA I 14 6.14 33.46 -56.57
N ILE I 15 6.03 32.25 -56.02
CA ILE I 15 6.66 31.07 -56.58
C ILE I 15 5.60 30.01 -56.77
N THR I 16 5.48 29.50 -57.98
CA THR I 16 4.63 28.35 -58.23
C THR I 16 5.47 27.09 -58.36
N ALA I 17 4.80 25.95 -58.47
CA ALA I 17 5.50 24.68 -58.57
C ALA I 17 6.29 24.56 -59.86
N CYS I 18 5.82 25.22 -60.93
CA CYS I 18 6.53 25.21 -62.20
C CYS I 18 7.89 25.88 -62.11
N SER I 19 8.04 26.89 -61.25
CA SER I 19 9.35 27.48 -61.00
C SER I 19 10.25 26.56 -60.19
N VAL I 20 9.70 25.84 -59.23
CA VAL I 20 10.49 24.95 -58.38
C VAL I 20 11.01 23.77 -59.17
N THR I 21 10.18 23.21 -60.05
CA THR I 21 10.37 21.93 -60.72
C THR I 21 11.72 21.68 -61.39
N PRO I 22 12.33 22.61 -62.14
CA PRO I 22 13.61 22.28 -62.78
C PRO I 22 14.77 22.03 -61.82
N HIS I 23 14.68 22.50 -60.58
CA HIS I 23 15.82 22.41 -59.68
C HIS I 23 15.86 21.12 -58.89
N LEU I 24 14.82 20.32 -58.95
CA LEU I 24 14.70 19.10 -58.18
C LEU I 24 14.85 17.89 -59.07
N PRO I 25 15.35 16.78 -58.53
CA PRO I 25 15.60 15.59 -59.34
C PRO I 25 14.33 14.97 -59.90
N ARG I 26 14.50 14.28 -61.02
CA ARG I 26 13.39 13.64 -61.71
C ARG I 26 12.81 12.52 -60.87
N ALA I 27 11.51 12.27 -61.02
CA ALA I 27 10.82 11.28 -60.22
C ALA I 27 9.68 10.68 -61.02
N ALA I 28 9.20 9.53 -60.54
CA ALA I 28 8.09 8.85 -61.20
C ALA I 28 6.79 9.61 -61.01
N ARG I 29 6.36 9.77 -59.76
CA ARG I 29 5.14 10.49 -59.45
C ARG I 29 5.48 11.78 -58.71
N ARG I 30 4.83 12.87 -59.10
CA ARG I 30 5.02 14.16 -58.46
C ARG I 30 3.66 14.72 -58.08
N VAL I 31 3.48 15.00 -56.79
CA VAL I 31 2.25 15.61 -56.32
C VAL I 31 2.52 17.06 -55.97
N GLU I 32 1.86 17.98 -56.68
CA GLU I 32 2.09 19.39 -56.45
C GLU I 32 0.88 20.00 -55.77
N LEU I 33 1.09 20.61 -54.61
CA LEU I 33 0.01 21.20 -53.85
C LEU I 33 0.36 22.63 -53.47
N HIS I 34 -0.61 23.51 -53.61
CA HIS I 34 -0.47 24.92 -53.28
C HIS I 34 -1.26 25.23 -52.02
N LEU I 35 -0.72 26.09 -51.18
CA LEU I 35 -1.46 26.48 -49.99
C LEU I 35 -2.59 27.45 -50.31
N ASN I 36 -2.54 28.10 -51.46
CA ASN I 36 -3.49 29.17 -51.76
C ASN I 36 -4.89 28.62 -51.96
N ASP I 37 -5.03 27.54 -52.73
CA ASP I 37 -6.34 26.95 -52.98
C ASP I 37 -6.77 25.98 -51.88
N PHE I 38 -6.15 26.06 -50.70
CA PHE I 38 -6.66 25.41 -49.51
C PHE I 38 -7.25 26.41 -48.53
N GLY I 39 -7.62 27.58 -49.01
CA GLY I 39 -8.24 28.59 -48.16
C GLY I 39 -7.25 29.38 -47.35
N ALA I 40 -6.31 30.05 -48.02
CA ALA I 40 -5.32 30.88 -47.36
C ALA I 40 -5.23 32.20 -48.10
N GLU I 41 -5.51 33.30 -47.39
CA GLU I 41 -5.39 34.62 -47.98
C GLU I 41 -3.93 35.05 -47.98
N ARG I 42 -3.48 35.61 -49.08
CA ARG I 42 -2.11 36.07 -49.17
C ARG I 42 -1.95 37.40 -48.44
N ALA I 43 -0.71 37.77 -48.17
CA ALA I 43 -0.38 38.89 -47.31
C ALA I 43 0.80 39.64 -47.91
N PRO I 44 1.02 40.90 -47.51
CA PRO I 44 2.23 41.60 -47.93
C PRO I 44 3.49 40.97 -47.37
N TYR I 45 4.39 40.58 -48.28
CA TYR I 45 5.67 39.93 -47.97
C TYR I 45 5.48 38.63 -47.20
N GLY I 46 4.34 37.97 -47.38
CA GLY I 46 4.12 36.71 -46.73
C GLY I 46 3.94 36.76 -45.23
N GLY I 47 3.73 37.93 -44.65
CA GLY I 47 3.55 38.04 -43.22
C GLY I 47 2.16 38.51 -42.84
N ALA I 48 1.38 37.63 -42.22
CA ALA I 48 0.00 37.96 -41.87
C ALA I 48 -0.05 39.02 -40.77
N SER I 49 -1.13 39.77 -40.76
CA SER I 49 -1.31 40.87 -39.81
C SER I 49 -2.18 40.46 -38.62
N ASP I 50 -3.41 40.03 -38.89
CA ASP I 50 -4.36 39.71 -37.85
C ASP I 50 -4.20 38.26 -37.43
N ARG I 51 -4.53 37.99 -36.17
CA ARG I 51 -4.39 36.65 -35.60
C ARG I 51 -5.27 35.62 -36.29
N ARG I 52 -6.47 36.02 -36.73
CA ARG I 52 -7.33 35.14 -37.51
C ARG I 52 -6.68 34.64 -38.78
N THR I 53 -5.86 35.47 -39.43
CA THR I 53 -5.14 35.00 -40.61
C THR I 53 -4.12 33.94 -40.26
N TRP I 54 -3.46 34.06 -39.11
CA TRP I 54 -2.53 33.02 -38.67
C TRP I 54 -3.25 31.71 -38.41
N ARG I 55 -4.42 31.77 -37.77
CA ARG I 55 -5.18 30.54 -37.52
C ARG I 55 -5.67 29.92 -38.82
N CYS I 56 -6.10 30.76 -39.77
CA CYS I 56 -6.50 30.25 -41.08
C CYS I 56 -5.34 29.60 -41.80
N TRP I 57 -4.14 30.17 -41.66
CA TRP I 57 -2.95 29.57 -42.25
C TRP I 57 -2.62 28.24 -41.61
N MET I 58 -2.74 28.15 -40.28
CA MET I 58 -2.55 26.89 -39.58
C MET I 58 -3.48 25.81 -40.11
N GLN I 59 -4.78 26.14 -40.19
CA GLN I 59 -5.75 25.14 -40.60
C GLN I 59 -5.59 24.79 -42.07
N ALA I 60 -5.16 25.74 -42.89
CA ALA I 60 -4.88 25.45 -44.28
C ALA I 60 -3.69 24.51 -44.43
N VAL I 61 -2.66 24.70 -43.61
CA VAL I 61 -1.51 23.80 -43.63
C VAL I 61 -1.94 22.39 -43.22
N ASP I 62 -2.77 22.29 -42.18
CA ASP I 62 -3.24 20.98 -41.74
C ASP I 62 -4.07 20.29 -42.81
N ALA I 63 -4.96 21.04 -43.46
CA ALA I 63 -5.78 20.46 -44.52
C ALA I 63 -4.92 20.06 -45.73
N MET I 64 -3.90 20.85 -46.04
CA MET I 64 -3.02 20.52 -47.15
C MET I 64 -2.23 19.26 -46.87
N LEU I 65 -1.77 19.09 -45.63
CA LEU I 65 -1.09 17.86 -45.27
C LEU I 65 -2.02 16.66 -45.35
N ALA I 66 -3.26 16.83 -44.89
CA ALA I 66 -4.23 15.74 -44.96
C ALA I 66 -4.51 15.36 -46.40
N ASP I 67 -4.68 16.35 -47.28
CA ASP I 67 -4.94 16.05 -48.68
C ASP I 67 -3.72 15.44 -49.36
N ALA I 68 -2.52 15.84 -48.96
CA ALA I 68 -1.31 15.21 -49.49
C ALA I 68 -1.26 13.74 -49.12
N ARG I 69 -1.60 13.43 -47.87
CA ARG I 69 -1.64 12.04 -47.45
C ARG I 69 -2.71 11.26 -48.19
N ALA I 70 -3.86 11.89 -48.41
CA ALA I 70 -4.94 11.22 -49.14
C ALA I 70 -4.57 10.96 -50.60
N GLN I 71 -3.84 11.89 -51.22
CA GLN I 71 -3.44 11.70 -52.60
C GLN I 71 -2.33 10.66 -52.71
N LEU I 72 -1.42 10.61 -51.73
CA LEU I 72 -0.33 9.66 -51.82
C LEU I 72 -0.78 8.24 -51.47
N GLY I 73 -1.68 8.10 -50.51
CA GLY I 73 -2.17 6.77 -50.15
C GLY I 73 -1.09 5.99 -49.43
N ALA I 74 -0.93 4.73 -49.82
CA ALA I 74 0.09 3.88 -49.23
C ALA I 74 1.49 4.24 -49.69
N GLU I 75 1.62 5.15 -50.65
CA GLU I 75 2.94 5.57 -51.11
C GLU I 75 3.56 6.64 -50.24
N VAL I 76 2.94 6.95 -49.10
CA VAL I 76 3.52 7.90 -48.16
C VAL I 76 4.79 7.35 -47.53
N GLU I 77 5.03 6.04 -47.63
CA GLU I 77 6.29 5.46 -47.16
C GLU I 77 7.47 5.98 -47.96
N PHE I 78 7.37 5.93 -49.28
CA PHE I 78 8.48 6.26 -50.16
C PHE I 78 8.43 7.71 -50.63
N THR I 79 7.79 8.58 -49.87
CA THR I 79 7.52 9.95 -50.31
C THR I 79 8.60 10.88 -49.81
N HIS I 80 9.19 11.63 -50.72
CA HIS I 80 10.12 12.70 -50.38
C HIS I 80 9.37 14.02 -50.44
N TYR I 81 9.47 14.82 -49.37
CA TYR I 81 8.76 16.08 -49.28
C TYR I 81 9.70 17.21 -49.70
N TYR I 82 9.21 18.09 -50.57
CA TYR I 82 9.96 19.27 -50.96
C TYR I 82 9.14 20.50 -50.63
N LEU I 83 9.75 21.43 -49.91
CA LEU I 83 9.07 22.63 -49.46
C LEU I 83 9.62 23.86 -50.18
N ALA I 84 8.73 24.79 -50.47
CA ALA I 84 9.10 26.01 -51.16
C ALA I 84 8.06 27.08 -50.84
N GLY I 85 8.11 28.19 -51.56
CA GLY I 85 7.14 29.24 -51.43
C GLY I 85 7.73 30.48 -50.79
N ARG I 86 6.90 31.50 -50.71
CA ARG I 86 7.26 32.79 -50.13
C ARG I 86 6.29 33.07 -48.99
N ALA I 87 6.61 32.56 -47.81
CA ALA I 87 5.79 32.78 -46.63
C ALA I 87 6.69 33.23 -45.49
N ALA I 88 6.07 33.56 -44.37
CA ALA I 88 6.85 33.94 -43.20
C ALA I 88 7.55 32.73 -42.61
N LEU I 89 8.58 33.00 -41.81
CA LEU I 89 9.31 31.92 -41.14
C LEU I 89 8.45 31.06 -40.21
N PRO I 90 7.53 31.59 -39.39
CA PRO I 90 6.74 30.68 -38.54
C PRO I 90 5.90 29.67 -39.30
N VAL I 91 5.42 29.99 -40.50
CA VAL I 91 4.64 29.01 -41.25
C VAL I 91 5.49 27.83 -41.66
N PHE I 92 6.71 28.10 -42.11
CA PHE I 92 7.64 27.02 -42.42
C PHE I 92 8.00 26.22 -41.18
N ALA I 93 8.17 26.90 -40.05
CA ALA I 93 8.48 26.20 -38.80
C ALA I 93 7.32 25.29 -38.40
N TYR I 94 6.09 25.76 -38.55
CA TYR I 94 4.94 24.94 -38.19
C TYR I 94 4.80 23.74 -39.11
N LEU I 95 5.05 23.93 -40.41
CA LEU I 95 4.99 22.81 -41.33
C LEU I 95 6.08 21.79 -40.99
N GLY I 96 7.26 22.26 -40.64
CA GLY I 96 8.32 21.36 -40.23
C GLY I 96 8.00 20.61 -38.95
N LEU I 97 7.27 21.25 -38.03
CA LEU I 97 6.89 20.54 -36.81
C LEU I 97 5.82 19.50 -37.10
N ARG I 98 4.87 19.81 -37.97
CA ARG I 98 3.83 18.84 -38.27
C ARG I 98 4.36 17.68 -39.09
N LEU I 99 5.41 17.90 -39.87
CA LEU I 99 5.99 16.79 -40.62
C LEU I 99 6.82 15.88 -39.73
N GLY I 100 7.53 16.44 -38.76
CA GLY I 100 8.26 15.65 -37.80
C GLY I 100 9.59 15.15 -38.33
N LYS I 101 10.36 14.56 -37.41
CA LYS I 101 11.71 14.09 -37.74
C LYS I 101 11.70 12.85 -38.61
N GLN I 102 10.57 12.14 -38.71
CA GLN I 102 10.50 10.89 -39.44
C GLN I 102 9.99 11.07 -40.87
N ALA I 103 10.27 12.20 -41.50
CA ALA I 103 9.83 12.45 -42.85
C ALA I 103 10.97 13.04 -43.66
N ASN I 104 11.18 12.51 -44.86
CA ASN I 104 12.26 12.97 -45.73
C ASN I 104 11.87 14.31 -46.32
N ILE I 105 12.41 15.40 -45.76
CA ILE I 105 12.04 16.73 -46.22
C ILE I 105 13.27 17.41 -46.80
N THR I 106 13.03 18.41 -47.64
CA THR I 106 14.11 19.15 -48.30
C THR I 106 13.57 20.48 -48.75
N THR I 107 14.13 21.56 -48.23
CA THR I 107 13.68 22.91 -48.57
C THR I 107 14.46 23.41 -49.77
N VAL I 108 13.75 24.04 -50.71
CA VAL I 108 14.35 24.69 -51.86
C VAL I 108 13.98 26.17 -51.82
N ASN I 109 14.96 27.03 -52.06
CA ASN I 109 14.75 28.45 -51.88
C ASN I 109 15.72 29.24 -52.75
N ARG I 110 15.23 30.33 -53.34
CA ARG I 110 16.06 31.19 -54.18
C ARG I 110 16.80 32.20 -53.32
N ARG I 111 18.06 32.42 -53.64
CA ARG I 111 18.91 33.31 -52.87
C ARG I 111 18.62 34.77 -53.22
N ASP I 112 19.52 35.66 -52.78
CA ASP I 112 19.48 37.04 -53.22
C ASP I 112 19.87 37.18 -54.69
N ASP I 113 20.80 36.36 -55.14
CA ASP I 113 21.38 36.48 -56.47
C ASP I 113 20.78 35.52 -57.48
N GLY I 114 19.66 34.89 -57.16
CA GLY I 114 19.00 34.00 -58.10
C GLY I 114 19.51 32.58 -58.10
N CYS I 115 20.55 32.28 -57.34
CA CYS I 115 20.97 30.90 -57.18
C CYS I 115 19.96 30.16 -56.31
N TRP I 116 19.56 28.97 -56.75
CA TRP I 116 18.50 28.21 -56.09
C TRP I 116 19.13 27.19 -55.16
N ASP I 117 19.12 27.48 -53.87
CA ASP I 117 19.63 26.54 -52.88
C ASP I 117 18.66 25.37 -52.74
N VAL I 118 19.21 24.17 -52.61
CA VAL I 118 18.44 22.98 -52.29
C VAL I 118 19.06 22.41 -51.01
N VAL I 119 18.29 22.39 -49.94
CA VAL I 119 18.82 22.06 -48.62
C VAL I 119 18.11 20.80 -48.14
N PRO I 120 18.74 19.63 -48.20
CA PRO I 120 18.16 18.44 -47.58
C PRO I 120 18.50 18.38 -46.09
N CYS I 121 17.51 17.98 -45.30
CA CYS I 121 17.69 17.94 -43.86
C CYS I 121 18.14 16.58 -43.36
N GLN I 122 18.41 15.62 -44.25
CA GLN I 122 18.82 14.29 -43.87
C GLN I 122 19.95 13.83 -44.78
N ARG I 123 20.75 12.89 -44.27
CA ARG I 123 21.83 12.34 -45.05
C ARG I 123 21.29 11.30 -46.02
N PRO I 124 21.52 11.46 -47.32
CA PRO I 124 21.08 10.42 -48.27
C PRO I 124 21.88 9.14 -48.10
N ALA I 125 21.33 8.05 -48.63
CA ALA I 125 21.98 6.75 -48.56
C ALA I 125 23.21 6.69 -49.45
N ALA I 136 32.66 20.90 -39.73
CA ALA I 136 32.71 21.40 -38.35
C ALA I 136 31.33 21.82 -37.89
N ARG I 137 31.29 22.52 -36.76
CA ARG I 137 30.03 23.01 -36.21
C ARG I 137 29.49 24.11 -37.11
N PHE I 138 28.33 23.89 -37.71
CA PHE I 138 27.66 24.97 -38.43
C PHE I 138 27.27 26.08 -37.49
N PHE I 139 26.56 25.74 -36.41
CA PHE I 139 26.23 26.70 -35.37
C PHE I 139 27.39 26.69 -34.37
N ASP I 140 28.45 27.42 -34.74
CA ASP I 140 29.68 27.39 -33.97
C ASP I 140 29.53 28.06 -32.60
N GLU I 141 28.70 29.08 -32.50
CA GLU I 141 28.47 29.78 -31.24
C GLU I 141 27.21 29.22 -30.60
N VAL I 142 27.38 28.44 -29.54
CA VAL I 142 26.27 27.88 -28.78
C VAL I 142 26.37 28.39 -27.35
N ARG I 143 25.27 28.90 -26.82
CA ARG I 143 25.30 29.48 -25.49
C ARG I 143 24.06 29.05 -24.72
N GLY I 144 24.25 28.70 -23.44
CA GLY I 144 23.18 28.23 -22.59
C GLY I 144 23.18 26.73 -22.38
N LEU I 145 23.88 25.98 -23.21
CA LEU I 145 24.01 24.54 -23.07
C LEU I 145 25.39 24.12 -22.58
N ASP I 146 26.44 24.68 -23.19
CA ASP I 146 27.80 24.36 -22.77
C ASP I 146 28.08 24.81 -21.36
N THR I 147 27.37 25.83 -20.89
CA THR I 147 27.44 26.21 -19.50
C THR I 147 26.83 25.13 -18.63
N ASP I 148 27.23 25.11 -17.36
CA ASP I 148 26.58 24.27 -16.37
C ASP I 148 25.52 25.05 -15.61
N GLU I 149 24.84 25.98 -16.29
CA GLU I 149 23.78 26.77 -15.70
C GLU I 149 22.46 26.02 -15.79
N ARG I 150 22.41 24.88 -15.12
CA ARG I 150 21.24 23.99 -15.16
C ARG I 150 20.20 24.50 -14.18
N SER I 151 19.55 25.60 -14.57
CA SER I 151 18.52 26.19 -13.74
C SER I 151 17.30 25.29 -13.67
N SER I 152 16.70 25.24 -12.48
CA SER I 152 15.44 24.53 -12.28
C SER I 152 14.26 25.49 -12.19
N GLU I 153 14.43 26.73 -12.65
CA GLU I 153 13.36 27.71 -12.58
C GLU I 153 12.25 27.36 -13.55
N SER I 154 11.02 27.63 -13.15
CA SER I 154 9.89 27.25 -13.97
C SER I 154 9.66 28.27 -15.08
N GLY I 155 8.81 27.90 -16.03
CA GLY I 155 8.38 28.79 -17.08
C GLY I 155 8.87 28.39 -18.45
N MET I 156 8.87 29.37 -19.35
CA MET I 156 9.21 29.18 -20.75
C MET I 156 10.72 29.18 -20.93
N VAL I 157 11.16 28.77 -22.11
CA VAL I 157 12.57 28.82 -22.50
C VAL I 157 12.66 29.51 -23.85
N ALA I 158 13.44 30.57 -23.94
CA ALA I 158 13.63 31.28 -25.18
C ALA I 158 14.80 30.66 -25.93
N VAL I 159 14.61 30.44 -27.24
CA VAL I 159 15.64 29.88 -28.09
C VAL I 159 15.87 30.85 -29.22
N TRP I 160 17.13 31.23 -29.43
CA TRP I 160 17.49 32.18 -30.47
C TRP I 160 18.30 31.43 -31.52
N VAL I 161 17.69 31.17 -32.67
CA VAL I 161 18.38 30.55 -33.79
C VAL I 161 18.48 31.58 -34.90
N SER I 162 19.70 31.82 -35.37
CA SER I 162 19.89 32.85 -36.37
C SER I 162 21.17 32.59 -37.15
N THR I 163 21.25 33.23 -38.31
CA THR I 163 22.49 33.32 -39.06
C THR I 163 22.94 34.75 -39.29
N GLN I 164 22.09 35.74 -39.00
CA GLN I 164 22.43 37.13 -39.26
C GLN I 164 22.60 37.93 -37.98
N ARG I 165 21.56 37.99 -37.16
CA ARG I 165 21.50 38.90 -36.03
C ARG I 165 21.94 38.16 -34.79
N ASP I 166 22.89 38.74 -34.07
CA ASP I 166 23.32 38.15 -32.81
C ASP I 166 22.22 38.33 -31.76
N VAL I 167 22.29 37.51 -30.72
CA VAL I 167 21.19 37.38 -29.77
C VAL I 167 21.07 38.67 -28.95
N ASP I 168 19.84 39.15 -28.82
CA ASP I 168 19.52 40.32 -28.01
C ASP I 168 18.54 39.87 -26.94
N ARG I 169 19.01 39.84 -25.70
CA ARG I 169 18.17 39.37 -24.60
C ARG I 169 17.01 40.32 -24.33
N GLY I 170 17.23 41.61 -24.59
CA GLY I 170 16.21 42.60 -24.30
C GLY I 170 14.95 42.41 -25.14
N LEU I 171 15.11 42.09 -26.42
CA LEU I 171 13.95 41.86 -27.29
C LEU I 171 13.17 40.63 -26.86
N LEU I 172 13.86 39.56 -26.50
CA LEU I 172 13.19 38.33 -26.08
C LEU I 172 12.41 38.54 -24.81
N ARG I 173 13.04 39.14 -23.80
CA ARG I 173 12.32 39.39 -22.56
C ARG I 173 11.24 40.45 -22.73
N ALA I 174 11.41 41.37 -23.69
CA ALA I 174 10.37 42.34 -23.99
C ALA I 174 9.14 41.67 -24.56
N PHE I 175 9.32 40.78 -25.52
CA PHE I 175 8.18 40.06 -26.09
C PHE I 175 7.51 39.19 -25.05
N ALA I 176 8.31 38.54 -24.20
CA ALA I 176 7.75 37.63 -23.21
C ALA I 176 6.97 38.39 -22.14
N ARG I 177 7.45 39.54 -21.71
CA ARG I 177 6.69 40.33 -20.75
C ARG I 177 5.48 40.98 -21.40
N ALA I 178 5.58 41.33 -22.68
CA ALA I 178 4.42 41.87 -23.39
C ALA I 178 3.32 40.84 -23.50
N ARG I 179 3.68 39.58 -23.73
CA ARG I 179 2.67 38.52 -23.76
C ARG I 179 2.11 38.23 -22.37
N GLY I 180 2.80 38.63 -21.31
CA GLY I 180 2.32 38.47 -19.96
C GLY I 180 2.92 37.30 -19.20
N ASP I 181 3.55 36.36 -19.90
CA ASP I 181 4.19 35.21 -19.25
C ASP I 181 5.44 35.70 -18.54
N ARG I 182 5.31 35.97 -17.25
CA ARG I 182 6.35 36.64 -16.46
C ARG I 182 7.45 35.67 -16.04
N ASP I 183 8.01 34.93 -16.98
CA ASP I 183 8.89 33.82 -16.65
C ASP I 183 9.69 33.33 -17.84
N LEU I 184 11.01 33.23 -17.67
CA LEU I 184 11.90 32.54 -18.59
C LEU I 184 12.79 31.65 -17.76
N ALA I 185 12.91 30.39 -18.14
CA ALA I 185 13.86 29.53 -17.45
C ALA I 185 15.28 29.84 -17.85
N GLY I 186 15.47 30.42 -19.03
CA GLY I 186 16.81 30.72 -19.51
C GLY I 186 16.75 31.14 -20.97
N ILE I 187 17.92 31.48 -21.49
CA ILE I 187 18.06 31.91 -22.87
C ILE I 187 19.06 31.00 -23.57
N VAL I 188 18.71 30.57 -24.77
CA VAL I 188 19.55 29.70 -25.59
C VAL I 188 19.76 30.35 -26.94
N SER I 189 21.01 30.45 -27.36
CA SER I 189 21.34 31.07 -28.64
C SER I 189 22.23 30.14 -29.46
N LEU I 190 22.00 30.13 -30.76
CA LEU I 190 22.74 29.28 -31.70
C LEU I 190 23.16 30.07 -32.92
N ARG I 191 23.78 31.22 -32.71
CA ARG I 191 24.16 32.07 -33.83
C ARG I 191 25.31 31.42 -34.58
N ALA I 192 25.24 31.46 -35.90
CA ALA I 192 26.20 30.78 -36.77
C ALA I 192 27.10 31.83 -37.40
N ARG I 193 28.29 32.00 -36.84
CA ARG I 193 29.20 33.02 -37.32
C ARG I 193 29.74 32.65 -38.71
N PRO I 194 29.89 33.62 -39.60
CA PRO I 194 30.47 33.33 -40.91
C PRO I 194 31.95 32.98 -40.79
N ALA I 195 32.44 32.27 -41.80
CA ALA I 195 33.84 31.89 -41.86
C ALA I 195 34.71 33.11 -42.13
N ALA I 196 36.02 32.93 -41.99
CA ALA I 196 36.96 34.02 -42.16
C ALA I 196 37.11 34.38 -43.62
N GLY I 197 37.02 35.68 -43.92
CA GLY I 197 37.32 36.19 -45.25
C GLY I 197 36.23 36.02 -46.29
N ASP I 198 35.09 35.45 -45.92
CA ASP I 198 34.01 35.30 -46.88
C ASP I 198 33.36 36.65 -47.17
N ASP I 199 32.85 36.79 -48.40
CA ASP I 199 32.30 38.06 -48.86
C ASP I 199 30.94 38.38 -48.22
N THR I 200 30.29 37.41 -47.58
CA THR I 200 28.93 37.59 -47.08
C THR I 200 28.85 38.53 -45.90
N GLY I 201 29.98 38.83 -45.23
CA GLY I 201 29.94 39.75 -44.13
C GLY I 201 29.49 39.12 -42.84
N ASP I 202 28.27 39.43 -42.41
CA ASP I 202 27.80 39.05 -41.08
C ASP I 202 26.83 37.88 -41.12
N MET I 203 26.54 37.33 -42.30
CA MET I 203 25.66 36.18 -42.43
C MET I 203 26.44 35.00 -42.97
N ARG I 204 25.99 33.81 -42.63
CA ARG I 204 26.59 32.58 -43.15
C ARG I 204 25.63 31.92 -44.13
N LEU I 205 26.16 31.52 -45.28
CA LEU I 205 25.33 30.88 -46.29
C LEU I 205 24.95 29.47 -45.85
N LEU I 206 23.69 29.12 -46.03
CA LEU I 206 23.18 27.80 -45.70
C LEU I 206 22.97 27.06 -47.01
N GLU I 207 23.96 26.25 -47.38
CA GLU I 207 23.96 25.52 -48.64
C GLU I 207 23.60 24.06 -48.37
N GLY I 208 23.27 23.32 -49.43
CA GLY I 208 22.97 21.91 -49.31
C GLY I 208 24.15 21.06 -48.86
N ALA I 209 25.37 21.60 -48.89
CA ALA I 209 26.51 20.85 -48.39
C ALA I 209 26.47 20.70 -46.88
N ASP I 210 26.21 21.80 -46.17
CA ASP I 210 26.14 21.77 -44.71
C ASP I 210 24.70 21.80 -44.20
N GLY I 211 23.75 21.33 -45.00
CA GLY I 211 22.38 21.18 -44.58
C GLY I 211 22.18 20.18 -43.46
N PRO I 212 22.45 18.89 -43.73
CA PRO I 212 22.22 17.86 -42.71
C PRO I 212 23.01 18.05 -41.44
N ASP I 213 24.23 18.60 -41.52
CA ASP I 213 24.98 18.86 -40.30
C ASP I 213 24.31 19.90 -39.43
N ALA I 214 23.79 20.96 -40.06
CA ALA I 214 23.05 21.97 -39.30
C ALA I 214 21.78 21.40 -38.72
N ALA I 215 21.08 20.54 -39.47
CA ALA I 215 19.88 19.91 -38.96
C ALA I 215 20.19 19.02 -37.75
N ARG I 216 21.27 18.26 -37.83
CA ARG I 216 21.67 17.40 -36.73
C ARG I 216 22.05 18.21 -35.50
N GLU I 217 22.76 19.34 -35.71
CA GLU I 217 23.11 20.21 -34.59
C GLU I 217 21.86 20.77 -33.92
N LEU I 218 20.88 21.16 -34.74
CA LEU I 218 19.62 21.67 -34.18
C LEU I 218 18.90 20.60 -33.39
N VAL I 219 18.88 19.36 -33.89
CA VAL I 219 18.22 18.27 -33.19
C VAL I 219 18.90 17.99 -31.86
N ASN I 220 20.25 17.98 -31.86
CA ASN I 220 20.97 17.75 -30.61
C ASN I 220 20.72 18.86 -29.61
N CYS I 221 20.67 20.11 -30.07
CA CYS I 221 20.36 21.21 -29.16
C CYS I 221 18.98 21.07 -28.56
N PHE I 222 17.97 20.81 -29.39
CA PHE I 222 16.61 20.74 -28.87
C PHE I 222 16.33 19.46 -28.11
N ARG I 223 17.18 18.46 -28.23
CA ARG I 223 17.07 17.28 -27.37
C ARG I 223 17.83 17.44 -26.07
N SER I 224 18.85 18.29 -26.04
CA SER I 224 19.57 18.57 -24.81
C SER I 224 19.01 19.75 -24.03
N ILE I 225 17.99 20.44 -24.57
CA ILE I 225 17.28 21.43 -23.77
C ILE I 225 16.66 20.85 -22.50
N PRO I 226 15.83 19.80 -22.54
CA PRO I 226 15.12 19.40 -21.30
C PRO I 226 16.01 18.81 -20.23
N ASN I 227 17.21 18.35 -20.56
CA ASN I 227 18.15 17.98 -19.51
C ASN I 227 18.72 19.23 -18.83
N GLN I 228 18.95 20.29 -19.60
CA GLN I 228 19.55 21.49 -19.02
C GLN I 228 18.55 22.25 -18.17
N TYR I 229 17.32 22.43 -18.66
CA TYR I 229 16.27 23.15 -17.95
C TYR I 229 15.16 22.16 -17.65
N PRO I 230 15.29 21.38 -16.57
CA PRO I 230 14.40 20.26 -16.35
C PRO I 230 12.98 20.68 -16.01
N ARG I 231 12.84 21.63 -15.11
CA ARG I 231 11.52 22.07 -14.68
C ARG I 231 11.02 23.25 -15.49
N SER I 232 11.10 23.15 -16.80
CA SER I 232 10.60 24.19 -17.68
C SER I 232 9.25 23.77 -18.24
N SER I 233 8.61 24.69 -18.97
CA SER I 233 7.24 24.48 -19.43
C SER I 233 7.15 24.35 -20.94
N GLY I 234 7.60 25.36 -21.69
CA GLY I 234 7.43 25.34 -23.12
C GLY I 234 8.62 25.89 -23.86
N LEU I 235 8.39 26.36 -25.09
CA LEU I 235 9.48 26.89 -25.89
C LEU I 235 9.03 28.20 -26.53
N MET I 236 10.02 29.06 -26.82
CA MET I 236 9.80 30.31 -27.53
C MET I 236 10.93 30.44 -28.54
N VAL I 237 10.64 30.10 -29.79
CA VAL I 237 11.66 29.94 -30.82
C VAL I 237 11.65 31.17 -31.71
N PHE I 238 12.82 31.79 -31.85
CA PHE I 238 12.96 33.04 -32.61
C PHE I 238 13.87 32.77 -33.79
N VAL I 239 13.29 32.29 -34.88
CA VAL I 239 14.06 31.98 -36.08
C VAL I 239 14.37 33.29 -36.80
N SER I 240 15.63 33.47 -37.21
CA SER I 240 16.04 34.68 -37.93
C SER I 240 17.03 34.28 -39.03
N GLY I 241 16.51 34.04 -40.22
CA GLY I 241 17.33 33.62 -41.33
C GLY I 241 16.50 33.20 -42.52
N PRO I 242 17.07 32.34 -43.36
CA PRO I 242 16.32 31.84 -44.52
C PRO I 242 15.27 30.82 -44.10
N VAL I 243 14.35 30.55 -45.02
CA VAL I 243 13.26 29.64 -44.72
C VAL I 243 13.72 28.20 -44.57
N THR I 244 14.86 27.85 -45.17
CA THR I 244 15.40 26.51 -44.99
C THR I 244 15.75 26.26 -43.52
N LEU I 245 16.34 27.28 -42.89
CA LEU I 245 16.63 27.19 -41.46
C LEU I 245 15.34 27.07 -40.65
N ALA I 246 14.28 27.76 -41.07
CA ALA I 246 13.02 27.67 -40.36
C ALA I 246 12.42 26.27 -40.45
N ALA I 247 12.51 25.65 -41.63
CA ALA I 247 12.02 24.29 -41.78
C ALA I 247 12.83 23.31 -40.95
N MET I 248 14.16 23.50 -40.90
CA MET I 248 14.99 22.62 -40.08
C MET I 248 14.67 22.77 -38.61
N VAL I 249 14.47 24.01 -38.15
CA VAL I 249 14.14 24.27 -36.76
C VAL I 249 12.80 23.64 -36.40
N GLY I 250 11.82 23.77 -37.30
CA GLY I 250 10.55 23.11 -37.07
C GLY I 250 10.68 21.61 -37.02
N ARG I 251 11.57 21.04 -37.82
CA ARG I 251 11.83 19.61 -37.75
C ARG I 251 12.38 19.22 -36.39
N ALA I 252 13.27 20.03 -35.84
CA ALA I 252 13.98 19.63 -34.63
C ALA I 252 13.08 19.59 -33.39
N ILE I 253 11.99 20.33 -33.39
CA ILE I 253 11.16 20.45 -32.19
C ILE I 253 10.19 19.28 -32.12
N ASN I 254 10.08 18.68 -30.93
CA ASN I 254 9.13 17.62 -30.68
C ASN I 254 8.05 18.15 -29.73
N PRO I 255 6.81 18.33 -30.18
CA PRO I 255 5.81 19.00 -29.34
C PRO I 255 5.41 18.21 -28.11
N ARG I 256 5.57 16.89 -28.14
CA ARG I 256 5.25 16.05 -27.00
C ARG I 256 6.23 16.23 -25.87
N ILE I 257 7.51 16.41 -26.18
CA ILE I 257 8.52 16.62 -25.15
C ILE I 257 8.31 17.98 -24.49
N HIS I 258 8.21 19.03 -25.30
CA HIS I 258 8.20 20.39 -24.78
C HIS I 258 6.79 20.85 -24.43
N GLY I 259 5.89 20.84 -25.39
CA GLY I 259 4.53 21.25 -25.15
C GLY I 259 4.15 22.48 -25.94
N PRO I 260 3.86 23.57 -25.25
CA PRO I 260 3.52 24.82 -25.94
C PRO I 260 4.74 25.41 -26.63
N VAL I 261 4.67 25.55 -27.95
CA VAL I 261 5.76 26.06 -28.77
C VAL I 261 5.27 27.30 -29.48
N TRP I 262 6.03 28.38 -29.41
CA TRP I 262 5.65 29.66 -29.98
C TRP I 262 6.68 30.09 -31.03
N TRP I 263 6.20 30.69 -32.11
CA TRP I 263 7.06 31.25 -33.15
C TRP I 263 6.66 32.70 -33.39
N PRO I 264 7.24 33.64 -32.67
CA PRO I 264 6.93 35.04 -32.89
C PRO I 264 7.41 35.52 -34.24
N TYR I 265 6.72 36.51 -34.78
CA TYR I 265 7.03 37.08 -36.08
C TYR I 265 7.67 38.44 -35.90
N PHE I 266 8.70 38.71 -36.69
CA PHE I 266 9.44 39.96 -36.61
C PHE I 266 8.80 40.98 -37.52
N ARG I 267 8.46 42.14 -36.97
CA ARG I 267 7.85 43.20 -37.76
C ARG I 267 8.14 44.54 -37.10
N GLY I 268 8.77 45.43 -37.86
CA GLY I 268 9.00 46.77 -37.36
C GLY I 268 10.03 46.88 -36.27
N GLY I 269 10.88 45.88 -36.11
CA GLY I 269 11.91 45.92 -35.09
C GLY I 269 11.55 45.26 -33.78
N GLU I 270 10.44 44.52 -33.74
CA GLU I 270 10.06 43.80 -32.53
C GLU I 270 9.27 42.57 -32.94
N TYR I 271 8.94 41.74 -31.97
CA TYR I 271 8.28 40.47 -32.19
C TYR I 271 6.80 40.56 -31.85
N GLU I 272 5.99 39.86 -32.63
CA GLU I 272 4.55 39.80 -32.48
C GLU I 272 4.11 38.35 -32.40
N PRO I 273 3.03 38.06 -31.67
CA PRO I 273 2.56 36.67 -31.56
C PRO I 273 2.00 36.20 -32.89
N ALA I 274 2.61 35.15 -33.45
CA ALA I 274 2.19 34.66 -34.76
C ALA I 274 1.61 33.26 -34.71
N LEU I 275 2.38 32.26 -34.28
CA LEU I 275 1.92 30.88 -34.36
C LEU I 275 2.28 30.15 -33.08
N GLU I 276 1.29 29.43 -32.53
CA GLU I 276 1.49 28.55 -31.39
C GLU I 276 0.83 27.23 -31.73
N TYR I 277 1.48 26.11 -31.43
CA TYR I 277 0.94 24.85 -31.91
C TYR I 277 -0.25 24.37 -31.09
N PRO I 278 -0.21 24.26 -29.76
CA PRO I 278 -1.48 23.95 -29.10
C PRO I 278 -2.32 25.22 -29.01
N TRP I 279 -3.05 25.51 -30.09
CA TRP I 279 -3.68 26.79 -30.36
C TRP I 279 -4.65 27.25 -29.27
N PRO I 280 -4.29 28.26 -28.52
CA PRO I 280 -5.18 28.78 -27.47
C PRO I 280 -6.27 29.66 -28.04
N LEU I 281 -7.39 29.06 -28.44
CA LEU I 281 -8.42 29.76 -29.18
C LEU I 281 -9.07 30.90 -28.39
N ILE I 282 -8.94 30.93 -27.07
CA ILE I 282 -9.20 32.13 -26.29
C ILE I 282 -7.92 32.49 -25.55
N SER I 283 -7.45 33.72 -25.73
CA SER I 283 -6.28 34.22 -25.03
C SER I 283 -6.72 34.86 -23.73
N GLY I 284 -6.17 34.40 -22.61
CA GLY I 284 -6.50 34.93 -21.33
C GLY I 284 -7.90 34.57 -20.90
N PRO I 285 -8.49 35.37 -20.03
CA PRO I 285 -9.84 35.08 -19.54
C PRO I 285 -10.87 35.38 -20.60
N PRO I 286 -11.88 34.53 -20.74
CA PRO I 286 -12.99 34.85 -21.66
C PRO I 286 -13.81 36.01 -21.13
N ARG I 287 -14.41 36.76 -22.05
CA ARG I 287 -15.17 37.95 -21.72
C ARG I 287 -16.61 37.76 -22.17
N ILE I 288 -17.54 37.93 -21.25
CA ILE I 288 -18.96 37.66 -21.48
C ILE I 288 -19.73 38.96 -21.31
N LEU I 289 -20.60 39.27 -22.27
CA LEU I 289 -21.41 40.47 -22.25
C LEU I 289 -22.88 40.08 -22.15
N ILE I 290 -23.58 40.66 -21.19
CA ILE I 290 -25.00 40.40 -20.98
C ILE I 290 -25.77 41.65 -21.37
N ALA I 291 -26.69 41.52 -22.33
CA ALA I 291 -27.47 42.63 -22.84
C ALA I 291 -28.94 42.38 -22.51
N THR I 292 -29.54 43.32 -21.79
CA THR I 292 -30.91 43.13 -21.33
C THR I 292 -31.86 44.12 -22.00
N ALA I 293 -33.09 43.66 -22.24
CA ALA I 293 -34.17 44.48 -22.75
C ALA I 293 -35.48 43.76 -22.44
N ASN I 294 -36.54 44.54 -22.27
CA ASN I 294 -37.87 43.97 -22.05
C ASN I 294 -38.91 45.00 -22.47
N ALA I 295 -40.18 44.65 -22.25
CA ALA I 295 -41.39 45.41 -22.58
C ALA I 295 -41.42 45.95 -24.00
N PRO I 296 -41.56 45.09 -25.04
CA PRO I 296 -41.77 45.62 -26.38
C PRO I 296 -43.24 45.89 -26.70
N GLU I 297 -43.96 46.50 -25.76
CA GLU I 297 -45.28 47.11 -25.92
C GLU I 297 -46.40 46.11 -26.23
N GLY I 298 -46.06 44.84 -26.44
CA GLY I 298 -47.05 43.82 -26.71
C GLY I 298 -46.61 42.49 -26.16
N GLU I 299 -45.75 42.55 -25.16
CA GLU I 299 -45.08 41.37 -24.60
C GLU I 299 -46.06 40.47 -23.86
N ASN I 300 -45.73 39.19 -23.84
CA ASN I 300 -46.33 38.29 -22.86
C ASN I 300 -45.93 38.77 -21.47
N PRO I 301 -46.85 38.71 -20.47
CA PRO I 301 -47.01 39.81 -19.49
C PRO I 301 -45.74 40.48 -18.96
N THR I 302 -44.84 39.71 -18.35
CA THR I 302 -43.58 40.26 -17.88
C THR I 302 -42.48 39.23 -18.11
N LEU I 303 -41.42 39.65 -18.78
CA LEU I 303 -40.19 38.87 -18.83
C LEU I 303 -39.38 39.26 -17.60
N ASP I 304 -39.27 38.34 -16.65
CA ASP I 304 -38.49 38.66 -15.46
C ASP I 304 -37.01 38.61 -15.79
N VAL I 305 -36.49 39.72 -16.31
CA VAL I 305 -35.06 39.85 -16.61
C VAL I 305 -34.28 39.80 -15.31
N GLU I 306 -34.93 40.21 -14.21
CA GLU I 306 -34.26 40.18 -12.92
C GLU I 306 -33.98 38.75 -12.48
N ALA I 307 -34.94 37.85 -12.68
CA ALA I 307 -34.73 36.45 -12.34
C ALA I 307 -33.68 35.81 -13.23
N GLU I 308 -33.68 36.13 -14.52
CA GLU I 308 -32.66 35.59 -15.42
C GLU I 308 -31.28 36.08 -15.03
N LEU I 309 -31.17 37.36 -14.67
CA LEU I 309 -29.88 37.85 -14.19
C LEU I 309 -29.51 37.25 -12.84
N LYS I 310 -30.49 36.95 -11.99
CA LYS I 310 -30.18 36.24 -10.75
C LYS I 310 -29.58 34.87 -11.04
N HIS I 311 -30.17 34.15 -12.00
CA HIS I 311 -29.66 32.84 -12.36
C HIS I 311 -28.26 32.92 -13.00
N LEU I 312 -28.09 33.83 -13.95
CA LEU I 312 -26.80 33.98 -14.62
C LEU I 312 -25.71 34.50 -13.67
N GLU I 313 -26.08 35.33 -12.68
CA GLU I 313 -25.06 35.81 -11.77
C GLU I 313 -24.78 34.83 -10.66
N GLU I 314 -25.76 34.01 -10.27
CA GLU I 314 -25.47 32.99 -9.28
C GLU I 314 -24.67 31.85 -9.90
N ALA I 315 -24.80 31.64 -11.21
CA ALA I 315 -23.95 30.67 -11.90
C ALA I 315 -22.69 31.34 -12.45
N LEU I 316 -22.59 32.65 -12.39
CA LEU I 316 -21.48 33.40 -12.98
C LEU I 316 -20.86 34.39 -11.99
N ALA I 317 -20.77 34.03 -10.72
CA ALA I 317 -19.98 34.78 -9.74
C ALA I 317 -19.50 33.86 -8.64
N GLU I 318 -18.23 33.46 -8.68
CA GLU I 318 -17.36 33.16 -7.55
C GLU I 318 -16.13 34.03 -7.70
N PRO I 319 -15.45 34.38 -6.59
CA PRO I 319 -14.27 35.26 -6.71
C PRO I 319 -13.18 34.70 -7.61
N ARG I 320 -12.95 33.39 -7.59
CA ARG I 320 -11.94 32.81 -8.47
C ARG I 320 -12.37 32.76 -9.95
N LYS I 321 -13.65 32.51 -10.25
CA LYS I 321 -14.05 32.48 -11.66
C LYS I 321 -14.51 33.85 -12.16
N ARG I 322 -14.83 34.77 -11.24
CA ARG I 322 -14.75 36.18 -11.62
C ARG I 322 -13.30 36.62 -11.83
N LYS I 323 -12.34 35.91 -11.25
CA LYS I 323 -10.96 36.12 -11.64
C LYS I 323 -10.67 35.47 -12.99
N LEU I 324 -11.36 34.38 -13.30
CA LEU I 324 -11.19 33.67 -14.57
C LEU I 324 -12.06 34.22 -15.70
N CYS I 325 -13.01 35.09 -15.42
CA CYS I 325 -13.80 35.68 -16.50
C CYS I 325 -14.34 37.04 -16.05
N GLU I 326 -14.54 37.92 -17.03
CA GLU I 326 -15.08 39.26 -16.81
C GLU I 326 -16.51 39.27 -17.32
N VAL I 327 -17.46 39.47 -16.42
CA VAL I 327 -18.87 39.49 -16.77
C VAL I 327 -19.31 40.94 -16.69
N GLN I 328 -19.31 41.62 -17.82
CA GLN I 328 -19.89 42.95 -17.90
C GLN I 328 -21.31 42.86 -18.45
N ARG I 329 -22.25 43.42 -17.71
CA ARG I 329 -23.63 43.44 -18.13
C ARG I 329 -23.97 44.82 -18.68
N CYS I 330 -25.02 44.87 -19.47
CA CYS I 330 -25.57 46.14 -19.99
C CYS I 330 -27.04 46.18 -19.64
N PRO I 331 -27.37 46.54 -18.38
CA PRO I 331 -28.77 46.50 -17.94
C PRO I 331 -29.62 47.53 -18.68
N ALA I 332 -30.69 47.04 -19.34
CA ALA I 332 -31.61 47.85 -20.13
C ALA I 332 -30.85 48.61 -21.20
N ALA I 333 -30.23 47.90 -22.13
CA ALA I 333 -29.28 48.49 -23.05
C ALA I 333 -30.01 49.05 -24.28
N THR I 334 -29.31 49.90 -25.03
CA THR I 334 -29.83 50.46 -26.28
C THR I 334 -28.92 49.99 -27.41
N VAL I 335 -29.19 50.51 -28.61
CA VAL I 335 -28.32 50.23 -29.76
C VAL I 335 -26.93 50.80 -29.51
N SER I 336 -26.88 52.06 -29.07
CA SER I 336 -25.60 52.72 -28.83
C SER I 336 -24.83 52.06 -27.69
N ASP I 337 -25.54 51.62 -26.67
CA ASP I 337 -24.90 50.96 -25.54
C ASP I 337 -24.25 49.64 -25.96
N ILE I 338 -24.94 48.86 -26.80
CA ILE I 338 -24.37 47.59 -27.25
C ILE I 338 -23.20 47.83 -28.20
N THR I 339 -23.31 48.83 -29.08
CA THR I 339 -22.18 49.11 -29.96
C THR I 339 -20.96 49.57 -29.17
N SER I 340 -21.16 50.40 -28.15
CA SER I 340 -20.05 50.80 -27.28
C SER I 340 -19.48 49.63 -26.51
N ALA I 341 -20.32 48.73 -25.99
CA ALA I 341 -19.83 47.56 -25.28
C ALA I 341 -19.03 46.64 -26.20
N LEU I 342 -19.51 46.41 -27.41
CA LEU I 342 -18.80 45.59 -28.37
C LEU I 342 -17.52 46.25 -28.87
N ARG I 343 -17.46 47.58 -28.87
CA ARG I 343 -16.29 48.28 -29.34
C ARG I 343 -15.31 48.63 -28.23
N SER I 344 -15.67 48.43 -26.98
CA SER I 344 -14.76 48.67 -25.86
C SER I 344 -14.39 47.41 -25.09
N PHE I 345 -15.38 46.63 -24.67
CA PHE I 345 -15.16 45.42 -23.88
C PHE I 345 -14.53 44.31 -24.69
N LYS I 346 -14.82 44.25 -26.00
CA LYS I 346 -14.37 43.23 -26.94
C LYS I 346 -14.70 41.83 -26.44
N PRO I 347 -15.97 41.48 -26.27
CA PRO I 347 -16.30 40.22 -25.60
C PRO I 347 -16.15 39.03 -26.51
N HIS I 348 -16.04 37.85 -25.89
CA HIS I 348 -16.08 36.59 -26.63
C HIS I 348 -17.44 35.92 -26.60
N ILE I 349 -18.27 36.24 -25.62
CA ILE I 349 -19.59 35.64 -25.49
C ILE I 349 -20.62 36.75 -25.39
N LEU I 350 -21.58 36.75 -26.31
CA LEU I 350 -22.67 37.71 -26.32
C LEU I 350 -23.93 36.96 -25.92
N HIS I 351 -24.51 37.34 -24.78
CA HIS I 351 -25.70 36.67 -24.27
C HIS I 351 -26.82 37.71 -24.17
N PHE I 352 -27.60 37.81 -25.24
CA PHE I 352 -28.72 38.75 -25.22
C PHE I 352 -29.93 38.13 -24.54
N ILE I 353 -30.55 38.89 -23.64
CA ILE I 353 -31.79 38.50 -23.00
C ILE I 353 -32.86 39.54 -23.32
N GLY I 354 -34.00 39.08 -23.80
CA GLY I 354 -35.03 40.00 -24.23
C GLY I 354 -36.06 39.28 -25.07
N HIS I 355 -36.96 40.06 -25.68
CA HIS I 355 -38.00 39.48 -26.53
C HIS I 355 -37.55 39.44 -27.99
N GLY I 356 -38.47 39.18 -28.89
CA GLY I 356 -38.18 39.18 -30.31
C GLY I 356 -39.27 38.52 -31.12
N THR I 357 -39.41 38.97 -32.38
CA THR I 357 -40.30 38.39 -33.38
C THR I 357 -39.48 37.57 -34.38
N ALA I 358 -40.11 37.16 -35.48
CA ALA I 358 -39.46 36.42 -36.55
C ALA I 358 -38.29 37.19 -37.11
N LEU I 359 -38.49 38.47 -37.37
CA LEU I 359 -37.40 39.43 -37.41
C LEU I 359 -37.18 39.88 -35.97
N GLY I 360 -35.94 39.91 -35.54
CA GLY I 360 -35.68 39.63 -34.13
C GLY I 360 -35.72 40.78 -33.17
N VAL I 361 -34.53 41.15 -32.66
CA VAL I 361 -34.33 41.86 -31.41
C VAL I 361 -35.15 43.13 -31.24
N TYR I 362 -35.80 43.26 -30.08
CA TYR I 362 -36.45 44.50 -29.66
C TYR I 362 -35.62 45.10 -28.54
N LEU I 363 -34.65 45.91 -28.91
CA LEU I 363 -33.86 46.61 -27.91
C LEU I 363 -34.69 47.69 -27.24
N ARG I 364 -34.29 48.06 -26.03
CA ARG I 364 -34.85 49.25 -25.41
C ARG I 364 -34.45 50.46 -26.23
N SER I 365 -35.43 51.29 -26.54
CA SER I 365 -35.30 52.32 -27.55
C SER I 365 -34.53 53.52 -26.99
N ALA I 366 -34.64 54.63 -27.72
CA ALA I 366 -34.09 55.92 -27.32
C ALA I 366 -34.96 56.54 -26.24
N GLU I 367 -34.90 57.87 -26.09
CA GLU I 367 -35.47 58.58 -24.94
C GLU I 367 -36.94 58.22 -24.69
N HIS I 368 -37.67 57.81 -25.73
CA HIS I 368 -38.97 57.19 -25.52
C HIS I 368 -38.77 55.76 -25.04
N ASP I 369 -38.99 55.53 -23.73
CA ASP I 369 -38.71 54.23 -23.13
C ASP I 369 -39.68 53.18 -23.62
N GLY I 370 -39.19 52.26 -24.45
CA GLY I 370 -40.02 51.28 -25.11
C GLY I 370 -39.17 50.35 -25.93
N ALA I 371 -39.59 50.06 -27.17
CA ALA I 371 -38.83 49.14 -28.01
C ALA I 371 -38.46 49.84 -29.30
N GLN I 372 -37.18 49.78 -29.64
CA GLN I 372 -36.71 50.08 -30.99
C GLN I 372 -36.51 48.74 -31.66
N PHE I 373 -37.45 48.38 -32.54
CA PHE I 373 -37.38 47.07 -33.18
C PHE I 373 -36.23 47.05 -34.17
N VAL I 374 -35.16 46.35 -33.82
CA VAL I 374 -33.98 46.25 -34.67
C VAL I 374 -34.05 44.95 -35.44
N ARG I 375 -33.95 45.03 -36.76
CA ARG I 375 -34.10 43.86 -37.60
C ARG I 375 -32.88 42.94 -37.47
N GLY I 376 -33.04 41.73 -38.00
CA GLY I 376 -31.96 40.75 -37.91
C GLY I 376 -30.74 41.15 -38.71
N GLU I 377 -30.95 41.73 -39.89
CA GLU I 377 -29.81 42.14 -40.71
C GLU I 377 -29.05 43.30 -40.07
N ASP I 378 -29.75 44.18 -39.33
CA ASP I 378 -29.06 45.28 -38.68
C ASP I 378 -28.23 44.79 -37.49
N PHE I 379 -28.76 43.84 -36.73
CA PHE I 379 -28.00 43.24 -35.64
C PHE I 379 -26.79 42.47 -36.17
N GLN I 380 -26.98 41.73 -37.27
CA GLN I 380 -25.88 41.00 -37.87
C GLN I 380 -24.81 41.95 -38.41
N GLN I 381 -25.24 43.06 -39.01
CA GLN I 381 -24.29 44.06 -39.48
C GLN I 381 -23.60 44.75 -38.31
N MET I 382 -24.29 44.90 -37.19
CA MET I 382 -23.67 45.45 -35.98
C MET I 382 -22.54 44.54 -35.50
N ILE I 383 -22.80 43.22 -35.47
CA ILE I 383 -21.77 42.28 -35.05
C ILE I 383 -20.61 42.28 -36.03
N ALA I 384 -20.90 42.28 -37.34
CA ALA I 384 -19.85 42.26 -38.34
C ALA I 384 -19.01 43.52 -38.28
N THR I 385 -19.64 44.67 -38.03
CA THR I 385 -18.90 45.91 -37.87
C THR I 385 -18.04 45.89 -36.62
N SER I 386 -18.55 45.31 -35.53
CA SER I 386 -17.72 45.16 -34.35
C SER I 386 -16.60 44.15 -34.53
N LEU I 387 -16.69 43.29 -35.53
CA LEU I 387 -15.64 42.31 -35.81
C LEU I 387 -14.65 42.79 -36.88
N ARG I 388 -14.46 44.10 -37.02
CA ARG I 388 -13.48 44.61 -37.96
C ARG I 388 -12.18 45.06 -37.29
N GLN I 389 -12.20 45.23 -35.97
CA GLN I 389 -10.99 45.63 -35.26
C GLN I 389 -10.00 44.47 -35.22
N LYS I 390 -8.74 44.80 -34.98
CA LYS I 390 -7.68 43.80 -35.00
C LYS I 390 -7.82 42.84 -33.83
N ASP I 391 -7.53 41.57 -34.10
CA ASP I 391 -7.61 40.46 -33.13
C ASP I 391 -8.98 40.37 -32.48
N ARG I 392 -10.02 40.17 -33.28
CA ARG I 392 -11.39 40.10 -32.76
C ARG I 392 -12.10 38.91 -33.36
N GLU I 393 -12.45 37.95 -32.52
CA GLU I 393 -13.31 36.84 -32.89
C GLU I 393 -14.31 36.66 -31.75
N MET I 394 -15.59 36.66 -32.09
CA MET I 394 -16.62 36.33 -31.13
C MET I 394 -17.04 34.88 -31.33
N HIS I 395 -16.90 34.07 -30.27
CA HIS I 395 -17.11 32.64 -30.43
C HIS I 395 -18.54 32.19 -30.21
N LEU I 396 -19.27 32.79 -29.27
CA LEU I 396 -20.57 32.27 -28.89
C LEU I 396 -21.56 33.41 -28.70
N VAL I 397 -22.61 33.43 -29.52
CA VAL I 397 -23.69 34.38 -29.32
C VAL I 397 -24.95 33.62 -28.93
N VAL I 398 -25.41 33.83 -27.70
CA VAL I 398 -26.60 33.17 -27.20
C VAL I 398 -27.76 34.15 -27.29
N LEU I 399 -28.73 33.86 -28.15
CA LEU I 399 -29.88 34.74 -28.34
C LEU I 399 -31.06 34.16 -27.56
N ASN I 400 -31.11 34.49 -26.27
CA ASN I 400 -32.20 34.02 -25.42
C ASN I 400 -33.39 34.95 -25.63
N ALA I 401 -34.10 34.71 -26.73
CA ALA I 401 -35.26 35.53 -27.08
C ALA I 401 -36.35 34.66 -27.69
N CYS I 402 -37.33 35.29 -28.32
CA CYS I 402 -38.48 34.57 -28.86
C CYS I 402 -38.39 34.50 -30.38
N CYS I 403 -38.55 33.29 -30.91
CA CYS I 403 -38.61 33.01 -32.35
C CYS I 403 -37.35 33.47 -33.07
N THR I 404 -36.22 33.43 -32.38
CA THR I 404 -34.96 33.90 -32.94
C THR I 404 -34.16 32.72 -33.49
N HIS I 405 -34.71 32.10 -34.52
CA HIS I 405 -34.07 30.97 -35.16
C HIS I 405 -33.36 31.34 -36.45
N GLU I 406 -33.99 32.20 -37.27
CA GLU I 406 -33.36 32.60 -38.52
C GLU I 406 -32.16 33.51 -38.29
N LEU I 407 -32.25 34.42 -37.33
CA LEU I 407 -31.11 35.27 -37.01
C LEU I 407 -29.94 34.45 -36.49
N ALA I 408 -30.23 33.47 -35.63
CA ALA I 408 -29.18 32.59 -35.13
C ALA I 408 -28.63 31.69 -36.22
N LYS I 409 -29.43 31.37 -37.24
CA LYS I 409 -28.89 30.67 -38.40
C LYS I 409 -27.98 31.57 -39.21
N ALA I 410 -28.35 32.83 -39.37
CA ALA I 410 -27.60 33.72 -40.26
C ALA I 410 -26.40 34.36 -39.56
N LEU I 411 -26.28 34.19 -38.26
CA LEU I 411 -25.09 34.70 -37.57
C LEU I 411 -23.92 33.74 -37.59
N THR I 412 -24.05 32.58 -38.22
CA THR I 412 -23.00 31.57 -38.18
C THR I 412 -21.76 31.94 -38.97
N GLU I 413 -21.89 32.83 -39.97
CA GLU I 413 -20.71 33.19 -40.75
C GLU I 413 -19.93 34.35 -40.12
N GLN I 414 -20.47 34.98 -39.08
CA GLN I 414 -19.72 35.94 -38.29
C GLN I 414 -19.24 35.37 -36.97
N VAL I 415 -20.05 34.53 -36.34
CA VAL I 415 -19.76 33.95 -35.03
C VAL I 415 -19.74 32.44 -35.20
N SER I 416 -18.72 31.80 -34.63
CA SER I 416 -18.45 30.39 -34.86
C SER I 416 -19.58 29.48 -34.40
N CYS I 417 -20.14 29.74 -33.23
CA CYS I 417 -21.25 28.94 -32.72
C CYS I 417 -22.31 29.85 -32.12
N THR I 418 -23.57 29.58 -32.44
CA THR I 418 -24.69 30.38 -31.97
C THR I 418 -25.80 29.48 -31.47
N ILE I 419 -26.55 29.96 -30.48
CA ILE I 419 -27.65 29.23 -29.88
C ILE I 419 -28.89 30.10 -30.01
N GLY I 420 -29.89 29.62 -30.73
CA GLY I 420 -31.11 30.37 -30.91
C GLY I 420 -32.33 29.63 -30.38
N THR I 421 -33.49 30.27 -30.46
CA THR I 421 -34.71 29.72 -29.88
C THR I 421 -35.81 29.64 -30.93
N ASP I 422 -36.69 28.67 -30.73
CA ASP I 422 -37.99 28.66 -31.39
C ASP I 422 -38.98 29.34 -30.45
N ILE I 423 -40.28 29.21 -30.70
CA ILE I 423 -41.25 29.93 -29.87
C ILE I 423 -41.47 29.24 -28.52
N GLU I 424 -40.71 29.68 -27.53
CA GLU I 424 -41.11 29.55 -26.13
C GLU I 424 -41.12 30.97 -25.58
N VAL I 425 -42.30 31.57 -25.49
CA VAL I 425 -42.34 32.93 -24.97
C VAL I 425 -42.56 32.80 -23.46
N TYR I 426 -41.46 32.48 -22.76
CA TYR I 426 -41.29 32.51 -21.31
C TYR I 426 -42.47 31.99 -20.51
N ASP I 427 -42.82 30.73 -20.73
CA ASP I 427 -43.71 29.99 -19.85
C ASP I 427 -42.93 29.26 -18.75
N SER I 428 -41.77 29.79 -18.39
CA SER I 428 -40.86 29.24 -17.37
C SER I 428 -40.46 27.80 -17.70
N ALA I 429 -40.28 27.55 -19.01
CA ALA I 429 -39.73 26.27 -19.47
C ALA I 429 -38.41 26.50 -20.19
N SER I 430 -37.91 27.73 -20.16
CA SER I 430 -36.60 28.06 -20.71
C SER I 430 -35.63 28.60 -19.68
N ILE I 431 -36.09 28.92 -18.47
CA ILE I 431 -35.20 29.38 -17.42
C ILE I 431 -34.23 28.28 -16.99
N HIS I 432 -34.62 27.02 -17.17
CA HIS I 432 -33.75 25.90 -16.82
C HIS I 432 -32.52 25.86 -17.72
N PHE I 433 -32.63 26.40 -18.94
CA PHE I 433 -31.52 26.37 -19.88
C PHE I 433 -30.36 27.23 -19.43
N ALA I 434 -30.63 28.50 -19.17
CA ALA I 434 -29.57 29.48 -18.98
C ALA I 434 -28.79 29.20 -17.70
N ALA I 435 -29.49 28.73 -16.67
CA ALA I 435 -28.81 28.44 -15.41
C ALA I 435 -27.87 27.26 -15.50
N ARG I 436 -28.27 26.18 -16.18
CA ARG I 436 -27.43 25.00 -16.26
C ARG I 436 -26.39 25.05 -17.36
N PHE I 437 -26.66 25.79 -18.43
CA PHE I 437 -25.70 25.86 -19.53
C PHE I 437 -24.40 26.50 -19.09
N TYR I 438 -24.48 27.67 -18.46
CA TYR I 438 -23.26 28.34 -18.02
C TYR I 438 -22.61 27.61 -16.86
N ASP I 439 -23.40 26.91 -16.04
CA ASP I 439 -22.83 26.08 -15.00
C ASP I 439 -22.01 24.94 -15.60
N HIS I 440 -22.47 24.39 -16.71
CA HIS I 440 -21.69 23.36 -17.39
C HIS I 440 -20.45 23.95 -18.06
N LEU I 441 -20.53 25.18 -18.59
CA LEU I 441 -19.32 25.82 -19.10
C LEU I 441 -18.28 26.05 -18.02
N VAL I 442 -18.69 26.55 -16.85
CA VAL I 442 -17.70 26.93 -15.85
C VAL I 442 -17.14 25.72 -15.13
N HIS I 443 -17.66 24.54 -15.46
CA HIS I 443 -17.11 23.28 -14.95
C HIS I 443 -16.22 22.59 -15.97
N GLY I 444 -15.78 23.31 -16.99
CA GLY I 444 -14.78 22.77 -17.90
C GLY I 444 -15.30 21.84 -18.96
N THR I 445 -16.50 22.07 -19.47
CA THR I 445 -17.06 21.23 -20.51
C THR I 445 -17.11 21.97 -21.84
N SER I 446 -17.24 21.21 -22.92
CA SER I 446 -17.36 21.81 -24.23
C SER I 446 -18.76 22.41 -24.41
N VAL I 447 -18.89 23.25 -25.44
CA VAL I 447 -20.17 23.88 -25.73
C VAL I 447 -21.20 22.85 -26.16
N HIS I 448 -20.78 21.86 -26.96
CA HIS I 448 -21.71 20.86 -27.45
C HIS I 448 -22.31 20.03 -26.32
N TYR I 449 -21.46 19.54 -25.42
CA TYR I 449 -21.93 18.73 -24.30
C TYR I 449 -22.79 19.55 -23.36
N ALA I 450 -22.38 20.80 -23.11
CA ALA I 450 -23.14 21.67 -22.22
C ALA I 450 -24.52 21.97 -22.77
N PHE I 451 -24.59 22.25 -24.07
CA PHE I 451 -25.87 22.55 -24.71
C PHE I 451 -26.77 21.34 -24.68
N ASN I 452 -26.22 20.16 -24.97
CA ASN I 452 -27.03 18.94 -24.95
C ASN I 452 -27.55 18.63 -23.56
N ALA I 453 -26.69 18.78 -22.54
CA ALA I 453 -27.12 18.52 -21.17
C ALA I 453 -28.21 19.49 -20.74
N ALA I 454 -28.05 20.78 -21.06
CA ALA I 454 -29.05 21.77 -20.70
C ALA I 454 -30.38 21.55 -21.41
N VAL I 455 -30.36 21.18 -22.70
CA VAL I 455 -31.63 20.94 -23.36
C VAL I 455 -32.28 19.64 -22.89
N ASP I 456 -31.49 18.67 -22.43
CA ASP I 456 -32.10 17.48 -21.81
C ASP I 456 -32.76 17.83 -20.50
N GLU I 457 -32.16 18.75 -19.72
CA GLU I 457 -32.84 19.20 -18.51
C GLU I 457 -34.11 19.96 -18.83
N CYS I 458 -34.09 20.75 -19.91
CA CYS I 458 -35.29 21.50 -20.29
C CYS I 458 -36.41 20.58 -20.78
N ARG I 459 -36.07 19.49 -21.46
CA ARG I 459 -37.11 18.57 -21.92
C ARG I 459 -37.77 17.84 -20.76
N ALA I 460 -36.99 17.50 -19.74
CA ALA I 460 -37.55 16.79 -18.59
C ALA I 460 -38.49 17.67 -17.79
N HIS I 461 -38.24 18.97 -17.76
CA HIS I 461 -39.11 19.93 -17.07
C HIS I 461 -40.31 20.33 -17.90
N SER I 462 -40.52 19.68 -19.04
CA SER I 462 -41.57 20.04 -19.98
C SER I 462 -42.79 19.15 -19.79
N THR I 463 -43.87 19.53 -20.47
CA THR I 463 -45.06 18.70 -20.57
C THR I 463 -45.09 17.88 -21.86
N SER I 464 -44.20 18.17 -22.79
CA SER I 464 -44.10 17.43 -24.05
C SER I 464 -42.65 17.46 -24.49
N GLY I 465 -42.41 17.14 -25.75
CA GLY I 465 -41.07 17.22 -26.29
C GLY I 465 -40.67 18.63 -26.65
N GLN I 466 -40.49 19.48 -25.65
CA GLN I 466 -40.11 20.86 -25.90
C GLN I 466 -38.64 20.98 -26.29
N GLU I 467 -38.37 21.17 -27.58
CA GLU I 467 -37.04 21.48 -28.07
C GLU I 467 -37.00 22.99 -28.29
N VAL I 468 -36.75 23.71 -27.21
CA VAL I 468 -36.96 25.16 -27.23
C VAL I 468 -35.71 25.89 -27.72
N PHE I 469 -34.54 25.30 -27.53
CA PHE I 469 -33.33 25.90 -28.06
C PHE I 469 -32.71 25.03 -29.15
N CYS I 470 -31.98 25.67 -30.05
CA CYS I 470 -31.39 24.99 -31.20
C CYS I 470 -29.98 25.52 -31.40
N LEU I 471 -29.01 24.61 -31.49
CA LEU I 471 -27.63 25.00 -31.76
C LEU I 471 -27.41 25.07 -33.26
N HIS I 472 -26.81 26.17 -33.72
CA HIS I 472 -26.54 26.33 -35.14
C HIS I 472 -25.04 26.43 -35.34
N PRO I 473 -24.37 25.36 -35.72
CA PRO I 473 -22.92 25.40 -35.82
C PRO I 473 -22.46 25.86 -37.19
N ALA I 474 -21.15 25.87 -37.39
CA ALA I 474 -20.58 26.22 -38.69
C ALA I 474 -19.29 25.43 -38.94
N ALA I 482 -12.72 24.56 -46.82
CA ALA I 482 -11.28 24.74 -46.77
C ALA I 482 -10.79 24.83 -45.34
N THR I 483 -10.88 26.03 -44.76
CA THR I 483 -10.54 26.25 -43.36
C THR I 483 -11.82 26.44 -42.58
N PRO I 484 -12.38 25.40 -41.98
CA PRO I 484 -13.65 25.55 -41.26
C PRO I 484 -13.44 26.27 -39.94
N PRO I 485 -14.47 26.89 -39.39
CA PRO I 485 -14.34 27.50 -38.07
C PRO I 485 -14.31 26.44 -36.97
N VAL I 486 -14.10 26.87 -35.73
CA VAL I 486 -14.02 25.93 -34.62
C VAL I 486 -15.40 25.34 -34.34
N ARG I 487 -15.45 24.03 -34.17
CA ARG I 487 -16.69 23.32 -33.93
C ARG I 487 -17.06 23.38 -32.44
N ALA I 488 -18.35 23.16 -32.16
CA ALA I 488 -18.84 23.22 -30.79
C ALA I 488 -18.31 22.08 -29.93
N ASP I 489 -17.78 21.02 -30.54
CA ASP I 489 -17.26 19.91 -29.75
C ASP I 489 -15.92 20.23 -29.11
N GLU I 490 -15.11 21.10 -29.72
CA GLU I 490 -13.86 21.50 -29.10
C GLU I 490 -13.89 22.91 -28.52
N LEU I 491 -14.99 23.63 -28.68
CA LEU I 491 -15.10 24.98 -28.15
C LEU I 491 -15.33 24.90 -26.65
N VAL I 492 -14.27 25.14 -25.88
CA VAL I 492 -14.32 25.13 -24.42
C VAL I 492 -13.77 26.44 -23.91
N PHE I 493 -14.41 27.00 -22.87
CA PHE I 493 -14.05 28.32 -22.38
C PHE I 493 -13.24 28.27 -21.09
N PHE I 494 -13.66 27.49 -20.12
CA PHE I 494 -13.04 27.48 -18.81
C PHE I 494 -12.20 26.22 -18.64
N SER I 495 -10.95 26.40 -18.26
CA SER I 495 -10.07 25.26 -18.05
C SER I 495 -10.42 24.55 -16.74
N PRO I 496 -10.51 23.22 -16.73
CA PRO I 496 -10.81 22.46 -15.52
C PRO I 496 -9.70 22.55 -14.47
N ILE K 1 30.15 61.14 16.55
CA ILE K 1 28.81 61.56 16.92
C ILE K 1 27.81 60.50 16.51
N GLN K 2 27.29 59.75 17.48
CA GLN K 2 26.43 58.61 17.22
C GLN K 2 25.10 58.78 17.93
N CYS K 3 24.03 58.30 17.30
CA CYS K 3 22.69 58.29 17.87
C CYS K 3 22.07 56.92 17.64
N ILE K 4 22.15 56.06 18.64
CA ILE K 4 21.68 54.69 18.53
C ILE K 4 20.18 54.65 18.75
N LEU K 5 19.47 53.99 17.84
CA LEU K 5 18.04 53.74 17.98
C LEU K 5 17.86 52.23 18.16
N VAL K 6 17.55 51.80 19.37
CA VAL K 6 17.36 50.39 19.68
C VAL K 6 15.88 50.09 19.55
N LEU K 7 15.52 49.19 18.64
CA LEU K 7 14.13 48.95 18.29
C LEU K 7 13.57 47.75 19.06
N ASP K 8 13.68 47.76 20.38
CA ASP K 8 13.33 46.58 21.16
C ASP K 8 11.81 46.45 21.34
N LEU K 9 11.25 45.39 20.76
CA LEU K 9 9.84 45.07 20.90
C LEU K 9 9.59 43.60 21.18
N SER K 10 10.59 42.74 21.00
CA SER K 10 10.42 41.32 21.28
C SER K 10 10.36 41.09 22.78
N ILE K 11 9.36 40.33 23.23
CA ILE K 11 9.33 39.96 24.63
C ILE K 11 10.36 38.87 24.91
N ASP K 12 10.74 38.11 23.89
CA ASP K 12 11.50 36.89 24.11
C ASP K 12 12.98 37.16 24.35
N ASN K 13 13.67 37.70 23.35
CA ASN K 13 15.10 37.97 23.46
C ASN K 13 15.31 39.43 23.11
N ALA K 14 15.13 40.30 24.10
CA ALA K 14 15.32 41.72 23.90
C ALA K 14 16.79 42.07 24.10
N ILE K 15 17.23 43.10 23.39
CA ILE K 15 18.56 43.66 23.59
C ILE K 15 18.42 45.15 23.87
N THR K 16 19.28 45.64 24.75
CA THR K 16 19.35 47.03 25.13
C THR K 16 20.58 47.61 24.42
N ALA K 17 20.76 48.93 24.45
CA ALA K 17 21.91 49.56 23.83
C ALA K 17 23.24 49.12 24.44
N CYS K 18 23.21 48.52 25.64
CA CYS K 18 24.43 48.02 26.27
C CYS K 18 25.08 46.93 25.44
N SER K 19 24.30 46.15 24.69
CA SER K 19 24.88 45.17 23.77
C SER K 19 25.36 45.80 22.48
N VAL K 20 24.92 47.01 22.17
CA VAL K 20 25.33 47.67 20.93
C VAL K 20 26.68 48.34 21.09
N THR K 21 26.90 49.01 22.23
CA THR K 21 28.09 49.81 22.44
C THR K 21 29.45 49.10 22.27
N PRO K 22 29.68 47.84 22.69
CA PRO K 22 31.02 47.28 22.53
C PRO K 22 31.46 47.09 21.09
N HIS K 23 30.54 47.10 20.13
CA HIS K 23 30.89 47.02 18.72
C HIS K 23 30.88 48.37 18.02
N LEU K 24 30.52 49.43 18.72
CA LEU K 24 30.54 50.75 18.12
C LEU K 24 31.93 51.37 18.25
N PRO K 25 32.29 52.31 17.36
CA PRO K 25 33.55 53.03 17.54
C PRO K 25 33.50 54.04 18.69
N ARG K 26 34.59 54.77 18.89
CA ARG K 26 34.64 55.75 19.97
C ARG K 26 33.68 56.90 19.69
N ALA K 27 32.99 57.34 20.75
CA ALA K 27 31.91 58.32 20.62
C ALA K 27 32.31 59.62 21.30
N ALA K 28 32.32 60.72 20.54
CA ALA K 28 32.43 62.03 21.14
C ALA K 28 31.12 62.45 21.79
N ARG K 29 29.99 62.01 21.24
CA ARG K 29 28.69 62.19 21.87
C ARG K 29 27.82 61.00 21.51
N ARG K 30 27.07 60.51 22.50
CA ARG K 30 26.29 59.29 22.33
C ARG K 30 24.89 59.51 22.85
N VAL K 31 23.89 59.08 22.08
CA VAL K 31 22.49 59.26 22.44
C VAL K 31 21.83 57.88 22.52
N GLU K 32 21.25 57.58 23.69
CA GLU K 32 20.48 56.38 23.93
C GLU K 32 18.99 56.63 23.70
N LEU K 33 18.35 55.75 22.93
CA LEU K 33 16.91 55.76 22.77
C LEU K 33 16.40 54.33 22.55
N HIS K 34 15.27 54.01 23.18
CA HIS K 34 14.56 52.76 22.91
C HIS K 34 13.14 53.07 22.48
N LEU K 35 12.57 52.16 21.67
CA LEU K 35 11.19 52.34 21.24
C LEU K 35 10.21 52.09 22.39
N ASN K 36 10.60 51.27 23.37
CA ASN K 36 9.73 50.99 24.50
C ASN K 36 9.51 52.21 25.37
N ASP K 37 10.34 53.25 25.21
CA ASP K 37 10.19 54.50 25.94
C ASP K 37 9.23 55.47 25.28
N PHE K 38 8.43 55.03 24.31
CA PHE K 38 7.53 55.95 23.61
C PHE K 38 6.15 55.36 23.38
N GLY K 39 5.72 54.41 24.20
CA GLY K 39 4.37 53.91 24.15
C GLY K 39 4.16 52.66 23.32
N ALA K 40 5.16 52.24 22.55
CA ALA K 40 5.05 51.01 21.77
C ALA K 40 5.23 49.81 22.69
N GLU K 41 4.15 49.15 23.03
CA GLU K 41 4.17 48.01 23.93
C GLU K 41 4.71 46.78 23.21
N ARG K 42 5.34 45.89 23.96
CA ARG K 42 6.09 44.79 23.38
C ARG K 42 5.14 43.73 22.82
N ALA K 43 5.68 42.87 21.95
CA ALA K 43 4.93 41.82 21.29
C ALA K 43 5.81 40.58 21.19
N PRO K 44 5.21 39.39 21.08
CA PRO K 44 6.02 38.18 20.94
C PRO K 44 6.76 38.13 19.61
N TYR K 45 8.05 37.80 19.69
CA TYR K 45 8.94 37.59 18.55
C TYR K 45 9.05 38.82 17.65
N GLY K 46 8.81 40.01 18.19
CA GLY K 46 8.99 41.23 17.44
C GLY K 46 7.89 41.56 16.45
N GLY K 47 6.77 40.86 16.49
CA GLY K 47 5.70 41.10 15.55
C GLY K 47 4.36 41.27 16.24
N ALA K 48 3.62 42.28 15.80
CA ALA K 48 2.33 42.60 16.37
C ALA K 48 1.26 41.65 15.86
N SER K 49 0.06 41.76 16.42
CA SER K 49 -1.05 40.90 16.06
C SER K 49 -2.27 41.63 15.52
N ASP K 50 -2.31 42.95 15.61
CA ASP K 50 -3.46 43.71 15.17
C ASP K 50 -3.01 44.97 14.45
N ARG K 51 -3.93 45.55 13.67
CA ARG K 51 -3.65 46.80 12.98
C ARG K 51 -3.41 47.93 13.97
N ARG K 52 -4.11 47.91 15.11
CA ARG K 52 -3.95 48.97 16.11
C ARG K 52 -2.53 49.00 16.65
N THR K 53 -1.96 47.83 16.93
CA THR K 53 -0.60 47.78 17.44
C THR K 53 0.41 48.21 16.38
N TRP K 54 0.16 47.86 15.12
CA TRP K 54 1.05 48.30 14.04
C TRP K 54 1.02 49.82 13.90
N ARG K 55 -0.18 50.42 13.99
CA ARG K 55 -0.28 51.88 13.94
C ARG K 55 0.39 52.53 15.14
N CYS K 56 0.24 51.94 16.32
CA CYS K 56 0.91 52.46 17.51
C CYS K 56 2.42 52.41 17.35
N TRP K 57 2.94 51.32 16.79
CA TRP K 57 4.38 51.23 16.53
C TRP K 57 4.83 52.25 15.51
N MET K 58 4.03 52.50 14.48
CA MET K 58 4.37 53.47 13.45
C MET K 58 4.46 54.88 14.04
N GLN K 59 3.44 55.29 14.79
CA GLN K 59 3.48 56.61 15.42
C GLN K 59 4.56 56.68 16.50
N ALA K 60 4.89 55.57 17.14
CA ALA K 60 5.95 55.58 18.14
C ALA K 60 7.32 55.72 17.48
N VAL K 61 7.51 55.12 16.30
CA VAL K 61 8.74 55.32 15.54
C VAL K 61 8.86 56.77 15.12
N ASP K 62 7.74 57.37 14.67
CA ASP K 62 7.74 58.79 14.32
C ASP K 62 8.10 59.67 15.51
N ALA K 63 7.55 59.35 16.69
CA ALA K 63 7.84 60.11 17.89
C ALA K 63 9.29 59.94 18.32
N MET K 64 9.84 58.73 18.19
CA MET K 64 11.25 58.49 18.45
C MET K 64 12.12 59.35 17.57
N LEU K 65 11.78 59.42 16.28
CA LEU K 65 12.60 60.20 15.35
C LEU K 65 12.52 61.69 15.65
N ALA K 66 11.32 62.17 16.00
CA ALA K 66 11.17 63.57 16.38
C ALA K 66 11.98 63.91 17.61
N ASP K 67 11.93 63.04 18.62
CA ASP K 67 12.74 63.25 19.82
C ASP K 67 14.22 63.18 19.52
N ALA K 68 14.64 62.27 18.64
CA ALA K 68 16.04 62.12 18.29
C ALA K 68 16.58 63.38 17.62
N ARG K 69 15.86 63.89 16.62
CA ARG K 69 16.32 65.09 15.95
C ARG K 69 16.25 66.32 16.85
N ALA K 70 15.24 66.42 17.72
CA ALA K 70 15.17 67.55 18.64
C ALA K 70 16.31 67.51 19.65
N GLN K 71 16.67 66.32 20.13
CA GLN K 71 17.76 66.21 21.09
C GLN K 71 19.11 66.43 20.45
N LEU K 72 19.29 65.98 19.19
CA LEU K 72 20.55 66.21 18.51
C LEU K 72 20.71 67.66 18.05
N GLY K 73 19.61 68.37 17.82
CA GLY K 73 19.68 69.79 17.58
C GLY K 73 20.11 70.20 16.19
N ALA K 74 21.30 70.78 16.07
CA ALA K 74 21.77 71.33 14.80
C ALA K 74 22.84 70.48 14.14
N GLU K 75 23.48 69.57 14.87
CA GLU K 75 24.48 68.68 14.30
C GLU K 75 23.87 67.40 13.73
N VAL K 76 22.58 67.41 13.41
CA VAL K 76 21.92 66.23 12.87
C VAL K 76 22.44 65.87 11.48
N GLU K 77 23.12 66.79 10.82
CA GLU K 77 23.83 66.48 9.58
C GLU K 77 25.22 65.92 9.83
N PHE K 78 25.62 65.80 11.09
CA PHE K 78 26.92 65.23 11.46
C PHE K 78 26.79 63.91 12.19
N THR K 79 25.57 63.40 12.38
CA THR K 79 25.35 62.21 13.19
C THR K 79 25.41 60.95 12.33
N HIS K 80 26.28 60.02 12.74
CA HIS K 80 26.35 58.69 12.12
C HIS K 80 25.41 57.78 12.91
N TYR K 81 24.28 57.46 12.31
CA TYR K 81 23.26 56.68 12.99
C TYR K 81 23.64 55.21 13.10
N TYR K 82 23.05 54.54 14.08
CA TYR K 82 23.25 53.12 14.27
C TYR K 82 21.91 52.47 14.57
N LEU K 83 21.67 51.31 13.97
CA LEU K 83 20.39 50.62 14.10
C LEU K 83 20.61 49.23 14.69
N ALA K 84 19.77 48.89 15.67
CA ALA K 84 19.82 47.58 16.31
C ALA K 84 18.45 47.29 16.88
N GLY K 85 18.39 46.27 17.73
CA GLY K 85 17.13 45.85 18.32
C GLY K 85 16.54 44.67 17.57
N ARG K 86 15.51 44.08 18.19
CA ARG K 86 14.89 42.88 17.66
C ARG K 86 13.38 43.08 17.53
N ALA K 87 12.97 43.54 16.35
CA ALA K 87 11.57 43.66 15.99
C ALA K 87 11.36 43.09 14.59
N ALA K 88 10.18 43.27 14.03
CA ALA K 88 9.89 42.72 12.71
C ALA K 88 10.62 43.49 11.62
N LEU K 89 10.71 42.86 10.45
CA LEU K 89 11.26 43.54 9.27
C LEU K 89 10.48 44.77 8.81
N PRO K 90 9.14 44.80 8.80
CA PRO K 90 8.45 46.06 8.42
C PRO K 90 8.79 47.26 9.27
N VAL K 91 9.06 47.09 10.56
CA VAL K 91 9.41 48.22 11.42
C VAL K 91 10.75 48.81 11.00
N PHE K 92 11.74 47.95 10.75
CA PHE K 92 13.04 48.43 10.29
C PHE K 92 12.92 49.09 8.92
N ALA K 93 12.08 48.52 8.04
CA ALA K 93 11.90 49.11 6.72
C ALA K 93 11.24 50.49 6.81
N TYR K 94 10.25 50.62 7.69
CA TYR K 94 9.58 51.91 7.87
C TYR K 94 10.54 52.96 8.41
N LEU K 95 11.37 52.59 9.39
CA LEU K 95 12.36 53.53 9.89
C LEU K 95 13.37 53.90 8.80
N GLY K 96 13.81 52.91 8.01
CA GLY K 96 14.73 53.20 6.92
C GLY K 96 14.16 54.13 5.88
N LEU K 97 12.85 54.03 5.62
CA LEU K 97 12.21 55.00 4.74
C LEU K 97 12.13 56.36 5.40
N ARG K 98 11.84 56.40 6.70
CA ARG K 98 11.64 57.68 7.37
C ARG K 98 12.93 58.47 7.49
N LEU K 99 14.08 57.79 7.56
CA LEU K 99 15.34 58.52 7.58
C LEU K 99 15.72 59.04 6.21
N GLY K 100 15.41 58.31 5.15
CA GLY K 100 15.81 58.70 3.81
C GLY K 100 17.25 58.29 3.52
N LYS K 101 17.62 58.44 2.24
CA LYS K 101 18.89 57.93 1.76
C LYS K 101 20.07 58.87 2.05
N GLN K 102 19.80 60.12 2.44
CA GLN K 102 20.90 61.07 2.62
C GLN K 102 21.66 60.82 3.91
N ALA K 103 20.98 60.32 4.94
CA ALA K 103 21.61 60.17 6.25
C ALA K 103 22.56 58.99 6.28
N ASN K 104 23.54 59.07 7.17
CA ASN K 104 24.50 57.99 7.37
C ASN K 104 23.86 56.93 8.25
N ILE K 105 23.63 55.74 7.69
CA ILE K 105 22.94 54.66 8.39
C ILE K 105 23.87 53.45 8.46
N THR K 106 24.04 52.92 9.66
CA THR K 106 24.79 51.69 9.90
C THR K 106 23.91 50.79 10.74
N THR K 107 23.88 49.50 10.44
CA THR K 107 23.02 48.57 11.16
C THR K 107 23.86 47.50 11.83
N VAL K 108 23.57 47.24 13.11
CA VAL K 108 24.23 46.20 13.89
C VAL K 108 23.22 45.13 14.22
N ASN K 109 23.46 43.91 13.77
CA ASN K 109 22.61 42.78 14.06
C ASN K 109 23.46 41.60 14.48
N ARG K 110 22.86 40.71 15.28
CA ARG K 110 23.56 39.54 15.80
C ARG K 110 23.22 38.33 14.94
N ARG K 111 24.25 37.57 14.55
CA ARG K 111 24.08 36.45 13.65
C ARG K 111 23.49 35.24 14.37
N ASP K 112 23.52 34.10 13.70
CA ASP K 112 23.09 32.85 14.32
C ASP K 112 24.19 32.20 15.13
N ASP K 113 25.44 32.65 14.99
CA ASP K 113 26.58 32.00 15.61
C ASP K 113 27.35 32.93 16.52
N GLY K 114 26.71 33.99 17.02
CA GLY K 114 27.29 34.87 18.00
C GLY K 114 28.11 36.01 17.45
N CYS K 115 28.49 35.95 16.18
CA CYS K 115 29.20 37.07 15.56
C CYS K 115 28.24 38.25 15.41
N TRP K 116 28.70 39.44 15.78
CA TRP K 116 27.91 40.65 15.68
C TRP K 116 28.30 41.34 14.37
N ASP K 117 27.35 41.42 13.45
CA ASP K 117 27.61 42.01 12.15
C ASP K 117 27.27 43.49 12.17
N VAL K 118 28.29 44.33 11.99
CA VAL K 118 28.11 45.76 11.79
C VAL K 118 28.21 46.05 10.29
N VAL K 119 27.24 46.77 9.77
CA VAL K 119 27.18 46.99 8.33
C VAL K 119 26.73 48.41 8.00
N PRO K 120 27.52 49.17 7.25
CA PRO K 120 27.11 50.52 6.85
C PRO K 120 26.30 50.49 5.57
N CYS K 121 25.48 51.52 5.41
CA CYS K 121 24.73 51.72 4.18
C CYS K 121 25.36 52.76 3.26
N GLN K 122 26.60 53.18 3.56
CA GLN K 122 27.30 54.14 2.72
C GLN K 122 28.79 53.97 2.96
N ARG K 123 29.58 54.47 2.01
CA ARG K 123 31.02 54.32 2.09
C ARG K 123 31.62 55.36 3.04
N PRO K 124 32.74 55.05 3.71
CA PRO K 124 33.44 56.04 4.52
C PRO K 124 34.21 57.04 3.65
N ARG K 137 29.08 41.31 -7.96
CA ARG K 137 27.76 41.93 -7.72
C ARG K 137 26.96 41.12 -6.72
N PHE K 138 26.44 41.81 -5.71
CA PHE K 138 25.79 41.12 -4.60
C PHE K 138 24.48 40.48 -5.04
N PHE K 139 23.61 41.23 -5.69
CA PHE K 139 22.34 40.69 -6.14
C PHE K 139 22.53 40.09 -7.53
N ASP K 140 22.68 38.77 -7.57
CA ASP K 140 22.87 38.09 -8.85
C ASP K 140 21.62 38.13 -9.71
N GLU K 141 20.47 37.83 -9.13
CA GLU K 141 19.20 37.84 -9.86
C GLU K 141 18.60 39.23 -9.77
N VAL K 142 18.53 39.92 -10.91
CA VAL K 142 17.79 41.17 -11.04
C VAL K 142 16.85 41.00 -12.23
N ARG K 143 15.61 40.58 -11.95
CA ARG K 143 14.65 40.34 -13.00
C ARG K 143 13.32 41.01 -12.65
N GLY K 144 12.52 41.23 -13.68
CA GLY K 144 11.35 42.09 -13.59
C GLY K 144 11.60 43.51 -14.05
N LEU K 145 12.86 43.88 -14.23
CA LEU K 145 13.22 45.22 -14.68
C LEU K 145 14.29 45.22 -15.76
N ASP K 146 14.94 44.09 -16.03
CA ASP K 146 16.03 44.02 -16.98
C ASP K 146 15.56 43.94 -18.43
N THR K 147 14.25 44.02 -18.66
CA THR K 147 13.69 44.18 -19.99
C THR K 147 13.78 45.65 -20.41
N ASP K 148 13.26 45.97 -21.59
CA ASP K 148 13.45 47.28 -22.18
C ASP K 148 12.17 48.11 -22.33
N GLU K 149 11.00 47.49 -22.24
CA GLU K 149 9.77 48.19 -22.57
C GLU K 149 9.14 48.81 -21.34
N ARG K 150 8.02 49.50 -21.56
CA ARG K 150 7.30 50.22 -20.51
C ARG K 150 5.90 49.65 -20.40
N SER K 151 5.55 49.16 -19.21
CA SER K 151 4.27 48.49 -19.02
C SER K 151 3.13 49.48 -19.07
N SER K 152 1.99 49.03 -19.60
CA SER K 152 0.79 49.84 -19.69
C SER K 152 -0.29 49.42 -18.70
N GLU K 153 -0.04 48.40 -17.88
CA GLU K 153 -1.04 47.92 -16.93
C GLU K 153 -0.97 48.74 -15.65
N SER K 154 -2.12 49.24 -15.21
CA SER K 154 -2.16 49.97 -13.96
C SER K 154 -2.12 49.00 -12.79
N GLY K 155 -2.04 49.57 -11.59
CA GLY K 155 -1.98 48.74 -10.41
C GLY K 155 -0.79 49.06 -9.53
N MET K 156 -0.24 48.05 -8.88
CA MET K 156 0.77 48.23 -7.85
C MET K 156 1.86 47.19 -8.01
N VAL K 157 3.10 47.59 -7.72
CA VAL K 157 4.28 46.79 -8.01
C VAL K 157 4.66 45.97 -6.78
N ALA K 158 4.83 44.67 -6.96
CA ALA K 158 5.30 43.79 -5.89
C ALA K 158 6.80 43.56 -6.08
N VAL K 159 7.58 43.94 -5.07
CA VAL K 159 9.03 43.84 -5.11
C VAL K 159 9.49 42.83 -4.07
N TRP K 160 10.22 41.82 -4.51
CA TRP K 160 10.69 40.74 -3.64
C TRP K 160 12.20 40.89 -3.48
N VAL K 161 12.62 41.28 -2.29
CA VAL K 161 14.04 41.34 -1.95
C VAL K 161 14.30 40.31 -0.86
N SER K 162 15.24 39.40 -1.11
CA SER K 162 15.52 38.34 -0.15
C SER K 162 16.95 37.88 -0.31
N THR K 163 17.45 37.22 0.73
CA THR K 163 18.77 36.61 0.70
C THR K 163 18.74 35.13 1.07
N GLN K 164 17.57 34.53 1.27
CA GLN K 164 17.54 33.14 1.69
C GLN K 164 16.49 32.33 0.95
N ARG K 165 15.58 32.99 0.23
CA ARG K 165 14.45 32.29 -0.38
C ARG K 165 14.16 32.87 -1.75
N ASP K 166 14.17 32.01 -2.77
CA ASP K 166 13.82 32.41 -4.11
C ASP K 166 12.33 32.74 -4.20
N VAL K 167 11.98 33.51 -5.23
CA VAL K 167 10.65 34.09 -5.30
C VAL K 167 9.61 33.01 -5.59
N ASP K 168 8.57 32.98 -4.76
CA ASP K 168 7.39 32.16 -4.99
C ASP K 168 6.25 33.10 -5.33
N ARG K 169 6.05 33.35 -6.62
CA ARG K 169 5.15 34.40 -7.09
C ARG K 169 3.70 34.14 -6.76
N GLY K 170 3.32 32.88 -6.52
CA GLY K 170 1.95 32.57 -6.15
C GLY K 170 1.53 33.16 -4.83
N LEU K 171 2.46 33.28 -3.87
CA LEU K 171 2.17 33.99 -2.64
C LEU K 171 1.85 35.45 -2.91
N LEU K 172 2.58 36.07 -3.85
CA LEU K 172 2.30 37.45 -4.21
C LEU K 172 0.93 37.57 -4.88
N ARG K 173 0.58 36.61 -5.74
CA ARG K 173 -0.74 36.61 -6.36
C ARG K 173 -1.84 36.51 -5.31
N ALA K 174 -1.68 35.59 -4.37
CA ALA K 174 -2.69 35.39 -3.33
C ALA K 174 -2.79 36.59 -2.40
N PHE K 175 -1.67 37.23 -2.08
CA PHE K 175 -1.72 38.40 -1.21
C PHE K 175 -2.34 39.59 -1.92
N ALA K 176 -2.06 39.75 -3.22
CA ALA K 176 -2.72 40.80 -3.98
C ALA K 176 -4.21 40.56 -4.09
N ARG K 177 -4.62 39.29 -4.23
CA ARG K 177 -6.04 38.95 -4.22
C ARG K 177 -6.67 39.27 -2.88
N ALA K 178 -5.93 39.05 -1.79
CA ALA K 178 -6.49 39.21 -0.45
C ALA K 178 -6.79 40.67 -0.12
N ARG K 179 -6.06 41.62 -0.70
CA ARG K 179 -6.19 43.02 -0.34
C ARG K 179 -7.01 43.83 -1.34
N GLY K 180 -7.72 43.18 -2.26
CA GLY K 180 -8.61 43.87 -3.17
C GLY K 180 -7.96 44.37 -4.44
N ASP K 181 -6.67 44.69 -4.41
CA ASP K 181 -5.96 45.12 -5.63
C ASP K 181 -5.80 43.89 -6.52
N ARG K 182 -6.77 43.68 -7.40
CA ARG K 182 -6.84 42.46 -8.19
C ARG K 182 -5.78 42.38 -9.27
N ASP K 183 -5.05 43.46 -9.53
CA ASP K 183 -4.07 43.49 -10.62
C ASP K 183 -2.76 44.06 -10.09
N LEU K 184 -1.72 43.23 -10.08
CA LEU K 184 -0.39 43.72 -9.80
C LEU K 184 0.21 44.33 -11.06
N ALA K 185 0.89 45.47 -10.90
CA ALA K 185 1.51 46.12 -12.05
C ALA K 185 2.70 45.34 -12.59
N GLY K 186 3.38 44.59 -11.73
CA GLY K 186 4.54 43.82 -12.16
C GLY K 186 5.27 43.28 -10.96
N ILE K 187 6.14 42.30 -11.24
CA ILE K 187 6.90 41.62 -10.20
C ILE K 187 8.38 41.86 -10.45
N VAL K 188 9.06 42.40 -9.45
CA VAL K 188 10.50 42.56 -9.48
C VAL K 188 11.10 41.76 -8.33
N SER K 189 12.10 40.95 -8.63
CA SER K 189 12.73 40.14 -7.59
C SER K 189 14.24 40.38 -7.62
N LEU K 190 14.80 40.72 -6.45
CA LEU K 190 16.23 40.84 -6.28
C LEU K 190 16.66 39.86 -5.21
N ARG K 191 17.54 38.93 -5.56
CA ARG K 191 17.98 37.93 -4.61
C ARG K 191 19.45 37.63 -4.83
N ALA K 192 20.17 37.38 -3.74
CA ALA K 192 21.56 37.02 -3.77
C ALA K 192 21.72 35.51 -3.63
N ARG K 193 22.32 34.89 -4.63
CA ARG K 193 22.70 33.50 -4.42
C ARG K 193 23.96 33.42 -3.57
N PRO K 194 24.09 32.38 -2.75
CA PRO K 194 25.35 32.18 -2.03
C PRO K 194 26.48 31.89 -3.00
N ALA K 195 27.68 32.33 -2.65
CA ALA K 195 28.84 32.05 -3.46
C ALA K 195 29.17 30.56 -3.43
N ALA K 196 29.77 30.08 -4.52
CA ALA K 196 30.14 28.67 -4.61
C ALA K 196 31.25 28.36 -3.61
N GLY K 197 31.09 27.24 -2.91
CA GLY K 197 31.99 26.87 -1.85
C GLY K 197 31.55 27.31 -0.47
N ASP K 198 30.58 28.21 -0.38
CA ASP K 198 30.03 28.60 0.91
C ASP K 198 29.09 27.52 1.43
N ASP K 199 29.17 27.25 2.73
CA ASP K 199 28.40 26.19 3.36
C ASP K 199 27.17 26.71 4.10
N THR K 200 26.54 27.76 3.59
CA THR K 200 25.40 28.36 4.25
C THR K 200 24.06 27.97 3.62
N GLY K 201 24.06 26.97 2.74
CA GLY K 201 22.83 26.53 2.11
C GLY K 201 22.28 27.52 1.11
N ASP K 202 21.07 28.01 1.35
CA ASP K 202 20.43 28.97 0.47
C ASP K 202 20.66 30.42 0.89
N MET K 203 21.37 30.63 1.99
CA MET K 203 21.52 31.96 2.58
C MET K 203 22.83 32.60 2.12
N ARG K 204 22.75 33.84 1.67
CA ARG K 204 23.93 34.63 1.35
C ARG K 204 24.24 35.52 2.55
N LEU K 205 25.45 35.39 3.10
CA LEU K 205 25.84 36.20 4.23
C LEU K 205 26.00 37.65 3.81
N LEU K 206 25.74 38.56 4.75
CA LEU K 206 25.83 40.00 4.50
C LEU K 206 26.83 40.56 5.51
N GLU K 207 28.07 40.73 5.08
CA GLU K 207 29.12 41.27 5.93
C GLU K 207 29.07 42.79 5.95
N GLY K 208 30.11 43.40 6.50
CA GLY K 208 30.21 44.85 6.45
C GLY K 208 30.86 45.34 5.17
N ALA K 209 31.62 44.46 4.50
CA ALA K 209 32.30 44.85 3.28
C ALA K 209 31.34 45.00 2.11
N ASP K 210 30.28 44.20 2.09
CA ASP K 210 29.34 44.17 0.97
C ASP K 210 28.05 44.95 1.24
N GLY K 211 28.03 45.78 2.27
CA GLY K 211 26.87 46.56 2.61
C GLY K 211 26.56 47.72 1.67
N PRO K 212 27.49 48.70 1.58
CA PRO K 212 27.23 49.85 0.70
C PRO K 212 27.03 49.49 -0.76
N ASP K 213 27.67 48.43 -1.24
CA ASP K 213 27.49 48.02 -2.63
C ASP K 213 26.07 47.53 -2.88
N ALA K 214 25.54 46.73 -1.96
CA ALA K 214 24.16 46.27 -2.09
C ALA K 214 23.18 47.41 -1.88
N ALA K 215 23.54 48.37 -1.02
CA ALA K 215 22.69 49.55 -0.84
C ALA K 215 22.62 50.35 -2.13
N ARG K 216 23.77 50.50 -2.81
CA ARG K 216 23.81 51.20 -4.08
C ARG K 216 23.00 50.46 -5.14
N GLU K 217 23.08 49.12 -5.17
CA GLU K 217 22.29 48.37 -6.13
C GLU K 217 20.80 48.54 -5.87
N LEU K 218 20.40 48.53 -4.60
CA LEU K 218 18.99 48.74 -4.25
C LEU K 218 18.53 50.13 -4.66
N VAL K 219 19.39 51.14 -4.46
CA VAL K 219 19.04 52.50 -4.87
C VAL K 219 18.87 52.57 -6.39
N ASN K 220 19.85 52.05 -7.15
CA ASN K 220 19.73 52.02 -8.60
C ASN K 220 18.50 51.26 -9.08
N CYS K 221 18.07 50.24 -8.36
CA CYS K 221 16.86 49.53 -8.76
C CYS K 221 15.62 50.37 -8.51
N PHE K 222 15.53 51.04 -7.36
CA PHE K 222 14.23 51.50 -6.90
C PHE K 222 13.74 52.74 -7.64
N ARG K 223 14.62 53.61 -8.14
CA ARG K 223 14.14 54.69 -8.99
C ARG K 223 14.25 54.38 -10.47
N SER K 224 14.82 53.23 -10.83
CA SER K 224 14.67 52.71 -12.17
C SER K 224 13.37 51.94 -12.33
N ILE K 225 12.73 51.56 -11.23
CA ILE K 225 11.40 50.94 -11.25
C ILE K 225 10.36 51.77 -11.99
N PRO K 226 10.18 53.09 -11.74
CA PRO K 226 9.18 53.83 -12.54
C PRO K 226 9.55 54.01 -14.00
N ASN K 227 10.83 53.87 -14.36
CA ASN K 227 11.19 53.82 -15.77
C ASN K 227 10.60 52.58 -16.44
N GLN K 228 10.66 51.44 -15.74
CA GLN K 228 10.12 50.21 -16.30
C GLN K 228 8.60 50.14 -16.18
N TYR K 229 8.04 50.69 -15.10
CA TYR K 229 6.60 50.65 -14.85
C TYR K 229 6.09 52.04 -14.50
N PRO K 230 5.92 52.90 -15.51
CA PRO K 230 5.43 54.26 -15.22
C PRO K 230 3.93 54.34 -15.00
N ARG K 231 3.18 53.30 -15.34
CA ARG K 231 1.74 53.28 -15.22
C ARG K 231 1.28 52.91 -13.82
N SER K 232 2.18 52.39 -13.00
CA SER K 232 1.85 51.81 -11.70
C SER K 232 1.39 52.89 -10.71
N SER K 233 0.97 52.45 -9.51
CA SER K 233 0.43 53.39 -8.53
C SER K 233 0.85 53.05 -7.10
N GLY K 234 1.89 52.27 -6.92
CA GLY K 234 2.32 51.92 -5.57
C GLY K 234 3.31 50.78 -5.60
N LEU K 235 3.86 50.50 -4.42
CA LEU K 235 4.82 49.41 -4.26
C LEU K 235 4.44 48.53 -3.08
N MET K 236 4.43 47.21 -3.33
CA MET K 236 4.49 46.20 -2.28
C MET K 236 5.92 45.72 -2.18
N VAL K 237 6.45 45.68 -0.95
CA VAL K 237 7.83 45.26 -0.73
C VAL K 237 7.81 44.05 0.19
N PHE K 238 8.37 42.95 -0.27
CA PHE K 238 8.43 41.70 0.49
C PHE K 238 9.89 41.41 0.81
N VAL K 239 10.20 41.31 2.09
CA VAL K 239 11.57 41.21 2.57
C VAL K 239 11.73 39.90 3.33
N SER K 240 12.82 39.18 3.05
CA SER K 240 13.11 37.92 3.71
C SER K 240 14.58 37.90 4.05
N GLY K 241 14.91 37.89 5.34
CA GLY K 241 16.29 37.83 5.75
C GLY K 241 16.56 38.66 7.00
N PRO K 242 17.76 39.22 7.10
CA PRO K 242 18.12 40.00 8.28
C PRO K 242 17.47 41.37 8.28
N VAL K 243 17.45 41.98 9.46
CA VAL K 243 16.86 43.32 9.60
C VAL K 243 17.75 44.39 8.98
N THR K 244 19.04 44.09 8.77
CA THR K 244 19.90 45.01 8.03
C THR K 244 19.36 45.20 6.62
N LEU K 245 18.92 44.11 6.00
CA LEU K 245 18.28 44.20 4.69
C LEU K 245 17.00 45.02 4.75
N ALA K 246 16.24 44.91 5.84
CA ALA K 246 14.99 45.66 5.95
C ALA K 246 15.24 47.16 6.01
N ALA K 247 16.19 47.60 6.85
CA ALA K 247 16.54 49.02 6.89
C ALA K 247 17.18 49.47 5.60
N MET K 248 17.92 48.58 4.93
CA MET K 248 18.55 48.88 3.65
C MET K 248 17.52 49.15 2.57
N VAL K 249 16.52 48.26 2.46
CA VAL K 249 15.42 48.44 1.51
C VAL K 249 14.62 49.68 1.84
N GLY K 250 14.36 49.94 3.12
CA GLY K 250 13.68 51.17 3.50
C GLY K 250 14.44 52.42 3.08
N ARG K 251 15.76 52.40 3.26
CA ARG K 251 16.59 53.51 2.80
C ARG K 251 16.52 53.68 1.29
N ALA K 252 16.35 52.57 0.55
CA ALA K 252 16.32 52.66 -0.90
C ALA K 252 15.06 53.36 -1.42
N ILE K 253 13.93 53.23 -0.73
CA ILE K 253 12.65 53.69 -1.27
C ILE K 253 12.55 55.20 -1.12
N ASN K 254 12.17 55.88 -2.21
CA ASN K 254 11.85 57.29 -2.18
C ASN K 254 10.33 57.45 -2.13
N PRO K 255 9.76 57.96 -1.03
CA PRO K 255 8.30 57.93 -0.88
C PRO K 255 7.57 58.96 -1.72
N ARG K 256 8.25 60.06 -2.08
CA ARG K 256 7.58 61.08 -2.88
C ARG K 256 7.39 60.62 -4.32
N ILE K 257 8.22 59.69 -4.79
CA ILE K 257 8.08 59.18 -6.15
C ILE K 257 7.22 57.92 -6.15
N HIS K 258 7.38 57.07 -5.14
CA HIS K 258 6.89 55.70 -5.19
C HIS K 258 5.59 55.47 -4.44
N GLY K 259 5.11 56.45 -3.67
CA GLY K 259 4.03 56.23 -2.73
C GLY K 259 2.72 55.83 -3.38
N PRO K 260 1.91 55.04 -2.66
CA PRO K 260 2.17 54.49 -1.33
C PRO K 260 3.05 53.23 -1.33
N VAL K 261 3.58 52.88 -0.16
CA VAL K 261 4.47 51.75 0.04
C VAL K 261 3.86 50.82 1.08
N TRP K 262 3.88 49.53 0.80
CA TRP K 262 3.35 48.51 1.70
C TRP K 262 4.44 47.57 2.16
N TRP K 263 4.40 47.19 3.43
CA TRP K 263 5.24 46.12 3.96
C TRP K 263 4.34 45.13 4.67
N PRO K 264 4.15 43.94 4.15
CA PRO K 264 3.37 42.92 4.85
C PRO K 264 4.27 42.05 5.74
N TYR K 265 3.62 41.34 6.66
CA TYR K 265 4.31 40.53 7.64
C TYR K 265 4.02 39.06 7.38
N PHE K 266 5.03 38.22 7.60
CA PHE K 266 4.96 36.79 7.28
C PHE K 266 4.78 36.00 8.56
N ARG K 267 3.57 35.47 8.76
CA ARG K 267 3.25 34.72 9.96
C ARG K 267 2.50 33.45 9.59
N GLY K 268 2.99 32.31 10.08
CA GLY K 268 2.32 31.05 9.83
C GLY K 268 2.44 30.55 8.41
N GLY K 269 3.43 31.03 7.66
CA GLY K 269 3.57 30.68 6.27
C GLY K 269 2.76 31.53 5.32
N GLU K 270 1.94 32.44 5.84
CA GLU K 270 1.13 33.33 5.03
C GLU K 270 1.58 34.77 5.26
N TYR K 271 1.20 35.63 4.33
CA TYR K 271 1.51 37.05 4.43
C TYR K 271 0.32 37.81 5.00
N GLU K 272 0.58 38.64 6.00
CA GLU K 272 -0.42 39.49 6.60
C GLU K 272 -0.01 40.94 6.48
N PRO K 273 -0.96 41.85 6.25
CA PRO K 273 -0.61 43.26 6.04
C PRO K 273 -0.18 43.90 7.35
N ALA K 274 0.97 44.58 7.32
CA ALA K 274 1.55 45.15 8.53
C ALA K 274 1.61 46.67 8.49
N LEU K 275 2.29 47.26 7.51
CA LEU K 275 2.55 48.69 7.51
C LEU K 275 2.27 49.29 6.14
N GLU K 276 1.58 50.42 6.14
CA GLU K 276 1.23 51.14 4.92
C GLU K 276 1.45 52.63 5.14
N TYR K 277 2.36 53.21 4.38
CA TYR K 277 2.70 54.63 4.50
C TYR K 277 2.31 55.36 3.23
N PRO K 278 1.34 56.29 3.27
CA PRO K 278 0.59 56.79 4.44
C PRO K 278 -0.51 55.86 4.91
N TRP K 279 -1.03 56.12 6.09
CA TRP K 279 -1.99 55.21 6.72
C TRP K 279 -3.42 55.57 6.34
N ILE L 1 31.79 -70.14 -12.25
CA ILE L 1 30.38 -70.46 -12.42
C ILE L 1 29.52 -69.39 -11.79
N GLN L 2 28.83 -68.61 -12.61
CA GLN L 2 28.01 -67.51 -12.15
C GLN L 2 26.55 -67.82 -12.36
N CYS L 3 25.74 -67.54 -11.35
CA CYS L 3 24.28 -67.63 -11.47
C CYS L 3 23.73 -66.26 -11.12
N ILE L 4 23.02 -65.65 -12.06
CA ILE L 4 22.52 -64.29 -11.91
C ILE L 4 21.01 -64.32 -11.71
N LEU L 5 20.54 -63.56 -10.72
CA LEU L 5 19.12 -63.44 -10.41
C LEU L 5 18.74 -61.98 -10.53
N VAL L 6 17.86 -61.66 -11.46
CA VAL L 6 17.40 -60.30 -11.69
C VAL L 6 15.98 -60.19 -11.17
N LEU L 7 15.79 -59.37 -10.14
CA LEU L 7 14.50 -59.25 -9.48
C LEU L 7 13.70 -58.08 -10.05
N ASP L 8 13.38 -58.13 -11.34
CA ASP L 8 12.69 -57.03 -11.99
C ASP L 8 11.23 -57.00 -11.58
N LEU L 9 10.91 -56.16 -10.61
CA LEU L 9 9.53 -55.99 -10.18
C LEU L 9 9.01 -54.57 -10.38
N SER L 10 9.89 -53.60 -10.59
CA SER L 10 9.46 -52.23 -10.82
C SER L 10 8.96 -52.08 -12.25
N ILE L 11 7.76 -51.52 -12.38
CA ILE L 11 7.26 -51.21 -13.71
C ILE L 11 8.03 -50.04 -14.31
N ASP L 12 8.62 -49.19 -13.45
CA ASP L 12 9.11 -47.90 -13.91
C ASP L 12 10.44 -48.01 -14.63
N ASN L 13 11.50 -48.42 -13.93
CA ASN L 13 12.83 -48.48 -14.52
C ASN L 13 13.34 -49.91 -14.36
N ALA L 14 12.94 -50.77 -15.28
CA ALA L 14 13.33 -52.17 -15.20
C ALA L 14 14.67 -52.39 -15.87
N ILE L 15 15.47 -53.24 -15.27
CA ILE L 15 16.71 -53.72 -15.88
C ILE L 15 16.61 -55.23 -16.02
N THR L 16 17.25 -55.76 -17.04
CA THR L 16 17.33 -57.18 -17.27
C THR L 16 18.78 -57.63 -17.09
N ALA L 17 19.05 -58.89 -17.44
CA ALA L 17 20.40 -59.42 -17.34
C ALA L 17 21.38 -58.70 -18.25
N CYS L 18 20.92 -58.17 -19.38
CA CYS L 18 21.81 -57.60 -20.38
C CYS L 18 22.56 -56.38 -19.87
N SER L 19 21.95 -55.62 -18.95
CA SER L 19 22.63 -54.49 -18.35
C SER L 19 23.53 -54.91 -17.19
N VAL L 20 23.41 -56.13 -16.71
CA VAL L 20 24.24 -56.59 -15.60
C VAL L 20 25.48 -57.32 -16.10
N THR L 21 25.37 -58.00 -17.23
CA THR L 21 26.50 -58.77 -17.76
C THR L 21 27.81 -58.00 -18.00
N PRO L 22 27.85 -56.76 -18.50
CA PRO L 22 29.16 -56.15 -18.78
C PRO L 22 30.02 -55.86 -17.55
N HIS L 23 29.48 -55.98 -16.35
CA HIS L 23 30.27 -55.78 -15.14
C HIS L 23 30.68 -57.10 -14.50
N LEU L 24 30.18 -58.17 -14.93
CA LEU L 24 30.60 -59.45 -14.41
C LEU L 24 31.91 -59.89 -15.06
N PRO L 25 32.68 -60.75 -14.41
CA PRO L 25 33.85 -61.34 -15.08
C PRO L 25 33.46 -62.40 -16.10
N ARG L 26 34.47 -63.09 -16.63
CA ARG L 26 34.24 -64.14 -17.62
C ARG L 26 33.38 -65.26 -17.03
N ALA L 27 32.60 -65.90 -17.89
CA ALA L 27 31.66 -66.92 -17.45
C ALA L 27 32.11 -68.27 -17.97
N ALA L 28 32.37 -69.21 -17.06
CA ALA L 28 32.44 -70.60 -17.44
C ALA L 28 31.04 -71.16 -17.68
N ARG L 29 30.07 -70.73 -16.91
CA ARG L 29 28.67 -71.09 -17.09
C ARG L 29 27.81 -70.02 -16.46
N ARG L 30 26.81 -69.54 -17.19
CA ARG L 30 26.00 -68.42 -16.75
C ARG L 30 24.53 -68.79 -16.88
N VAL L 31 23.77 -68.55 -15.81
CA VAL L 31 22.38 -68.95 -15.75
C VAL L 31 21.51 -67.71 -15.55
N GLU L 32 20.90 -67.24 -16.62
CA GLU L 32 19.96 -66.13 -16.57
C GLU L 32 18.67 -66.55 -15.88
N LEU L 33 18.14 -65.67 -15.03
CA LEU L 33 16.84 -65.86 -14.40
C LEU L 33 16.19 -64.50 -14.14
N HIS L 34 14.87 -64.43 -14.29
CA HIS L 34 14.11 -63.25 -13.92
C HIS L 34 12.99 -63.62 -12.97
N LEU L 35 12.41 -62.61 -12.33
CA LEU L 35 11.35 -62.86 -11.36
C LEU L 35 9.96 -62.71 -11.95
N ASN L 36 9.85 -62.03 -13.09
CA ASN L 36 8.57 -61.94 -13.76
C ASN L 36 8.22 -63.28 -14.40
N ASP L 37 9.23 -64.11 -14.67
CA ASP L 37 9.04 -65.43 -15.25
C ASP L 37 8.60 -66.48 -14.24
N PHE L 38 8.17 -66.09 -13.04
CA PHE L 38 7.73 -67.06 -12.04
C PHE L 38 6.46 -66.61 -11.32
N GLY L 39 5.66 -65.75 -11.94
CA GLY L 39 4.39 -65.36 -11.40
C GLY L 39 4.37 -64.05 -10.63
N ALA L 40 5.52 -63.55 -10.21
CA ALA L 40 5.58 -62.29 -9.46
C ALA L 40 5.26 -61.14 -10.40
N GLU L 41 4.07 -60.59 -10.26
CA GLU L 41 3.57 -59.57 -11.18
C GLU L 41 4.08 -58.21 -10.73
N ARG L 42 4.38 -57.37 -11.72
CA ARG L 42 5.13 -56.14 -11.46
C ARG L 42 4.29 -55.11 -10.71
N ALA L 43 4.98 -54.20 -10.03
CA ALA L 43 4.35 -53.19 -9.19
C ALA L 43 5.07 -51.87 -9.38
N PRO L 44 4.41 -50.74 -9.10
CA PRO L 44 5.08 -49.45 -9.22
C PRO L 44 6.23 -49.31 -8.25
N TYR L 45 7.34 -48.73 -8.75
CA TYR L 45 8.52 -48.35 -7.96
C TYR L 45 9.18 -49.54 -7.27
N GLY L 46 8.88 -50.76 -7.71
CA GLY L 46 9.48 -51.93 -7.12
C GLY L 46 8.94 -52.33 -5.78
N GLY L 47 7.76 -51.87 -5.39
CA GLY L 47 7.17 -52.22 -4.13
C GLY L 47 5.70 -52.53 -4.26
N ALA L 48 5.28 -53.57 -3.57
CA ALA L 48 3.89 -54.02 -3.64
C ALA L 48 2.99 -53.13 -2.80
N SER L 49 1.70 -53.46 -2.82
CA SER L 49 0.71 -52.73 -2.05
C SER L 49 -0.25 -53.61 -1.27
N ASP L 50 -0.20 -54.92 -1.44
CA ASP L 50 -1.08 -55.83 -0.75
C ASP L 50 -0.28 -56.98 -0.17
N ARG L 51 -0.83 -57.59 0.88
CA ARG L 51 -0.22 -58.80 1.43
C ARG L 51 -0.25 -59.94 0.43
N ARG L 52 -1.27 -59.98 -0.43
CA ARG L 52 -1.35 -61.01 -1.47
C ARG L 52 -0.18 -60.89 -2.44
N THR L 53 0.13 -59.66 -2.86
CA THR L 53 1.25 -59.46 -3.77
C THR L 53 2.57 -59.79 -3.12
N TRP L 54 2.72 -59.44 -1.83
CA TRP L 54 3.95 -59.78 -1.12
C TRP L 54 4.11 -61.29 -1.00
N ARG L 55 3.02 -62.01 -0.72
CA ARG L 55 3.08 -63.46 -0.62
C ARG L 55 3.40 -64.10 -1.96
N CYS L 56 2.78 -63.62 -3.05
CA CYS L 56 3.10 -64.15 -4.36
C CYS L 56 4.56 -63.88 -4.72
N TRP L 57 5.08 -62.70 -4.36
CA TRP L 57 6.49 -62.40 -4.60
C TRP L 57 7.40 -63.34 -3.82
N MET L 58 7.05 -63.61 -2.56
CA MET L 58 7.88 -64.45 -1.70
C MET L 58 7.92 -65.88 -2.21
N GLN L 59 6.76 -66.44 -2.53
CA GLN L 59 6.77 -67.80 -3.04
C GLN L 59 7.31 -67.88 -4.47
N ALA L 60 7.25 -66.79 -5.23
CA ALA L 60 7.92 -66.78 -6.52
C ALA L 60 9.44 -66.78 -6.36
N VAL L 61 9.94 -66.09 -5.35
CA VAL L 61 11.37 -66.14 -5.03
C VAL L 61 11.77 -67.55 -4.64
N ASP L 62 10.91 -68.21 -3.85
CA ASP L 62 11.15 -69.62 -3.50
C ASP L 62 11.19 -70.51 -4.73
N ALA L 63 10.26 -70.27 -5.66
CA ALA L 63 10.23 -71.02 -6.91
C ALA L 63 11.49 -70.78 -7.73
N MET L 64 11.96 -69.52 -7.77
CA MET L 64 13.25 -69.22 -8.39
C MET L 64 14.36 -70.05 -7.80
N LEU L 65 14.44 -70.09 -6.48
CA LEU L 65 15.59 -70.75 -5.87
C LEU L 65 15.55 -72.25 -6.10
N ALA L 66 14.34 -72.83 -6.05
CA ALA L 66 14.18 -74.25 -6.35
C ALA L 66 14.60 -74.55 -7.78
N ASP L 67 14.11 -73.77 -8.74
CA ASP L 67 14.47 -73.99 -10.14
C ASP L 67 15.94 -73.73 -10.40
N ALA L 68 16.51 -72.74 -9.71
CA ALA L 68 17.91 -72.38 -9.91
C ALA L 68 18.84 -73.49 -9.45
N ARG L 69 18.63 -73.99 -8.24
CA ARG L 69 19.49 -75.09 -7.81
C ARG L 69 19.15 -76.39 -8.52
N ALA L 70 17.92 -76.57 -9.00
CA ALA L 70 17.62 -77.72 -9.83
C ALA L 70 18.38 -77.67 -11.15
N GLN L 71 18.48 -76.49 -11.75
CA GLN L 71 19.23 -76.36 -13.00
C GLN L 71 20.73 -76.45 -12.76
N LEU L 72 21.21 -75.91 -11.64
CA LEU L 72 22.63 -75.98 -11.32
C LEU L 72 23.07 -77.38 -10.92
N GLY L 73 22.17 -78.20 -10.40
CA GLY L 73 22.46 -79.60 -10.19
C GLY L 73 23.47 -79.91 -9.11
N ALA L 74 24.65 -80.39 -9.50
CA ALA L 74 25.66 -80.86 -8.56
C ALA L 74 26.75 -79.85 -8.28
N GLU L 75 26.85 -78.78 -9.06
CA GLU L 75 27.86 -77.75 -8.84
C GLU L 75 27.32 -76.56 -8.07
N VAL L 76 26.25 -76.75 -7.29
CA VAL L 76 25.69 -75.66 -6.49
C VAL L 76 26.65 -75.20 -5.41
N GLU L 77 27.64 -76.02 -5.06
CA GLU L 77 28.69 -75.61 -4.15
C GLU L 77 29.86 -74.95 -4.88
N PHE L 78 29.72 -74.67 -6.17
CA PHE L 78 30.76 -74.02 -6.95
C PHE L 78 30.28 -72.76 -7.65
N THR L 79 29.07 -72.30 -7.33
CA THR L 79 28.48 -71.16 -8.03
C THR L 79 28.74 -69.88 -7.25
N HIS L 80 29.06 -68.83 -7.98
CA HIS L 80 29.18 -67.49 -7.42
C HIS L 80 27.92 -66.72 -7.81
N TYR L 81 27.09 -66.40 -6.83
CA TYR L 81 25.79 -65.80 -7.11
C TYR L 81 25.94 -64.31 -7.34
N TYR L 82 25.14 -63.78 -8.26
CA TYR L 82 25.09 -62.36 -8.54
C TYR L 82 23.65 -61.90 -8.51
N LEU L 83 23.37 -60.89 -7.68
CA LEU L 83 22.02 -60.39 -7.48
C LEU L 83 21.91 -58.98 -8.04
N ALA L 84 20.83 -58.71 -8.74
CA ALA L 84 20.59 -57.41 -9.33
C ALA L 84 19.09 -57.20 -9.42
N GLY L 85 18.71 -56.19 -10.19
CA GLY L 85 17.30 -55.86 -10.37
C GLY L 85 16.87 -54.74 -9.45
N ARG L 86 15.65 -54.28 -9.70
CA ARG L 86 15.09 -53.13 -8.97
C ARG L 86 13.75 -53.52 -8.38
N ALA L 87 13.78 -53.88 -7.10
CA ALA L 87 12.57 -54.13 -6.33
C ALA L 87 12.73 -53.49 -4.96
N ALA L 88 11.81 -53.76 -4.04
CA ALA L 88 11.91 -53.20 -2.71
C ALA L 88 13.05 -53.88 -1.94
N LEU L 89 13.52 -53.19 -0.90
CA LEU L 89 14.53 -53.76 -0.02
C LEU L 89 14.11 -55.06 0.68
N PRO L 90 12.87 -55.24 1.17
CA PRO L 90 12.54 -56.54 1.78
C PRO L 90 12.68 -57.74 0.86
N VAL L 91 12.47 -57.57 -0.45
CA VAL L 91 12.63 -58.71 -1.35
C VAL L 91 14.08 -59.16 -1.40
N PHE L 92 15.00 -58.21 -1.50
CA PHE L 92 16.42 -58.55 -1.48
C PHE L 92 16.82 -59.12 -0.13
N ALA L 93 16.24 -58.59 0.95
CA ALA L 93 16.54 -59.13 2.28
C ALA L 93 16.07 -60.57 2.42
N TYR L 94 14.87 -60.87 1.92
CA TYR L 94 14.35 -62.24 1.99
C TYR L 94 15.18 -63.18 1.14
N LEU L 95 15.61 -62.70 -0.03
CA LEU L 95 16.47 -63.53 -0.89
C LEU L 95 17.80 -63.81 -0.21
N GLY L 96 18.42 -62.78 0.37
CA GLY L 96 19.68 -62.99 1.08
C GLY L 96 19.54 -63.89 2.28
N LEU L 97 18.37 -63.89 2.91
CA LEU L 97 18.11 -64.86 3.96
C LEU L 97 18.03 -66.28 3.41
N ARG L 98 17.26 -66.46 2.32
CA ARG L 98 17.05 -67.80 1.80
C ARG L 98 18.33 -68.39 1.23
N LEU L 99 19.25 -67.55 0.77
CA LEU L 99 20.55 -68.08 0.34
C LEU L 99 21.42 -68.47 1.51
N GLY L 100 21.41 -67.69 2.58
CA GLY L 100 22.19 -67.99 3.76
C GLY L 100 23.62 -67.52 3.64
N LYS L 101 24.35 -67.64 4.76
CA LYS L 101 25.71 -67.15 4.86
C LYS L 101 26.69 -67.93 3.99
N GLN L 102 26.54 -69.26 3.91
CA GLN L 102 27.54 -70.10 3.26
C GLN L 102 27.64 -69.82 1.77
N ALA L 103 26.53 -69.46 1.14
CA ALA L 103 26.52 -69.21 -0.29
C ALA L 103 27.28 -67.93 -0.63
N ASN L 104 28.04 -67.98 -1.73
CA ASN L 104 28.82 -66.83 -2.18
C ASN L 104 27.89 -65.82 -2.83
N ILE L 105 27.77 -64.64 -2.23
CA ILE L 105 26.79 -63.64 -2.64
C ILE L 105 27.55 -62.38 -3.06
N THR L 106 27.19 -61.84 -4.22
CA THR L 106 27.76 -60.59 -4.70
C THR L 106 26.66 -59.78 -5.36
N THR L 107 26.48 -58.53 -4.93
CA THR L 107 25.39 -57.70 -5.39
C THR L 107 25.90 -56.69 -6.42
N VAL L 108 25.11 -56.47 -7.46
CA VAL L 108 25.42 -55.49 -8.49
C VAL L 108 24.29 -54.46 -8.50
N ASN L 109 24.63 -53.21 -8.21
CA ASN L 109 23.65 -52.14 -8.19
C ASN L 109 24.21 -50.89 -8.86
N ARG L 110 23.31 -50.05 -9.35
CA ARG L 110 23.67 -48.84 -10.06
C ARG L 110 23.51 -47.64 -9.13
N ARG L 111 24.51 -46.76 -9.12
CA ARG L 111 24.52 -45.63 -8.21
C ARG L 111 23.60 -44.51 -8.71
N ASP L 112 23.76 -43.34 -8.10
CA ASP L 112 22.99 -42.18 -8.51
C ASP L 112 23.68 -41.39 -9.61
N ASP L 113 24.87 -41.83 -10.03
CA ASP L 113 25.63 -41.13 -11.06
C ASP L 113 26.14 -42.08 -12.12
N GLY L 114 25.37 -43.11 -12.45
CA GLY L 114 25.67 -44.01 -13.53
C GLY L 114 26.72 -45.06 -13.22
N CYS L 115 27.57 -44.85 -12.22
CA CYS L 115 28.56 -45.85 -11.85
C CYS L 115 27.86 -47.08 -11.29
N TRP L 116 28.34 -48.25 -11.68
CA TRP L 116 27.75 -49.51 -11.25
C TRP L 116 28.57 -50.09 -10.12
N ASP L 117 27.94 -50.25 -8.96
CA ASP L 117 28.62 -50.84 -7.82
C ASP L 117 28.44 -52.34 -7.83
N VAL L 118 29.55 -53.06 -8.00
CA VAL L 118 29.58 -54.49 -7.74
C VAL L 118 30.23 -54.70 -6.38
N VAL L 119 29.58 -55.46 -5.52
CA VAL L 119 30.03 -55.57 -4.15
C VAL L 119 30.00 -57.01 -3.66
N PRO L 120 31.14 -57.58 -3.32
CA PRO L 120 31.15 -58.93 -2.77
C PRO L 120 30.83 -58.91 -1.28
N CYS L 121 30.09 -59.92 -0.85
CA CYS L 121 29.78 -60.10 0.56
C CYS L 121 30.77 -61.01 1.27
N GLN L 122 31.82 -61.45 0.58
CA GLN L 122 32.80 -62.32 1.19
C GLN L 122 34.14 -62.15 0.49
N ARG L 123 35.19 -62.49 1.22
CA ARG L 123 36.54 -62.39 0.68
C ARG L 123 36.76 -63.50 -0.34
N PRO L 124 37.34 -63.20 -1.51
CA PRO L 124 37.72 -64.26 -2.45
C PRO L 124 38.90 -65.08 -1.95
N ALA L 136 39.81 -49.82 9.99
CA ALA L 136 38.71 -48.88 10.16
C ALA L 136 37.37 -49.60 10.06
N ARG L 137 36.60 -49.54 11.12
CA ARG L 137 35.29 -50.16 11.16
C ARG L 137 34.29 -49.40 10.30
N PHE L 138 33.50 -50.12 9.51
CA PHE L 138 32.53 -49.48 8.64
C PHE L 138 31.37 -48.91 9.44
N PHE L 139 30.73 -49.72 10.28
CA PHE L 139 29.59 -49.28 11.06
C PHE L 139 30.10 -48.58 12.31
N ASP L 140 30.03 -47.25 12.30
CA ASP L 140 30.55 -46.47 13.42
C ASP L 140 29.70 -46.63 14.66
N GLU L 141 28.38 -46.61 14.52
CA GLU L 141 27.47 -46.73 15.65
C GLU L 141 26.95 -48.15 15.73
N VAL L 142 27.27 -48.84 16.81
CA VAL L 142 26.65 -50.11 17.15
C VAL L 142 26.13 -49.97 18.58
N ARG L 143 24.87 -49.56 18.70
CA ARG L 143 24.32 -49.18 19.99
C ARG L 143 23.11 -50.03 20.31
N GLY L 144 22.87 -50.21 21.60
CA GLY L 144 21.85 -51.11 22.09
C GLY L 144 22.37 -52.47 22.49
N LEU L 145 23.58 -52.82 22.07
CA LEU L 145 24.17 -54.11 22.41
C LEU L 145 25.56 -54.01 23.01
N ASP L 146 26.18 -52.83 22.99
CA ASP L 146 27.53 -52.66 23.52
C ASP L 146 27.58 -52.66 25.04
N THR L 147 26.43 -52.70 25.71
CA THR L 147 26.35 -52.83 27.15
C THR L 147 26.74 -54.25 27.56
N ASP L 148 26.80 -54.48 28.86
CA ASP L 148 27.19 -55.77 29.40
C ASP L 148 26.03 -56.55 29.99
N GLU L 149 24.84 -55.96 30.02
CA GLU L 149 23.68 -56.55 30.67
C GLU L 149 22.98 -57.56 29.75
N ARG L 150 22.12 -58.37 30.36
CA ARG L 150 21.26 -59.30 29.65
C ARG L 150 19.82 -58.93 29.95
N SER L 151 19.14 -58.32 28.99
CA SER L 151 17.79 -57.81 29.22
C SER L 151 16.80 -58.94 29.43
N SER L 152 15.96 -58.80 30.46
CA SER L 152 15.01 -59.82 30.84
C SER L 152 13.67 -59.69 30.14
N GLU L 153 13.48 -58.67 29.32
CA GLU L 153 12.20 -58.41 28.70
C GLU L 153 12.01 -59.28 27.46
N SER L 154 10.82 -59.86 27.33
CA SER L 154 10.49 -60.64 26.15
C SER L 154 9.94 -59.74 25.05
N GLY L 155 9.55 -60.37 23.95
CA GLY L 155 9.05 -59.62 22.80
C GLY L 155 9.93 -59.80 21.59
N MET L 156 10.02 -58.78 20.76
CA MET L 156 10.86 -58.82 19.57
C MET L 156 11.92 -57.73 19.65
N VAL L 157 13.08 -58.00 19.05
CA VAL L 157 14.18 -57.06 19.00
C VAL L 157 14.15 -56.36 17.66
N ALA L 158 14.12 -55.03 17.68
CA ALA L 158 14.13 -54.24 16.47
C ALA L 158 15.58 -53.90 16.12
N VAL L 159 15.95 -54.09 14.86
CA VAL L 159 17.29 -53.82 14.38
C VAL L 159 17.20 -52.76 13.30
N TRP L 160 17.90 -51.66 13.50
CA TRP L 160 17.92 -50.56 12.55
C TRP L 160 19.27 -50.56 11.85
N VAL L 161 19.27 -50.89 10.57
CA VAL L 161 20.47 -50.86 9.74
C VAL L 161 20.27 -49.80 8.68
N SER L 162 21.17 -48.82 8.62
CA SER L 162 21.04 -47.74 7.66
C SER L 162 22.42 -47.20 7.33
N THR L 163 22.50 -46.54 6.18
CA THR L 163 23.71 -45.86 5.77
C THR L 163 23.52 -44.37 5.59
N GLN L 164 22.31 -43.87 5.77
CA GLN L 164 22.00 -42.50 5.37
C GLN L 164 21.07 -41.82 6.34
N ARG L 165 20.48 -42.56 7.27
CA ARG L 165 19.50 -41.98 8.18
C ARG L 165 19.72 -42.53 9.58
N ASP L 166 19.97 -41.61 10.51
CA ASP L 166 20.13 -41.99 11.91
C ASP L 166 18.81 -42.47 12.49
N VAL L 167 18.93 -43.29 13.53
CA VAL L 167 17.79 -44.05 14.02
C VAL L 167 16.79 -43.12 14.70
N ASP L 168 15.52 -43.29 14.36
CA ASP L 168 14.43 -42.61 15.04
C ASP L 168 13.65 -43.66 15.83
N ARG L 169 13.65 -43.50 17.15
CA ARG L 169 13.01 -44.46 18.03
C ARG L 169 11.49 -44.44 17.92
N GLY L 170 10.91 -43.27 17.62
CA GLY L 170 9.47 -43.13 17.60
C GLY L 170 8.80 -43.91 16.48
N LEU L 171 9.44 -44.00 15.32
CA LEU L 171 8.87 -44.79 14.23
C LEU L 171 8.82 -46.27 14.58
N LEU L 172 9.88 -46.78 15.21
CA LEU L 172 9.88 -48.17 15.64
C LEU L 172 8.83 -48.42 16.71
N ARG L 173 8.70 -47.48 17.66
CA ARG L 173 7.67 -47.59 18.69
C ARG L 173 6.29 -47.63 18.07
N ALA L 174 6.02 -46.74 17.10
CA ALA L 174 4.70 -46.69 16.48
C ALA L 174 4.43 -47.93 15.64
N PHE L 175 5.45 -48.46 14.96
CA PHE L 175 5.22 -49.64 14.14
C PHE L 175 4.95 -50.87 15.00
N ALA L 176 5.69 -51.03 16.10
CA ALA L 176 5.39 -52.13 17.01
C ALA L 176 4.05 -51.92 17.69
N ARG L 177 3.66 -50.66 17.91
CA ARG L 177 2.34 -50.36 18.44
C ARG L 177 1.23 -50.75 17.46
N ALA L 178 1.49 -50.60 16.17
CA ALA L 178 0.46 -50.89 15.17
C ALA L 178 0.19 -52.39 15.05
N ARG L 179 1.22 -53.21 15.15
CA ARG L 179 1.11 -54.63 14.83
C ARG L 179 0.78 -55.50 16.03
N GLY L 180 0.48 -54.90 17.18
CA GLY L 180 -0.04 -55.62 18.32
C GLY L 180 0.98 -56.06 19.34
N ASP L 181 2.24 -56.24 18.94
CA ASP L 181 3.29 -56.56 19.91
C ASP L 181 3.58 -55.29 20.70
N ARG L 182 2.99 -55.21 21.90
CA ARG L 182 3.04 -54.00 22.69
C ARG L 182 4.41 -53.74 23.31
N ASP L 183 5.33 -54.68 23.21
CA ASP L 183 6.65 -54.56 23.83
C ASP L 183 7.71 -54.95 22.83
N LEU L 184 8.62 -54.02 22.54
CA LEU L 184 9.86 -54.38 21.88
C LEU L 184 10.86 -54.84 22.92
N ALA L 185 11.57 -55.93 22.60
CA ALA L 185 12.56 -56.45 23.54
C ALA L 185 13.80 -55.58 23.62
N GLY L 186 13.99 -54.68 22.67
CA GLY L 186 15.15 -53.82 22.65
C GLY L 186 15.39 -53.29 21.26
N ILE L 187 16.24 -52.27 21.18
CA ILE L 187 16.55 -51.59 19.94
C ILE L 187 18.05 -51.69 19.69
N VAL L 188 18.42 -52.14 18.50
CA VAL L 188 19.80 -52.16 18.05
C VAL L 188 19.91 -51.29 16.82
N SER L 189 20.88 -50.38 16.82
CA SER L 189 21.06 -49.46 15.71
C SER L 189 22.46 -49.61 15.14
N LEU L 190 22.54 -49.95 13.86
CA LEU L 190 23.81 -50.01 13.14
C LEU L 190 23.76 -48.95 12.06
N ARG L 191 24.71 -48.00 12.11
CA ARG L 191 24.75 -46.97 11.10
C ARG L 191 26.19 -46.64 10.75
N ALA L 192 26.43 -46.34 9.49
CA ALA L 192 27.70 -45.83 9.02
C ALA L 192 27.63 -44.31 8.90
N ARG L 193 28.57 -43.64 9.52
CA ARG L 193 28.60 -42.21 9.27
C ARG L 193 29.49 -41.92 8.06
N PRO L 194 29.25 -40.83 7.34
CA PRO L 194 30.16 -40.44 6.26
C PRO L 194 31.52 -40.05 6.82
N ALA L 195 32.56 -40.35 6.06
CA ALA L 195 33.90 -39.96 6.45
C ALA L 195 34.08 -38.45 6.32
N ALA L 196 35.01 -37.91 7.09
CA ALA L 196 35.31 -36.49 7.01
C ALA L 196 36.00 -36.17 5.68
N GLY L 197 35.52 -35.12 5.02
CA GLY L 197 36.00 -34.76 3.71
C GLY L 197 35.16 -35.31 2.57
N ASP L 198 34.24 -36.21 2.84
CA ASP L 198 33.34 -36.71 1.81
C ASP L 198 32.22 -35.69 1.57
N ASP L 199 31.79 -35.60 0.31
CA ASP L 199 30.77 -34.64 -0.11
C ASP L 199 29.40 -35.28 -0.28
N THR L 200 29.11 -36.35 0.46
CA THR L 200 27.88 -37.09 0.30
C THR L 200 26.85 -36.78 1.38
N GLY L 201 27.10 -35.77 2.20
CA GLY L 201 26.11 -35.35 3.18
C GLY L 201 25.95 -36.32 4.33
N ASP L 202 24.81 -37.02 4.36
CA ASP L 202 24.54 -37.99 5.41
C ASP L 202 24.75 -39.42 4.94
N MET L 203 25.22 -39.63 3.71
CA MET L 203 25.48 -40.95 3.17
C MET L 203 26.94 -41.35 3.26
N ARG L 204 27.18 -42.57 3.71
CA ARG L 204 28.44 -43.26 3.56
C ARG L 204 28.29 -44.22 2.38
N LEU L 205 29.09 -44.04 1.34
CA LEU L 205 29.00 -44.90 0.17
C LEU L 205 29.50 -46.30 0.47
N LEU L 206 28.99 -47.26 -0.29
CA LEU L 206 29.30 -48.67 -0.10
C LEU L 206 29.98 -49.21 -1.36
N GLU L 207 31.31 -49.22 -1.35
CA GLU L 207 32.08 -49.71 -2.49
C GLU L 207 32.21 -51.22 -2.43
N GLY L 208 32.91 -51.79 -3.42
CA GLY L 208 33.24 -53.20 -3.36
C GLY L 208 34.45 -53.46 -2.48
N ALA L 209 35.20 -52.41 -2.15
CA ALA L 209 36.34 -52.57 -1.25
C ALA L 209 35.88 -52.71 0.19
N ASP L 210 34.69 -52.20 0.51
CA ASP L 210 34.17 -52.20 1.88
C ASP L 210 33.04 -53.20 2.07
N GLY L 211 32.86 -54.13 1.14
CA GLY L 211 31.80 -55.10 1.21
C GLY L 211 31.95 -56.15 2.29
N PRO L 212 32.95 -57.03 2.15
CA PRO L 212 33.05 -58.15 3.10
C PRO L 212 33.34 -57.73 4.53
N ASP L 213 34.00 -56.59 4.73
CA ASP L 213 34.21 -56.09 6.09
C ASP L 213 32.88 -55.73 6.74
N ALA L 214 32.00 -55.05 6.00
CA ALA L 214 30.70 -54.72 6.54
C ALA L 214 29.85 -55.97 6.71
N ALA L 215 30.04 -56.96 5.85
CA ALA L 215 29.32 -58.23 6.02
C ALA L 215 29.75 -58.93 7.29
N ARG L 216 31.05 -58.91 7.57
CA ARG L 216 31.56 -59.48 8.80
C ARG L 216 31.02 -58.74 10.02
N GLU L 217 30.94 -57.40 9.93
CA GLU L 217 30.39 -56.64 11.04
C GLU L 217 28.92 -56.98 11.28
N LEU L 218 28.13 -57.09 10.21
CA LEU L 218 26.73 -57.45 10.35
C LEU L 218 26.57 -58.86 10.94
N VAL L 219 27.37 -59.80 10.46
CA VAL L 219 27.28 -61.17 10.97
C VAL L 219 27.65 -61.20 12.45
N ASN L 220 28.74 -60.52 12.82
CA ASN L 220 29.16 -60.42 14.20
C ASN L 220 28.11 -59.79 15.09
N CYS L 221 27.33 -58.84 14.57
CA CYS L 221 26.27 -58.25 15.37
C CYS L 221 25.10 -59.22 15.54
N PHE L 222 24.69 -59.88 14.46
CA PHE L 222 23.41 -60.56 14.52
C PHE L 222 23.39 -61.83 15.38
N ARG L 223 24.47 -62.61 15.43
CA ARG L 223 24.39 -63.74 16.35
C ARG L 223 24.97 -63.40 17.72
N SER L 224 25.41 -62.17 17.93
CA SER L 224 25.66 -61.68 19.28
C SER L 224 24.46 -60.98 19.86
N ILE L 225 23.44 -60.69 19.06
CA ILE L 225 22.15 -60.25 19.60
C ILE L 225 21.56 -61.22 20.64
N PRO L 226 21.42 -62.53 20.40
CA PRO L 226 20.75 -63.37 21.41
C PRO L 226 21.53 -63.52 22.71
N ASN L 227 22.81 -63.19 22.73
CA ASN L 227 23.51 -63.07 24.01
C ASN L 227 22.98 -61.88 24.79
N GLN L 228 22.84 -60.73 24.14
CA GLN L 228 22.40 -59.52 24.82
C GLN L 228 20.92 -59.54 25.14
N TYR L 229 20.11 -60.21 24.32
CA TYR L 229 18.67 -60.26 24.51
C TYR L 229 18.21 -61.70 24.43
N PRO L 230 18.54 -62.53 25.44
CA PRO L 230 18.16 -63.95 25.36
C PRO L 230 16.70 -64.21 25.64
N ARG L 231 15.92 -63.20 25.99
CA ARG L 231 14.50 -63.37 26.23
C ARG L 231 13.66 -63.08 25.00
N SER L 232 14.30 -62.83 23.86
CA SER L 232 13.62 -62.35 22.66
C SER L 232 12.77 -63.46 22.04
N SER L 233 11.91 -63.08 21.09
CA SER L 233 11.07 -64.03 20.38
C SER L 233 11.00 -63.75 18.89
N GLY L 234 11.88 -62.91 18.36
CA GLY L 234 11.88 -62.60 16.95
C GLY L 234 12.57 -61.27 16.71
N LEU L 235 12.67 -60.93 15.42
CA LEU L 235 13.34 -59.72 14.99
C LEU L 235 12.49 -58.93 14.02
N MET L 236 12.49 -57.61 14.20
CA MET L 236 12.06 -56.67 13.17
C MET L 236 13.32 -56.02 12.60
N VAL L 237 13.45 -56.05 11.28
CA VAL L 237 14.65 -55.53 10.62
C VAL L 237 14.24 -54.36 9.74
N PHE L 238 14.69 -53.17 10.10
CA PHE L 238 14.39 -51.94 9.36
C PHE L 238 15.64 -51.54 8.59
N VAL L 239 15.53 -51.52 7.26
CA VAL L 239 16.68 -51.29 6.39
C VAL L 239 16.45 -50.02 5.61
N SER L 240 17.50 -49.18 5.54
CA SER L 240 17.45 -47.94 4.77
C SER L 240 18.73 -47.83 3.98
N GLY L 241 18.62 -47.82 2.66
CA GLY L 241 19.78 -47.68 1.82
C GLY L 241 19.68 -48.49 0.54
N PRO L 242 20.83 -48.81 -0.05
CA PRO L 242 20.84 -49.53 -1.32
C PRO L 242 20.44 -50.99 -1.12
N VAL L 243 20.08 -51.64 -2.24
CA VAL L 243 19.67 -53.03 -2.19
C VAL L 243 20.83 -53.95 -1.85
N THR L 244 22.07 -53.48 -2.04
CA THR L 244 23.22 -54.25 -1.56
C THR L 244 23.15 -54.44 -0.07
N LEU L 245 22.82 -53.38 0.66
CA LEU L 245 22.68 -53.47 2.11
C LEU L 245 21.55 -54.40 2.50
N ALA L 246 20.47 -54.43 1.73
CA ALA L 246 19.35 -55.32 2.04
C ALA L 246 19.74 -56.78 1.86
N ALA L 247 20.45 -57.11 0.77
CA ALA L 247 20.92 -58.48 0.59
C ALA L 247 21.94 -58.84 1.66
N MET L 248 22.77 -57.87 2.05
CA MET L 248 23.78 -58.07 3.08
C MET L 248 23.14 -58.44 4.42
N VAL L 249 22.16 -57.64 4.84
CA VAL L 249 21.50 -57.87 6.12
C VAL L 249 20.62 -59.10 6.07
N GLY L 250 20.13 -59.47 4.88
CA GLY L 250 19.45 -60.75 4.75
C GLY L 250 20.41 -61.91 4.93
N ARG L 251 21.62 -61.78 4.39
CA ARG L 251 22.62 -62.82 4.53
C ARG L 251 23.01 -63.02 5.99
N ALA L 252 23.10 -61.92 6.75
CA ALA L 252 23.60 -62.04 8.12
C ALA L 252 22.64 -62.78 9.05
N ILE L 253 21.34 -62.74 8.76
CA ILE L 253 20.35 -63.29 9.67
C ILE L 253 20.38 -64.81 9.61
N ASN L 254 20.40 -65.46 10.78
CA ASN L 254 20.29 -66.91 10.87
C ASN L 254 18.88 -67.27 11.30
N PRO L 255 18.06 -67.88 10.45
CA PRO L 255 16.64 -68.03 10.77
C PRO L 255 16.32 -69.12 11.77
N ARG L 256 17.17 -70.14 11.92
CA ARG L 256 16.90 -71.17 12.90
C ARG L 256 17.14 -70.68 14.31
N ILE L 257 17.97 -69.65 14.47
CA ILE L 257 18.23 -69.08 15.79
C ILE L 257 17.23 -67.98 16.11
N HIS L 258 16.97 -67.09 15.16
CA HIS L 258 16.29 -65.84 15.44
C HIS L 258 14.79 -65.86 15.17
N GLY L 259 14.31 -66.80 14.34
CA GLY L 259 13.00 -66.71 13.73
C GLY L 259 11.85 -66.64 14.72
N PRO L 260 10.75 -65.97 14.32
CA PRO L 260 10.44 -65.33 13.03
C PRO L 260 11.11 -63.99 12.79
N VAL L 261 11.22 -63.59 11.53
CA VAL L 261 11.86 -62.34 11.13
C VAL L 261 10.87 -61.53 10.31
N TRP L 262 10.81 -60.22 10.56
CA TRP L 262 9.93 -59.31 9.85
C TRP L 262 10.76 -58.29 9.08
N TRP L 263 10.29 -57.91 7.90
CA TRP L 263 10.84 -56.78 7.16
C TRP L 263 9.70 -55.86 6.77
N PRO L 264 9.67 -54.63 7.26
CA PRO L 264 8.64 -53.69 6.85
C PRO L 264 9.05 -52.89 5.61
N TYR L 265 8.07 -52.22 5.03
CA TYR L 265 8.26 -51.42 3.83
C TYR L 265 7.92 -49.97 4.12
N PHE L 266 8.75 -49.06 3.60
CA PHE L 266 8.67 -47.64 3.95
C PHE L 266 7.99 -46.88 2.81
N ARG L 267 6.73 -46.49 3.03
CA ARG L 267 5.97 -45.80 2.01
C ARG L 267 5.25 -44.61 2.62
N GLY L 268 5.46 -43.43 2.03
CA GLY L 268 4.81 -42.24 2.50
C GLY L 268 5.32 -41.75 3.84
N GLY L 269 6.53 -42.14 4.23
CA GLY L 269 7.06 -41.81 5.53
C GLY L 269 6.62 -42.75 6.64
N GLU L 270 5.79 -43.72 6.33
CA GLU L 270 5.26 -44.65 7.32
C GLU L 270 5.63 -46.07 6.94
N TYR L 271 6.07 -46.84 7.94
CA TYR L 271 6.40 -48.24 7.73
C TYR L 271 5.15 -49.07 7.53
N GLU L 272 5.23 -50.07 6.65
CA GLU L 272 4.13 -50.96 6.37
C GLU L 272 4.58 -52.40 6.45
N PRO L 273 3.73 -53.32 6.90
CA PRO L 273 4.14 -54.73 6.99
C PRO L 273 4.26 -55.35 5.60
N ALA L 274 5.45 -55.86 5.29
CA ALA L 274 5.73 -56.36 3.95
C ALA L 274 6.02 -57.86 3.92
N LEU L 275 7.05 -58.31 4.63
CA LEU L 275 7.49 -59.69 4.52
C LEU L 275 7.74 -60.27 5.90
N GLU L 276 7.20 -61.47 6.13
CA GLU L 276 7.34 -62.17 7.40
C GLU L 276 7.70 -63.62 7.12
N TYR L 277 8.86 -64.06 7.60
CA TYR L 277 9.31 -65.43 7.38
C TYR L 277 9.44 -66.14 8.72
N PRO L 278 8.68 -67.20 8.98
CA PRO L 278 7.64 -67.79 8.12
C PRO L 278 6.35 -67.00 8.13
N TRP L 279 5.43 -67.33 7.24
CA TRP L 279 4.26 -66.51 7.00
C TRP L 279 3.09 -66.89 7.89
#